data_8I03
#
_entry.id   8I03
#
loop_
_entity.id
_entity.type
_entity.pdbx_description
1 polymer 'Paired amphipathic helix protein pst1'
2 polymer 'Paired amphipathic helix protein pst3'
3 polymer 'Histone deacetylase clr6'
4 polymer 'Transcriptional regulatory protein dep1'
5 polymer 'Transcriptional regulatory protein rxt2'
6 polymer 'Transcriptional regulatory protein sds3'
7 polymer 'Chromatin modification-related protein png2'
8 polymer 'Transcriptional regulatory protein rxt3'
9 polymer 'RbAp48-related WD40 repeat-containing protein prw1'
10 non-polymer 'ZINC ION'
11 non-polymer 'POTASSIUM ION'
#
loop_
_entity_poly.entity_id
_entity_poly.type
_entity_poly.pdbx_seq_one_letter_code
_entity_poly.pdbx_strand_id
1 'polypeptide(L)'
;MAKDWQDARLGQCHRLEDYSNVAINYTGPYLTPSGTMAYHPGNAPLFTQAPPHTNPQGPPPFPLFNSISPVYDPATGRLL
YRNVNTQVSHTAIPNPANGYAAVYGGPPSQLPPPPQPQSHPNVTVISASPARAIEQQPTILSSTDSNIPRPGTVKSSASP
FVPNQNPSAPPPPPQEYRQLNVTDALSYLDLVKLQFHQEPEIYNEFLDIMKEFKSQAIETPEVITRVSKLFAGYPNLIQG
FNTFLPPGYSIEISSADPGSLAGIHITTPQGPLMINDLGKTTAPPPPHGSTTPLPAAASYTSMNMKQSSASHPVLQPPAP
STLQFNPSPSPAAPSYPPVDASVKQAADLDQAINFVNNVKNRFSHKPEAYNSFLDILKSYQHDQRPIQLVYFQVSQLFAE
APDLLEEFKRFLPDVSVNAPAETQDKSTVVPQESATATPKRSPSATPTSALPPIGKFAPPTTAKAQPAPEKRRGEPAVQT
RNHSKRTRTATSSVEETTPRAFNVPIAQNKNPSELEFLEHARQYLANESKYNEFIKLLELYSQEVFDKNALVERCYVFFG
SNEHLMNWLKDLVKYNPANPIPVPRPRVDLTQCKSCGPSYRLLPKIELLLPCSGRDDLCWTILNDAWVSFPTLASEDSGF
IAHRKNQFEENLHKLEEERYEYDRHIGANMRFIELLQIHADKMLKMSEVEKANWTLPSNLGGKSVSIYHKVIKKVYGKEH
AQQIIENLQKNPSVTIPIVLERLKKKDREWRSLQNHWNELWHDIEEKNFYRSLDHQGVSFKSVDKKSTTPKFLISELRNL
AQQQKVELSEGKVTPSHQFLFSYKDPNIITDIARLFGVFLIHGSTHSAEDNEKMSNFLRSFLSLFFDVPYDSFIPYLPTH
FNEEESDIDSLSSSLIEKPRASSSPIHHANNNGLRLLKDVLKKTYRGARENRSSVKEDYVSESTERTPDASEIDEHISEH
EENDDESSSVFSTGEVWVNCKFTDTDGSLLDDGTKLSDRSVYNLFGNMSLYCFFRLFHTLYSRLEEIKNLEQMAYSKQHD
VKSNPVAVELGLVRHPSERLGFALPTADTVYEQAIQLCERLMEGEIDQNGFEDALRCLYGIHAFRLYTVEKLVTSIIKQL
HSVTTNRRLAQVFMYYEKDRVQRRTSPRQQIMYRIQTETAFGPDENLCCIDWNSQTRQSAIRLMGREDLTMGTLKSDAEK
WCYYIGSYIMSSPTEGILPEHVRIPFLRKCLPSDEGNEDDESSSVVKSANAIITSFLESGLALTIPINTVKIRYENGTED
VFARNSEQVYNGPYDKIRDYRQSKWREWLNSDEGWTQGLSKDKVRRIKPCTIESLFNESTLRSGKAERFSENAGVESIGK
KGKNLLNESGNGKKLDKGLPPKVNGKSSVTRGNKTNLKARNGRNNDDSSNKINLSEKEKEKESIEDEEKNREGSMSPVAK
HASDVEDDHDVAKSTAPDFETSSHRPERSSEKKSPSPVFTSVKQTAENDADNEDDKTDMDDQTEETLDADNTMEEEPSKD
DL
;
A
2 'polypeptide(L)'
;MDVMNVPVDSERDNPGDKVETQSDKNHLPKASPSQSQSPVNTSLHNGDGKDNGVATEPVENKQILSERSVTRDDYEKGKT
IVSSLALSSISGKDGSISSQNAEGLSSSSNRPLDVNDALSYLELVKYYFSERREIYNRFLEIMRDFKSQALDTLGVINRV
SELFNGYPQLIEGFNTFLPSGYKIEVQLDSSNTSVVRVGTPMHPLPQQGVQSTLPVAPSNEDQRTMESTSPTDSQPQPSA
PNLVSSTENEKPRVDFNYAIAYMNKVKARYPPNSDTYMEFLGVLRTYQKAQKSIFEVRARVAEIFKDSPDLLEEFKLFLP
DNVDSTEPSTPNVQKSPNRLPPVGNFSLPPSAPVREKRNRPAHSAQISRSISKTSRMYRQTAEEPLNSYSLHVYPQKITA
PTSPYAATQEELLAFTTIRQHLPDTLAFHKFLELLHLYREKLLDKTELLNSFSKLVRNDNLTLWFSEFIRWSDNPILVKN
EPVDERVYLPETFECISLTYRKLPDSWKQDKCSGRDDLDNSVLNDDYISVAPKPSHVKNIMHHENQYLQALQLVEDERYD
YDRVLNTTESAIKILANFCEPTIHEHLETALQELERSKRIIKNALIIVYGKEHANLALDTLFKKLPTAAPVLLKRIKTKD
QEWRRSKREWSKIWRQIEKKNAQAAFDDRYCRIEGRDRRGLSYSRILRDIDDIYQRQKHRIDGAKLGFQFTQVLCDSLIF
LNILRLSDAQLTNSSFYSYADKGRISAVLKALLSQFFGIPLPREALETNLASENIESVKKHRDGLSKIFIRPESADNSNN
TNVSFQTDETQTEDETMSDIHPDDVENHSKSKFLGEESKNIIGYNFFGNATMYVLFRLICVCYSRLEHIKLFVESSTIYA
SSTGGYENILNICEKYLKGSCSRLEFRKYLQKFNNETCYMICSIERLLKVIFYRIHEILLDPKLGQLLLLFESDGANSVT
TPREQMVYRNHVESILAPESKIFNMRWYPLEKRLCIQQLLPADLTMHDFENPAKAFMYYVDSYAISHITEGVDLMQVKMP
FLRRSLQRISQQGYLAGRGSGRLHSLFNEHFCKSNLQLFFSTDTYVIFFEPNTENVYINSYNLWVDQSSQSKKQNRTTNW
RRWLESDEGWRKSKANTDIKFFSETTLDQCIEAM
;
B
3 'polypeptide(L)'
;MGFGKKKVSYFYDEDVGNYHYGPQHPMKPHRVRMVHNLVVNYNLYEKLNVITPVRATRNDMTRCHTDEYIEFLWRVTPDT
MEKFQPHQLKFNVGDDCPVFDGLYEFCSISAGGSIGAAQELNSGNAEIAINWAGGLHHAKKREASGFCYVNDIALAALEL
LKYHQRVLYIDIDVHHGDGVEEFFYTTDRVMTCSFHKFGEYFPGTGHIKDTGIGTGKNYAVNVPLRDGIDDESYESVFKP
VISHIMQWFRPEAVILQCGTDSLAGDRLGCFNLSMKGHSMCVDFVKSFNLPMICVGGGGYTVRNVARVWTYETGLLAGEE
LDENLPYNDYLQYYGPDYKLNVLSNNMENHNTRQYLDSITSEIIENLRNLSFAPSVQMHKTPGDFTFENAEKQNIAKEEI
MDERV
;
C,D
4 'polypeptide(L)'
;MTENLQSESIPHEILPKEPFDLPMNNLKSSPKNKDSEKRINNSIAESEQVVDSALSNPETNANEDIIAPQLPSQNSEIIE
KNSPVNKLNSSTSLTTHQLASLPKLEVTDHDNVSEAETVVLNEDEEKETSLVGSVSVTEDLGDSSAIGRTILVNNSVEPQ
MENTANITIVSPSLKESDFESEEKATNDNNGLIETNHNSKLEESSEHEEEEDEESNIERTEDSDHQIPQRGGTLEAPRKG
GPRSGVGSRKRKRATVSRKWSTNSESKIKRVALETSQEESDREIADRRSASEQAHEADDEKAIKRKEAFDALLNIETEFT
FLRNRLYGKKLLKLNEHEEMIQNETHERFNACIDLITERRDDRVRLATENLMKQLGNIKNVMDYVTKQRKYQLLFDKRRI
RQALLTKIATKCFQLLNKQKSVHDPTYITQKTMSYRQSALLQKQRIEYEAAVLCELNSFAGFPTAPIIETASFDDIRNDL
LEMGCLSENQD
;
E
5 'polypeptide(L)'
;MKQFEEQIERFKQALFED(SEP)DA(SEP)D(SEP)DS(SEP)IGEALTNRGLKRKKGSKNVYYGCVGNSSGSSIDIDYY
NIGNTKRGVVSHFRRRIDPEWLDHDNPYNDINIAEIMSPLTKPQDLLTHPAISSIFEQNYLSILASSALEIISAEHKYTA
HLEQLMVALLGDDPSLPGPPHEVFGISPEQCRELTITVQEALEKSKEFIRCWTNVRMDLLRAIRFKNKVIAYCQGEDYNG
NTQVLSKNESDGKPNS
;
F
6 'polypeptide(L)'
;MDVLSRVFDNEKEELDPLLNNPLTASEFRAKKAELEAELESIRNGTCKTLLDLADELRRSRDEELEIAERWRTFLVNRAQ
EEYEVEMKAAKEEYEYRCKTLKEMVLSHLNEKKRKIYEAKDMFDIGSESSTLLLHDASSQFIDRRKLRHRRNAGNQQNTQ
QLPSLNFFDDYLLFPTDETAVIPQSVKNAVRNSVNSVKPTSAEASLFSPLLSMANANPTNGRERDPRASERAERDREKAV
EKGLSGATEEDIQSDLQLLKKELAKKK
;
G
7 'polypeptide(L)'
;MGTSGIEIFAALNDFTDAIVSVPESVCGKFTSLKEIDAQVRDIRQNVIQEIGVVLKNEKNDELSGEERCERLQKTLKEIL
PYSDSKICLATDAMNNIKSCIDRLDAGFEYVELEIPQQLRLGYPDDRALMNYHSTVTPQTSERRRETRRHQNNQHSQQYS
SQERSSSYNNFEDASSPQSSYHTPTKRRKNAVPRKSSSPPLSSTKHAPQSTERRPVRRSESRLKQTNGEPLVKHDTLDSS
DISREGEQLYCYCQQVSYGQMIGCDNENCKREWFHLPCVGLVEPPKGIWYCKECEELAKSSESRQ
;
H
8 'polypeptide(L)'
;MEEKTPENEQSKKTFDPKDSMKIEETSTNGSSQPSQPSNIKLSIGSILESSNDNGDPEYSENGMGNMNMNTLPMATSTPM
SYTKQPSEAKYPNSVWERKGVSDQEENTSSVKRQKTLPTQSSGEEEAKYSHPGAPTATSADSISMESRPSNLSTSLSKTT
SYPQFQVRQFVSPIISIDNSALEPFLNRYPASESLFPVTEYEYTPWLEFPLLYSSIGKFVRVTIDIKWLNAAINPRLCRR
EIWGTDVYTDDSDIATILAHCGCFSLLKPVRKIAVVDLYILPPLVHYKGTRKNQIESRSWSSRQDGISLKIKEVTWKPAC
ASIFENSIHTLTLEERLQARLELSRSSTFKI
;
I
9 'polypeptide(L)'
;MAVSAVPHPSKQAQASEEGINQEKCINEEYKIWKKNSPFLYDLIITRALEWPCMSLQWYPEQQIFAEHGYTEQKMFLGVR
ADVGKYLLAVASIQLPYLNQTVPPTTMEGASAGDESSLRVNISNLYSHPESVCSAKLMPQDDSCVATVGNYHNDVLVFDK
ESFESYSSASESPLKPKYRLTKHTQPCTSVCWNFLSKGTLVSGSQDATLSCWDLNAYNESDSASVLKVHISSHEKQVSDV
RFHYKHQDLLASVSYDQYLHVHDIRRPDASTKPARSVHAHSGPIHSVAFNPHNDFILATCSTDKTIALWDLRNLNQRLHT
LEGHEDIVTKISFSPHEEPILASTSADRRTLVWDLSRIGEDQPAEEAQDGPPELLFMHGGHTSCTIDMDWCPNYNWTMAT
AAEDNILQIWTPSRSIWGNEQLEEDATAYLS
;
J,K
#
# COMPACT_ATOMS: atom_id res chain seq x y z
N ASN A 503 42.27 12.78 -37.12
CA ASN A 503 41.30 12.13 -36.26
C ASN A 503 40.46 11.13 -37.04
N VAL A 504 39.45 10.59 -36.39
CA VAL A 504 38.45 9.71 -36.99
C VAL A 504 37.09 10.18 -36.48
N PRO A 505 36.69 11.42 -36.73
CA PRO A 505 35.60 12.03 -35.96
C PRO A 505 34.19 11.73 -36.44
N ILE A 506 34.01 11.18 -37.61
CA ILE A 506 32.68 10.83 -38.09
C ILE A 506 32.27 9.52 -37.47
N ALA A 507 30.96 9.28 -37.37
CA ALA A 507 30.46 8.08 -36.74
C ALA A 507 31.03 6.82 -37.38
N GLN A 508 30.68 6.57 -38.65
CA GLN A 508 31.11 5.33 -39.31
C GLN A 508 31.57 5.48 -40.75
N ASN A 509 31.56 6.67 -41.35
CA ASN A 509 31.80 6.81 -42.78
C ASN A 509 32.63 8.05 -43.10
N LYS A 510 33.85 7.85 -43.57
CA LYS A 510 34.62 8.86 -44.32
C LYS A 510 35.98 8.30 -44.67
N ASN A 511 36.72 9.03 -45.49
CA ASN A 511 38.16 8.86 -45.67
C ASN A 511 38.58 7.45 -46.03
N PRO A 512 38.46 7.07 -47.31
CA PRO A 512 38.68 5.68 -47.73
C PRO A 512 39.90 4.99 -47.11
N SER A 513 40.93 5.75 -46.78
CA SER A 513 42.07 5.18 -46.08
C SER A 513 41.62 4.52 -44.77
N GLU A 514 40.92 5.28 -43.94
CA GLU A 514 40.45 4.77 -42.66
C GLU A 514 39.46 3.64 -42.86
N LEU A 515 38.64 3.72 -43.91
CA LEU A 515 37.68 2.66 -44.17
C LEU A 515 38.38 1.35 -44.50
N GLU A 516 39.39 1.41 -45.36
CA GLU A 516 40.11 0.20 -45.70
C GLU A 516 40.86 -0.34 -44.49
N PHE A 517 41.46 0.54 -43.69
CA PHE A 517 42.18 0.09 -42.51
C PHE A 517 41.24 -0.59 -41.53
N LEU A 518 40.04 -0.04 -41.35
CA LEU A 518 39.09 -0.67 -40.46
C LEU A 518 38.66 -2.03 -41.00
N GLU A 519 38.44 -2.12 -42.31
CA GLU A 519 38.02 -3.39 -42.88
C GLU A 519 39.12 -4.44 -42.72
N HIS A 520 40.37 -4.05 -42.89
CA HIS A 520 41.48 -4.99 -42.76
C HIS A 520 41.85 -5.25 -41.32
N ALA A 521 41.39 -4.41 -40.39
CA ALA A 521 41.67 -4.62 -38.98
C ALA A 521 41.01 -5.88 -38.46
N ARG A 522 39.90 -6.29 -39.07
CA ARG A 522 39.37 -7.62 -38.85
C ARG A 522 40.19 -8.60 -39.66
N GLN A 523 39.75 -9.85 -39.72
CA GLN A 523 40.41 -10.92 -40.48
C GLN A 523 41.72 -11.30 -39.82
N TYR A 524 42.15 -10.51 -38.85
CA TYR A 524 43.10 -10.94 -37.83
C TYR A 524 42.43 -10.86 -36.47
N LEU A 525 41.87 -9.71 -36.16
CA LEU A 525 41.00 -9.53 -35.02
C LEU A 525 39.63 -10.07 -35.30
N ALA A 526 39.55 -11.04 -36.22
CA ALA A 526 38.28 -11.60 -36.65
C ALA A 526 37.32 -11.86 -35.50
N ASN A 527 37.83 -12.21 -34.32
CA ASN A 527 37.00 -12.30 -33.14
C ASN A 527 36.34 -10.95 -32.86
N GLU A 528 35.01 -10.89 -32.95
CA GLU A 528 34.32 -9.60 -32.78
C GLU A 528 34.33 -9.14 -31.34
N SER A 529 34.18 -10.09 -30.41
CA SER A 529 34.16 -9.73 -28.99
C SER A 529 35.35 -8.87 -28.61
N LYS A 530 36.51 -9.14 -29.20
CA LYS A 530 37.67 -8.26 -29.08
C LYS A 530 37.91 -7.48 -30.34
N TYR A 531 36.85 -7.17 -31.08
CA TYR A 531 36.89 -6.15 -32.10
C TYR A 531 36.08 -4.92 -31.71
N ASN A 532 35.00 -5.11 -30.97
CA ASN A 532 34.25 -3.96 -30.47
C ASN A 532 35.08 -3.15 -29.50
N GLU A 533 35.90 -3.80 -28.69
CA GLU A 533 36.78 -3.08 -27.76
C GLU A 533 37.66 -2.09 -28.49
N PHE A 534 38.29 -2.52 -29.58
CA PHE A 534 39.13 -1.61 -30.33
C PHE A 534 38.33 -0.44 -30.89
N ILE A 535 37.10 -0.71 -31.34
CA ILE A 535 36.29 0.37 -31.90
C ILE A 535 35.93 1.38 -30.83
N LYS A 536 35.58 0.90 -29.64
CA LYS A 536 35.25 1.82 -28.55
C LYS A 536 36.45 2.65 -28.15
N LEU A 537 37.64 2.06 -28.17
CA LEU A 537 38.83 2.85 -27.88
C LEU A 537 39.06 3.92 -28.93
N LEU A 538 38.85 3.58 -30.20
CA LEU A 538 38.96 4.60 -31.24
C LEU A 538 37.95 5.71 -31.02
N GLU A 539 36.75 5.35 -30.58
CA GLU A 539 35.72 6.34 -30.28
C GLU A 539 36.20 7.28 -29.17
N LEU A 540 36.74 6.72 -28.09
CA LEU A 540 37.29 7.53 -27.01
C LEU A 540 38.40 8.44 -27.50
N TYR A 541 39.25 7.95 -28.39
CA TYR A 541 40.31 8.78 -28.90
C TYR A 541 39.77 9.96 -29.69
N SER A 542 38.77 9.72 -30.54
CA SER A 542 38.32 10.77 -31.46
C SER A 542 37.56 11.88 -30.76
N GLN A 543 36.94 11.61 -29.61
CA GLN A 543 36.22 12.61 -28.85
C GLN A 543 37.10 13.34 -27.86
N GLU A 544 38.41 13.12 -27.90
CA GLU A 544 39.37 13.80 -27.05
C GLU A 544 39.25 13.41 -25.59
N VAL A 545 39.19 12.11 -25.33
CA VAL A 545 39.49 11.63 -23.99
C VAL A 545 40.95 11.21 -23.89
N PHE A 546 41.45 10.51 -24.90
CA PHE A 546 42.84 10.10 -24.98
C PHE A 546 43.66 11.12 -25.75
N ASP A 547 44.85 10.70 -26.16
CA ASP A 547 45.66 11.41 -27.12
C ASP A 547 46.25 10.36 -28.06
N LYS A 548 46.94 10.81 -29.11
CA LYS A 548 47.59 9.88 -30.00
C LYS A 548 48.59 8.99 -29.29
N ASN A 549 49.14 9.43 -28.16
CA ASN A 549 50.13 8.66 -27.43
C ASN A 549 49.52 7.64 -26.47
N ALA A 550 48.28 7.85 -26.03
CA ALA A 550 47.66 6.92 -25.11
C ALA A 550 46.86 5.86 -25.82
N LEU A 551 46.49 6.08 -27.08
CA LEU A 551 45.84 5.04 -27.85
C LEU A 551 46.83 3.97 -28.25
N VAL A 552 48.04 4.38 -28.61
CA VAL A 552 49.05 3.48 -29.12
C VAL A 552 49.34 2.34 -28.16
N GLU A 553 49.20 2.57 -26.86
CA GLU A 553 49.58 1.52 -25.91
C GLU A 553 48.54 0.40 -25.86
N ARG A 554 47.26 0.75 -25.78
CA ARG A 554 46.26 -0.30 -25.87
C ARG A 554 46.29 -0.96 -27.25
N CYS A 555 46.61 -0.20 -28.28
CA CYS A 555 46.75 -0.82 -29.59
C CYS A 555 47.89 -1.84 -29.58
N TYR A 556 49.02 -1.51 -28.95
CA TYR A 556 50.07 -2.50 -28.72
C TYR A 556 49.50 -3.74 -28.08
N VAL A 557 48.52 -3.57 -27.19
CA VAL A 557 47.87 -4.75 -26.64
C VAL A 557 47.15 -5.54 -27.73
N PHE A 558 46.63 -4.86 -28.75
CA PHE A 558 45.93 -5.61 -29.79
C PHE A 558 46.80 -5.99 -30.98
N PHE A 559 47.69 -5.11 -31.42
CA PHE A 559 48.48 -5.30 -32.63
C PHE A 559 49.96 -5.46 -32.32
N GLY A 560 50.27 -6.29 -31.33
CA GLY A 560 51.68 -6.49 -31.00
C GLY A 560 52.44 -7.15 -32.12
N SER A 561 51.96 -8.28 -32.61
CA SER A 561 52.68 -9.05 -33.60
C SER A 561 52.51 -8.49 -35.01
N ASN A 562 51.28 -8.18 -35.42
CA ASN A 562 51.05 -7.79 -36.80
C ASN A 562 51.64 -6.44 -37.06
N GLU A 563 52.96 -6.39 -37.28
CA GLU A 563 53.68 -5.14 -37.40
C GLU A 563 53.28 -4.32 -38.62
N HIS A 564 52.56 -4.90 -39.58
CA HIS A 564 52.09 -4.10 -40.70
C HIS A 564 50.96 -3.17 -40.29
N LEU A 565 50.05 -3.66 -39.46
CA LEU A 565 48.90 -2.86 -39.05
C LEU A 565 49.32 -1.74 -38.12
N MET A 566 50.24 -2.02 -37.19
CA MET A 566 50.58 -1.07 -36.15
C MET A 566 51.22 0.18 -36.75
N ASN A 567 52.12 0.02 -37.72
CA ASN A 567 52.71 1.20 -38.32
C ASN A 567 51.72 1.97 -39.17
N TRP A 568 50.78 1.27 -39.82
CA TRP A 568 49.69 1.97 -40.48
C TRP A 568 48.95 2.84 -39.50
N LEU A 569 48.57 2.27 -38.36
CA LEU A 569 47.88 3.03 -37.34
C LEU A 569 48.68 4.25 -36.92
N LYS A 570 49.94 4.03 -36.53
CA LYS A 570 50.78 5.14 -36.11
C LYS A 570 50.84 6.24 -37.17
N ASP A 571 50.85 5.87 -38.43
CA ASP A 571 50.85 6.87 -39.49
C ASP A 571 49.48 7.46 -39.74
N LEU A 572 48.44 6.84 -39.19
CA LEU A 572 47.08 7.34 -39.41
C LEU A 572 46.70 8.44 -38.44
N VAL A 573 47.28 8.46 -37.24
CA VAL A 573 47.00 9.49 -36.26
C VAL A 573 48.14 10.49 -36.15
N LYS A 574 49.10 10.45 -37.07
CA LYS A 574 50.26 11.34 -37.05
C LYS A 574 51.08 11.18 -35.79
N TYR A 575 51.37 9.93 -35.43
CA TYR A 575 52.16 9.65 -34.25
C TYR A 575 53.58 10.14 -34.42
N ASN A 576 54.16 10.63 -33.32
CA ASN A 576 55.54 11.11 -33.34
C ASN A 576 56.33 10.38 -32.27
N PRO A 577 57.38 9.65 -32.62
CA PRO A 577 58.15 8.96 -31.58
C PRO A 577 59.13 9.89 -30.88
N ALA A 578 59.22 11.14 -31.32
CA ALA A 578 60.11 12.08 -30.65
C ALA A 578 59.64 12.34 -29.22
N ASN A 579 58.36 12.65 -29.04
CA ASN A 579 57.81 13.01 -27.74
C ASN A 579 56.62 12.12 -27.41
N PRO A 580 56.79 11.09 -26.58
CA PRO A 580 55.68 10.17 -26.28
C PRO A 580 54.86 10.47 -25.03
N ILE A 581 54.97 11.65 -24.42
CA ILE A 581 54.17 11.88 -23.20
C ILE A 581 52.71 12.11 -23.57
N PRO A 582 51.75 11.66 -22.77
CA PRO A 582 50.37 11.53 -23.28
C PRO A 582 49.51 12.79 -23.30
N VAL A 583 49.80 13.82 -22.51
CA VAL A 583 49.09 15.11 -22.65
C VAL A 583 47.59 14.99 -22.40
N PRO A 584 47.13 14.97 -21.16
CA PRO A 584 45.72 14.63 -20.88
C PRO A 584 44.71 15.68 -21.32
N ARG A 585 43.43 15.42 -20.99
CA ARG A 585 42.27 16.21 -21.38
C ARG A 585 42.13 17.45 -20.49
N PRO A 586 41.85 18.62 -21.05
CA PRO A 586 41.80 19.82 -20.24
C PRO A 586 40.79 19.74 -19.11
N ARG A 587 40.88 20.69 -18.19
CA ARG A 587 40.13 20.62 -16.95
C ARG A 587 38.80 21.35 -17.09
N VAL A 588 37.78 20.86 -16.39
CA VAL A 588 36.46 21.46 -16.48
C VAL A 588 36.28 22.53 -15.43
N ASP A 589 35.44 23.52 -15.73
CA ASP A 589 35.13 24.60 -14.82
C ASP A 589 33.72 24.42 -14.30
N LEU A 590 33.60 24.12 -13.01
CA LEU A 590 32.33 23.70 -12.44
C LEU A 590 31.42 24.84 -12.09
N THR A 591 31.79 26.08 -12.41
CA THR A 591 30.87 27.19 -12.19
C THR A 591 29.58 26.97 -12.95
N GLN A 592 29.69 26.53 -14.20
CA GLN A 592 28.54 26.28 -15.06
C GLN A 592 28.18 24.80 -15.02
N CYS A 593 27.77 24.35 -13.83
CA CYS A 593 27.33 22.98 -13.64
C CYS A 593 26.20 22.99 -12.62
N LYS A 594 25.30 22.03 -12.76
CA LYS A 594 24.19 21.93 -11.83
C LYS A 594 24.73 21.54 -10.46
N SER A 595 24.15 22.11 -9.40
CA SER A 595 24.62 21.87 -8.06
C SER A 595 23.58 21.13 -7.24
N CYS A 596 24.05 20.49 -6.17
CA CYS A 596 23.15 19.84 -5.22
C CYS A 596 23.69 20.12 -3.81
N GLY A 597 23.25 21.23 -3.24
CA GLY A 597 23.72 21.64 -1.94
C GLY A 597 24.68 22.80 -2.09
N PRO A 598 25.32 23.19 -0.99
CA PRO A 598 26.23 24.33 -1.06
C PRO A 598 27.49 24.05 -1.86
N SER A 599 28.01 22.82 -1.84
CA SER A 599 29.38 22.58 -2.27
C SER A 599 29.55 21.61 -3.43
N TYR A 600 28.54 20.82 -3.79
CA TYR A 600 28.72 19.79 -4.80
C TYR A 600 28.18 20.24 -6.14
N ARG A 601 28.81 19.72 -7.20
CA ARG A 601 28.44 20.01 -8.56
C ARG A 601 28.36 18.70 -9.33
N LEU A 602 27.56 18.70 -10.38
CA LEU A 602 27.43 17.53 -11.24
C LEU A 602 28.42 17.64 -12.40
N LEU A 603 28.96 16.51 -12.79
CA LEU A 603 30.00 16.50 -13.79
C LEU A 603 29.43 16.22 -15.16
N PRO A 604 29.98 16.81 -16.21
CA PRO A 604 29.57 16.44 -17.57
C PRO A 604 29.53 14.95 -17.78
N LYS A 605 28.70 14.47 -18.71
CA LYS A 605 28.55 13.03 -18.88
C LYS A 605 29.82 12.38 -19.38
N ILE A 606 30.59 13.10 -20.19
CA ILE A 606 31.78 12.50 -20.79
C ILE A 606 32.85 12.25 -19.75
N GLU A 607 32.86 13.03 -18.68
CA GLU A 607 33.90 12.90 -17.67
C GLU A 607 33.87 11.56 -16.98
N LEU A 608 32.76 10.84 -17.05
CA LEU A 608 32.72 9.54 -16.44
C LEU A 608 33.35 8.47 -17.31
N LEU A 609 33.98 8.87 -18.41
CA LEU A 609 34.58 7.94 -19.36
C LEU A 609 36.09 8.07 -19.38
N LEU A 610 36.68 8.40 -18.27
CA LEU A 610 38.10 8.30 -18.07
C LEU A 610 38.43 6.92 -17.52
N PRO A 611 39.47 6.25 -18.01
CA PRO A 611 39.75 4.89 -17.54
C PRO A 611 40.38 4.88 -16.17
N CYS A 612 39.95 3.91 -15.36
CA CYS A 612 40.57 3.61 -14.07
C CYS A 612 40.76 2.10 -14.05
N SER A 613 41.96 1.65 -14.42
CA SER A 613 42.17 0.27 -14.84
C SER A 613 42.57 -0.64 -13.71
N GLY A 614 42.16 -0.35 -12.49
CA GLY A 614 42.43 -1.26 -11.41
C GLY A 614 41.15 -1.62 -10.69
N ARG A 615 40.08 -0.92 -11.04
CA ARG A 615 38.81 -1.09 -10.36
C ARG A 615 38.16 -2.38 -10.80
N ASP A 616 37.75 -3.20 -9.85
CA ASP A 616 36.86 -4.31 -10.12
C ASP A 616 35.43 -3.80 -9.97
N ASP A 617 34.46 -4.71 -9.94
CA ASP A 617 33.07 -4.27 -9.79
C ASP A 617 32.69 -4.16 -8.33
N LEU A 618 33.53 -3.50 -7.55
CA LEU A 618 33.17 -3.12 -6.19
C LEU A 618 33.55 -1.67 -6.02
N CYS A 619 34.62 -1.27 -6.70
CA CYS A 619 34.97 0.13 -6.78
C CYS A 619 34.02 0.90 -7.66
N TRP A 620 33.42 0.24 -8.63
CA TRP A 620 32.54 0.93 -9.55
C TRP A 620 31.17 1.19 -8.94
N THR A 621 30.73 0.37 -8.00
CA THR A 621 29.43 0.60 -7.39
C THR A 621 29.50 1.37 -6.08
N ILE A 622 30.59 1.26 -5.34
CA ILE A 622 30.74 1.95 -4.07
C ILE A 622 31.24 3.36 -4.24
N LEU A 623 32.31 3.54 -5.00
CA LEU A 623 32.92 4.85 -5.10
C LEU A 623 32.01 5.80 -5.87
N ASN A 624 32.02 7.06 -5.46
CA ASN A 624 31.23 8.09 -6.10
C ASN A 624 31.98 8.66 -7.30
N ASP A 625 31.27 8.81 -8.42
CA ASP A 625 31.89 9.17 -9.68
C ASP A 625 31.39 10.46 -10.29
N ALA A 626 30.15 10.87 -10.01
CA ALA A 626 29.46 11.91 -10.75
C ALA A 626 29.48 13.26 -10.10
N TRP A 627 29.43 13.32 -8.78
CA TRP A 627 29.37 14.58 -8.04
C TRP A 627 30.75 14.93 -7.51
N VAL A 628 31.23 16.12 -7.84
CA VAL A 628 32.47 16.63 -7.30
C VAL A 628 32.14 17.73 -6.30
N SER A 629 33.15 18.18 -5.58
CA SER A 629 32.98 19.19 -4.55
C SER A 629 33.61 20.48 -5.02
N PHE A 630 32.92 21.59 -4.80
CA PHE A 630 33.42 22.89 -5.19
C PHE A 630 33.29 23.86 -4.01
N PRO A 631 34.37 24.47 -3.55
CA PRO A 631 34.26 25.48 -2.49
C PRO A 631 33.26 26.56 -2.84
N THR A 632 32.20 26.64 -2.06
CA THR A 632 31.21 27.71 -2.23
C THR A 632 31.77 29.05 -1.76
N ASN A 646 51.43 37.54 16.59
CA ASN A 646 52.33 37.16 17.68
C ASN A 646 53.71 36.91 17.13
N GLN A 647 54.66 37.79 17.45
CA GLN A 647 56.01 37.63 16.91
C GLN A 647 56.78 36.52 17.60
N PHE A 648 56.34 36.09 18.77
CA PHE A 648 57.12 35.11 19.50
C PHE A 648 56.91 33.71 18.95
N GLU A 649 55.68 33.37 18.57
CA GLU A 649 55.47 32.13 17.85
C GLU A 649 56.26 32.11 16.55
N GLU A 650 56.40 33.25 15.90
CA GLU A 650 57.13 33.26 14.63
C GLU A 650 58.61 33.07 14.84
N ASN A 651 59.17 33.66 15.89
CA ASN A 651 60.57 33.38 16.19
C ASN A 651 60.78 31.90 16.46
N LEU A 652 59.88 31.28 17.21
CA LEU A 652 60.00 29.85 17.45
C LEU A 652 59.93 29.06 16.15
N HIS A 653 59.07 29.46 15.22
CA HIS A 653 58.96 28.71 13.99
C HIS A 653 60.21 28.85 13.13
N LYS A 654 60.78 30.05 13.05
CA LYS A 654 62.04 30.18 12.32
C LYS A 654 63.11 29.29 12.91
N LEU A 655 63.23 29.29 14.24
CA LEU A 655 64.24 28.47 14.88
C LEU A 655 64.06 27.00 14.53
N GLU A 656 62.82 26.52 14.61
CA GLU A 656 62.54 25.13 14.26
C GLU A 656 62.87 24.83 12.81
N GLU A 657 62.68 25.82 11.93
CA GLU A 657 63.04 25.59 10.53
C GLU A 657 64.54 25.39 10.36
N GLU A 658 65.36 26.20 11.01
CA GLU A 658 66.82 26.03 10.86
C GLU A 658 67.28 24.70 11.46
N ARG A 659 66.76 24.37 12.63
CA ARG A 659 67.03 23.06 13.20
C ARG A 659 66.78 21.97 12.18
N TYR A 660 65.58 21.97 11.60
CA TYR A 660 65.20 20.93 10.66
C TYR A 660 66.15 20.90 9.47
N GLU A 661 66.59 22.05 9.01
CA GLU A 661 67.51 22.07 7.87
C GLU A 661 68.73 21.22 8.13
N TYR A 662 69.44 21.55 9.22
CA TYR A 662 70.64 20.76 9.52
C TYR A 662 70.30 19.28 9.64
N ASP A 663 69.21 18.97 10.34
CA ASP A 663 68.93 17.57 10.60
C ASP A 663 68.64 16.80 9.33
N ARG A 664 67.95 17.41 8.37
CA ARG A 664 67.61 16.68 7.16
C ARG A 664 68.83 16.42 6.32
N HIS A 665 69.72 17.40 6.20
CA HIS A 665 70.94 17.15 5.41
C HIS A 665 71.74 16.01 6.02
N ILE A 666 71.94 16.06 7.34
CA ILE A 666 72.77 15.04 7.97
C ILE A 666 72.13 13.68 7.85
N GLY A 667 70.81 13.59 8.01
CA GLY A 667 70.17 12.29 7.97
C GLY A 667 70.19 11.64 6.60
N ALA A 668 69.96 12.43 5.55
CA ALA A 668 70.06 11.87 4.22
C ALA A 668 71.46 11.37 3.92
N ASN A 669 72.46 12.18 4.28
CA ASN A 669 73.84 11.76 4.07
C ASN A 669 74.14 10.46 4.79
N MET A 670 73.67 10.32 6.01
CA MET A 670 73.96 9.09 6.74
C MET A 670 73.24 7.91 6.15
N ARG A 671 72.06 8.10 5.57
CA ARG A 671 71.40 6.95 4.92
C ARG A 671 72.19 6.47 3.72
N PHE A 672 72.69 7.40 2.92
CA PHE A 672 73.51 6.99 1.78
C PHE A 672 74.77 6.28 2.24
N ILE A 673 75.43 6.82 3.26
CA ILE A 673 76.62 6.15 3.80
C ILE A 673 76.27 4.74 4.23
N GLU A 674 75.12 4.58 4.88
CA GLU A 674 74.71 3.25 5.31
C GLU A 674 74.58 2.32 4.13
N LEU A 675 74.18 2.84 2.97
CA LEU A 675 74.13 1.99 1.79
C LEU A 675 75.52 1.59 1.34
N LEU A 676 76.40 2.57 1.15
CA LEU A 676 77.74 2.27 0.65
C LEU A 676 78.50 1.33 1.57
N GLN A 677 78.18 1.31 2.86
CA GLN A 677 78.91 0.45 3.78
C GLN A 677 78.61 -1.02 3.57
N ILE A 678 77.66 -1.38 2.71
CA ILE A 678 77.41 -2.76 2.36
C ILE A 678 78.23 -3.18 1.14
N HIS A 679 78.28 -2.30 0.16
CA HIS A 679 79.06 -2.59 -1.03
C HIS A 679 80.54 -2.59 -0.71
N ALA A 680 80.99 -1.74 0.20
CA ALA A 680 82.40 -1.76 0.57
C ALA A 680 82.80 -3.11 1.16
N ASP A 681 82.00 -3.63 2.08
CA ASP A 681 82.32 -4.88 2.72
C ASP A 681 82.00 -6.09 1.88
N LYS A 682 81.23 -5.96 0.80
CA LYS A 682 81.26 -7.00 -0.20
C LYS A 682 82.55 -6.95 -0.99
N MET A 683 82.93 -5.75 -1.44
CA MET A 683 84.13 -5.58 -2.25
C MET A 683 85.33 -6.21 -1.58
N LEU A 684 85.55 -5.90 -0.32
CA LEU A 684 86.77 -6.36 0.32
C LEU A 684 86.74 -7.86 0.63
N LYS A 685 85.75 -8.60 0.12
CA LYS A 685 85.60 -10.02 0.39
C LYS A 685 85.39 -10.82 -0.88
N MET A 686 86.05 -10.44 -1.97
CA MET A 686 85.91 -11.14 -3.23
C MET A 686 87.27 -11.16 -3.92
N SER A 687 87.42 -12.07 -4.88
CA SER A 687 88.68 -12.21 -5.59
C SER A 687 89.03 -10.94 -6.34
N GLU A 688 90.27 -10.87 -6.80
CA GLU A 688 90.75 -9.67 -7.45
C GLU A 688 90.25 -9.53 -8.89
N VAL A 689 89.82 -10.62 -9.51
CA VAL A 689 89.36 -10.51 -10.88
C VAL A 689 87.91 -10.05 -10.93
N GLU A 690 87.10 -10.42 -9.93
CA GLU A 690 85.70 -10.01 -9.94
C GLU A 690 85.58 -8.50 -9.82
N LYS A 691 86.39 -7.88 -8.96
CA LYS A 691 86.36 -6.43 -8.77
C LYS A 691 86.42 -5.67 -10.07
N ALA A 692 86.98 -6.27 -11.13
CA ALA A 692 87.02 -5.58 -12.41
C ALA A 692 85.77 -5.78 -13.22
N ASN A 693 85.11 -6.93 -13.07
CA ASN A 693 83.90 -7.23 -13.82
C ASN A 693 82.65 -6.95 -13.02
N TRP A 694 82.69 -5.97 -12.13
CA TRP A 694 81.58 -5.68 -11.23
C TRP A 694 80.79 -4.50 -11.75
N THR A 695 79.46 -4.58 -11.62
CA THR A 695 78.60 -3.48 -12.02
C THR A 695 77.41 -3.41 -11.08
N LEU A 696 76.89 -2.20 -10.92
CA LEU A 696 75.73 -1.94 -10.11
C LEU A 696 74.55 -1.58 -10.99
N PRO A 697 73.37 -2.03 -10.66
CA PRO A 697 72.21 -1.68 -11.48
C PRO A 697 71.89 -0.20 -11.39
N SER A 698 70.80 0.22 -12.03
CA SER A 698 70.46 1.63 -12.08
C SER A 698 70.03 2.17 -10.73
N ASN A 699 69.67 1.30 -9.79
CA ASN A 699 69.23 1.72 -8.46
C ASN A 699 70.30 1.50 -7.41
N LEU A 700 71.56 1.39 -7.82
CA LEU A 700 72.71 1.33 -6.92
C LEU A 700 72.59 0.25 -5.87
N GLY A 701 71.67 -0.68 -6.03
CA GLY A 701 71.55 -1.76 -5.07
C GLY A 701 70.65 -1.49 -3.90
N GLY A 702 69.94 -0.36 -3.90
CA GLY A 702 69.03 -0.05 -2.82
C GLY A 702 67.60 0.12 -3.28
N LYS A 703 66.72 0.57 -2.40
CA LYS A 703 65.30 0.64 -2.70
C LYS A 703 64.84 1.98 -3.24
N SER A 704 65.58 3.06 -3.00
CA SER A 704 65.02 4.40 -3.20
C SER A 704 66.09 5.33 -3.76
N VAL A 705 66.16 5.42 -5.09
CA VAL A 705 67.26 6.10 -5.76
C VAL A 705 67.24 7.61 -5.57
N SER A 706 66.09 8.18 -5.24
CA SER A 706 65.99 9.63 -5.19
C SER A 706 66.86 10.20 -4.07
N ILE A 707 66.88 9.52 -2.92
CA ILE A 707 67.72 9.95 -1.82
C ILE A 707 69.18 9.97 -2.23
N TYR A 708 69.61 8.93 -2.94
CA TYR A 708 71.01 8.81 -3.27
C TYR A 708 71.42 9.88 -4.26
N HIS A 709 70.62 10.09 -5.29
CA HIS A 709 70.97 11.14 -6.23
C HIS A 709 70.91 12.52 -5.59
N LYS A 710 69.98 12.72 -4.64
CA LYS A 710 69.91 13.98 -3.91
C LYS A 710 71.20 14.23 -3.15
N VAL A 711 71.67 13.21 -2.43
CA VAL A 711 72.90 13.32 -1.65
C VAL A 711 74.06 13.70 -2.56
N ILE A 712 74.19 12.99 -3.68
CA ILE A 712 75.33 13.23 -4.56
C ILE A 712 75.28 14.63 -5.12
N LYS A 713 74.11 15.05 -5.62
CA LYS A 713 74.00 16.40 -6.15
C LYS A 713 74.30 17.45 -5.12
N LYS A 714 73.96 17.21 -3.86
CA LYS A 714 74.25 18.18 -2.82
C LYS A 714 75.75 18.26 -2.57
N VAL A 715 76.41 17.11 -2.46
CA VAL A 715 77.82 17.13 -2.08
C VAL A 715 78.69 17.63 -3.21
N TYR A 716 78.51 17.09 -4.42
CA TYR A 716 79.42 17.37 -5.53
C TYR A 716 78.95 18.47 -6.44
N GLY A 717 77.82 19.11 -6.15
CA GLY A 717 77.26 20.06 -7.09
C GLY A 717 76.63 19.35 -8.27
N LYS A 718 75.65 19.96 -8.91
CA LYS A 718 74.92 19.28 -9.98
C LYS A 718 75.63 19.38 -11.32
N GLU A 719 76.88 19.86 -11.33
CA GLU A 719 77.68 19.94 -12.54
C GLU A 719 78.67 18.80 -12.66
N HIS A 720 79.04 18.18 -11.54
CA HIS A 720 79.91 17.02 -11.52
C HIS A 720 79.21 15.77 -11.04
N ALA A 721 77.90 15.81 -10.87
CA ALA A 721 77.20 14.67 -10.32
C ALA A 721 76.98 13.57 -11.34
N GLN A 722 76.83 13.93 -12.62
CA GLN A 722 76.60 12.89 -13.62
C GLN A 722 77.83 12.01 -13.79
N GLN A 723 79.03 12.60 -13.74
CA GLN A 723 80.24 11.79 -13.80
C GLN A 723 80.31 10.81 -12.64
N ILE A 724 79.97 11.27 -11.44
CA ILE A 724 80.07 10.41 -10.27
C ILE A 724 79.04 9.31 -10.33
N ILE A 725 77.82 9.61 -10.79
CA ILE A 725 76.82 8.55 -10.86
C ILE A 725 77.17 7.55 -11.94
N GLU A 726 77.69 8.03 -13.07
CA GLU A 726 78.10 7.13 -14.13
C GLU A 726 79.20 6.19 -13.67
N ASN A 727 80.21 6.72 -12.99
CA ASN A 727 81.29 5.87 -12.53
C ASN A 727 80.90 5.00 -11.35
N LEU A 728 79.89 5.40 -10.59
CA LEU A 728 79.40 4.52 -9.54
C LEU A 728 78.62 3.36 -10.12
N GLN A 729 77.93 3.57 -11.23
CA GLN A 729 77.24 2.45 -11.87
C GLN A 729 78.18 1.56 -12.64
N LYS A 730 79.12 2.17 -13.36
CA LYS A 730 79.95 1.44 -14.31
C LYS A 730 81.02 0.63 -13.62
N ASN A 731 81.95 1.30 -12.95
CA ASN A 731 83.07 0.65 -12.28
C ASN A 731 83.01 0.99 -10.80
N PRO A 732 82.32 0.17 -10.00
CA PRO A 732 82.23 0.47 -8.58
C PRO A 732 83.55 0.40 -7.87
N SER A 733 84.27 -0.71 -8.04
CA SER A 733 85.44 -1.01 -7.22
C SER A 733 86.46 0.11 -7.18
N VAL A 734 86.36 1.07 -8.08
CA VAL A 734 87.27 2.19 -8.08
C VAL A 734 86.61 3.40 -7.46
N THR A 735 85.29 3.52 -7.64
CA THR A 735 84.60 4.74 -7.29
C THR A 735 83.95 4.72 -5.92
N ILE A 736 83.74 3.56 -5.32
CA ILE A 736 83.05 3.54 -4.04
C ILE A 736 83.95 4.04 -2.92
N PRO A 737 85.21 3.59 -2.80
CA PRO A 737 86.03 4.10 -1.70
C PRO A 737 86.18 5.61 -1.69
N ILE A 738 86.40 6.23 -2.85
CA ILE A 738 86.56 7.67 -2.93
C ILE A 738 85.34 8.37 -2.37
N VAL A 739 84.16 8.04 -2.91
CA VAL A 739 82.94 8.71 -2.51
C VAL A 739 82.65 8.46 -1.04
N LEU A 740 82.85 7.24 -0.59
CA LEU A 740 82.57 6.91 0.81
C LEU A 740 83.39 7.77 1.74
N GLU A 741 84.68 7.93 1.44
CA GLU A 741 85.51 8.74 2.32
C GLU A 741 85.10 10.20 2.26
N ARG A 742 84.77 10.71 1.07
CA ARG A 742 84.34 12.10 1.00
C ARG A 742 83.07 12.33 1.81
N LEU A 743 82.12 11.41 1.72
CA LEU A 743 80.89 11.56 2.48
C LEU A 743 81.16 11.54 3.97
N LYS A 744 82.06 10.66 4.41
CA LYS A 744 82.38 10.63 5.84
C LYS A 744 82.94 11.95 6.32
N LYS A 745 83.83 12.55 5.52
CA LYS A 745 84.40 13.84 5.91
C LYS A 745 83.34 14.92 6.00
N LYS A 746 82.45 14.98 5.01
CA LYS A 746 81.40 15.99 5.03
C LYS A 746 80.47 15.80 6.22
N ASP A 747 80.15 14.56 6.56
CA ASP A 747 79.33 14.30 7.73
C ASP A 747 79.99 14.83 9.00
N ARG A 748 81.28 14.53 9.17
CA ARG A 748 82.00 15.02 10.34
C ARG A 748 81.87 16.53 10.46
N GLU A 749 82.15 17.24 9.35
CA GLU A 749 82.10 18.69 9.42
C GLU A 749 80.71 19.19 9.79
N TRP A 750 79.67 18.63 9.17
CA TRP A 750 78.32 19.11 9.45
C TRP A 750 77.93 18.86 10.89
N ARG A 751 78.30 17.70 11.45
CA ARG A 751 78.02 17.45 12.84
C ARG A 751 78.69 18.49 13.74
N SER A 752 79.92 18.86 13.42
CA SER A 752 80.59 19.88 14.22
C SER A 752 79.83 21.19 14.18
N LEU A 753 79.44 21.63 12.98
CA LEU A 753 78.72 22.90 12.87
C LEU A 753 77.41 22.86 13.65
N GLN A 754 76.70 21.74 13.57
CA GLN A 754 75.44 21.64 14.29
C GLN A 754 75.65 21.74 15.79
N ASN A 755 76.67 21.05 16.31
CA ASN A 755 76.97 21.16 17.73
C ASN A 755 77.35 22.58 18.11
N HIS A 756 77.93 23.33 17.17
CA HIS A 756 78.27 24.71 17.48
C HIS A 756 77.05 25.59 17.56
N TRP A 757 76.07 25.39 16.69
CA TRP A 757 74.89 26.25 16.65
C TRP A 757 73.85 25.89 17.70
N ASN A 758 73.93 24.69 18.27
CA ASN A 758 72.91 24.27 19.23
C ASN A 758 72.75 25.25 20.37
N GLU A 759 73.84 25.85 20.84
CA GLU A 759 73.76 26.70 22.02
C GLU A 759 73.14 28.06 21.72
N LEU A 760 73.57 28.69 20.62
CA LEU A 760 72.90 29.91 20.21
C LEU A 760 71.41 29.69 20.08
N TRP A 761 71.02 28.59 19.43
CA TRP A 761 69.59 28.32 19.31
C TRP A 761 68.95 28.12 20.66
N HIS A 762 69.66 27.50 21.60
CA HIS A 762 69.07 27.29 22.91
C HIS A 762 68.72 28.61 23.57
N ASP A 763 69.63 29.57 23.51
CA ASP A 763 69.33 30.83 24.19
C ASP A 763 68.24 31.60 23.45
N ILE A 764 68.22 31.53 22.13
CA ILE A 764 67.13 32.19 21.39
C ILE A 764 65.78 31.60 21.79
N GLU A 765 65.71 30.28 21.89
CA GLU A 765 64.46 29.64 22.25
C GLU A 765 64.03 30.04 23.66
N GLU A 766 64.98 30.11 24.59
CA GLU A 766 64.58 30.45 25.95
C GLU A 766 64.14 31.91 26.04
N LYS A 767 64.72 32.77 25.20
CA LYS A 767 64.31 34.17 25.21
C LYS A 767 62.91 34.34 24.63
N ASN A 768 62.57 33.54 23.61
CA ASN A 768 61.29 33.73 22.92
C ASN A 768 60.16 32.84 23.43
N PHE A 769 60.44 31.82 24.23
CA PHE A 769 59.45 30.75 24.38
C PHE A 769 58.31 31.13 25.29
N TYR A 770 58.61 31.58 26.51
CA TYR A 770 57.58 31.57 27.54
C TYR A 770 56.44 32.53 27.24
N ARG A 771 56.73 33.63 26.57
CA ARG A 771 55.67 34.55 26.17
C ARG A 771 55.19 34.23 24.76
N SER A 772 54.93 32.95 24.51
CA SER A 772 54.32 32.53 23.27
C SER A 772 52.99 31.84 23.47
N LEU A 773 52.72 31.34 24.66
CA LEU A 773 51.39 30.88 25.04
C LEU A 773 50.54 32.02 25.57
N ASP A 774 50.83 33.24 25.15
CA ASP A 774 50.29 34.48 25.67
C ASP A 774 49.67 35.30 24.56
N HIS A 775 48.79 34.69 23.76
CA HIS A 775 48.18 35.41 22.65
C HIS A 775 47.40 36.62 23.12
N GLN A 776 46.72 36.51 24.25
CA GLN A 776 45.83 37.54 24.74
C GLN A 776 46.50 38.50 25.69
N GLY A 777 47.79 38.33 25.96
CA GLY A 777 48.47 39.24 26.86
C GLY A 777 48.69 40.61 26.26
N VAL A 778 48.80 40.68 24.94
CA VAL A 778 49.05 41.97 24.29
C VAL A 778 47.80 42.53 23.63
N SER A 779 46.81 41.71 23.35
CA SER A 779 45.52 42.17 22.84
C SER A 779 44.60 42.63 23.94
N PHE A 780 45.15 42.95 25.09
CA PHE A 780 44.39 43.36 26.26
C PHE A 780 44.74 44.75 26.75
N LYS A 781 45.98 45.18 26.54
CA LYS A 781 46.36 46.55 26.85
C LYS A 781 45.61 47.57 26.01
N SER A 782 44.72 47.12 25.13
CA SER A 782 43.84 48.01 24.39
C SER A 782 42.38 47.85 24.77
N VAL A 783 41.86 46.62 24.77
CA VAL A 783 40.46 46.43 25.10
C VAL A 783 40.17 46.95 26.51
N ASP A 784 41.09 46.72 27.44
CA ASP A 784 40.91 47.24 28.78
C ASP A 784 40.82 48.76 28.77
N LYS A 785 41.59 49.42 27.89
CA LYS A 785 41.51 50.86 27.77
C LYS A 785 40.09 51.29 27.41
N LYS A 786 39.62 50.89 26.23
CA LYS A 786 38.29 51.26 25.78
C LYS A 786 37.19 50.64 26.60
N SER A 787 37.51 49.85 27.62
CA SER A 787 36.53 49.48 28.64
C SER A 787 36.75 50.21 29.95
N THR A 788 37.75 51.08 30.03
CA THR A 788 37.99 51.92 31.21
C THR A 788 37.70 53.37 30.94
N THR A 789 37.18 53.70 29.77
CA THR A 789 36.83 55.09 29.53
C THR A 789 35.50 55.42 30.20
N PRO A 790 35.41 56.56 30.87
CA PRO A 790 34.12 56.94 31.46
C PRO A 790 33.02 57.04 30.45
N LYS A 791 33.36 57.50 29.24
CA LYS A 791 32.39 57.54 28.15
C LYS A 791 31.77 56.17 27.92
N PHE A 792 32.61 55.12 27.85
CA PHE A 792 32.08 53.77 27.67
C PHE A 792 31.19 53.37 28.83
N LEU A 793 31.61 53.71 30.06
CA LEU A 793 30.84 53.32 31.23
C LEU A 793 29.44 53.92 31.19
N ILE A 794 29.36 55.22 30.99
CA ILE A 794 28.05 55.88 31.00
C ILE A 794 27.23 55.47 29.80
N SER A 795 27.87 55.28 28.64
CA SER A 795 27.13 54.81 27.47
C SER A 795 26.51 53.46 27.74
N GLU A 796 27.29 52.53 28.28
CA GLU A 796 26.77 51.21 28.60
C GLU A 796 25.61 51.31 29.58
N LEU A 797 25.77 52.12 30.62
CA LEU A 797 24.69 52.29 31.58
C LEU A 797 23.41 52.76 30.91
N ARG A 798 23.53 53.80 30.08
CA ARG A 798 22.34 54.38 29.46
C ARG A 798 21.68 53.41 28.49
N ASN A 799 22.48 52.66 27.74
CA ASN A 799 21.90 51.67 26.84
C ASN A 799 21.18 50.59 27.63
N LEU A 800 21.79 50.11 28.71
CA LEU A 800 21.10 49.15 29.56
C LEU A 800 19.77 49.69 30.03
N ALA A 801 19.76 50.92 30.53
CA ALA A 801 18.53 51.50 31.04
C ALA A 801 17.49 51.63 29.94
N GLN A 802 17.90 52.03 28.75
CA GLN A 802 16.94 52.25 27.68
C GLN A 802 16.35 50.93 27.19
N GLN A 803 17.18 49.92 27.00
CA GLN A 803 16.63 48.63 26.57
C GLN A 803 15.82 47.99 27.67
N GLN A 804 16.18 48.21 28.94
CA GLN A 804 15.37 47.66 30.02
C GLN A 804 14.03 48.36 30.10
N LYS A 805 13.99 49.67 29.81
CA LYS A 805 12.71 50.36 29.72
C LYS A 805 11.90 49.85 28.54
N VAL A 806 12.56 49.55 27.43
CA VAL A 806 11.85 48.98 26.28
C VAL A 806 11.23 47.64 26.66
N GLU A 807 11.99 46.78 27.34
CA GLU A 807 11.45 45.51 27.80
C GLU A 807 10.35 45.71 28.82
N LEU A 808 10.44 46.78 29.61
CA LEU A 808 9.38 47.12 30.55
C LEU A 808 8.11 47.51 29.82
N SER A 809 8.24 48.14 28.65
CA SER A 809 7.10 48.47 27.81
C SER A 809 6.70 47.33 26.89
N GLU A 810 7.51 46.27 26.79
CA GLU A 810 7.09 45.06 26.10
C GLU A 810 6.17 44.19 26.95
N GLY A 811 5.91 44.58 28.19
CA GLY A 811 5.21 43.74 29.13
C GLY A 811 6.03 42.64 29.75
N LYS A 812 7.34 42.59 29.45
CA LYS A 812 8.21 41.54 29.95
C LYS A 812 8.53 41.75 31.43
N VAL A 813 9.28 40.80 31.99
CA VAL A 813 9.72 40.86 33.37
C VAL A 813 11.16 41.37 33.38
N THR A 814 11.34 42.62 33.82
CA THR A 814 12.63 43.27 33.90
C THR A 814 12.90 43.70 35.33
N PRO A 815 14.03 43.33 35.92
CA PRO A 815 14.30 43.64 37.33
C PRO A 815 14.64 45.12 37.50
N SER A 816 14.88 45.49 38.77
CA SER A 816 15.12 46.88 39.11
C SER A 816 16.56 47.31 38.89
N HIS A 817 17.52 46.43 39.19
CA HIS A 817 18.93 46.73 39.11
C HIS A 817 19.52 46.08 37.86
N GLN A 818 20.36 46.83 37.17
CA GLN A 818 21.01 46.32 35.97
C GLN A 818 22.35 45.64 36.28
N PHE A 819 23.01 46.01 37.36
CA PHE A 819 24.28 45.38 37.73
C PHE A 819 24.15 44.66 39.06
N LEU A 820 24.71 43.45 39.12
CA LEU A 820 24.74 42.66 40.35
C LEU A 820 26.19 42.29 40.65
N PHE A 821 26.79 42.99 41.62
CA PHE A 821 28.16 42.74 42.05
C PHE A 821 28.15 41.98 43.37
N SER A 822 29.25 41.30 43.66
CA SER A 822 29.38 40.53 44.89
C SER A 822 30.76 40.74 45.49
N TYR A 823 30.82 40.84 46.82
CA TYR A 823 32.07 41.10 47.54
C TYR A 823 32.14 40.12 48.70
N LYS A 824 32.79 38.98 48.50
CA LYS A 824 32.78 37.96 49.54
C LYS A 824 33.93 38.11 50.52
N ASP A 825 35.16 38.04 50.04
CA ASP A 825 36.31 38.16 50.92
C ASP A 825 36.36 39.57 51.50
N PRO A 826 36.39 39.72 52.83
CA PRO A 826 36.43 41.06 53.42
C PRO A 826 37.83 41.67 53.46
N ASN A 827 38.87 40.91 53.15
CA ASN A 827 40.23 41.40 53.28
C ASN A 827 40.76 42.04 52.00
N ILE A 828 40.32 41.55 50.85
CA ILE A 828 40.81 42.10 49.58
C ILE A 828 40.63 43.59 49.54
N ILE A 829 39.61 44.12 50.24
CA ILE A 829 39.40 45.56 50.26
C ILE A 829 40.50 46.24 51.06
N THR A 830 40.96 45.60 52.15
CA THR A 830 42.11 46.13 52.85
C THR A 830 43.34 46.11 51.96
N ASP A 831 43.47 45.10 51.11
CA ASP A 831 44.63 45.05 50.22
C ASP A 831 44.55 46.13 49.15
N ILE A 832 43.35 46.37 48.62
CA ILE A 832 43.15 47.46 47.68
C ILE A 832 43.46 48.79 48.35
N ALA A 833 43.14 48.91 49.64
CA ALA A 833 43.52 50.10 50.39
C ALA A 833 45.04 50.24 50.46
N ARG A 834 45.73 49.13 50.69
CA ARG A 834 47.19 49.14 50.68
C ARG A 834 47.73 49.67 49.37
N LEU A 835 47.19 49.15 48.27
CA LEU A 835 47.61 49.62 46.95
C LEU A 835 47.33 51.11 46.80
N PHE A 836 46.16 51.55 47.25
CA PHE A 836 45.81 52.95 47.16
C PHE A 836 46.83 53.81 47.88
N GLY A 837 47.18 53.41 49.10
CA GLY A 837 48.13 54.21 49.86
C GLY A 837 49.49 54.27 49.19
N VAL A 838 49.96 53.13 48.70
CA VAL A 838 51.25 53.14 48.01
C VAL A 838 51.22 54.05 46.81
N PHE A 839 50.13 54.01 46.04
CA PHE A 839 50.02 54.91 44.89
C PHE A 839 50.05 56.36 45.34
N LEU A 840 49.14 56.72 46.25
CA LEU A 840 49.02 58.11 46.69
C LEU A 840 50.36 58.67 47.11
N ILE A 841 51.12 57.92 47.92
CA ILE A 841 52.43 58.39 48.35
C ILE A 841 53.37 58.49 47.15
N HIS A 842 53.36 57.48 46.29
CA HIS A 842 54.33 57.39 45.20
C HIS A 842 53.72 57.76 43.85
N GLY A 843 52.70 58.60 43.84
CA GLY A 843 52.18 59.17 42.61
C GLY A 843 52.73 60.56 42.43
N SER A 844 53.15 60.87 41.20
CA SER A 844 53.72 62.16 40.86
C SER A 844 52.72 63.08 40.16
N THR A 845 51.45 63.01 40.56
CA THR A 845 50.39 63.75 39.89
C THR A 845 49.69 64.78 40.76
N HIS A 846 49.29 64.40 41.98
CA HIS A 846 48.53 65.27 42.86
C HIS A 846 49.47 65.93 43.88
N SER A 847 48.89 66.79 44.71
CA SER A 847 49.61 67.44 45.78
C SER A 847 49.29 66.78 47.12
N ALA A 848 50.13 67.07 48.12
CA ALA A 848 50.09 66.35 49.39
C ALA A 848 48.71 66.42 50.03
N GLU A 849 48.10 67.60 50.03
CA GLU A 849 46.82 67.79 50.68
C GLU A 849 45.72 67.02 49.99
N ASP A 850 45.79 66.93 48.65
CA ASP A 850 44.80 66.16 47.92
C ASP A 850 44.89 64.68 48.30
N ASN A 851 46.11 64.15 48.35
CA ASN A 851 46.28 62.78 48.79
C ASN A 851 45.78 62.60 50.22
N GLU A 852 45.97 63.62 51.06
CA GLU A 852 45.52 63.52 52.45
C GLU A 852 44.01 63.44 52.53
N LYS A 853 43.32 64.37 51.85
CA LYS A 853 41.87 64.35 51.81
C LYS A 853 41.36 63.03 51.25
N MET A 854 41.93 62.59 50.14
CA MET A 854 41.50 61.34 49.52
C MET A 854 41.73 60.17 50.47
N SER A 855 42.83 60.19 51.21
CA SER A 855 43.14 59.10 52.12
C SER A 855 42.10 59.03 53.22
N ASN A 856 41.83 60.16 53.89
CA ASN A 856 40.85 60.17 54.97
C ASN A 856 39.47 59.78 54.46
N PHE A 857 39.08 60.34 53.32
CA PHE A 857 37.78 60.01 52.74
C PHE A 857 37.69 58.53 52.42
N LEU A 858 38.74 57.96 51.84
CA LEU A 858 38.71 56.54 51.50
C LEU A 858 38.60 55.70 52.77
N ARG A 859 39.37 56.06 53.79
CA ARG A 859 39.28 55.37 55.08
C ARG A 859 37.84 55.31 55.54
N SER A 860 37.24 56.49 55.71
CA SER A 860 35.86 56.56 56.18
C SER A 860 34.93 55.77 55.28
N PHE A 861 35.00 56.02 53.97
CA PHE A 861 34.02 55.49 53.04
C PHE A 861 34.11 53.97 52.98
N LEU A 862 35.31 53.42 52.89
CA LEU A 862 35.46 51.97 52.83
C LEU A 862 35.04 51.34 54.14
N SER A 863 35.56 51.85 55.26
CA SER A 863 35.20 51.28 56.55
C SER A 863 33.70 51.29 56.76
N LEU A 864 33.01 52.28 56.18
CA LEU A 864 31.60 52.45 56.45
C LEU A 864 30.74 51.64 55.50
N PHE A 865 31.03 51.73 54.20
CA PHE A 865 30.19 51.08 53.19
C PHE A 865 30.23 49.57 53.34
N PHE A 866 31.42 48.99 53.34
CA PHE A 866 31.55 47.54 53.35
C PHE A 866 31.47 46.96 54.75
N ASP A 867 31.48 47.80 55.78
CA ASP A 867 31.43 47.35 57.17
C ASP A 867 32.67 46.51 57.50
N VAL A 868 33.83 47.15 57.39
CA VAL A 868 35.09 46.52 57.76
C VAL A 868 35.74 47.39 58.84
N PRO A 869 36.28 46.79 59.91
CA PRO A 869 36.81 47.58 61.02
C PRO A 869 37.77 48.67 60.56
N TYR A 870 37.65 49.84 61.19
CA TYR A 870 38.52 50.96 60.85
C TYR A 870 39.98 50.63 61.10
N ASP A 871 40.26 49.88 62.18
CA ASP A 871 41.63 49.71 62.62
C ASP A 871 42.51 49.06 61.56
N SER A 872 41.93 48.21 60.72
CA SER A 872 42.73 47.53 59.71
C SER A 872 43.29 48.51 58.69
N PHE A 873 42.57 49.59 58.43
CA PHE A 873 42.92 50.48 57.33
C PHE A 873 44.02 51.48 57.70
N ILE A 874 44.47 51.49 58.93
CA ILE A 874 45.37 52.55 59.39
C ILE A 874 46.75 52.48 58.75
N PRO A 875 47.47 51.36 58.80
CA PRO A 875 48.87 51.40 58.36
C PRO A 875 49.05 51.76 56.90
N TYR A 876 48.07 51.49 56.06
CA TYR A 876 48.22 51.67 54.63
C TYR A 876 47.74 53.03 54.13
N LEU A 877 46.83 53.67 54.85
CA LEU A 877 46.31 54.98 54.46
C LEU A 877 46.85 56.02 55.43
N PRO A 878 47.95 56.69 55.11
CA PRO A 878 48.52 57.65 56.05
C PRO A 878 47.74 58.96 56.06
N THR A 879 47.70 59.56 57.25
CA THR A 879 46.96 60.79 57.46
C THR A 879 47.79 62.02 57.12
N HIS A 880 49.11 61.96 57.28
CA HIS A 880 50.01 63.06 56.99
C HIS A 880 50.97 62.63 55.89
N PHE A 881 50.98 63.39 54.79
CA PHE A 881 51.78 63.05 53.62
C PHE A 881 52.95 64.01 53.43
N ASN A 882 53.60 64.39 54.52
CA ASN A 882 54.78 65.23 54.45
C ASN A 882 55.93 64.58 55.21
N PHE A 971 12.77 71.54 55.34
CA PHE A 971 11.76 71.70 56.37
C PHE A 971 10.35 71.67 55.78
N SER A 972 10.24 71.98 54.49
CA SER A 972 8.96 72.06 53.81
C SER A 972 8.83 71.11 52.63
N THR A 973 9.86 70.31 52.35
CA THR A 973 9.81 69.38 51.23
C THR A 973 9.42 67.96 51.62
N GLY A 974 9.83 67.48 52.80
CA GLY A 974 9.54 66.11 53.17
C GLY A 974 8.69 65.96 54.41
N GLU A 975 8.06 67.05 54.86
CA GLU A 975 7.21 66.98 56.04
C GLU A 975 6.00 66.11 55.76
N VAL A 976 5.72 65.16 56.66
CA VAL A 976 4.58 64.26 56.53
C VAL A 976 3.32 65.07 56.52
N TRP A 977 2.31 64.54 55.85
CA TRP A 977 1.02 65.18 55.90
C TRP A 977 -0.13 64.24 56.31
N VAL A 978 0.17 62.98 56.67
CA VAL A 978 -0.59 62.27 57.72
C VAL A 978 0.25 61.24 58.44
N ASN A 979 -0.09 61.11 59.72
CA ASN A 979 -0.46 59.84 60.33
C ASN A 979 -1.97 59.71 60.16
N CYS A 980 -2.42 58.63 59.54
CA CYS A 980 -3.85 58.35 59.37
C CYS A 980 -4.08 56.85 59.29
N LYS A 981 -5.29 56.43 59.64
CA LYS A 981 -5.60 55.01 59.74
C LYS A 981 -5.96 54.49 58.35
N PHE A 982 -5.24 53.45 57.92
CA PHE A 982 -5.53 52.77 56.65
C PHE A 982 -6.10 51.39 56.96
N THR A 983 -7.23 51.07 56.34
CA THR A 983 -7.89 49.79 56.53
C THR A 983 -7.54 48.85 55.39
N ASP A 984 -7.17 47.63 55.74
CA ASP A 984 -6.85 46.60 54.74
C ASP A 984 -8.14 46.01 54.20
N THR A 985 -8.04 44.87 53.52
CA THR A 985 -9.23 44.21 52.98
C THR A 985 -10.21 43.87 54.10
N ASP A 986 -9.71 43.33 55.21
CA ASP A 986 -10.54 43.16 56.39
C ASP A 986 -10.76 44.48 57.14
N GLY A 987 -9.77 45.38 57.10
CA GLY A 987 -9.88 46.66 57.76
C GLY A 987 -8.79 46.96 58.77
N SER A 988 -7.72 46.17 58.81
CA SER A 988 -6.70 46.33 59.83
C SER A 988 -5.90 47.62 59.63
N LEU A 989 -5.52 48.25 60.73
CA LEU A 989 -4.68 49.44 60.67
C LEU A 989 -3.28 49.07 60.21
N LEU A 990 -2.85 49.64 59.08
CA LEU A 990 -1.58 49.31 58.46
C LEU A 990 -0.58 50.45 58.67
N ASP A 991 0.62 50.27 58.12
CA ASP A 991 1.72 51.19 58.36
C ASP A 991 1.46 52.54 57.69
N ASP A 992 1.58 53.61 58.46
CA ASP A 992 1.54 54.97 57.96
C ASP A 992 2.89 55.48 57.52
N GLY A 993 3.81 54.58 57.17
CA GLY A 993 5.18 55.00 57.07
C GLY A 993 5.75 55.36 58.41
N THR A 994 5.15 54.84 59.48
CA THR A 994 5.63 55.07 60.84
C THR A 994 6.08 53.79 61.53
N LYS A 995 6.03 52.65 60.86
CA LYS A 995 6.52 51.41 61.44
C LYS A 995 8.00 51.22 61.07
N LEU A 996 8.87 51.33 62.06
CA LEU A 996 10.31 51.14 61.84
C LEU A 996 10.60 49.65 61.77
N SER A 997 10.70 49.13 60.56
CA SER A 997 11.07 47.74 60.37
C SER A 997 12.55 47.54 60.64
N ASP A 998 12.93 46.29 60.83
CA ASP A 998 14.34 45.92 60.96
C ASP A 998 14.89 45.65 59.56
N ARG A 999 15.77 46.53 59.10
CA ARG A 999 16.36 46.44 57.77
C ARG A 999 17.80 45.95 57.87
N SER A 1000 18.25 45.30 56.80
CA SER A 1000 19.65 44.95 56.61
C SER A 1000 20.21 45.40 55.26
N VAL A 1001 19.34 45.70 54.30
CA VAL A 1001 19.74 46.01 52.93
C VAL A 1001 19.75 47.52 52.77
N TYR A 1002 20.91 48.14 52.92
CA TYR A 1002 20.99 49.59 52.88
C TYR A 1002 21.10 50.06 51.44
N ASN A 1003 20.84 51.35 51.24
CA ASN A 1003 20.86 51.93 49.91
C ASN A 1003 21.63 53.25 49.92
N LEU A 1004 22.15 53.62 48.75
CA LEU A 1004 22.87 54.86 48.57
C LEU A 1004 22.56 55.41 47.18
N PHE A 1005 22.66 56.72 47.03
CA PHE A 1005 22.43 57.38 45.75
C PHE A 1005 23.64 58.20 45.36
N GLY A 1006 23.76 58.47 44.07
CA GLY A 1006 24.87 59.28 43.59
C GLY A 1006 24.73 59.61 42.13
N ASN A 1007 25.71 60.38 41.64
CA ASN A 1007 25.79 60.74 40.24
C ASN A 1007 26.63 59.71 39.49
N MET A 1008 26.98 60.02 38.24
CA MET A 1008 27.73 59.06 37.44
C MET A 1008 29.16 58.88 37.92
N SER A 1009 29.71 59.88 38.60
CA SER A 1009 31.10 59.78 39.07
C SER A 1009 31.26 58.63 40.05
N LEU A 1010 30.41 58.58 41.07
CA LEU A 1010 30.48 57.48 42.02
C LEU A 1010 30.15 56.15 41.35
N TYR A 1011 29.27 56.16 40.35
CA TYR A 1011 28.99 54.94 39.61
C TYR A 1011 30.25 54.40 38.96
N CYS A 1012 30.99 55.27 38.26
CA CYS A 1012 32.21 54.82 37.60
C CYS A 1012 33.27 54.40 38.59
N PHE A 1013 33.39 55.12 39.70
CA PHE A 1013 34.27 54.68 40.78
C PHE A 1013 33.93 53.25 41.18
N PHE A 1014 32.64 53.00 41.43
CA PHE A 1014 32.22 51.67 41.86
C PHE A 1014 32.52 50.61 40.82
N ARG A 1015 32.34 50.94 39.54
CA ARG A 1015 32.59 49.97 38.49
C ARG A 1015 34.07 49.59 38.44
N LEU A 1016 34.95 50.58 38.38
CA LEU A 1016 36.38 50.30 38.38
C LEU A 1016 36.78 49.53 39.63
N PHE A 1017 36.19 49.87 40.77
CA PHE A 1017 36.51 49.17 41.99
C PHE A 1017 36.15 47.70 41.90
N HIS A 1018 34.97 47.40 41.38
CA HIS A 1018 34.61 46.00 41.26
C HIS A 1018 35.48 45.27 40.26
N THR A 1019 35.92 45.96 39.22
CA THR A 1019 36.88 45.36 38.29
C THR A 1019 38.14 44.91 39.02
N LEU A 1020 38.76 45.85 39.74
CA LEU A 1020 39.99 45.52 40.47
C LEU A 1020 39.75 44.39 41.45
N TYR A 1021 38.61 44.42 42.15
CA TYR A 1021 38.32 43.37 43.13
C TYR A 1021 38.22 42.01 42.45
N SER A 1022 37.51 41.94 41.33
CA SER A 1022 37.31 40.65 40.66
C SER A 1022 38.62 40.09 40.17
N ARG A 1023 39.50 40.94 39.66
CA ARG A 1023 40.79 40.44 39.19
C ARG A 1023 41.62 39.87 40.33
N LEU A 1024 41.76 40.63 41.42
CA LEU A 1024 42.52 40.09 42.55
C LEU A 1024 41.86 38.84 43.12
N GLU A 1025 40.54 38.73 43.00
CA GLU A 1025 39.88 37.52 43.49
C GLU A 1025 40.24 36.32 42.64
N GLU A 1026 40.32 36.50 41.32
CA GLU A 1026 40.79 35.40 40.48
C GLU A 1026 42.20 34.98 40.86
N ILE A 1027 43.08 35.96 41.11
CA ILE A 1027 44.43 35.63 41.53
C ILE A 1027 44.40 34.77 42.79
N LYS A 1028 43.64 35.20 43.78
CA LYS A 1028 43.56 34.44 45.02
C LYS A 1028 43.01 33.05 44.79
N ASN A 1029 42.09 32.89 43.84
CA ASN A 1029 41.56 31.57 43.56
C ASN A 1029 42.57 30.68 42.87
N LEU A 1030 43.54 31.25 42.17
CA LEU A 1030 44.60 30.47 41.56
C LEU A 1030 45.75 30.13 42.51
N GLU A 1031 45.88 30.90 43.60
CA GLU A 1031 46.99 30.76 44.53
C GLU A 1031 47.39 29.32 44.85
N GLN A 1032 46.41 28.42 44.93
CA GLN A 1032 46.71 27.04 45.32
C GLN A 1032 47.58 26.35 44.29
N MET A 1033 47.13 26.32 43.03
CA MET A 1033 47.95 25.71 41.99
C MET A 1033 49.22 26.51 41.74
N ALA A 1034 49.18 27.83 41.95
CA ALA A 1034 50.41 28.60 41.83
C ALA A 1034 51.47 28.09 42.78
N TYR A 1035 51.09 27.78 44.02
CA TYR A 1035 52.05 27.23 44.97
C TYR A 1035 52.38 25.78 44.65
N SER A 1036 51.40 25.00 44.20
CA SER A 1036 51.67 23.62 43.79
C SER A 1036 52.64 23.53 42.62
N LYS A 1037 52.79 24.60 41.84
CA LYS A 1037 53.82 24.67 40.82
C LYS A 1037 55.12 25.26 41.36
N GLN A 1038 55.03 26.23 42.27
CA GLN A 1038 56.24 26.85 42.81
C GLN A 1038 57.09 25.86 43.59
N HIS A 1039 56.47 24.82 44.15
CA HIS A 1039 57.16 24.00 45.13
C HIS A 1039 56.98 22.50 44.92
N ASP A 1040 56.43 22.06 43.80
CA ASP A 1040 56.12 20.65 43.65
C ASP A 1040 56.37 20.17 42.22
N VAL A 1041 57.37 20.73 41.56
CA VAL A 1041 57.74 20.29 40.22
C VAL A 1041 59.22 19.92 40.24
N LYS A 1042 59.57 18.90 39.48
CA LYS A 1042 60.92 18.35 39.48
C LYS A 1042 61.42 18.24 38.06
N SER A 1043 62.59 18.81 37.79
CA SER A 1043 63.13 18.85 36.45
C SER A 1043 63.37 17.44 35.92
N ASN A 1044 63.68 17.38 34.63
CA ASN A 1044 64.03 16.14 33.94
C ASN A 1044 65.51 15.89 34.16
N PRO A 1045 65.89 14.85 34.89
CA PRO A 1045 67.29 14.66 35.24
C PRO A 1045 68.22 14.60 34.03
N VAL A 1046 67.77 14.03 32.93
CA VAL A 1046 68.62 13.91 31.75
C VAL A 1046 69.04 15.28 31.24
N ALA A 1047 68.13 16.24 31.27
CA ALA A 1047 68.50 17.58 30.84
C ALA A 1047 69.16 18.37 31.94
N VAL A 1048 69.19 17.84 33.16
CA VAL A 1048 69.99 18.44 34.22
C VAL A 1048 71.45 18.08 34.02
N GLU A 1049 71.71 16.81 33.72
CA GLU A 1049 73.08 16.36 33.49
C GLU A 1049 73.70 17.10 32.30
N LEU A 1050 73.02 17.12 31.17
CA LEU A 1050 73.60 17.76 30.00
C LEU A 1050 73.65 19.25 30.12
N GLY A 1051 73.20 19.84 31.22
CA GLY A 1051 73.30 21.26 31.40
C GLY A 1051 72.35 22.06 30.55
N LEU A 1052 71.15 21.56 30.34
CA LEU A 1052 70.17 22.19 29.47
C LEU A 1052 69.10 22.95 30.24
N VAL A 1053 68.86 22.59 31.48
CA VAL A 1053 67.77 23.17 32.25
C VAL A 1053 68.16 24.55 32.72
N ARG A 1054 67.26 25.52 32.52
CA ARG A 1054 67.42 26.85 33.06
C ARG A 1054 66.06 27.31 33.55
N HIS A 1055 65.94 27.56 34.85
CA HIS A 1055 64.61 28.04 35.16
C HIS A 1055 64.60 29.55 35.26
N PRO A 1056 63.53 30.19 34.81
CA PRO A 1056 63.35 31.61 35.07
C PRO A 1056 62.99 31.82 36.52
N SER A 1057 63.00 33.08 36.94
CA SER A 1057 62.85 33.51 38.33
C SER A 1057 64.12 33.17 39.11
N GLU A 1058 65.00 32.39 38.51
CA GLU A 1058 66.38 32.34 38.91
C GLU A 1058 67.22 33.27 38.05
N ARG A 1059 66.67 33.70 36.92
CA ARG A 1059 67.21 34.79 36.13
C ARG A 1059 66.04 35.70 35.80
N LEU A 1060 66.03 36.91 36.39
CA LEU A 1060 64.94 37.85 36.18
C LEU A 1060 65.39 39.28 36.00
N GLY A 1061 66.64 39.63 36.29
CA GLY A 1061 67.06 41.01 36.41
C GLY A 1061 66.97 41.56 37.81
N PHE A 1062 66.15 40.96 38.67
CA PHE A 1062 66.06 41.30 40.07
C PHE A 1062 65.72 40.02 40.83
N ALA A 1063 65.25 40.16 42.06
CA ALA A 1063 64.89 39.01 42.87
C ALA A 1063 63.41 39.01 43.17
N LEU A 1064 62.92 37.88 43.52
CA LEU A 1064 61.49 37.84 43.75
C LEU A 1064 61.17 37.98 45.24
N PRO A 1065 60.11 38.69 45.57
CA PRO A 1065 59.70 38.78 46.97
C PRO A 1065 59.27 37.43 47.53
N THR A 1066 59.66 37.19 48.77
CA THR A 1066 59.41 35.92 49.44
C THR A 1066 58.32 36.09 50.50
N ALA A 1067 57.49 35.08 50.64
CA ALA A 1067 56.34 35.16 51.54
C ALA A 1067 55.85 33.75 51.82
N ASP A 1068 54.67 33.67 52.43
CA ASP A 1068 54.04 32.39 52.75
C ASP A 1068 53.11 31.90 51.66
N THR A 1069 52.45 32.80 50.94
CA THR A 1069 51.62 32.46 49.80
C THR A 1069 52.09 33.25 48.59
N VAL A 1070 51.70 32.78 47.41
CA VAL A 1070 52.03 33.50 46.19
C VAL A 1070 51.35 34.85 46.17
N TYR A 1071 50.05 34.88 46.50
CA TYR A 1071 49.27 36.11 46.47
C TYR A 1071 50.01 37.25 47.14
N GLU A 1072 50.66 36.99 48.27
CA GLU A 1072 51.42 38.04 48.92
C GLU A 1072 52.54 38.53 48.04
N GLN A 1073 53.21 37.60 47.33
CA GLN A 1073 54.28 38.02 46.43
C GLN A 1073 53.73 38.86 45.30
N ALA A 1074 52.58 38.48 44.78
CA ALA A 1074 51.93 39.28 43.75
C ALA A 1074 51.68 40.69 44.23
N ILE A 1075 51.18 40.83 45.45
CA ILE A 1075 50.87 42.15 45.98
C ILE A 1075 52.15 42.96 46.15
N GLN A 1076 53.19 42.34 46.70
CA GLN A 1076 54.45 43.06 46.84
C GLN A 1076 54.98 43.51 45.49
N LEU A 1077 54.73 42.72 44.45
CA LEU A 1077 55.24 43.09 43.13
C LEU A 1077 54.45 44.24 42.55
N CYS A 1078 53.12 44.22 42.67
CA CYS A 1078 52.35 45.38 42.24
C CYS A 1078 52.80 46.62 42.99
N GLU A 1079 53.08 46.49 44.28
CA GLU A 1079 53.54 47.62 45.07
C GLU A 1079 54.87 48.14 44.57
N ARG A 1080 55.82 47.24 44.33
CA ARG A 1080 57.11 47.66 43.78
C ARG A 1080 56.92 48.39 42.46
N LEU A 1081 56.07 47.86 41.57
CA LEU A 1081 55.86 48.51 40.29
C LEU A 1081 55.31 49.91 40.49
N MET A 1082 54.28 50.05 41.34
CA MET A 1082 53.71 51.36 41.60
C MET A 1082 54.74 52.32 42.16
N GLU A 1083 55.71 51.82 42.93
CA GLU A 1083 56.79 52.67 43.38
C GLU A 1083 57.69 53.09 42.22
N GLY A 1084 58.34 52.13 41.58
CA GLY A 1084 59.25 52.46 40.49
C GLY A 1084 60.48 51.58 40.48
N GLU A 1085 60.59 50.69 41.45
CA GLU A 1085 61.71 49.74 41.48
C GLU A 1085 61.68 48.82 40.27
N ILE A 1086 60.49 48.50 39.77
CA ILE A 1086 60.29 47.52 38.72
C ILE A 1086 59.69 48.21 37.52
N ASP A 1087 60.10 47.78 36.33
CA ASP A 1087 59.51 48.30 35.11
C ASP A 1087 58.27 47.48 34.76
N GLN A 1088 57.65 47.78 33.61
CA GLN A 1088 56.49 47.01 33.20
C GLN A 1088 56.88 45.60 32.79
N ASN A 1089 57.97 45.48 32.03
CA ASN A 1089 58.38 44.16 31.54
C ASN A 1089 58.79 43.25 32.69
N GLY A 1090 59.59 43.74 33.64
CA GLY A 1090 60.00 42.90 34.74
C GLY A 1090 58.82 42.47 35.59
N PHE A 1091 57.87 43.36 35.79
CA PHE A 1091 56.67 43.03 36.54
C PHE A 1091 55.88 41.93 35.84
N GLU A 1092 55.71 42.04 34.53
CA GLU A 1092 55.00 40.99 33.80
C GLU A 1092 55.75 39.67 33.86
N ASP A 1093 57.06 39.71 33.67
CA ASP A 1093 57.84 38.47 33.70
C ASP A 1093 57.76 37.80 35.06
N ALA A 1094 57.80 38.60 36.13
CA ALA A 1094 57.64 38.03 37.46
C ALA A 1094 56.26 37.42 37.63
N LEU A 1095 55.24 38.08 37.13
CA LEU A 1095 53.90 37.50 37.17
C LEU A 1095 53.85 36.18 36.41
N ARG A 1096 54.60 36.07 35.32
CA ARG A 1096 54.61 34.82 34.57
C ARG A 1096 55.35 33.72 35.32
N CYS A 1097 56.51 34.05 35.89
CA CYS A 1097 57.22 33.08 36.71
C CYS A 1097 56.36 32.62 37.88
N LEU A 1098 55.46 33.47 38.36
CA LEU A 1098 54.61 33.09 39.48
C LEU A 1098 53.42 32.25 39.02
N TYR A 1099 52.57 32.82 38.18
CA TYR A 1099 51.27 32.25 37.91
C TYR A 1099 51.13 31.55 36.58
N GLY A 1100 51.98 31.87 35.62
CA GLY A 1100 51.90 31.25 34.30
C GLY A 1100 51.24 32.19 33.30
N ILE A 1101 50.17 31.71 32.67
CA ILE A 1101 49.47 32.50 31.67
C ILE A 1101 48.13 33.00 32.16
N HIS A 1102 47.69 32.61 33.35
CA HIS A 1102 46.41 33.04 33.89
C HIS A 1102 46.53 34.30 34.73
N ALA A 1103 47.50 35.13 34.45
CA ALA A 1103 47.66 36.37 35.20
C ALA A 1103 47.83 37.55 34.27
N PHE A 1104 47.26 37.47 33.07
CA PHE A 1104 47.43 38.58 32.14
C PHE A 1104 46.53 39.75 32.51
N ARG A 1105 45.40 39.48 33.15
CA ARG A 1105 44.49 40.54 33.55
C ARG A 1105 45.17 41.58 34.41
N LEU A 1106 46.22 41.19 35.12
CA LEU A 1106 46.88 42.08 36.04
C LEU A 1106 47.96 42.92 35.38
N TYR A 1107 48.12 42.83 34.08
CA TYR A 1107 49.20 43.60 33.47
C TYR A 1107 48.89 45.08 33.43
N THR A 1108 47.64 45.47 33.68
CA THR A 1108 47.21 46.84 33.55
C THR A 1108 46.93 47.52 34.88
N VAL A 1109 47.14 46.81 36.01
CA VAL A 1109 46.64 47.28 37.30
C VAL A 1109 47.00 48.73 37.56
N GLU A 1110 48.25 49.10 37.32
CA GLU A 1110 48.69 50.47 37.52
C GLU A 1110 47.72 51.43 36.85
N LYS A 1111 47.59 51.32 35.52
CA LYS A 1111 46.64 52.16 34.79
C LYS A 1111 45.29 52.14 35.46
N LEU A 1112 44.76 50.94 35.75
CA LEU A 1112 43.46 50.83 36.37
C LEU A 1112 43.39 51.67 37.64
N VAL A 1113 44.37 51.51 38.54
CA VAL A 1113 44.31 52.25 39.79
C VAL A 1113 44.34 53.74 39.50
N THR A 1114 45.14 54.15 38.51
CA THR A 1114 45.16 55.55 38.12
C THR A 1114 43.75 56.03 37.85
N SER A 1115 43.03 55.31 36.99
CA SER A 1115 41.68 55.74 36.66
C SER A 1115 40.81 55.80 37.89
N ILE A 1116 40.92 54.81 38.79
CA ILE A 1116 40.11 54.86 40.00
C ILE A 1116 40.37 56.15 40.76
N ILE A 1117 41.65 56.52 40.88
CA ILE A 1117 42.00 57.76 41.56
C ILE A 1117 41.23 58.92 40.95
N LYS A 1118 41.19 58.97 39.62
CA LYS A 1118 40.50 60.06 38.95
C LYS A 1118 39.06 60.16 39.43
N GLN A 1119 38.37 59.03 39.52
CA GLN A 1119 36.99 59.06 40.02
C GLN A 1119 36.92 59.76 41.37
N LEU A 1120 37.75 59.32 42.31
CA LEU A 1120 37.70 59.92 43.64
C LEU A 1120 37.90 61.42 43.56
N HIS A 1121 38.77 61.86 42.65
CA HIS A 1121 39.00 63.29 42.50
C HIS A 1121 37.70 64.03 42.32
N SER A 1122 36.89 63.61 41.33
CA SER A 1122 35.61 64.26 41.11
C SER A 1122 34.73 64.15 42.37
N VAL A 1123 34.68 62.96 42.97
CA VAL A 1123 33.84 62.79 44.14
C VAL A 1123 34.38 63.58 45.33
N THR A 1124 35.66 63.95 45.30
CA THR A 1124 36.20 64.79 46.37
C THR A 1124 36.00 66.27 46.10
N THR A 1125 35.43 66.63 44.94
CA THR A 1125 35.28 68.04 44.60
C THR A 1125 33.83 68.46 44.44
N ASN A 1126 32.90 67.53 44.31
CA ASN A 1126 31.49 67.90 44.25
C ASN A 1126 31.02 68.40 45.61
N ARG A 1127 30.55 69.64 45.65
CA ARG A 1127 30.25 70.29 46.92
C ARG A 1127 28.99 69.74 47.57
N ARG A 1128 27.97 69.42 46.77
CA ARG A 1128 26.75 68.84 47.32
C ARG A 1128 26.97 67.39 47.75
N LEU A 1129 27.91 66.70 47.13
CA LEU A 1129 28.14 65.29 47.45
C LEU A 1129 28.59 65.11 48.88
N ALA A 1130 29.29 66.09 49.45
CA ALA A 1130 29.68 65.99 50.85
C ALA A 1130 28.43 65.93 51.74
N GLN A 1131 27.48 66.82 51.49
CA GLN A 1131 26.20 66.76 52.19
C GLN A 1131 25.51 65.43 51.94
N VAL A 1132 25.58 64.93 50.71
CA VAL A 1132 24.96 63.64 50.41
C VAL A 1132 25.58 62.53 51.26
N PHE A 1133 26.89 62.61 51.47
CA PHE A 1133 27.55 61.64 52.35
C PHE A 1133 27.12 61.83 53.79
N MET A 1134 26.92 63.09 54.21
CA MET A 1134 26.34 63.34 55.53
C MET A 1134 25.01 62.61 55.67
N TYR A 1135 24.14 62.77 54.69
CA TYR A 1135 22.82 62.15 54.74
C TYR A 1135 22.94 60.63 54.75
N TYR A 1136 23.87 60.09 53.97
CA TYR A 1136 24.03 58.64 53.97
C TYR A 1136 24.52 58.14 55.32
N GLU A 1137 25.46 58.85 55.94
CA GLU A 1137 25.91 58.46 57.26
C GLU A 1137 24.75 58.51 58.24
N LYS A 1138 23.89 59.51 58.09
CA LYS A 1138 22.73 59.62 58.96
C LYS A 1138 21.82 58.40 58.80
N ASP A 1139 21.58 57.98 57.57
CA ASP A 1139 20.70 56.83 57.36
C ASP A 1139 21.37 55.53 57.79
N ARG A 1140 22.69 55.44 57.61
CA ARG A 1140 23.37 54.16 57.59
C ARG A 1140 23.38 53.49 58.96
N VAL A 1141 24.00 54.14 59.95
CA VAL A 1141 24.13 53.55 61.28
C VAL A 1141 22.77 53.17 61.83
N GLN A 1142 21.71 53.87 61.41
CA GLN A 1142 20.37 53.47 61.79
C GLN A 1142 20.07 52.14 61.11
N ARG A 1143 20.20 51.06 61.87
CA ARG A 1143 19.90 49.72 61.37
C ARG A 1143 18.41 49.50 61.16
N ARG A 1144 17.57 50.42 61.59
CA ARG A 1144 16.15 50.43 61.30
C ARG A 1144 15.74 51.83 60.87
N THR A 1145 14.82 51.90 59.92
CA THR A 1145 14.36 53.17 59.40
C THR A 1145 13.08 52.95 58.60
N SER A 1146 12.04 53.70 58.92
CA SER A 1146 10.75 53.56 58.26
C SER A 1146 10.84 53.99 56.80
N PRO A 1147 9.89 53.59 55.98
CA PRO A 1147 9.85 54.13 54.60
C PRO A 1147 9.99 55.62 54.55
N ARG A 1148 9.22 56.33 55.39
CA ARG A 1148 9.21 57.79 55.36
C ARG A 1148 10.61 58.37 55.42
N GLN A 1149 11.40 57.99 56.42
CA GLN A 1149 12.70 58.60 56.62
C GLN A 1149 13.61 58.37 55.42
N GLN A 1150 13.58 57.17 54.85
CA GLN A 1150 14.35 56.93 53.63
C GLN A 1150 13.85 57.80 52.48
N ILE A 1151 12.55 58.05 52.43
CA ILE A 1151 12.02 58.90 51.36
C ILE A 1151 12.48 60.33 51.54
N MET A 1152 12.49 60.81 52.79
CA MET A 1152 12.98 62.16 53.05
C MET A 1152 14.47 62.26 52.74
N TYR A 1153 15.22 61.20 53.04
CA TYR A 1153 16.62 61.12 52.63
C TYR A 1153 16.75 61.25 51.11
N ARG A 1154 15.89 60.53 50.38
CA ARG A 1154 15.95 60.57 48.93
C ARG A 1154 15.66 61.97 48.40
N ILE A 1155 14.60 62.60 48.91
CA ILE A 1155 14.22 63.91 48.40
C ILE A 1155 15.25 64.97 48.82
N GLN A 1156 15.78 64.87 50.04
CA GLN A 1156 16.86 65.74 50.46
C GLN A 1156 18.04 65.65 49.51
N THR A 1157 18.45 64.42 49.20
CA THR A 1157 19.58 64.22 48.29
C THR A 1157 19.28 64.81 46.92
N GLU A 1158 18.11 64.51 46.37
CA GLU A 1158 17.77 65.02 45.05
C GLU A 1158 17.78 66.54 45.03
N THR A 1159 17.19 67.16 46.05
CA THR A 1159 17.20 68.62 46.15
C THR A 1159 18.62 69.16 46.22
N ALA A 1160 19.48 68.50 47.01
CA ALA A 1160 20.88 68.89 47.05
C ALA A 1160 21.57 68.69 45.71
N PHE A 1161 21.02 67.83 44.85
CA PHE A 1161 21.63 67.59 43.55
C PHE A 1161 21.07 68.52 42.46
N GLY A 1162 19.78 68.42 42.19
CA GLY A 1162 19.19 69.13 41.07
C GLY A 1162 18.50 68.18 40.11
N PRO A 1163 17.89 68.73 39.06
CA PRO A 1163 17.04 67.92 38.18
C PRO A 1163 17.76 67.25 37.02
N ASP A 1164 18.85 67.84 36.54
CA ASP A 1164 19.46 67.45 35.28
C ASP A 1164 20.65 66.52 35.44
N GLU A 1165 20.93 66.06 36.66
CA GLU A 1165 21.97 65.08 36.93
C GLU A 1165 21.32 63.71 37.07
N ASN A 1166 21.74 62.75 36.26
CA ASN A 1166 21.12 61.43 36.29
C ASN A 1166 21.49 60.70 37.58
N LEU A 1167 20.49 60.13 38.23
CA LEU A 1167 20.66 59.53 39.55
C LEU A 1167 20.81 58.02 39.42
N CYS A 1168 21.82 57.47 40.10
CA CYS A 1168 21.97 56.04 40.21
C CYS A 1168 21.97 55.68 41.68
N CYS A 1169 21.61 54.44 41.97
CA CYS A 1169 21.55 53.93 43.32
C CYS A 1169 22.33 52.63 43.42
N ILE A 1170 22.81 52.35 44.63
CA ILE A 1170 23.66 51.22 44.93
C ILE A 1170 23.15 50.64 46.23
N ASP A 1171 22.65 49.42 46.20
CA ASP A 1171 22.20 48.76 47.41
C ASP A 1171 23.26 47.79 47.89
N TRP A 1172 23.51 47.79 49.19
CA TRP A 1172 24.44 46.87 49.82
C TRP A 1172 23.67 45.96 50.76
N ASN A 1173 23.72 44.66 50.50
CA ASN A 1173 23.02 43.67 51.28
C ASN A 1173 24.09 42.89 52.04
N SER A 1174 24.40 43.38 53.25
CA SER A 1174 25.41 42.76 54.07
C SER A 1174 24.95 41.42 54.65
N GLN A 1175 23.69 41.03 54.44
CA GLN A 1175 23.23 39.71 54.87
C GLN A 1175 23.57 38.64 53.85
N THR A 1176 23.40 38.93 52.57
CA THR A 1176 23.93 38.10 51.50
C THR A 1176 25.12 38.73 50.81
N ARG A 1177 25.58 39.90 51.29
CA ARG A 1177 26.85 40.48 50.90
C ARG A 1177 26.90 40.83 49.43
N GLN A 1178 25.79 41.30 48.88
CA GLN A 1178 25.70 41.59 47.46
C GLN A 1178 25.39 43.06 47.22
N SER A 1179 26.09 43.65 46.27
CA SER A 1179 25.81 45.01 45.86
C SER A 1179 25.05 45.00 44.55
N ALA A 1180 24.20 46.00 44.35
CA ALA A 1180 23.41 46.07 43.13
C ALA A 1180 23.29 47.51 42.67
N ILE A 1181 23.59 47.73 41.40
CA ILE A 1181 23.60 49.07 40.81
C ILE A 1181 22.38 49.22 39.92
N ARG A 1182 21.64 50.29 40.13
CA ARG A 1182 20.34 50.51 39.50
C ARG A 1182 20.22 51.98 39.15
N LEU A 1183 20.07 52.28 37.86
CA LEU A 1183 19.82 53.65 37.43
C LEU A 1183 18.41 54.05 37.87
N MET A 1184 18.31 55.02 38.77
CA MET A 1184 17.03 55.51 39.24
C MET A 1184 16.65 56.74 38.44
N GLY A 1185 15.56 56.64 37.69
CA GLY A 1185 15.02 57.75 36.94
C GLY A 1185 13.91 58.46 37.69
N ARG A 1186 13.17 59.29 36.94
CA ARG A 1186 12.06 60.03 37.51
C ARG A 1186 10.80 59.20 37.62
N GLU A 1187 10.84 57.93 37.21
CA GLU A 1187 9.72 57.00 37.36
C GLU A 1187 10.12 55.75 38.12
N ASP A 1188 11.29 55.73 38.76
CA ASP A 1188 11.74 54.59 39.53
C ASP A 1188 11.36 54.77 41.00
N LEU A 1189 10.83 53.71 41.60
CA LEU A 1189 10.40 53.75 42.99
C LEU A 1189 11.57 53.45 43.92
N THR A 1190 11.44 53.93 45.17
CA THR A 1190 12.53 53.86 46.12
C THR A 1190 12.89 52.42 46.46
N MET A 1191 11.96 51.71 47.09
CA MET A 1191 12.19 50.33 47.52
C MET A 1191 11.46 49.39 46.57
N GLY A 1192 12.19 48.43 46.02
CA GLY A 1192 11.62 47.57 45.02
C GLY A 1192 11.53 46.10 45.41
N THR A 1193 12.04 45.76 46.58
CA THR A 1193 12.11 44.37 47.03
C THR A 1193 10.97 44.04 47.99
N LEU A 1194 9.78 44.59 47.75
CA LEU A 1194 8.59 44.26 48.52
C LEU A 1194 7.89 43.05 47.90
N LYS A 1195 7.36 42.16 48.73
CA LYS A 1195 7.00 40.83 48.27
C LYS A 1195 5.51 40.49 48.41
N SER A 1196 4.76 41.16 49.28
CA SER A 1196 3.36 40.83 49.52
C SER A 1196 2.47 42.01 49.16
N ASP A 1197 1.30 41.71 48.58
CA ASP A 1197 0.42 42.77 48.07
C ASP A 1197 -0.09 43.66 49.19
N ALA A 1198 -0.25 43.13 50.40
CA ALA A 1198 -0.55 43.99 51.55
C ALA A 1198 0.72 44.61 52.12
N GLU A 1199 1.83 43.89 52.05
CA GLU A 1199 3.11 44.51 52.33
C GLU A 1199 3.46 45.52 51.25
N LYS A 1200 3.10 45.24 49.99
CA LYS A 1200 3.05 46.29 49.00
C LYS A 1200 2.23 47.47 49.51
N TRP A 1201 0.96 47.21 49.89
CA TRP A 1201 0.06 48.23 50.42
C TRP A 1201 0.80 49.16 51.36
N CYS A 1202 1.40 48.61 52.41
CA CYS A 1202 2.11 49.44 53.37
C CYS A 1202 3.34 50.11 52.78
N TYR A 1203 4.23 49.36 52.13
CA TYR A 1203 5.54 49.93 51.82
C TYR A 1203 5.43 50.98 50.72
N TYR A 1204 4.89 50.61 49.56
CA TYR A 1204 4.72 51.67 48.57
C TYR A 1204 3.35 52.31 48.66
N ILE A 1205 2.69 52.25 49.82
CA ILE A 1205 1.83 53.36 50.22
C ILE A 1205 2.70 54.46 50.76
N GLY A 1206 3.70 54.07 51.57
CA GLY A 1206 4.49 55.03 52.31
C GLY A 1206 5.20 56.06 51.48
N SER A 1207 5.53 55.76 50.23
CA SER A 1207 6.38 56.65 49.44
C SER A 1207 5.68 57.95 49.09
N TYR A 1208 4.41 57.91 48.72
CA TYR A 1208 3.69 59.14 48.50
C TYR A 1208 3.28 59.78 49.82
N ILE A 1209 4.26 60.21 50.62
CA ILE A 1209 4.05 61.08 51.77
C ILE A 1209 4.84 62.37 51.67
N MET A 1210 5.88 62.40 50.85
CA MET A 1210 6.69 63.58 50.67
C MET A 1210 5.78 64.74 50.26
N SER A 1211 6.13 65.94 50.71
CA SER A 1211 5.39 67.10 50.25
C SER A 1211 5.69 67.38 48.78
N SER A 1212 6.79 66.82 48.28
CA SER A 1212 7.08 66.83 46.86
C SER A 1212 6.07 65.94 46.12
N PRO A 1213 5.89 66.15 44.81
CA PRO A 1213 5.00 65.28 44.04
C PRO A 1213 5.45 63.82 43.99
N THR A 1214 4.67 63.01 43.27
CA THR A 1214 4.74 61.55 43.37
C THR A 1214 6.03 60.98 42.79
N GLU A 1215 6.32 59.75 43.21
CA GLU A 1215 7.32 58.91 42.58
C GLU A 1215 6.64 57.92 41.64
N GLY A 1216 7.32 57.63 40.53
CA GLY A 1216 6.81 56.68 39.55
C GLY A 1216 5.77 57.20 38.59
N ILE A 1217 5.09 58.29 38.92
CA ILE A 1217 4.14 58.93 38.02
C ILE A 1217 4.74 60.27 37.58
N LEU A 1218 4.48 60.64 36.34
CA LEU A 1218 4.93 61.93 35.82
C LEU A 1218 3.76 62.90 35.74
N PRO A 1219 3.86 64.08 36.36
CA PRO A 1219 2.82 65.12 36.35
C PRO A 1219 2.41 65.55 34.94
N THR B 399 -1.32 -14.79 -38.92
CA THR B 399 -2.22 -15.22 -39.98
C THR B 399 -3.50 -15.82 -39.41
N ALA B 400 -4.31 -16.39 -40.30
CA ALA B 400 -5.66 -16.80 -39.92
C ALA B 400 -5.61 -17.97 -38.94
N PRO B 401 -6.53 -18.00 -37.96
CA PRO B 401 -6.51 -19.06 -36.95
C PRO B 401 -7.42 -20.22 -37.29
N THR B 402 -6.96 -21.42 -36.95
CA THR B 402 -7.76 -22.63 -37.15
C THR B 402 -8.62 -22.87 -35.93
N SER B 403 -9.93 -22.83 -36.12
CA SER B 403 -10.86 -23.11 -35.04
C SER B 403 -10.72 -24.56 -34.58
N PRO B 404 -11.21 -24.89 -33.39
CA PRO B 404 -11.19 -26.30 -32.99
C PRO B 404 -12.09 -27.12 -33.90
N TYR B 405 -11.70 -28.38 -34.11
CA TYR B 405 -12.32 -29.30 -35.07
C TYR B 405 -12.77 -28.59 -36.34
N ALA B 406 -11.92 -27.71 -36.85
CA ALA B 406 -12.24 -27.01 -38.09
C ALA B 406 -12.18 -27.98 -39.26
N ALA B 407 -12.95 -27.65 -40.30
CA ALA B 407 -12.98 -28.49 -41.49
C ALA B 407 -11.62 -28.50 -42.17
N THR B 408 -11.08 -29.68 -42.40
CA THR B 408 -9.79 -29.77 -43.07
C THR B 408 -9.99 -29.62 -44.58
N GLN B 409 -8.87 -29.43 -45.29
CA GLN B 409 -8.95 -29.17 -46.72
C GLN B 409 -9.32 -30.43 -47.50
N GLU B 410 -8.79 -31.58 -47.09
CA GLU B 410 -9.14 -32.83 -47.76
C GLU B 410 -10.63 -33.09 -47.70
N GLU B 411 -11.23 -32.91 -46.52
CA GLU B 411 -12.65 -33.20 -46.36
C GLU B 411 -13.52 -32.21 -47.11
N LEU B 412 -13.12 -30.93 -47.13
CA LEU B 412 -13.87 -29.95 -47.91
C LEU B 412 -13.79 -30.24 -49.39
N LEU B 413 -12.59 -30.58 -49.87
CA LEU B 413 -12.42 -31.00 -51.25
C LEU B 413 -13.33 -32.18 -51.59
N ALA B 414 -13.26 -33.22 -50.76
CA ALA B 414 -14.04 -34.42 -51.01
C ALA B 414 -15.53 -34.12 -51.01
N PHE B 415 -15.99 -33.28 -50.08
CA PHE B 415 -17.41 -32.99 -50.00
C PHE B 415 -17.88 -32.16 -51.19
N THR B 416 -17.02 -31.25 -51.67
CA THR B 416 -17.44 -30.49 -52.85
C THR B 416 -17.44 -31.37 -54.09
N THR B 417 -16.54 -32.35 -54.17
CA THR B 417 -16.62 -33.31 -55.27
C THR B 417 -17.86 -34.18 -55.13
N ILE B 418 -18.27 -34.48 -53.90
CA ILE B 418 -19.51 -35.21 -53.69
C ILE B 418 -20.69 -34.42 -54.22
N ARG B 419 -20.77 -33.15 -53.86
CA ARG B 419 -21.85 -32.30 -54.38
C ARG B 419 -21.78 -32.21 -55.90
N GLN B 420 -20.57 -32.18 -56.47
CA GLN B 420 -20.44 -32.07 -57.91
C GLN B 420 -20.94 -33.34 -58.60
N HIS B 421 -20.61 -34.51 -58.07
CA HIS B 421 -21.17 -35.75 -58.60
C HIS B 421 -22.69 -35.73 -58.51
N LEU B 422 -23.22 -35.16 -57.43
CA LEU B 422 -24.65 -34.94 -57.32
C LEU B 422 -25.08 -34.03 -58.45
N PRO B 423 -25.93 -34.49 -59.38
CA PRO B 423 -26.13 -33.75 -60.63
C PRO B 423 -26.86 -32.43 -60.47
N ASP B 424 -27.47 -32.16 -59.34
CA ASP B 424 -28.36 -31.02 -59.20
C ASP B 424 -28.03 -30.24 -57.95
N THR B 425 -28.41 -28.97 -57.94
CA THR B 425 -28.39 -28.21 -56.71
C THR B 425 -29.51 -28.68 -55.79
N LEU B 426 -30.57 -29.26 -56.34
CA LEU B 426 -31.60 -29.84 -55.49
C LEU B 426 -31.10 -31.08 -54.78
N ALA B 427 -30.28 -31.90 -55.45
CA ALA B 427 -29.67 -33.04 -54.78
C ALA B 427 -28.71 -32.57 -53.70
N PHE B 428 -27.97 -31.50 -53.96
CA PHE B 428 -27.10 -30.93 -52.93
C PHE B 428 -27.91 -30.43 -51.74
N HIS B 429 -29.07 -29.82 -52.01
CA HIS B 429 -29.92 -29.36 -50.92
C HIS B 429 -30.49 -30.54 -50.14
N LYS B 430 -30.88 -31.61 -50.84
CA LYS B 430 -31.33 -32.81 -50.15
C LYS B 430 -30.22 -33.38 -49.29
N PHE B 431 -28.98 -33.27 -49.75
CA PHE B 431 -27.83 -33.76 -48.98
C PHE B 431 -27.63 -32.94 -47.71
N LEU B 432 -27.71 -31.62 -47.84
CA LEU B 432 -27.69 -30.76 -46.65
C LEU B 432 -28.82 -31.12 -45.70
N GLU B 433 -29.99 -31.44 -46.25
CA GLU B 433 -31.12 -31.85 -45.43
C GLU B 433 -30.81 -33.13 -44.67
N LEU B 434 -30.19 -34.10 -45.35
CA LEU B 434 -29.76 -35.33 -44.68
C LEU B 434 -28.85 -34.99 -43.50
N LEU B 435 -27.84 -34.17 -43.75
CA LEU B 435 -26.88 -33.85 -42.70
C LEU B 435 -27.57 -33.16 -41.53
N HIS B 436 -28.43 -32.19 -41.82
CA HIS B 436 -29.10 -31.44 -40.76
C HIS B 436 -30.03 -32.33 -39.95
N LEU B 437 -30.80 -33.18 -40.63
CA LEU B 437 -31.71 -34.06 -39.92
C LEU B 437 -30.96 -35.07 -39.07
N TYR B 438 -29.75 -35.47 -39.51
CA TYR B 438 -28.91 -36.25 -38.61
C TYR B 438 -28.46 -35.42 -37.42
N ARG B 439 -28.21 -34.13 -37.63
CA ARG B 439 -27.84 -33.26 -36.52
C ARG B 439 -28.97 -33.14 -35.52
N GLU B 440 -30.21 -33.06 -35.99
CA GLU B 440 -31.34 -32.79 -35.11
C GLU B 440 -31.95 -34.04 -34.53
N LYS B 441 -31.18 -35.12 -34.39
CA LYS B 441 -31.61 -36.31 -33.67
C LYS B 441 -32.90 -36.90 -34.20
N LEU B 442 -33.19 -36.65 -35.47
CA LEU B 442 -34.27 -37.35 -36.15
C LEU B 442 -33.77 -38.36 -37.16
N LEU B 443 -32.49 -38.31 -37.51
CA LEU B 443 -31.93 -39.20 -38.54
C LEU B 443 -30.82 -40.03 -37.92
N ASP B 444 -31.00 -41.35 -37.97
CA ASP B 444 -30.07 -42.34 -37.45
C ASP B 444 -28.74 -42.29 -38.17
N LYS B 445 -27.79 -43.15 -37.78
CA LYS B 445 -26.53 -43.25 -38.50
C LYS B 445 -26.66 -44.11 -39.75
N THR B 446 -27.06 -45.36 -39.58
CA THR B 446 -27.17 -46.25 -40.73
C THR B 446 -28.16 -45.73 -41.74
N GLU B 447 -29.21 -45.06 -41.28
CA GLU B 447 -30.19 -44.52 -42.22
C GLU B 447 -29.59 -43.35 -42.99
N LEU B 448 -28.75 -42.55 -42.33
CA LEU B 448 -27.99 -41.53 -43.05
C LEU B 448 -27.13 -42.15 -44.14
N LEU B 449 -26.40 -43.21 -43.79
CA LEU B 449 -25.58 -43.90 -44.78
C LEU B 449 -26.41 -44.43 -45.93
N ASN B 450 -27.57 -45.02 -45.63
CA ASN B 450 -28.41 -45.59 -46.66
C ASN B 450 -28.93 -44.53 -47.62
N SER B 451 -29.45 -43.43 -47.07
CA SER B 451 -29.97 -42.38 -47.95
C SER B 451 -28.83 -41.71 -48.72
N PHE B 452 -27.67 -41.55 -48.08
CA PHE B 452 -26.51 -41.02 -48.79
C PHE B 452 -26.15 -41.87 -49.98
N SER B 453 -26.15 -43.20 -49.82
CA SER B 453 -25.82 -44.09 -50.93
C SER B 453 -26.90 -44.05 -52.00
N LYS B 454 -28.17 -44.05 -51.60
CA LYS B 454 -29.24 -43.99 -52.58
C LYS B 454 -29.39 -42.63 -53.23
N LEU B 455 -28.62 -41.63 -52.78
CA LEU B 455 -28.49 -40.38 -53.50
C LEU B 455 -27.19 -40.26 -54.29
N VAL B 456 -26.13 -40.97 -53.89
CA VAL B 456 -24.85 -40.80 -54.57
C VAL B 456 -24.64 -41.87 -55.64
N ARG B 457 -25.19 -43.07 -55.42
CA ARG B 457 -25.13 -44.16 -56.40
C ARG B 457 -23.70 -44.46 -56.83
N ASN B 458 -22.77 -44.35 -55.89
CA ASN B 458 -21.36 -44.58 -56.14
C ASN B 458 -20.79 -45.30 -54.93
N ASP B 459 -20.01 -46.36 -55.16
CA ASP B 459 -19.62 -47.21 -54.05
C ASP B 459 -18.42 -46.66 -53.27
N ASN B 460 -17.42 -46.13 -53.98
CA ASN B 460 -16.24 -45.65 -53.28
C ASN B 460 -16.56 -44.45 -52.40
N LEU B 461 -17.52 -43.62 -52.80
CA LEU B 461 -17.92 -42.49 -51.96
C LEU B 461 -18.73 -42.96 -50.77
N THR B 462 -19.53 -44.00 -50.94
CA THR B 462 -20.19 -44.63 -49.81
C THR B 462 -19.16 -45.15 -48.80
N LEU B 463 -18.09 -45.77 -49.29
CA LEU B 463 -17.06 -46.26 -48.39
C LEU B 463 -16.32 -45.11 -47.73
N TRP B 464 -16.03 -44.04 -48.47
CA TRP B 464 -15.39 -42.88 -47.87
C TRP B 464 -16.28 -42.25 -46.81
N PHE B 465 -17.59 -42.22 -47.03
CA PHE B 465 -18.50 -41.70 -46.02
C PHE B 465 -18.48 -42.58 -44.77
N SER B 466 -18.74 -43.87 -44.94
CA SER B 466 -18.70 -44.82 -43.83
C SER B 466 -17.37 -44.77 -43.09
N GLU B 467 -16.31 -44.33 -43.76
CA GLU B 467 -15.03 -44.11 -43.10
C GLU B 467 -15.00 -42.76 -42.37
N PHE B 468 -15.67 -41.75 -42.93
CA PHE B 468 -15.70 -40.45 -42.28
C PHE B 468 -16.73 -40.42 -41.15
N ILE B 469 -17.88 -41.05 -41.37
CA ILE B 469 -18.91 -41.21 -40.35
C ILE B 469 -18.39 -42.00 -39.15
N ARG B 470 -17.27 -42.69 -39.30
CA ARG B 470 -16.71 -43.52 -38.23
C ARG B 470 -17.71 -44.58 -37.81
N TRP B 471 -18.25 -45.26 -38.81
CA TRP B 471 -19.29 -46.25 -38.57
C TRP B 471 -18.67 -47.57 -38.11
N SER B 472 -19.36 -48.23 -37.17
CA SER B 472 -18.92 -49.51 -36.64
C SER B 472 -20.13 -50.28 -36.15
N ASP B 473 -20.35 -51.45 -36.71
CA ASP B 473 -21.49 -52.28 -36.34
C ASP B 473 -20.99 -53.38 -35.41
N ASN B 474 -21.33 -53.27 -34.14
CA ASN B 474 -20.97 -54.24 -33.12
C ASN B 474 -22.14 -54.33 -32.15
N PRO B 475 -22.28 -55.45 -31.46
CA PRO B 475 -23.37 -55.55 -30.48
C PRO B 475 -23.13 -54.62 -29.31
N ILE B 476 -23.91 -53.54 -29.21
CA ILE B 476 -23.75 -52.60 -28.12
C ILE B 476 -24.13 -53.29 -26.82
N LEU B 477 -23.20 -53.35 -25.88
CA LEU B 477 -23.38 -54.06 -24.62
C LEU B 477 -23.73 -53.04 -23.56
N VAL B 478 -24.82 -53.29 -22.84
CA VAL B 478 -25.28 -52.42 -21.78
C VAL B 478 -25.42 -53.27 -20.52
N LYS B 479 -24.63 -52.95 -19.50
CA LYS B 479 -24.68 -53.63 -18.22
C LYS B 479 -25.10 -52.66 -17.14
N ASN B 480 -25.88 -53.14 -16.18
CA ASN B 480 -26.40 -52.32 -15.09
C ASN B 480 -25.87 -52.88 -13.78
N GLU B 481 -24.95 -52.16 -13.17
CA GLU B 481 -24.31 -52.51 -11.92
C GLU B 481 -24.79 -51.60 -10.81
N PRO B 482 -25.39 -52.11 -9.75
CA PRO B 482 -25.76 -51.26 -8.63
C PRO B 482 -24.53 -50.73 -7.92
N VAL B 483 -24.73 -49.68 -7.14
CA VAL B 483 -23.66 -49.06 -6.40
C VAL B 483 -23.59 -49.71 -5.03
N ASP B 484 -22.47 -49.53 -4.34
CA ASP B 484 -22.24 -50.25 -3.10
C ASP B 484 -23.19 -49.80 -2.00
N GLU B 485 -23.60 -50.75 -1.15
CA GLU B 485 -24.58 -50.46 -0.12
C GLU B 485 -24.23 -49.25 0.71
N ARG B 486 -22.95 -49.03 0.96
CA ARG B 486 -22.57 -48.01 1.92
C ARG B 486 -22.70 -46.60 1.36
N VAL B 487 -23.05 -46.45 0.08
CA VAL B 487 -23.13 -45.12 -0.49
C VAL B 487 -24.51 -44.51 -0.33
N TYR B 488 -25.50 -45.30 0.05
CA TYR B 488 -26.84 -44.77 0.28
C TYR B 488 -27.51 -45.31 1.52
N LEU B 489 -27.02 -46.39 2.12
CA LEU B 489 -27.74 -47.02 3.20
C LEU B 489 -27.96 -46.13 4.42
N PRO B 490 -27.04 -45.22 4.82
CA PRO B 490 -27.30 -44.37 5.98
C PRO B 490 -28.73 -43.89 6.17
N GLU B 491 -29.38 -43.42 5.10
CA GLU B 491 -30.72 -42.90 5.28
C GLU B 491 -31.76 -44.00 5.31
N THR B 492 -31.52 -45.05 6.08
CA THR B 492 -32.58 -45.95 6.49
C THR B 492 -32.46 -46.23 7.98
N PHE B 493 -31.63 -45.45 8.69
CA PHE B 493 -31.28 -45.73 10.07
C PHE B 493 -32.19 -44.98 11.01
N GLU B 494 -32.52 -45.64 12.11
CA GLU B 494 -33.44 -45.08 13.09
C GLU B 494 -32.90 -43.76 13.65
N CYS B 495 -33.58 -42.67 13.36
CA CYS B 495 -33.07 -41.35 13.74
C CYS B 495 -32.96 -41.21 15.24
N ILE B 496 -32.07 -40.31 15.66
CA ILE B 496 -31.94 -39.87 17.04
C ILE B 496 -32.16 -38.38 17.17
N SER B 497 -31.63 -37.60 16.24
CA SER B 497 -31.86 -36.18 16.16
C SER B 497 -32.07 -35.85 14.69
N LEU B 498 -31.95 -34.58 14.34
CA LEU B 498 -32.10 -34.21 12.95
C LEU B 498 -31.08 -34.93 12.07
N THR B 499 -29.82 -34.97 12.48
CA THR B 499 -28.74 -35.46 11.65
C THR B 499 -28.04 -36.69 12.17
N TYR B 500 -28.16 -37.02 13.45
CA TYR B 500 -27.45 -38.15 13.99
C TYR B 500 -28.34 -39.36 14.08
N ARG B 501 -27.92 -40.44 13.43
CA ARG B 501 -28.72 -41.63 13.23
C ARG B 501 -28.05 -42.82 13.87
N LYS B 502 -28.77 -43.56 14.68
CA LYS B 502 -28.20 -44.71 15.35
C LYS B 502 -27.71 -45.73 14.33
N LEU B 503 -26.63 -46.44 14.67
CA LEU B 503 -25.99 -47.41 13.79
C LEU B 503 -26.56 -48.81 14.02
N PRO B 504 -26.60 -49.63 12.99
CA PRO B 504 -27.03 -51.02 13.16
C PRO B 504 -25.86 -51.92 13.54
N ASP B 505 -26.21 -53.06 14.13
CA ASP B 505 -25.19 -53.93 14.71
C ASP B 505 -24.18 -54.44 13.68
N SER B 506 -24.59 -54.56 12.42
CA SER B 506 -23.67 -55.04 11.41
C SER B 506 -22.60 -54.03 11.06
N TRP B 507 -22.78 -52.76 11.43
CA TRP B 507 -21.77 -51.76 11.17
C TRP B 507 -20.88 -51.49 12.37
N LYS B 508 -21.26 -51.96 13.55
CA LYS B 508 -20.37 -51.95 14.72
C LYS B 508 -19.66 -53.29 14.83
N GLN B 509 -19.05 -53.70 13.71
CA GLN B 509 -18.39 -54.98 13.63
C GLN B 509 -17.11 -54.91 12.84
N ASP B 510 -16.44 -53.77 12.86
CA ASP B 510 -15.12 -53.65 12.29
C ASP B 510 -14.25 -52.90 13.29
N LYS B 511 -12.98 -53.27 13.33
CA LYS B 511 -12.12 -52.89 14.43
C LYS B 511 -10.98 -52.00 13.96
N CYS B 512 -10.66 -51.03 14.80
CA CYS B 512 -9.44 -50.24 14.68
C CYS B 512 -8.39 -50.89 15.58
N SER B 513 -7.23 -51.18 15.02
CA SER B 513 -6.26 -52.05 15.67
C SER B 513 -5.27 -51.31 16.56
N GLY B 514 -5.29 -49.98 16.55
CA GLY B 514 -4.35 -49.25 17.38
C GLY B 514 -5.00 -48.57 18.56
N ARG B 515 -6.18 -49.04 18.95
CA ARG B 515 -6.93 -48.42 20.04
C ARG B 515 -6.58 -49.12 21.35
N ASP B 516 -6.15 -48.33 22.33
CA ASP B 516 -5.85 -48.80 23.67
C ASP B 516 -7.06 -48.57 24.56
N ASP B 517 -6.89 -48.80 25.86
CA ASP B 517 -8.04 -48.77 26.74
C ASP B 517 -8.61 -47.38 26.94
N LEU B 518 -7.83 -46.33 26.65
CA LEU B 518 -8.38 -44.99 26.76
C LEU B 518 -9.39 -44.74 25.64
N ASP B 519 -8.98 -44.93 24.40
CA ASP B 519 -9.80 -44.56 23.26
C ASP B 519 -11.06 -45.39 23.14
N ASN B 520 -11.14 -46.53 23.82
CA ASN B 520 -12.39 -47.27 23.84
C ASN B 520 -13.37 -46.71 24.85
N SER B 521 -13.08 -45.54 25.42
CA SER B 521 -14.00 -44.93 26.36
C SER B 521 -14.20 -43.46 26.11
N VAL B 522 -13.44 -42.84 25.22
CA VAL B 522 -13.61 -41.45 24.85
C VAL B 522 -14.35 -41.32 23.52
N LEU B 523 -13.97 -42.12 22.54
CA LEU B 523 -14.45 -41.89 21.19
C LEU B 523 -15.89 -42.36 21.01
N ASN B 524 -16.55 -41.74 20.04
CA ASN B 524 -17.93 -42.06 19.69
C ASN B 524 -17.95 -43.21 18.72
N ASP B 525 -18.79 -44.20 19.00
CA ASP B 525 -18.79 -45.38 18.15
C ASP B 525 -20.07 -45.59 17.38
N ASP B 526 -21.25 -45.35 17.97
CA ASP B 526 -22.50 -45.72 17.34
C ASP B 526 -23.44 -44.54 17.20
N TYR B 527 -23.13 -43.64 16.27
CA TYR B 527 -23.97 -42.55 15.79
C TYR B 527 -23.25 -41.97 14.59
N ILE B 528 -23.89 -41.80 13.45
CA ILE B 528 -23.25 -41.19 12.30
C ILE B 528 -23.85 -39.81 12.10
N SER B 529 -23.31 -39.07 11.16
CA SER B 529 -23.79 -37.73 10.86
C SER B 529 -24.26 -37.70 9.42
N VAL B 530 -25.55 -37.97 9.21
CA VAL B 530 -26.10 -38.01 7.87
C VAL B 530 -26.60 -36.62 7.50
N ALA B 531 -25.82 -35.92 6.67
CA ALA B 531 -26.21 -34.60 6.22
C ALA B 531 -27.54 -34.67 5.49
N PRO B 532 -28.26 -33.55 5.42
CA PRO B 532 -29.56 -33.55 4.75
C PRO B 532 -29.39 -33.33 3.26
N LYS B 533 -30.36 -33.83 2.50
CA LYS B 533 -30.25 -33.85 1.06
C LYS B 533 -31.28 -32.92 0.43
N PRO B 534 -30.86 -31.91 -0.31
CA PRO B 534 -31.81 -31.14 -1.11
C PRO B 534 -32.49 -32.07 -2.09
N SER B 535 -33.67 -31.66 -2.57
CA SER B 535 -34.38 -32.44 -3.57
C SER B 535 -34.49 -31.70 -4.90
N HIS B 536 -35.10 -30.52 -4.90
CA HIS B 536 -35.49 -29.87 -6.14
C HIS B 536 -35.20 -28.37 -6.07
N VAL B 537 -33.97 -28.00 -5.73
CA VAL B 537 -33.65 -26.59 -5.60
C VAL B 537 -34.10 -25.86 -6.86
N LYS B 538 -34.72 -24.69 -6.67
CA LYS B 538 -35.31 -23.99 -7.80
C LYS B 538 -35.05 -22.48 -7.75
N ASN B 539 -34.03 -22.05 -7.04
CA ASN B 539 -33.53 -20.69 -7.20
C ASN B 539 -32.04 -20.76 -6.89
N ILE B 540 -31.24 -20.91 -7.94
CA ILE B 540 -29.82 -21.18 -7.79
C ILE B 540 -29.07 -19.86 -7.78
N MET B 541 -28.16 -19.71 -6.84
CA MET B 541 -27.33 -18.53 -6.75
C MET B 541 -26.06 -18.74 -7.52
N HIS B 542 -25.49 -17.67 -8.04
CA HIS B 542 -24.27 -17.75 -8.83
C HIS B 542 -23.16 -17.02 -8.10
N HIS B 543 -21.97 -17.04 -8.71
CA HIS B 543 -20.84 -16.24 -8.25
C HIS B 543 -20.70 -15.10 -9.24
N GLU B 544 -20.94 -13.87 -8.79
CA GLU B 544 -21.13 -12.78 -9.73
C GLU B 544 -19.88 -11.95 -9.91
N ASN B 545 -19.01 -11.91 -8.91
CA ASN B 545 -17.83 -11.07 -9.01
C ASN B 545 -16.90 -11.60 -10.08
N GLN B 546 -16.82 -10.88 -11.19
CA GLN B 546 -16.00 -11.32 -12.29
C GLN B 546 -14.66 -10.64 -12.36
N TYR B 547 -14.37 -9.73 -11.43
CA TYR B 547 -13.03 -9.19 -11.27
C TYR B 547 -12.24 -9.92 -10.20
N LEU B 548 -12.93 -10.68 -9.37
CA LEU B 548 -12.25 -11.55 -8.43
C LEU B 548 -11.77 -12.82 -9.11
N GLN B 549 -12.54 -13.32 -10.06
CA GLN B 549 -12.19 -14.57 -10.71
C GLN B 549 -11.05 -14.39 -11.70
N ALA B 550 -10.90 -13.20 -12.28
CA ALA B 550 -9.73 -12.97 -13.12
C ALA B 550 -8.46 -13.03 -12.30
N LEU B 551 -8.47 -12.45 -11.10
CA LEU B 551 -7.32 -12.54 -10.23
C LEU B 551 -7.05 -13.98 -9.82
N GLN B 552 -8.10 -14.72 -9.51
CA GLN B 552 -7.89 -16.11 -9.15
C GLN B 552 -7.30 -16.90 -10.31
N LEU B 553 -7.69 -16.59 -11.54
CA LEU B 553 -7.11 -17.29 -12.68
C LEU B 553 -5.63 -16.94 -12.84
N VAL B 554 -5.28 -15.67 -12.67
CA VAL B 554 -3.86 -15.29 -12.70
C VAL B 554 -3.07 -16.12 -11.71
N GLU B 555 -3.58 -16.25 -10.49
CA GLU B 555 -2.85 -16.97 -9.47
C GLU B 555 -2.74 -18.46 -9.80
N ASP B 556 -3.81 -19.07 -10.32
CA ASP B 556 -3.72 -20.47 -10.71
C ASP B 556 -2.71 -20.70 -11.82
N GLU B 557 -2.65 -19.79 -12.79
CA GLU B 557 -1.70 -19.97 -13.87
C GLU B 557 -0.27 -19.89 -13.38
N ARG B 558 0.04 -18.91 -12.54
CA ARG B 558 1.42 -18.87 -12.07
C ARG B 558 1.75 -20.05 -11.17
N TYR B 559 0.78 -20.56 -10.41
CA TYR B 559 1.04 -21.77 -9.66
C TYR B 559 1.40 -22.93 -10.57
N ASP B 560 0.67 -23.06 -11.68
CA ASP B 560 0.94 -24.18 -12.57
C ASP B 560 2.29 -24.05 -13.22
N TYR B 561 2.73 -22.84 -13.52
CA TYR B 561 4.09 -22.70 -14.00
C TYR B 561 5.10 -23.11 -12.94
N ASP B 562 4.84 -22.75 -11.69
CA ASP B 562 5.83 -23.00 -10.64
C ASP B 562 6.03 -24.47 -10.39
N ARG B 563 4.95 -25.24 -10.31
CA ARG B 563 5.16 -26.66 -9.96
C ARG B 563 6.00 -27.36 -11.01
N VAL B 564 5.77 -27.02 -12.27
CA VAL B 564 6.52 -27.61 -13.37
C VAL B 564 7.99 -27.22 -13.27
N LEU B 565 8.26 -25.92 -13.13
CA LEU B 565 9.65 -25.48 -13.09
C LEU B 565 10.39 -26.11 -11.93
N ASN B 566 9.73 -26.23 -10.78
CA ASN B 566 10.40 -26.82 -9.63
C ASN B 566 10.71 -28.29 -9.86
N THR B 567 9.78 -29.03 -10.48
CA THR B 567 10.04 -30.44 -10.74
C THR B 567 11.24 -30.62 -11.68
N THR B 568 11.25 -29.87 -12.79
CA THR B 568 12.38 -30.02 -13.69
C THR B 568 13.67 -29.59 -13.03
N GLU B 569 13.62 -28.62 -12.13
CA GLU B 569 14.84 -28.22 -11.44
C GLU B 569 15.42 -29.37 -10.65
N SER B 570 14.60 -29.99 -9.80
CA SER B 570 15.15 -31.05 -8.96
C SER B 570 15.65 -32.22 -9.80
N ALA B 571 14.94 -32.56 -10.86
CA ALA B 571 15.41 -33.67 -11.67
C ALA B 571 16.71 -33.32 -12.38
N ILE B 572 16.84 -32.10 -12.88
CA ILE B 572 18.10 -31.66 -13.46
C ILE B 572 19.23 -31.85 -12.47
N LYS B 573 19.00 -31.43 -11.23
CA LYS B 573 20.04 -31.57 -10.21
C LYS B 573 20.51 -33.00 -10.09
N ILE B 574 19.58 -33.93 -9.87
CA ILE B 574 19.98 -35.32 -9.67
C ILE B 574 20.70 -35.86 -10.91
N LEU B 575 20.12 -35.67 -12.09
CA LEU B 575 20.71 -36.27 -13.27
C LEU B 575 22.09 -35.69 -13.55
N ALA B 576 22.24 -34.37 -13.46
CA ALA B 576 23.57 -33.78 -13.64
C ALA B 576 24.56 -34.32 -12.64
N ASN B 577 24.08 -34.70 -11.44
CA ASN B 577 24.97 -35.39 -10.52
C ASN B 577 25.41 -36.74 -11.10
N PHE B 578 24.52 -37.41 -11.83
CA PHE B 578 24.88 -38.73 -12.37
C PHE B 578 25.74 -38.68 -13.64
N CYS B 579 26.22 -37.52 -14.06
CA CYS B 579 26.99 -37.40 -15.31
C CYS B 579 28.37 -36.86 -14.98
N GLU B 580 29.39 -37.69 -15.15
CA GLU B 580 30.75 -37.37 -14.75
C GLU B 580 31.68 -38.38 -15.39
N PRO B 581 33.01 -38.18 -15.27
CA PRO B 581 33.91 -39.20 -15.81
C PRO B 581 33.97 -40.47 -14.98
N THR B 582 34.07 -40.36 -13.66
CA THR B 582 34.29 -41.51 -12.81
C THR B 582 33.02 -42.25 -12.44
N ILE B 583 31.96 -42.12 -13.22
CA ILE B 583 30.67 -42.68 -12.81
C ILE B 583 30.66 -44.19 -12.96
N HIS B 584 31.34 -44.72 -13.98
CA HIS B 584 31.38 -46.17 -14.17
C HIS B 584 32.00 -46.86 -12.99
N GLU B 585 32.82 -46.15 -12.23
CA GLU B 585 33.57 -46.75 -11.14
C GLU B 585 32.65 -47.12 -9.97
N HIS B 586 32.05 -46.10 -9.35
CA HIS B 586 31.20 -46.30 -8.18
C HIS B 586 29.75 -46.18 -8.65
N LEU B 587 29.24 -47.25 -9.25
CA LEU B 587 27.90 -47.24 -9.79
C LEU B 587 26.84 -47.72 -8.81
N GLU B 588 27.15 -48.71 -7.98
CA GLU B 588 26.18 -49.25 -7.05
C GLU B 588 25.79 -48.26 -5.96
N THR B 589 26.50 -47.15 -5.84
CA THR B 589 26.07 -46.07 -4.96
C THR B 589 25.14 -45.11 -5.67
N ALA B 590 25.47 -44.74 -6.91
CA ALA B 590 24.56 -43.91 -7.69
C ALA B 590 23.25 -44.64 -7.94
N LEU B 591 23.32 -45.95 -8.23
CA LEU B 591 22.12 -46.74 -8.42
C LEU B 591 21.26 -46.83 -7.18
N GLN B 592 21.76 -46.38 -6.03
CA GLN B 592 20.97 -46.34 -4.82
C GLN B 592 20.35 -44.97 -4.57
N GLU B 593 21.00 -43.90 -5.02
CA GLU B 593 20.41 -42.57 -4.99
C GLU B 593 19.43 -42.36 -6.13
N LEU B 594 19.27 -43.33 -7.02
CA LEU B 594 18.22 -43.29 -8.02
C LEU B 594 16.94 -43.96 -7.56
N GLU B 595 17.03 -45.05 -6.81
CA GLU B 595 15.82 -45.64 -6.26
C GLU B 595 15.17 -44.71 -5.23
N ARG B 596 15.98 -43.94 -4.52
CA ARG B 596 15.42 -43.06 -3.50
C ARG B 596 14.81 -41.79 -4.09
N SER B 597 15.01 -41.55 -5.38
CA SER B 597 14.48 -40.36 -6.02
C SER B 597 13.71 -40.72 -7.29
N LYS B 598 13.11 -41.90 -7.32
CA LYS B 598 12.44 -42.33 -8.54
C LYS B 598 11.24 -41.46 -8.86
N ARG B 599 10.61 -40.86 -7.85
CA ARG B 599 9.39 -40.13 -8.11
C ARG B 599 9.65 -38.80 -8.80
N ILE B 600 10.68 -38.06 -8.35
CA ILE B 600 10.96 -36.78 -8.99
C ILE B 600 11.29 -36.98 -10.45
N ILE B 601 12.05 -38.03 -10.77
CA ILE B 601 12.43 -38.25 -12.14
C ILE B 601 11.27 -38.79 -12.94
N LYS B 602 10.41 -39.59 -12.30
CA LYS B 602 9.22 -40.04 -13.01
C LYS B 602 8.34 -38.86 -13.39
N ASN B 603 8.17 -37.90 -12.49
CA ASN B 603 7.37 -36.73 -12.80
C ASN B 603 8.02 -35.87 -13.87
N ALA B 604 9.35 -35.72 -13.82
CA ALA B 604 10.03 -34.99 -14.87
C ALA B 604 9.81 -35.64 -16.22
N LEU B 605 9.79 -36.97 -16.26
CA LEU B 605 9.55 -37.65 -17.53
C LEU B 605 8.10 -37.48 -17.96
N ILE B 606 7.17 -37.55 -17.03
CA ILE B 606 5.76 -37.36 -17.36
C ILE B 606 5.55 -35.98 -17.96
N ILE B 607 6.32 -35.00 -17.50
CA ILE B 607 6.16 -33.65 -18.01
C ILE B 607 6.83 -33.50 -19.37
N VAL B 608 8.01 -34.06 -19.54
CA VAL B 608 8.76 -33.80 -20.76
C VAL B 608 8.39 -34.74 -21.90
N TYR B 609 7.96 -35.96 -21.60
CA TYR B 609 7.62 -36.90 -22.65
C TYR B 609 6.13 -37.20 -22.74
N GLY B 610 5.52 -37.62 -21.65
CA GLY B 610 4.12 -38.00 -21.66
C GLY B 610 3.91 -39.22 -20.80
N LYS B 611 2.66 -39.55 -20.51
CA LYS B 611 2.39 -40.67 -19.61
C LYS B 611 2.59 -42.03 -20.25
N GLU B 612 2.94 -42.08 -21.54
CA GLU B 612 3.20 -43.36 -22.17
C GLU B 612 4.68 -43.72 -22.17
N HIS B 613 5.54 -42.77 -22.55
CA HIS B 613 6.97 -43.02 -22.57
C HIS B 613 7.62 -42.93 -21.20
N ALA B 614 6.87 -42.53 -20.17
CA ALA B 614 7.48 -42.32 -18.86
C ALA B 614 8.04 -43.62 -18.31
N ASN B 615 7.22 -44.67 -18.29
CA ASN B 615 7.71 -45.96 -17.80
C ASN B 615 8.88 -46.46 -18.63
N LEU B 616 8.80 -46.29 -19.95
CA LEU B 616 9.88 -46.72 -20.81
C LEU B 616 11.19 -46.08 -20.41
N ALA B 617 11.21 -44.75 -20.28
CA ALA B 617 12.45 -44.07 -19.95
C ALA B 617 12.93 -44.44 -18.56
N LEU B 618 12.00 -44.60 -17.62
CA LEU B 618 12.43 -44.96 -16.28
C LEU B 618 13.16 -46.30 -16.27
N ASP B 619 12.59 -47.30 -16.94
CA ASP B 619 13.27 -48.60 -17.01
C ASP B 619 14.59 -48.51 -17.76
N THR B 620 14.55 -47.96 -18.97
CA THR B 620 15.74 -47.87 -19.80
C THR B 620 16.87 -47.14 -19.10
N LEU B 621 16.56 -46.20 -18.21
CA LEU B 621 17.60 -45.55 -17.44
C LEU B 621 18.00 -46.38 -16.24
N PHE B 622 17.09 -47.17 -15.67
CA PHE B 622 17.49 -48.09 -14.62
C PHE B 622 18.50 -49.11 -15.12
N LYS B 623 18.51 -49.39 -16.43
CA LYS B 623 19.49 -50.32 -16.95
C LYS B 623 20.74 -49.62 -17.50
N LYS B 624 20.56 -48.81 -18.53
CA LYS B 624 21.67 -48.23 -19.29
C LYS B 624 22.05 -46.86 -18.73
N LEU B 625 22.28 -46.81 -17.42
CA LEU B 625 22.35 -45.52 -16.73
C LEU B 625 23.45 -44.61 -17.26
N PRO B 626 24.74 -44.96 -17.18
CA PRO B 626 25.78 -43.95 -17.39
C PRO B 626 25.95 -43.53 -18.83
N THR B 627 25.01 -43.91 -19.69
CA THR B 627 24.92 -43.30 -21.02
C THR B 627 23.52 -42.87 -21.39
N ALA B 628 22.49 -43.22 -20.62
CA ALA B 628 21.19 -42.63 -20.81
C ALA B 628 21.08 -41.29 -20.12
N ALA B 629 21.71 -41.15 -18.95
CA ALA B 629 21.59 -39.91 -18.20
C ALA B 629 21.90 -38.64 -19.00
N PRO B 630 22.93 -38.58 -19.85
CA PRO B 630 23.23 -37.30 -20.53
C PRO B 630 22.17 -36.85 -21.52
N VAL B 631 21.55 -37.77 -22.26
CA VAL B 631 20.56 -37.32 -23.24
C VAL B 631 19.32 -36.76 -22.55
N LEU B 632 18.87 -37.44 -21.49
CA LEU B 632 17.80 -36.89 -20.67
C LEU B 632 18.17 -35.51 -20.15
N LEU B 633 19.38 -35.36 -19.63
CA LEU B 633 19.79 -34.08 -19.10
C LEU B 633 19.68 -33.00 -20.15
N LYS B 634 20.14 -33.28 -21.37
CA LYS B 634 20.09 -32.27 -22.42
C LYS B 634 18.66 -31.88 -22.73
N ARG B 635 17.78 -32.87 -22.88
CA ARG B 635 16.39 -32.57 -23.20
C ARG B 635 15.75 -31.72 -22.12
N ILE B 636 15.90 -32.15 -20.86
CA ILE B 636 15.23 -31.46 -19.77
C ILE B 636 15.75 -30.04 -19.63
N LYS B 637 17.04 -29.83 -19.84
CA LYS B 637 17.55 -28.47 -19.74
C LYS B 637 17.00 -27.60 -20.85
N THR B 638 16.84 -28.14 -22.06
CA THR B 638 16.27 -27.33 -23.13
C THR B 638 14.84 -26.92 -22.79
N LYS B 639 14.04 -27.89 -22.33
CA LYS B 639 12.67 -27.59 -21.94
C LYS B 639 12.62 -26.54 -20.83
N ASP B 640 13.44 -26.72 -19.80
CA ASP B 640 13.48 -25.75 -18.71
C ASP B 640 13.78 -24.36 -19.22
N GLN B 641 14.79 -24.23 -20.08
CA GLN B 641 15.14 -22.90 -20.57
C GLN B 641 13.96 -22.26 -21.29
N GLU B 642 13.30 -23.01 -22.17
CA GLU B 642 12.23 -22.37 -22.93
C GLU B 642 11.04 -22.02 -22.06
N TRP B 643 10.73 -22.86 -21.07
CA TRP B 643 9.60 -22.54 -20.20
C TRP B 643 9.87 -21.34 -19.32
N ARG B 644 11.08 -21.22 -18.78
CA ARG B 644 11.42 -20.02 -18.04
C ARG B 644 11.29 -18.78 -18.91
N ARG B 645 11.79 -18.87 -20.14
CA ARG B 645 11.69 -17.73 -21.04
C ARG B 645 10.24 -17.36 -21.28
N SER B 646 9.35 -18.35 -21.34
CA SER B 646 7.93 -18.05 -21.56
C SER B 646 7.32 -17.39 -20.33
N LYS B 647 7.64 -17.89 -19.15
CA LYS B 647 7.07 -17.35 -17.93
C LYS B 647 7.44 -15.90 -17.73
N ARG B 648 8.66 -15.52 -18.12
CA ARG B 648 9.03 -14.11 -18.03
C ARG B 648 8.06 -13.24 -18.82
N GLU B 649 7.86 -13.58 -20.10
CA GLU B 649 7.08 -12.73 -20.98
C GLU B 649 5.60 -12.76 -20.66
N TRP B 650 5.09 -13.81 -20.04
CA TRP B 650 3.70 -13.71 -19.64
C TRP B 650 3.51 -13.01 -18.30
N SER B 651 4.50 -13.07 -17.42
CA SER B 651 4.44 -12.26 -16.22
C SER B 651 4.41 -10.79 -16.57
N LYS B 652 4.93 -10.44 -17.74
CA LYS B 652 4.75 -9.07 -18.22
C LYS B 652 3.28 -8.65 -18.23
N ILE B 653 2.35 -9.59 -18.35
CA ILE B 653 0.94 -9.30 -18.56
C ILE B 653 0.13 -9.54 -17.30
N TRP B 654 0.46 -10.60 -16.57
CA TRP B 654 -0.19 -10.85 -15.29
C TRP B 654 -0.18 -9.60 -14.41
N ARG B 655 0.86 -8.78 -14.49
CA ARG B 655 0.94 -7.60 -13.64
C ARG B 655 -0.14 -6.59 -13.98
N GLN B 656 -0.38 -6.35 -15.26
CA GLN B 656 -1.42 -5.42 -15.64
C GLN B 656 -2.79 -5.94 -15.24
N ILE B 657 -3.04 -7.22 -15.46
CA ILE B 657 -4.31 -7.79 -15.02
C ILE B 657 -4.51 -7.50 -13.54
N GLU B 658 -3.49 -7.77 -12.74
CA GLU B 658 -3.64 -7.64 -11.30
C GLU B 658 -3.87 -6.19 -10.90
N LYS B 659 -3.15 -5.24 -11.51
CA LYS B 659 -3.39 -3.84 -11.21
C LYS B 659 -4.86 -3.48 -11.41
N LYS B 660 -5.34 -3.64 -12.63
CA LYS B 660 -6.68 -3.17 -12.97
C LYS B 660 -7.74 -3.83 -12.10
N ASN B 661 -7.73 -5.15 -12.05
CA ASN B 661 -8.82 -5.79 -11.34
C ASN B 661 -8.65 -5.74 -9.82
N ALA B 662 -7.44 -5.56 -9.31
CA ALA B 662 -7.29 -5.41 -7.88
C ALA B 662 -7.94 -4.12 -7.44
N GLN B 663 -7.76 -3.06 -8.21
CA GLN B 663 -8.52 -1.85 -7.95
C GLN B 663 -10.02 -2.15 -7.97
N ALA B 664 -10.52 -2.65 -9.10
CA ALA B 664 -11.95 -2.68 -9.34
C ALA B 664 -12.65 -3.93 -8.82
N ALA B 665 -12.04 -4.67 -7.91
CA ALA B 665 -12.64 -5.91 -7.44
C ALA B 665 -13.06 -5.90 -5.99
N PHE B 666 -12.92 -4.77 -5.30
CA PHE B 666 -13.39 -4.67 -3.92
C PHE B 666 -14.78 -4.08 -3.85
N ASP B 667 -15.69 -4.62 -4.65
CA ASP B 667 -17.08 -4.15 -4.70
C ASP B 667 -17.95 -5.37 -4.93
N ASP B 668 -18.37 -6.01 -3.83
CA ASP B 668 -19.33 -7.10 -3.94
C ASP B 668 -20.74 -6.61 -3.69
N ARG B 669 -20.97 -5.32 -3.84
CA ARG B 669 -22.31 -4.74 -3.84
C ARG B 669 -22.77 -4.52 -5.27
N TYR B 670 -21.99 -3.77 -6.04
CA TYR B 670 -22.29 -3.51 -7.43
C TYR B 670 -22.38 -4.78 -8.24
N CYS B 671 -21.55 -5.76 -7.91
CA CYS B 671 -21.41 -6.93 -8.77
C CYS B 671 -22.61 -7.85 -8.68
N ARG B 672 -23.12 -8.10 -7.48
CA ARG B 672 -24.31 -8.93 -7.36
C ARG B 672 -25.48 -8.31 -8.10
N ILE B 673 -25.74 -7.04 -7.85
CA ILE B 673 -26.85 -6.35 -8.50
C ILE B 673 -26.70 -6.42 -10.01
N GLU B 674 -25.55 -6.00 -10.53
CA GLU B 674 -25.38 -5.96 -11.97
C GLU B 674 -25.44 -7.33 -12.60
N GLY B 675 -24.90 -8.35 -11.93
CA GLY B 675 -24.91 -9.67 -12.51
C GLY B 675 -26.30 -10.27 -12.54
N ARG B 676 -27.02 -10.21 -11.41
CA ARG B 676 -28.40 -10.66 -11.39
C ARG B 676 -29.23 -9.92 -12.43
N ASP B 677 -29.01 -8.62 -12.56
CA ASP B 677 -29.70 -7.82 -13.57
C ASP B 677 -29.45 -8.37 -14.96
N ARG B 678 -28.19 -8.32 -15.40
CA ARG B 678 -27.88 -8.75 -16.76
C ARG B 678 -28.35 -10.17 -17.03
N ARG B 679 -28.31 -11.03 -16.00
CA ARG B 679 -28.78 -12.40 -16.18
C ARG B 679 -30.29 -12.46 -16.22
N GLY B 680 -30.97 -11.42 -15.77
CA GLY B 680 -32.42 -11.40 -15.82
C GLY B 680 -32.99 -10.99 -17.17
N LEU B 681 -32.46 -9.92 -17.76
CA LEU B 681 -33.03 -9.39 -18.99
C LEU B 681 -32.29 -9.96 -20.20
N SER B 682 -32.39 -11.27 -20.35
CA SER B 682 -31.98 -11.95 -21.58
C SER B 682 -33.23 -12.32 -22.36
N TYR B 683 -33.20 -12.05 -23.67
CA TYR B 683 -34.33 -12.32 -24.55
C TYR B 683 -34.99 -13.66 -24.28
N SER B 684 -34.23 -14.74 -24.44
CA SER B 684 -34.80 -16.07 -24.30
C SER B 684 -35.31 -16.31 -22.90
N ARG B 685 -34.67 -15.71 -21.90
CA ARG B 685 -35.14 -15.92 -20.53
C ARG B 685 -36.50 -15.28 -20.33
N ILE B 686 -36.70 -14.08 -20.85
CA ILE B 686 -37.98 -13.41 -20.77
C ILE B 686 -39.05 -14.28 -21.42
N LEU B 687 -38.79 -14.71 -22.65
CA LEU B 687 -39.78 -15.53 -23.35
C LEU B 687 -40.10 -16.80 -22.57
N ARG B 688 -39.09 -17.44 -22.02
CA ARG B 688 -39.35 -18.69 -21.31
C ARG B 688 -40.14 -18.46 -20.04
N ASP B 689 -39.93 -17.32 -19.37
CA ASP B 689 -40.73 -17.03 -18.20
C ASP B 689 -42.20 -16.91 -18.54
N ILE B 690 -42.52 -16.08 -19.53
CA ILE B 690 -43.92 -15.89 -19.87
C ILE B 690 -44.53 -17.20 -20.36
N ASP B 691 -43.76 -17.97 -21.13
CA ASP B 691 -44.27 -19.25 -21.63
C ASP B 691 -44.56 -20.22 -20.50
N ASP B 692 -43.70 -20.28 -19.50
CA ASP B 692 -43.96 -21.17 -18.38
C ASP B 692 -45.24 -20.79 -17.67
N ILE B 693 -45.44 -19.49 -17.44
CA ILE B 693 -46.68 -19.12 -16.74
C ILE B 693 -47.89 -19.49 -17.56
N TYR B 694 -47.86 -19.20 -18.86
CA TYR B 694 -48.99 -19.52 -19.72
C TYR B 694 -49.28 -21.02 -19.70
N GLN B 695 -48.24 -21.84 -19.76
CA GLN B 695 -48.45 -23.28 -19.77
C GLN B 695 -49.04 -23.76 -18.46
N ARG B 696 -48.65 -23.15 -17.35
CA ARG B 696 -49.24 -23.54 -16.08
C ARG B 696 -50.71 -23.17 -16.02
N GLN B 697 -51.10 -22.05 -16.63
CA GLN B 697 -52.51 -21.68 -16.66
C GLN B 697 -53.31 -22.66 -17.50
N LYS B 698 -52.88 -22.86 -18.75
CA LYS B 698 -53.66 -23.64 -19.71
C LYS B 698 -54.13 -24.97 -19.15
N HIS B 699 -53.32 -25.62 -18.33
CA HIS B 699 -53.67 -26.94 -17.84
C HIS B 699 -54.22 -26.94 -16.42
N ARG B 700 -54.32 -25.78 -15.79
CA ARG B 700 -54.90 -25.67 -14.45
C ARG B 700 -54.19 -26.61 -13.48
N ILE B 701 -52.87 -26.45 -13.37
CA ILE B 701 -52.09 -27.40 -12.59
C ILE B 701 -52.39 -27.26 -11.10
N ASP B 702 -52.49 -26.04 -10.61
CA ASP B 702 -52.77 -25.79 -9.20
C ASP B 702 -54.11 -25.14 -8.98
N GLY B 703 -55.05 -25.31 -9.91
CA GLY B 703 -56.30 -24.58 -9.87
C GLY B 703 -56.25 -23.23 -10.55
N ALA B 704 -55.08 -22.82 -11.03
CA ALA B 704 -54.96 -21.55 -11.73
C ALA B 704 -55.71 -21.62 -13.05
N LYS B 705 -56.62 -20.67 -13.26
CA LYS B 705 -57.35 -20.58 -14.51
C LYS B 705 -56.69 -19.54 -15.42
N LEU B 706 -57.12 -19.51 -16.66
CA LEU B 706 -56.48 -18.70 -17.69
C LEU B 706 -56.66 -17.23 -17.37
N GLY B 707 -56.17 -16.37 -18.26
CA GLY B 707 -56.31 -14.95 -18.06
C GLY B 707 -55.09 -14.17 -18.44
N PHE B 708 -54.64 -13.29 -17.56
CA PHE B 708 -53.51 -12.43 -17.85
C PHE B 708 -52.28 -12.95 -17.13
N GLN B 709 -51.12 -12.78 -17.77
CA GLN B 709 -49.86 -13.26 -17.23
C GLN B 709 -48.96 -12.14 -16.76
N PHE B 710 -49.24 -10.89 -17.11
CA PHE B 710 -48.47 -9.81 -16.52
C PHE B 710 -49.36 -8.59 -16.32
N THR B 711 -49.25 -7.96 -15.15
CA THR B 711 -50.10 -6.84 -14.76
C THR B 711 -49.26 -5.79 -14.06
N GLN B 712 -49.41 -4.51 -14.44
CA GLN B 712 -48.67 -3.49 -13.72
C GLN B 712 -49.26 -2.11 -13.99
N VAL B 713 -49.17 -1.23 -12.99
CA VAL B 713 -49.80 0.08 -13.02
C VAL B 713 -48.74 1.14 -13.27
N LEU B 714 -49.01 2.05 -14.21
CA LEU B 714 -48.09 3.12 -14.59
C LEU B 714 -48.78 4.46 -14.32
N CYS B 715 -48.52 5.02 -13.13
CA CYS B 715 -49.29 6.17 -12.66
C CYS B 715 -48.80 7.48 -13.28
N ASP B 716 -47.56 7.87 -13.03
CA ASP B 716 -47.08 9.16 -13.47
C ASP B 716 -47.13 9.29 -14.99
N SER B 717 -47.14 10.53 -15.46
CA SER B 717 -47.02 10.84 -16.87
C SER B 717 -45.73 11.58 -17.20
N LEU B 718 -45.06 12.17 -16.22
CA LEU B 718 -43.81 12.85 -16.45
C LEU B 718 -42.63 11.90 -16.46
N ILE B 719 -42.72 10.80 -15.72
CA ILE B 719 -41.65 9.80 -15.73
C ILE B 719 -41.37 9.36 -17.16
N PHE B 720 -42.40 9.25 -17.98
CA PHE B 720 -42.19 8.88 -19.38
C PHE B 720 -41.36 9.93 -20.10
N LEU B 721 -41.58 11.20 -19.78
CA LEU B 721 -40.75 12.23 -20.39
C LEU B 721 -39.33 12.19 -19.86
N ASN B 722 -39.15 11.83 -18.59
CA ASN B 722 -37.82 11.61 -18.05
C ASN B 722 -37.11 10.51 -18.82
N ILE B 723 -37.80 9.40 -19.05
CA ILE B 723 -37.25 8.27 -19.79
C ILE B 723 -36.89 8.70 -21.20
N LEU B 724 -37.75 9.49 -21.83
CA LEU B 724 -37.44 10.01 -23.16
C LEU B 724 -36.21 10.88 -23.14
N ARG B 725 -36.07 11.71 -22.10
CA ARG B 725 -34.89 12.56 -21.97
C ARG B 725 -33.62 11.72 -21.88
N LEU B 726 -33.60 10.78 -20.95
CA LEU B 726 -32.44 9.90 -20.82
C LEU B 726 -32.16 9.18 -22.12
N SER B 727 -33.20 8.71 -22.80
CA SER B 727 -33.02 7.97 -24.04
C SER B 727 -32.34 8.83 -25.09
N ASP B 728 -32.80 10.06 -25.28
CA ASP B 728 -32.20 10.89 -26.32
C ASP B 728 -30.78 11.28 -25.93
N ALA B 729 -30.56 11.57 -24.64
CA ALA B 729 -29.21 11.83 -24.15
C ALA B 729 -28.26 10.72 -24.55
N GLN B 730 -28.63 9.48 -24.26
CA GLN B 730 -27.76 8.36 -24.61
C GLN B 730 -27.68 8.18 -26.11
N LEU B 731 -28.77 8.47 -26.83
CA LEU B 731 -28.78 8.20 -28.26
C LEU B 731 -27.84 9.12 -29.02
N THR B 732 -27.68 10.35 -28.55
CA THR B 732 -26.72 11.23 -29.21
C THR B 732 -25.28 10.79 -28.98
N ASN B 733 -25.04 9.90 -28.04
CA ASN B 733 -23.67 9.50 -27.70
C ASN B 733 -23.37 8.03 -28.01
N SER B 734 -24.21 7.34 -28.77
CA SER B 734 -23.87 5.99 -29.17
C SER B 734 -23.00 6.02 -30.43
N SER B 735 -22.62 4.83 -30.89
CA SER B 735 -21.74 4.74 -32.05
C SER B 735 -22.11 3.60 -32.99
N PHE B 736 -23.23 2.93 -32.78
CA PHE B 736 -23.65 1.91 -33.72
C PHE B 736 -24.33 2.51 -34.94
N TYR B 737 -25.19 3.49 -34.72
CA TYR B 737 -26.13 3.94 -35.72
C TYR B 737 -25.63 5.19 -36.42
N SER B 738 -25.99 5.30 -37.70
CA SER B 738 -25.57 6.43 -38.51
C SER B 738 -26.39 7.67 -38.11
N TYR B 739 -26.27 8.74 -38.89
CA TYR B 739 -26.89 10.00 -38.48
C TYR B 739 -28.41 9.93 -38.50
N ALA B 740 -29.00 9.18 -39.42
CA ALA B 740 -30.44 9.17 -39.57
C ALA B 740 -31.13 8.20 -38.62
N ASP B 741 -30.45 7.12 -38.24
CA ASP B 741 -31.08 6.15 -37.35
C ASP B 741 -31.34 6.75 -35.99
N LYS B 742 -30.56 7.75 -35.59
CA LYS B 742 -30.85 8.43 -34.33
C LYS B 742 -32.21 9.10 -34.39
N GLY B 743 -32.47 9.84 -35.47
CA GLY B 743 -33.78 10.44 -35.64
C GLY B 743 -34.88 9.39 -35.73
N ARG B 744 -34.63 8.32 -36.49
CA ARG B 744 -35.63 7.27 -36.63
C ARG B 744 -36.01 6.69 -35.28
N ILE B 745 -35.01 6.32 -34.47
CA ILE B 745 -35.28 5.64 -33.22
C ILE B 745 -35.92 6.58 -32.22
N SER B 746 -35.45 7.83 -32.17
CA SER B 746 -36.11 8.80 -31.30
C SER B 746 -37.57 8.96 -31.67
N ALA B 747 -37.85 9.08 -32.97
CA ALA B 747 -39.23 9.22 -33.41
C ALA B 747 -40.07 8.01 -33.00
N VAL B 748 -39.54 6.81 -33.23
CA VAL B 748 -40.30 5.61 -32.95
C VAL B 748 -40.61 5.51 -31.46
N LEU B 749 -39.64 5.85 -30.61
CA LEU B 749 -39.89 5.79 -29.18
C LEU B 749 -40.96 6.80 -28.78
N LYS B 750 -40.86 8.03 -29.30
CA LYS B 750 -41.86 9.05 -28.98
C LYS B 750 -43.26 8.61 -29.41
N ALA B 751 -43.35 8.07 -30.62
CA ALA B 751 -44.66 7.67 -31.15
C ALA B 751 -45.26 6.56 -30.29
N LEU B 752 -44.50 5.49 -30.04
CA LEU B 752 -45.04 4.40 -29.26
C LEU B 752 -45.31 4.79 -27.82
N LEU B 753 -44.62 5.79 -27.30
CA LEU B 753 -44.97 6.26 -25.97
C LEU B 753 -46.30 7.00 -25.99
N SER B 754 -46.39 8.05 -26.80
CA SER B 754 -47.60 8.88 -26.79
C SER B 754 -48.82 8.08 -27.21
N GLN B 755 -48.78 7.47 -28.40
CA GLN B 755 -49.94 6.74 -28.92
C GLN B 755 -50.45 5.73 -27.91
N PHE B 756 -49.62 4.77 -27.54
CA PHE B 756 -50.07 3.71 -26.66
C PHE B 756 -50.40 4.25 -25.28
N PHE B 757 -49.39 4.77 -24.58
CA PHE B 757 -49.58 5.12 -23.18
C PHE B 757 -50.43 6.37 -22.99
N GLY B 758 -50.79 7.07 -24.07
CA GLY B 758 -51.64 8.22 -23.95
C GLY B 758 -51.02 9.29 -23.08
N ILE B 759 -49.80 9.66 -23.38
CA ILE B 759 -49.05 10.69 -22.66
C ILE B 759 -48.85 11.87 -23.61
N PRO B 760 -49.11 13.11 -23.17
CA PRO B 760 -49.13 14.23 -24.12
C PRO B 760 -47.76 14.58 -24.67
N LEU B 761 -47.52 14.24 -25.93
CA LEU B 761 -46.27 14.56 -26.59
C LEU B 761 -46.54 14.95 -28.03
N LEU B 834 -71.59 11.67 -18.68
CA LEU B 834 -72.24 10.39 -18.91
C LEU B 834 -72.27 10.07 -20.40
N GLY B 835 -71.31 10.63 -21.13
CA GLY B 835 -71.19 10.37 -22.56
C GLY B 835 -69.74 10.31 -23.01
N GLU B 836 -68.82 10.11 -22.07
CA GLU B 836 -67.40 10.09 -22.37
C GLU B 836 -66.64 8.94 -21.73
N GLU B 837 -67.25 8.21 -20.79
CA GLU B 837 -66.55 7.13 -20.10
C GLU B 837 -66.29 5.92 -20.99
N SER B 838 -66.89 5.89 -22.18
CA SER B 838 -66.78 4.72 -23.05
C SER B 838 -65.33 4.39 -23.38
N LYS B 839 -64.49 5.41 -23.55
CA LYS B 839 -63.06 5.21 -23.73
C LYS B 839 -62.47 4.41 -22.58
N ASN B 840 -62.51 4.99 -21.37
CA ASN B 840 -61.94 4.33 -20.20
C ASN B 840 -62.56 2.96 -19.94
N ILE B 841 -63.72 2.68 -20.53
CA ILE B 841 -64.27 1.34 -20.43
C ILE B 841 -63.74 0.43 -21.52
N ILE B 842 -63.32 0.98 -22.66
CA ILE B 842 -62.71 0.17 -23.70
C ILE B 842 -61.20 0.15 -23.46
N GLY B 843 -60.66 -1.05 -23.24
CA GLY B 843 -59.22 -1.21 -23.11
C GLY B 843 -58.61 -1.27 -24.50
N TYR B 844 -57.57 -0.48 -24.72
CA TYR B 844 -56.94 -0.46 -26.02
C TYR B 844 -56.04 -1.68 -26.18
N ASN B 845 -56.04 -2.25 -27.38
CA ASN B 845 -55.36 -3.51 -27.64
C ASN B 845 -54.22 -3.32 -28.62
N PHE B 846 -53.13 -4.03 -28.36
CA PHE B 846 -51.97 -4.08 -29.23
C PHE B 846 -51.60 -5.53 -29.42
N PHE B 847 -51.34 -5.92 -30.66
CA PHE B 847 -50.94 -7.29 -30.98
C PHE B 847 -49.58 -7.26 -31.65
N GLY B 848 -48.65 -8.03 -31.11
CA GLY B 848 -47.31 -8.06 -31.68
C GLY B 848 -46.62 -9.39 -31.51
N ASN B 849 -45.33 -9.46 -31.81
CA ASN B 849 -44.55 -10.68 -31.65
C ASN B 849 -43.54 -10.51 -30.53
N ALA B 850 -42.66 -11.51 -30.39
CA ALA B 850 -41.76 -11.57 -29.26
C ALA B 850 -40.98 -10.28 -29.06
N THR B 851 -40.54 -9.67 -30.16
CA THR B 851 -39.80 -8.42 -30.06
C THR B 851 -40.59 -7.37 -29.30
N MET B 852 -41.87 -7.22 -29.61
CA MET B 852 -42.67 -6.21 -28.94
C MET B 852 -42.86 -6.54 -27.48
N TYR B 853 -43.05 -7.80 -27.16
CA TYR B 853 -43.22 -8.17 -25.76
C TYR B 853 -41.97 -7.84 -24.97
N VAL B 854 -40.80 -8.13 -25.53
CA VAL B 854 -39.55 -7.84 -24.83
C VAL B 854 -39.38 -6.34 -24.67
N LEU B 855 -39.67 -5.58 -25.73
CA LEU B 855 -39.57 -4.13 -25.64
C LEU B 855 -40.43 -3.59 -24.50
N PHE B 856 -41.66 -4.06 -24.41
CA PHE B 856 -42.55 -3.51 -23.40
C PHE B 856 -42.15 -3.95 -22.00
N ARG B 857 -41.62 -5.16 -21.86
CA ARG B 857 -41.13 -5.57 -20.55
C ARG B 857 -39.97 -4.69 -20.10
N LEU B 858 -39.07 -4.37 -21.01
CA LEU B 858 -37.97 -3.47 -20.67
C LEU B 858 -38.49 -2.11 -20.25
N ILE B 859 -39.45 -1.56 -20.98
CA ILE B 859 -39.93 -0.22 -20.67
C ILE B 859 -40.60 -0.21 -19.31
N CYS B 860 -41.40 -1.22 -19.02
CA CYS B 860 -42.02 -1.27 -17.70
C CYS B 860 -40.98 -1.39 -16.60
N VAL B 861 -39.90 -2.14 -16.82
CA VAL B 861 -38.86 -2.26 -15.80
C VAL B 861 -38.19 -0.93 -15.55
N CYS B 862 -37.84 -0.22 -16.63
CA CYS B 862 -37.21 1.09 -16.50
C CYS B 862 -38.11 2.04 -15.73
N TYR B 863 -39.38 2.10 -16.11
CA TYR B 863 -40.34 2.93 -15.39
C TYR B 863 -40.39 2.58 -13.91
N SER B 864 -40.52 1.29 -13.61
CA SER B 864 -40.64 0.89 -12.22
C SER B 864 -39.44 1.34 -11.42
N ARG B 865 -38.25 1.21 -11.99
CA ARG B 865 -37.06 1.57 -11.22
C ARG B 865 -36.95 3.06 -11.03
N LEU B 866 -37.21 3.85 -12.08
CA LEU B 866 -37.21 5.30 -11.91
C LEU B 866 -38.20 5.73 -10.86
N GLU B 867 -39.41 5.17 -10.89
CA GLU B 867 -40.44 5.58 -9.95
C GLU B 867 -40.08 5.21 -8.53
N HIS B 868 -39.54 4.01 -8.32
CA HIS B 868 -39.07 3.65 -7.00
C HIS B 868 -37.99 4.61 -6.52
N ILE B 869 -37.12 5.04 -7.43
CA ILE B 869 -36.10 6.01 -7.07
C ILE B 869 -36.73 7.30 -6.58
N LYS B 870 -37.67 7.84 -7.35
CA LYS B 870 -38.31 9.11 -6.99
C LYS B 870 -39.01 8.99 -5.64
N LEU B 871 -39.76 7.91 -5.44
CA LEU B 871 -40.45 7.72 -4.18
C LEU B 871 -39.48 7.64 -3.02
N PHE B 872 -38.33 6.99 -3.22
CA PHE B 872 -37.41 6.85 -2.09
C PHE B 872 -36.69 8.15 -1.81
N VAL B 873 -36.43 8.96 -2.84
CA VAL B 873 -35.82 10.27 -2.60
C VAL B 873 -36.81 11.18 -1.89
N GLU B 874 -38.10 11.09 -2.21
CA GLU B 874 -39.07 12.00 -1.61
C GLU B 874 -39.43 11.58 -0.19
N SER B 875 -39.81 10.32 0.00
CA SER B 875 -40.28 9.90 1.32
C SER B 875 -39.16 9.88 2.35
N SER B 876 -37.97 9.44 1.97
CA SER B 876 -36.85 9.43 2.89
C SER B 876 -36.47 10.87 3.24
N THR B 877 -36.43 11.18 4.53
CA THR B 877 -36.39 12.55 5.00
C THR B 877 -34.98 13.12 5.12
N ILE B 878 -33.99 12.62 4.38
CA ILE B 878 -32.65 13.20 4.39
C ILE B 878 -32.33 13.92 3.08
N TYR B 879 -32.46 13.23 1.94
CA TYR B 879 -32.19 13.83 0.65
C TYR B 879 -33.43 14.49 0.05
N ALA B 880 -34.61 14.30 0.66
CA ALA B 880 -35.79 15.04 0.24
C ALA B 880 -35.70 16.50 0.62
N SER B 881 -34.95 16.80 1.70
CA SER B 881 -34.83 18.16 2.19
C SER B 881 -34.22 19.11 1.16
N SER B 882 -33.54 18.58 0.14
CA SER B 882 -33.02 19.40 -0.94
C SER B 882 -34.08 19.58 -2.01
N THR B 883 -34.01 20.71 -2.71
CA THR B 883 -34.97 21.03 -3.77
C THR B 883 -34.47 20.41 -5.07
N GLY B 884 -34.88 19.17 -5.32
CA GLY B 884 -34.52 18.51 -6.55
C GLY B 884 -33.44 17.44 -6.40
N GLY B 885 -33.41 16.76 -5.26
CA GLY B 885 -32.50 15.63 -5.12
C GLY B 885 -32.71 14.58 -6.19
N TYR B 886 -33.96 14.15 -6.36
CA TYR B 886 -34.31 13.35 -7.53
C TYR B 886 -33.92 14.06 -8.81
N GLU B 887 -34.20 15.36 -8.90
CA GLU B 887 -33.83 16.12 -10.08
C GLU B 887 -32.33 16.23 -10.24
N ASN B 888 -31.59 16.35 -9.12
CA ASN B 888 -30.14 16.34 -9.20
C ASN B 888 -29.65 15.03 -9.80
N ILE B 889 -30.22 13.91 -9.34
CA ILE B 889 -29.88 12.60 -9.90
C ILE B 889 -30.12 12.60 -11.39
N LEU B 890 -31.28 13.09 -11.82
CA LEU B 890 -31.59 13.12 -13.24
C LEU B 890 -30.58 13.94 -14.02
N ASN B 891 -30.20 15.10 -13.51
CA ASN B 891 -29.27 15.95 -14.23
C ASN B 891 -27.89 15.32 -14.29
N ILE B 892 -27.48 14.64 -13.22
CA ILE B 892 -26.18 13.96 -13.21
C ILE B 892 -26.16 12.86 -14.26
N CYS B 893 -27.24 12.06 -14.32
CA CYS B 893 -27.31 11.00 -15.31
C CYS B 893 -27.29 11.59 -16.72
N GLU B 894 -28.00 12.69 -16.92
CA GLU B 894 -27.97 13.40 -18.19
C GLU B 894 -26.53 13.75 -18.56
N LYS B 895 -25.82 14.37 -17.63
CA LYS B 895 -24.41 14.70 -17.85
C LYS B 895 -23.63 13.47 -18.30
N TYR B 896 -23.73 12.40 -17.53
CA TYR B 896 -22.89 11.24 -17.76
C TYR B 896 -23.15 10.62 -19.13
N LEU B 897 -24.43 10.51 -19.52
CA LEU B 897 -24.74 9.72 -20.70
C LEU B 897 -24.25 10.36 -21.99
N LYS B 898 -23.90 11.65 -21.97
CA LYS B 898 -23.42 12.33 -23.16
C LYS B 898 -21.91 12.26 -23.32
N GLY B 899 -21.21 11.67 -22.35
CA GLY B 899 -19.76 11.67 -22.37
C GLY B 899 -19.13 12.81 -21.62
N SER B 900 -19.92 13.62 -20.91
CA SER B 900 -19.40 14.75 -20.16
C SER B 900 -18.85 14.35 -18.80
N CYS B 901 -19.16 13.15 -18.31
CA CYS B 901 -18.64 12.69 -17.04
C CYS B 901 -18.28 11.22 -17.18
N SER B 902 -17.26 10.79 -16.45
CA SER B 902 -16.82 9.41 -16.56
C SER B 902 -17.49 8.55 -15.50
N ARG B 903 -17.11 7.28 -15.45
CA ARG B 903 -17.82 6.34 -14.60
C ARG B 903 -17.33 6.36 -13.16
N LEU B 904 -16.09 6.79 -12.91
CA LEU B 904 -15.56 6.75 -11.55
C LEU B 904 -16.26 7.77 -10.67
N GLU B 905 -16.30 9.03 -11.12
CA GLU B 905 -17.08 10.04 -10.42
C GLU B 905 -18.52 9.56 -10.25
N PHE B 906 -19.09 9.00 -11.30
CA PHE B 906 -20.45 8.50 -11.25
C PHE B 906 -20.64 7.55 -10.07
N ARG B 907 -19.79 6.52 -9.98
CA ARG B 907 -20.01 5.50 -8.97
C ARG B 907 -19.73 6.02 -7.57
N LYS B 908 -18.66 6.82 -7.42
CA LYS B 908 -18.36 7.34 -6.09
C LYS B 908 -19.44 8.31 -5.61
N TYR B 909 -20.02 9.08 -6.51
CA TYR B 909 -21.15 9.94 -6.14
C TYR B 909 -22.36 9.10 -5.78
N LEU B 910 -22.58 8.01 -6.51
CA LEU B 910 -23.67 7.10 -6.17
C LEU B 910 -23.50 6.54 -4.77
N GLN B 911 -22.26 6.24 -4.39
CA GLN B 911 -21.97 5.69 -3.06
C GLN B 911 -22.44 6.60 -1.95
N LYS B 912 -22.71 7.88 -2.23
CA LYS B 912 -23.23 8.79 -1.23
C LYS B 912 -24.58 8.33 -0.68
N PHE B 913 -25.43 7.75 -1.55
CA PHE B 913 -26.75 7.32 -1.11
C PHE B 913 -26.70 6.08 -0.24
N ASN B 914 -25.60 5.32 -0.29
CA ASN B 914 -25.41 4.09 0.49
C ASN B 914 -26.49 3.06 0.23
N ASN B 915 -27.27 3.22 -0.84
CA ASN B 915 -28.48 2.45 -1.03
C ASN B 915 -28.39 1.57 -2.26
N GLU B 916 -28.74 0.29 -2.07
CA GLU B 916 -29.02 -0.58 -3.20
C GLU B 916 -30.16 -0.04 -4.04
N THR B 917 -31.22 0.41 -3.39
CA THR B 917 -32.31 1.07 -4.11
C THR B 917 -31.77 2.21 -4.95
N CYS B 918 -30.72 2.87 -4.48
CA CYS B 918 -30.05 3.88 -5.28
C CYS B 918 -28.89 3.32 -6.07
N TYR B 919 -28.43 2.10 -5.75
CA TYR B 919 -27.57 1.39 -6.69
C TYR B 919 -28.28 1.16 -8.01
N MET B 920 -29.61 1.06 -7.97
CA MET B 920 -30.37 0.70 -9.16
C MET B 920 -30.39 1.79 -10.22
N ILE B 921 -29.75 2.93 -9.99
CA ILE B 921 -29.78 3.97 -11.01
C ILE B 921 -28.83 3.67 -12.16
N CYS B 922 -27.74 2.95 -11.90
CA CYS B 922 -26.75 2.77 -12.96
C CYS B 922 -27.25 1.87 -14.07
N SER B 923 -28.23 1.00 -13.79
CA SER B 923 -28.71 0.04 -14.78
C SER B 923 -29.40 0.69 -15.96
N ILE B 924 -29.63 1.99 -15.90
CA ILE B 924 -30.42 2.64 -16.93
C ILE B 924 -29.68 2.61 -18.26
N GLU B 925 -28.35 2.70 -18.23
CA GLU B 925 -27.60 2.66 -19.47
C GLU B 925 -27.77 1.31 -20.17
N ARG B 926 -27.71 0.23 -19.40
CA ARG B 926 -27.92 -1.10 -19.96
C ARG B 926 -29.31 -1.25 -20.54
N LEU B 927 -30.32 -0.86 -19.76
CA LEU B 927 -31.70 -0.98 -20.22
C LEU B 927 -31.91 -0.21 -21.50
N LEU B 928 -31.39 1.01 -21.57
CA LEU B 928 -31.54 1.80 -22.78
C LEU B 928 -30.84 1.15 -23.95
N LYS B 929 -29.66 0.54 -23.73
CA LYS B 929 -28.98 -0.09 -24.85
C LYS B 929 -29.81 -1.22 -25.43
N VAL B 930 -30.37 -2.07 -24.57
CA VAL B 930 -31.21 -3.14 -25.05
C VAL B 930 -32.41 -2.59 -25.80
N ILE B 931 -33.01 -1.52 -25.29
CA ILE B 931 -34.20 -0.95 -25.91
C ILE B 931 -33.87 -0.43 -27.30
N PHE B 932 -32.82 0.37 -27.42
CA PHE B 932 -32.43 0.87 -28.73
C PHE B 932 -32.21 -0.28 -29.70
N TYR B 933 -31.61 -1.37 -29.22
CA TYR B 933 -31.36 -2.49 -30.11
C TYR B 933 -32.66 -3.08 -30.63
N ARG B 934 -33.60 -3.36 -29.73
CA ARG B 934 -34.88 -3.90 -30.15
C ARG B 934 -35.54 -2.99 -31.18
N ILE B 935 -35.64 -1.71 -30.86
CA ILE B 935 -36.30 -0.77 -31.75
C ILE B 935 -35.64 -0.77 -33.12
N HIS B 936 -34.32 -0.80 -33.16
CA HIS B 936 -33.64 -0.79 -34.45
C HIS B 936 -33.95 -2.06 -35.24
N GLU B 937 -33.95 -3.21 -34.58
CA GLU B 937 -34.27 -4.43 -35.30
C GLU B 937 -35.72 -4.44 -35.76
N ILE B 938 -36.56 -3.60 -35.14
CA ILE B 938 -37.92 -3.45 -35.64
C ILE B 938 -37.95 -2.54 -36.86
N LEU B 939 -37.17 -1.46 -36.85
CA LEU B 939 -37.14 -0.55 -37.99
C LEU B 939 -36.62 -1.23 -39.24
N LEU B 940 -35.88 -2.31 -39.09
CA LEU B 940 -35.45 -3.10 -40.24
C LEU B 940 -36.38 -4.25 -40.52
N ASP B 941 -37.19 -4.65 -39.55
CA ASP B 941 -38.24 -5.64 -39.73
C ASP B 941 -39.26 -5.06 -40.70
N PRO B 942 -39.30 -5.49 -41.96
CA PRO B 942 -40.21 -4.85 -42.92
C PRO B 942 -41.67 -5.07 -42.57
N LYS B 943 -41.98 -6.15 -41.85
CA LYS B 943 -43.33 -6.39 -41.38
C LYS B 943 -43.74 -5.46 -40.25
N LEU B 944 -42.81 -4.67 -39.71
CA LEU B 944 -43.15 -3.70 -38.68
C LEU B 944 -44.25 -2.77 -39.12
N GLY B 945 -44.10 -2.19 -40.31
CA GLY B 945 -44.86 -1.02 -40.67
C GLY B 945 -46.33 -1.18 -40.43
N GLN B 946 -46.95 -2.03 -41.25
CA GLN B 946 -48.36 -2.35 -41.10
C GLN B 946 -48.71 -2.52 -39.63
N LEU B 947 -47.92 -3.34 -38.92
CA LEU B 947 -48.14 -3.59 -37.51
C LEU B 947 -48.39 -2.29 -36.76
N LEU B 948 -47.38 -1.43 -36.69
CA LEU B 948 -47.56 -0.17 -35.98
C LEU B 948 -48.61 0.68 -36.68
N LEU B 949 -48.61 0.67 -38.01
CA LEU B 949 -49.68 1.34 -38.74
C LEU B 949 -51.03 0.83 -38.28
N LEU B 950 -51.17 -0.50 -38.20
CA LEU B 950 -52.40 -1.07 -37.67
C LEU B 950 -52.72 -0.49 -36.31
N PHE B 951 -51.70 -0.36 -35.47
CA PHE B 951 -51.88 0.29 -34.17
C PHE B 951 -52.47 1.67 -34.35
N GLU B 952 -51.85 2.51 -35.20
CA GLU B 952 -52.41 3.82 -35.50
C GLU B 952 -53.89 3.70 -35.86
N SER B 953 -54.22 2.75 -36.73
CA SER B 953 -55.60 2.60 -37.15
C SER B 953 -56.51 2.40 -35.95
N ASP B 954 -56.13 1.52 -35.04
CA ASP B 954 -57.02 1.24 -33.93
C ASP B 954 -56.94 2.29 -32.84
N GLY B 955 -56.21 3.37 -33.05
CA GLY B 955 -56.25 4.47 -32.12
C GLY B 955 -57.27 5.53 -32.45
N ALA B 956 -58.24 5.20 -33.32
CA ALA B 956 -59.23 6.16 -33.79
C ALA B 956 -60.66 5.76 -33.49
N ASN B 957 -60.92 4.50 -33.14
CA ASN B 957 -62.29 4.11 -32.85
C ASN B 957 -62.76 4.69 -31.53
N SER B 958 -64.07 4.65 -31.32
CA SER B 958 -64.68 5.15 -30.09
C SER B 958 -64.83 4.05 -29.05
N VAL B 959 -65.64 3.04 -29.36
CA VAL B 959 -65.75 1.83 -28.56
C VAL B 959 -66.04 0.69 -29.51
N THR B 960 -65.21 -0.34 -29.48
CA THR B 960 -65.17 -1.32 -30.55
C THR B 960 -66.19 -2.42 -30.31
N THR B 961 -66.78 -2.87 -31.40
CA THR B 961 -67.48 -4.14 -31.34
C THR B 961 -66.49 -5.26 -31.66
N PRO B 962 -66.70 -6.45 -31.10
CA PRO B 962 -65.72 -7.53 -31.29
C PRO B 962 -65.19 -7.69 -32.70
N ARG B 963 -66.07 -7.73 -33.70
CA ARG B 963 -65.66 -8.11 -35.05
C ARG B 963 -64.47 -7.31 -35.54
N GLU B 964 -64.39 -6.04 -35.17
CA GLU B 964 -63.25 -5.22 -35.59
C GLU B 964 -61.96 -5.72 -34.95
N GLN B 965 -62.00 -5.97 -33.64
CA GLN B 965 -60.81 -6.48 -32.98
C GLN B 965 -60.40 -7.83 -33.53
N MET B 966 -61.38 -8.69 -33.82
CA MET B 966 -61.04 -10.02 -34.32
C MET B 966 -60.44 -9.94 -35.71
N VAL B 967 -60.92 -9.04 -36.56
CA VAL B 967 -60.33 -8.97 -37.89
C VAL B 967 -58.96 -8.31 -37.82
N TYR B 968 -58.77 -7.40 -36.86
CA TYR B 968 -57.44 -6.89 -36.56
C TYR B 968 -56.49 -8.02 -36.21
N ARG B 969 -56.91 -8.87 -35.26
CA ARG B 969 -56.07 -9.96 -34.80
C ARG B 969 -55.78 -10.93 -35.94
N ASN B 970 -56.75 -11.16 -36.81
CA ASN B 970 -56.49 -12.05 -37.93
C ASN B 970 -55.51 -11.43 -38.92
N HIS B 971 -55.63 -10.12 -39.15
CA HIS B 971 -54.64 -9.43 -39.96
C HIS B 971 -53.24 -9.67 -39.42
N VAL B 972 -53.06 -9.37 -38.14
CA VAL B 972 -51.74 -9.52 -37.52
C VAL B 972 -51.25 -10.95 -37.64
N GLU B 973 -52.10 -11.91 -37.26
CA GLU B 973 -51.71 -13.31 -37.31
C GLU B 973 -51.36 -13.75 -38.72
N SER B 974 -51.95 -13.11 -39.73
CA SER B 974 -51.64 -13.45 -41.10
C SER B 974 -50.31 -12.85 -41.54
N ILE B 975 -50.02 -11.63 -41.11
CA ILE B 975 -48.83 -10.93 -41.59
C ILE B 975 -47.57 -11.68 -41.20
N LEU B 976 -47.63 -12.48 -40.13
CA LEU B 976 -46.49 -13.28 -39.74
C LEU B 976 -46.52 -14.61 -40.46
N ALA B 977 -45.46 -15.38 -40.31
CA ALA B 977 -45.39 -16.71 -40.89
C ALA B 977 -46.40 -17.60 -40.19
N PRO B 978 -46.65 -18.80 -40.71
CA PRO B 978 -47.67 -19.66 -40.08
C PRO B 978 -47.31 -20.16 -38.69
N GLU B 979 -46.07 -20.01 -38.26
CA GLU B 979 -45.63 -20.64 -37.02
C GLU B 979 -45.82 -19.78 -35.78
N SER B 980 -46.03 -18.49 -35.92
CA SER B 980 -45.70 -17.60 -34.82
C SER B 980 -46.80 -17.55 -33.76
N LYS B 981 -46.42 -17.02 -32.59
CA LYS B 981 -47.35 -16.68 -31.51
C LYS B 981 -47.83 -15.26 -31.70
N ILE B 982 -48.74 -14.85 -30.82
CA ILE B 982 -49.16 -13.46 -30.73
C ILE B 982 -49.00 -13.05 -29.28
N PHE B 983 -48.67 -11.79 -29.06
CA PHE B 983 -48.62 -11.21 -27.73
C PHE B 983 -49.61 -10.06 -27.70
N ASN B 984 -50.47 -10.05 -26.69
CA ASN B 984 -51.51 -9.05 -26.56
C ASN B 984 -51.20 -8.14 -25.38
N MET B 985 -51.14 -6.84 -25.65
CA MET B 985 -50.87 -5.83 -24.63
C MET B 985 -52.03 -4.86 -24.57
N ARG B 986 -52.69 -4.79 -23.43
CA ARG B 986 -53.92 -4.06 -23.25
C ARG B 986 -53.74 -2.93 -22.25
N TRP B 987 -54.26 -1.76 -22.59
CA TRP B 987 -54.10 -0.53 -21.84
C TRP B 987 -55.44 -0.09 -21.29
N TYR B 988 -55.53 0.02 -19.97
CA TYR B 988 -56.74 0.51 -19.30
C TYR B 988 -56.48 1.93 -18.80
N PRO B 989 -56.97 2.95 -19.51
CA PRO B 989 -56.68 4.32 -19.06
C PRO B 989 -57.45 4.71 -17.81
N LEU B 990 -58.55 4.03 -17.51
CA LEU B 990 -59.26 4.30 -16.28
C LEU B 990 -58.39 3.98 -15.08
N GLU B 991 -57.89 2.75 -15.00
CA GLU B 991 -56.95 2.37 -13.96
C GLU B 991 -55.52 2.70 -14.33
N LYS B 992 -55.26 3.07 -15.58
CA LYS B 992 -53.91 3.28 -16.07
C LYS B 992 -53.06 2.04 -15.79
N ARG B 993 -53.52 0.91 -16.34
CA ARG B 993 -52.90 -0.39 -16.09
C ARG B 993 -52.54 -1.05 -17.41
N LEU B 994 -51.34 -1.62 -17.46
CA LEU B 994 -50.86 -2.39 -18.59
C LEU B 994 -50.94 -3.87 -18.26
N CYS B 995 -51.61 -4.62 -19.13
CA CYS B 995 -51.75 -6.06 -18.98
C CYS B 995 -51.22 -6.76 -20.22
N ILE B 996 -50.50 -7.86 -20.03
CA ILE B 996 -49.89 -8.58 -21.14
C ILE B 996 -50.24 -10.05 -21.03
N GLN B 997 -50.51 -10.66 -22.18
CA GLN B 997 -50.82 -12.07 -22.29
C GLN B 997 -50.23 -12.61 -23.59
N GLN B 998 -50.18 -13.92 -23.68
CA GLN B 998 -49.65 -14.62 -24.84
C GLN B 998 -50.74 -15.48 -25.45
N LEU B 999 -50.99 -15.30 -26.73
CA LEU B 999 -52.09 -15.95 -27.41
C LEU B 999 -51.55 -16.83 -28.52
N LEU B 1000 -52.04 -18.05 -28.57
CA LEU B 1000 -51.73 -18.97 -29.64
C LEU B 1000 -52.96 -19.04 -30.53
N PRO B 1001 -52.95 -19.79 -31.64
CA PRO B 1001 -54.11 -19.84 -32.54
C PRO B 1001 -55.50 -19.82 -31.93
N ALA B 1002 -55.84 -20.75 -31.06
CA ALA B 1002 -57.25 -20.95 -30.69
C ALA B 1002 -57.60 -20.38 -29.33
N ASP B 1003 -57.05 -19.23 -28.98
CA ASP B 1003 -57.17 -18.69 -27.63
C ASP B 1003 -58.18 -17.55 -27.58
N LEU B 1004 -58.75 -17.34 -26.40
CA LEU B 1004 -59.71 -16.27 -26.19
C LEU B 1004 -58.99 -14.95 -25.99
N THR B 1005 -59.44 -13.92 -26.69
CA THR B 1005 -58.87 -12.60 -26.51
C THR B 1005 -59.52 -11.84 -25.36
N MET B 1006 -60.83 -12.01 -25.18
CA MET B 1006 -61.57 -11.40 -24.08
C MET B 1006 -62.02 -12.52 -23.16
N HIS B 1007 -61.49 -12.54 -21.95
CA HIS B 1007 -61.72 -13.68 -21.07
C HIS B 1007 -63.00 -13.57 -20.27
N ASP B 1008 -63.55 -12.37 -20.12
CA ASP B 1008 -64.61 -12.12 -19.17
C ASP B 1008 -65.89 -11.74 -19.91
N PHE B 1009 -66.93 -12.54 -19.73
CA PHE B 1009 -68.25 -12.28 -20.28
C PHE B 1009 -69.25 -12.33 -19.14
N GLU B 1010 -70.09 -11.32 -19.04
CA GLU B 1010 -70.96 -11.18 -17.87
C GLU B 1010 -72.25 -11.99 -17.98
N ASN B 1011 -72.54 -12.58 -19.13
CA ASN B 1011 -73.75 -13.36 -19.29
C ASN B 1011 -73.60 -14.31 -20.46
N PRO B 1012 -74.16 -15.51 -20.38
CA PRO B 1012 -74.02 -16.47 -21.48
C PRO B 1012 -74.49 -15.96 -22.83
N ALA B 1013 -75.45 -15.03 -22.88
CA ALA B 1013 -75.86 -14.51 -24.17
C ALA B 1013 -74.75 -13.72 -24.83
N LYS B 1014 -74.03 -12.91 -24.04
CA LYS B 1014 -72.89 -12.18 -24.57
C LYS B 1014 -71.84 -13.14 -25.11
N ALA B 1015 -71.60 -14.23 -24.36
CA ALA B 1015 -70.63 -15.22 -24.79
C ALA B 1015 -71.03 -15.84 -26.11
N PHE B 1016 -72.30 -16.22 -26.25
CA PHE B 1016 -72.76 -16.81 -27.51
C PHE B 1016 -72.63 -15.81 -28.65
N MET B 1017 -72.97 -14.56 -28.39
CA MET B 1017 -72.84 -13.53 -29.43
C MET B 1017 -71.41 -13.46 -29.92
N TYR B 1018 -70.46 -13.29 -29.00
CA TYR B 1018 -69.07 -13.17 -29.38
C TYR B 1018 -68.58 -14.42 -30.11
N TYR B 1019 -68.97 -15.60 -29.63
CA TYR B 1019 -68.59 -16.81 -30.34
C TYR B 1019 -69.07 -16.75 -31.78
N VAL B 1020 -70.38 -16.63 -31.99
CA VAL B 1020 -70.91 -16.64 -33.35
C VAL B 1020 -70.17 -15.64 -34.23
N ASP B 1021 -69.89 -14.46 -33.69
CA ASP B 1021 -69.09 -13.50 -34.45
C ASP B 1021 -67.74 -14.09 -34.83
N SER B 1022 -67.10 -14.78 -33.89
CA SER B 1022 -65.79 -15.37 -34.17
C SER B 1022 -65.89 -16.46 -35.23
N TYR B 1023 -66.81 -17.40 -35.03
CA TYR B 1023 -67.03 -18.44 -36.02
C TYR B 1023 -67.22 -17.84 -37.39
N ALA B 1024 -67.94 -16.73 -37.46
CA ALA B 1024 -68.08 -16.03 -38.72
C ALA B 1024 -66.72 -15.62 -39.27
N ILE B 1025 -66.02 -14.76 -38.55
CA ILE B 1025 -64.84 -14.09 -39.09
C ILE B 1025 -63.54 -14.80 -38.73
N SER B 1026 -63.35 -15.14 -37.46
CA SER B 1026 -62.03 -15.52 -36.98
C SER B 1026 -61.52 -16.75 -37.74
N HIS B 1027 -60.23 -16.74 -38.07
CA HIS B 1027 -59.64 -17.80 -38.87
C HIS B 1027 -59.86 -19.15 -38.22
N ILE B 1028 -59.63 -19.25 -36.92
CA ILE B 1028 -59.92 -20.44 -36.15
C ILE B 1028 -60.76 -20.04 -34.95
N THR B 1029 -61.83 -20.78 -34.71
CA THR B 1029 -62.78 -20.42 -33.68
C THR B 1029 -62.10 -20.24 -32.33
N GLU B 1030 -62.39 -19.13 -31.68
CA GLU B 1030 -61.79 -18.85 -30.39
C GLU B 1030 -62.60 -19.51 -29.28
N GLY B 1031 -61.92 -20.20 -28.38
CA GLY B 1031 -62.55 -20.83 -27.25
C GLY B 1031 -62.82 -22.30 -27.39
N VAL B 1032 -62.43 -22.91 -28.51
CA VAL B 1032 -62.65 -24.32 -28.74
C VAL B 1032 -61.40 -25.08 -28.33
N ASP B 1033 -61.60 -26.27 -27.75
CA ASP B 1033 -60.50 -27.09 -27.25
C ASP B 1033 -59.80 -27.78 -28.41
N LEU B 1034 -58.65 -27.25 -28.83
CA LEU B 1034 -57.95 -27.87 -29.93
C LEU B 1034 -57.46 -29.27 -29.57
N MET B 1035 -57.32 -29.55 -28.28
CA MET B 1035 -56.90 -30.88 -27.87
C MET B 1035 -57.97 -31.92 -28.16
N GLN B 1036 -59.09 -31.52 -28.76
CA GLN B 1036 -60.21 -32.40 -29.01
C GLN B 1036 -60.60 -32.47 -30.48
N VAL B 1037 -60.21 -31.47 -31.28
CA VAL B 1037 -60.46 -31.52 -32.71
C VAL B 1037 -59.77 -32.73 -33.30
N LYS B 1038 -60.40 -33.36 -34.28
CA LYS B 1038 -59.82 -34.47 -35.01
C LYS B 1038 -60.01 -34.23 -36.49
N MET B 1039 -58.91 -33.92 -37.19
CA MET B 1039 -59.00 -33.54 -38.59
C MET B 1039 -59.79 -34.59 -39.37
N PRO B 1040 -60.68 -34.17 -40.24
CA PRO B 1040 -61.67 -35.09 -40.80
C PRO B 1040 -61.22 -35.70 -42.12
N PHE B 1041 -60.06 -35.30 -42.61
CA PHE B 1041 -59.53 -35.85 -43.85
C PHE B 1041 -58.09 -36.30 -43.64
N LEU B 1042 -57.65 -37.23 -44.48
CA LEU B 1042 -56.28 -37.68 -44.40
C LEU B 1042 -55.33 -36.56 -44.85
N ARG B 1043 -54.22 -36.40 -44.13
CA ARG B 1043 -53.25 -35.37 -44.49
C ARG B 1043 -52.43 -35.85 -45.68
N ARG B 1044 -52.83 -35.44 -46.87
CA ARG B 1044 -52.14 -35.83 -48.09
C ARG B 1044 -51.61 -34.61 -48.83
N GLU B 1069 -65.70 -22.65 -68.31
CA GLU B 1069 -66.84 -21.97 -67.65
C GLU B 1069 -67.39 -22.86 -66.53
N HIS B 1070 -67.38 -22.37 -65.29
CA HIS B 1070 -67.89 -23.13 -64.13
C HIS B 1070 -69.03 -22.34 -63.47
N PHE B 1071 -70.16 -23.01 -63.19
CA PHE B 1071 -71.33 -22.34 -62.55
C PHE B 1071 -71.42 -22.77 -61.08
N CYS B 1072 -71.30 -21.82 -60.15
CA CYS B 1072 -71.38 -22.13 -58.70
C CYS B 1072 -72.41 -21.21 -58.01
N LYS B 1073 -73.36 -21.80 -57.29
CA LYS B 1073 -74.39 -21.02 -56.55
C LYS B 1073 -74.42 -21.49 -55.10
N SER B 1074 -74.41 -20.55 -54.14
CA SER B 1074 -74.43 -20.93 -52.71
C SER B 1074 -75.74 -20.46 -52.05
N ASN B 1075 -76.48 -21.40 -51.45
CA ASN B 1075 -77.76 -21.11 -50.75
C ASN B 1075 -77.75 -21.83 -49.40
N LEU B 1076 -76.94 -21.36 -48.45
CA LEU B 1076 -76.85 -22.04 -47.12
C LEU B 1076 -76.77 -21.00 -45.99
N GLN B 1077 -77.68 -21.12 -45.02
CA GLN B 1077 -77.75 -20.23 -43.83
C GLN B 1077 -77.37 -21.08 -42.60
N LEU B 1078 -76.33 -20.65 -41.87
CA LEU B 1078 -75.90 -21.41 -40.67
C LEU B 1078 -76.83 -21.05 -39.50
N PHE B 1079 -77.68 -22.00 -39.10
CA PHE B 1079 -78.63 -21.75 -38.04
C PHE B 1079 -78.01 -22.20 -36.72
N PHE B 1080 -78.16 -21.41 -35.68
CA PHE B 1080 -77.58 -21.76 -34.39
C PHE B 1080 -78.66 -21.75 -33.32
N SER B 1081 -78.51 -22.65 -32.35
CA SER B 1081 -79.23 -22.55 -31.09
C SER B 1081 -78.43 -21.66 -30.15
N THR B 1082 -79.12 -21.04 -29.20
CA THR B 1082 -78.40 -20.19 -28.25
C THR B 1082 -78.08 -20.88 -26.95
N ASP B 1083 -78.39 -22.17 -26.81
CA ASP B 1083 -78.14 -22.87 -25.57
C ASP B 1083 -77.51 -24.23 -25.74
N THR B 1084 -77.35 -24.68 -26.98
CA THR B 1084 -76.67 -25.94 -27.27
C THR B 1084 -75.70 -25.81 -28.43
N TYR B 1085 -75.71 -24.70 -29.15
CA TYR B 1085 -74.76 -24.40 -30.21
C TYR B 1085 -74.84 -25.37 -31.38
N VAL B 1086 -75.94 -26.10 -31.53
CA VAL B 1086 -76.05 -27.03 -32.65
C VAL B 1086 -76.37 -26.25 -33.92
N ILE B 1087 -75.64 -26.54 -34.98
CA ILE B 1087 -75.94 -25.98 -36.30
C ILE B 1087 -77.12 -26.71 -36.89
N PHE B 1088 -78.09 -25.94 -37.37
CA PHE B 1088 -79.14 -26.42 -38.27
C PHE B 1088 -79.00 -25.70 -39.60
N PHE B 1089 -79.79 -26.14 -40.57
CA PHE B 1089 -79.80 -25.52 -41.88
C PHE B 1089 -81.23 -25.13 -42.24
N GLU B 1090 -81.40 -23.94 -42.79
CA GLU B 1090 -82.75 -23.64 -43.22
C GLU B 1090 -83.04 -24.35 -44.54
N PRO B 1091 -84.15 -25.07 -44.62
CA PRO B 1091 -84.37 -25.97 -45.77
C PRO B 1091 -84.43 -25.19 -47.08
N ASN B 1092 -84.21 -25.96 -48.15
CA ASN B 1092 -84.12 -25.51 -49.57
C ASN B 1092 -82.78 -24.76 -49.73
N THR B 1093 -81.67 -25.41 -49.36
CA THR B 1093 -80.30 -24.84 -49.46
C THR B 1093 -79.50 -25.64 -50.49
N GLU B 1094 -78.89 -24.95 -51.45
CA GLU B 1094 -78.08 -25.66 -52.49
C GLU B 1094 -76.65 -25.10 -52.51
N ASN B 1095 -75.65 -25.98 -52.36
CA ASN B 1095 -74.23 -25.59 -52.43
C ASN B 1095 -73.57 -26.49 -53.48
N VAL B 1096 -72.97 -25.92 -54.52
CA VAL B 1096 -72.37 -26.75 -55.60
C VAL B 1096 -70.93 -26.30 -55.91
N TYR B 1097 -70.00 -27.25 -55.95
CA TYR B 1097 -68.59 -26.98 -56.33
C TYR B 1097 -68.25 -27.85 -57.54
N ILE B 1098 -67.77 -27.24 -58.62
CA ILE B 1098 -67.46 -28.02 -59.85
C ILE B 1098 -66.03 -27.73 -60.33
N ASN B 1099 -65.27 -28.78 -60.65
CA ASN B 1099 -63.89 -28.66 -61.18
C ASN B 1099 -63.85 -29.35 -62.55
N SER B 1100 -63.66 -28.58 -63.62
CA SER B 1100 -63.66 -29.16 -64.96
C SER B 1100 -62.23 -29.46 -65.35
N TYR B 1101 -61.89 -30.74 -65.41
CA TYR B 1101 -60.57 -31.16 -65.86
C TYR B 1101 -60.61 -32.65 -66.20
N ASP B 1106 -60.47 -48.29 -67.54
CA ASP B 1106 -59.14 -48.06 -68.10
C ASP B 1106 -58.20 -49.21 -67.73
N GLN B 1107 -57.20 -49.46 -68.57
CA GLN B 1107 -56.33 -50.61 -68.38
C GLN B 1107 -55.64 -50.58 -67.02
N SER B 1108 -55.34 -49.38 -66.52
CA SER B 1108 -54.69 -49.27 -65.22
C SER B 1108 -55.60 -49.83 -64.13
N SER B 1109 -56.87 -49.43 -64.13
CA SER B 1109 -57.81 -49.89 -63.12
C SER B 1109 -57.99 -51.41 -63.17
N GLN B 1110 -58.11 -51.95 -64.38
CA GLN B 1110 -58.27 -53.40 -64.51
C GLN B 1110 -57.01 -54.15 -64.06
N SER B 1111 -55.84 -53.63 -64.37
CA SER B 1111 -54.62 -54.32 -63.97
C SER B 1111 -54.40 -54.22 -62.46
N LYS B 1112 -54.82 -53.11 -61.86
CA LYS B 1112 -54.77 -53.03 -60.40
C LYS B 1112 -55.74 -54.01 -59.78
N LYS B 1113 -56.93 -54.12 -60.35
CA LYS B 1113 -57.87 -55.15 -59.93
C LYS B 1113 -57.26 -56.54 -60.02
N GLN B 1114 -56.55 -56.81 -61.12
CA GLN B 1114 -55.95 -58.13 -61.31
C GLN B 1114 -54.84 -58.38 -60.30
N ASN B 1115 -54.01 -57.37 -60.04
CA ASN B 1115 -52.98 -57.52 -59.02
C ASN B 1115 -53.59 -57.77 -57.66
N ARG B 1116 -54.71 -57.10 -57.36
CA ARG B 1116 -55.46 -57.40 -56.15
C ARG B 1116 -55.81 -58.87 -56.09
N THR B 1117 -56.53 -59.36 -57.12
CA THR B 1117 -56.92 -60.75 -57.18
C THR B 1117 -55.71 -61.67 -56.96
N THR B 1118 -54.62 -61.40 -57.66
CA THR B 1118 -53.46 -62.29 -57.63
C THR B 1118 -52.79 -62.30 -56.27
N ASN B 1119 -52.39 -61.14 -55.77
CA ASN B 1119 -51.71 -61.10 -54.47
C ASN B 1119 -52.59 -61.67 -53.37
N TRP B 1120 -53.88 -61.39 -53.43
CA TRP B 1120 -54.78 -61.80 -52.38
C TRP B 1120 -55.02 -63.31 -52.42
N ARG B 1121 -55.11 -63.87 -53.63
CA ARG B 1121 -55.22 -65.32 -53.75
C ARG B 1121 -53.93 -66.00 -53.34
N ARG B 1122 -52.79 -65.44 -53.71
CA ARG B 1122 -51.51 -65.97 -53.24
C ARG B 1122 -51.44 -65.95 -51.73
N TRP B 1123 -52.05 -64.93 -51.11
CA TRP B 1123 -52.11 -64.88 -49.65
C TRP B 1123 -52.99 -65.98 -49.09
N LEU B 1124 -54.09 -66.30 -49.77
CA LEU B 1124 -55.09 -67.24 -49.23
C LEU B 1124 -54.48 -68.60 -48.92
N GLU B 1125 -53.85 -69.22 -49.91
CA GLU B 1125 -53.32 -70.57 -49.72
C GLU B 1125 -51.90 -70.54 -49.17
N ALA B 1135 -70.77 -81.86 -46.18
CA ALA B 1135 -71.37 -80.54 -46.06
C ALA B 1135 -71.91 -80.06 -47.40
N ASN B 1136 -73.25 -80.03 -47.51
CA ASN B 1136 -73.90 -79.67 -48.77
C ASN B 1136 -73.62 -78.23 -49.17
N THR B 1137 -73.13 -77.40 -48.24
CA THR B 1137 -72.78 -76.04 -48.57
C THR B 1137 -71.67 -76.00 -49.62
N ASP B 1138 -70.58 -76.71 -49.36
CA ASP B 1138 -69.53 -76.86 -50.35
C ASP B 1138 -70.06 -77.46 -51.63
N ILE B 1139 -71.07 -78.32 -51.54
CA ILE B 1139 -71.65 -78.92 -52.74
C ILE B 1139 -72.28 -77.83 -53.60
N LYS B 1140 -73.12 -77.00 -53.00
CA LYS B 1140 -73.73 -75.89 -53.72
C LYS B 1140 -72.68 -74.94 -54.29
N PHE B 1141 -71.73 -74.52 -53.46
CA PHE B 1141 -70.70 -73.60 -53.92
C PHE B 1141 -69.91 -74.18 -55.08
N PHE B 1142 -69.44 -75.42 -54.95
CA PHE B 1142 -68.66 -76.06 -55.99
C PHE B 1142 -69.48 -76.31 -57.24
N SER B 1143 -70.80 -76.42 -57.11
CA SER B 1143 -71.65 -76.33 -58.28
C SER B 1143 -71.56 -74.95 -58.92
N GLU B 1144 -71.41 -73.92 -58.09
CA GLU B 1144 -71.36 -72.55 -58.59
C GLU B 1144 -69.96 -72.09 -58.95
N THR B 1145 -68.90 -72.84 -58.60
CA THR B 1145 -67.56 -72.38 -58.92
C THR B 1145 -67.21 -72.72 -60.37
N THR B 1146 -66.07 -72.20 -60.81
CA THR B 1146 -65.63 -72.38 -62.19
C THR B 1146 -64.31 -73.14 -62.27
N GLY C 2 49.85 -19.01 24.68
CA GLY C 2 49.96 -19.44 23.31
C GLY C 2 49.23 -18.52 22.35
N PHE C 3 49.98 -17.64 21.70
CA PHE C 3 49.53 -16.47 20.95
C PHE C 3 49.12 -15.35 21.91
N GLY C 4 49.01 -15.62 23.21
CA GLY C 4 48.87 -14.64 24.26
C GLY C 4 47.95 -13.47 23.98
N LYS C 5 48.33 -12.30 24.49
CA LYS C 5 47.61 -11.08 24.16
C LYS C 5 47.81 -10.72 22.70
N LYS C 6 47.08 -9.71 22.25
CA LYS C 6 47.28 -9.16 20.93
C LYS C 6 48.09 -7.89 21.03
N LYS C 7 49.07 -7.73 20.15
CA LYS C 7 49.87 -6.52 20.14
C LYS C 7 49.41 -5.61 19.01
N VAL C 8 49.92 -4.40 19.01
CA VAL C 8 49.56 -3.37 18.05
C VAL C 8 50.53 -3.50 16.89
N SER C 9 50.02 -3.70 15.69
CA SER C 9 50.91 -3.64 14.54
C SER C 9 51.26 -2.19 14.28
N TYR C 10 52.45 -1.98 13.74
CA TYR C 10 52.97 -0.62 13.62
C TYR C 10 53.84 -0.60 12.38
N PHE C 11 53.43 0.14 11.37
CA PHE C 11 54.10 0.11 10.08
C PHE C 11 55.07 1.28 9.98
N TYR C 12 56.31 0.97 9.59
CA TYR C 12 57.33 2.01 9.48
C TYR C 12 58.31 1.60 8.39
N ASP C 13 58.72 2.56 7.57
CA ASP C 13 59.71 2.33 6.52
C ASP C 13 60.83 3.33 6.67
N GLU C 14 62.04 2.83 6.91
CA GLU C 14 63.13 3.69 7.33
C GLU C 14 63.51 4.75 6.33
N ASP C 15 63.06 4.67 5.09
CA ASP C 15 63.38 5.70 4.14
C ASP C 15 62.45 6.89 4.23
N VAL C 16 61.31 6.73 4.89
CA VAL C 16 60.23 7.70 4.83
C VAL C 16 60.61 9.06 5.38
N GLY C 17 61.60 9.12 6.26
CA GLY C 17 61.95 10.39 6.83
C GLY C 17 62.69 11.31 5.89
N ASN C 18 63.15 10.79 4.75
CA ASN C 18 64.17 11.45 3.97
C ASN C 18 63.63 12.23 2.79
N TYR C 19 62.32 12.38 2.68
CA TYR C 19 61.71 13.06 1.56
C TYR C 19 61.36 14.50 1.93
N HIS C 20 61.68 15.43 1.06
CA HIS C 20 61.63 16.85 1.41
C HIS C 20 60.84 17.60 0.36
N TYR C 21 59.71 18.17 0.76
CA TYR C 21 58.81 18.81 -0.18
C TYR C 21 59.47 19.99 -0.87
N GLY C 22 59.76 21.04 -0.12
CA GLY C 22 60.23 22.27 -0.71
C GLY C 22 60.97 23.13 0.28
N PRO C 23 61.36 24.32 -0.12
CA PRO C 23 62.21 25.16 0.73
C PRO C 23 61.65 25.43 2.10
N GLN C 24 60.48 26.07 2.19
CA GLN C 24 59.89 26.42 3.47
C GLN C 24 58.51 25.81 3.60
N HIS C 25 58.35 24.61 3.12
CA HIS C 25 57.03 24.01 3.08
C HIS C 25 56.61 23.61 4.48
N PRO C 26 55.35 23.81 4.85
CA PRO C 26 54.90 23.39 6.17
C PRO C 26 54.88 21.91 6.40
N MET C 27 54.87 21.08 5.37
CA MET C 27 54.76 19.64 5.55
C MET C 27 56.13 19.03 5.51
N LYS C 28 56.50 18.31 6.56
CA LYS C 28 57.81 17.69 6.70
C LYS C 28 57.64 16.23 7.03
N PRO C 29 57.88 15.30 6.11
CA PRO C 29 57.79 13.87 6.47
C PRO C 29 58.80 13.48 7.51
N HIS C 30 59.85 14.26 7.67
CA HIS C 30 60.88 14.08 8.67
C HIS C 30 60.30 13.76 10.02
N ARG C 31 59.13 14.32 10.31
CA ARG C 31 58.53 14.17 11.63
C ARG C 31 58.31 12.72 12.00
N VAL C 32 58.03 11.85 11.02
CA VAL C 32 57.81 10.45 11.39
C VAL C 32 59.08 9.85 11.93
N ARG C 33 60.22 10.16 11.32
CA ARG C 33 61.49 9.77 11.90
C ARG C 33 61.53 10.10 13.37
N MET C 34 61.19 11.35 13.71
CA MET C 34 61.25 11.80 15.10
C MET C 34 60.40 10.91 15.98
N VAL C 35 59.16 10.65 15.57
CA VAL C 35 58.29 9.82 16.38
C VAL C 35 58.98 8.51 16.69
N HIS C 36 59.57 7.89 15.67
CA HIS C 36 60.19 6.60 15.87
C HIS C 36 61.34 6.70 16.85
N ASN C 37 62.14 7.76 16.75
CA ASN C 37 63.28 7.87 17.62
C ASN C 37 62.87 7.91 19.08
N LEU C 38 61.61 8.23 19.37
CA LEU C 38 61.14 8.17 20.74
C LEU C 38 60.55 6.83 21.08
N VAL C 39 59.83 6.22 20.13
CA VAL C 39 59.28 4.89 20.36
C VAL C 39 60.39 3.89 20.64
N VAL C 40 61.56 4.12 20.04
CA VAL C 40 62.70 3.27 20.32
C VAL C 40 63.25 3.54 21.71
N ASN C 41 63.33 4.81 22.11
CA ASN C 41 64.03 5.18 23.33
C ASN C 41 63.14 5.17 24.56
N TYR C 42 61.85 4.97 24.41
CA TYR C 42 60.99 4.61 25.52
C TYR C 42 60.91 3.11 25.69
N ASN C 43 61.63 2.36 24.86
CA ASN C 43 61.54 0.90 24.81
C ASN C 43 60.11 0.45 24.58
N LEU C 44 59.38 1.23 23.79
CA LEU C 44 58.02 0.85 23.43
C LEU C 44 58.01 -0.32 22.48
N TYR C 45 59.00 -0.43 21.59
CA TYR C 45 59.00 -1.44 20.54
C TYR C 45 58.86 -2.84 21.08
N GLU C 46 58.99 -3.06 22.38
CA GLU C 46 58.80 -4.40 22.91
C GLU C 46 57.35 -4.74 23.12
N LYS C 47 56.44 -3.79 22.99
CA LYS C 47 55.02 -4.04 23.11
C LYS C 47 54.27 -3.93 21.79
N LEU C 48 54.98 -3.61 20.71
CA LEU C 48 54.40 -3.49 19.38
C LEU C 48 54.89 -4.63 18.51
N ASN C 49 54.41 -4.62 17.26
CA ASN C 49 54.93 -5.47 16.20
C ASN C 49 55.27 -4.52 15.07
N VAL C 50 56.53 -4.20 14.88
CA VAL C 50 56.91 -3.24 13.85
C VAL C 50 57.11 -3.99 12.55
N ILE C 51 56.48 -3.51 11.49
CA ILE C 51 56.39 -4.21 10.22
C ILE C 51 56.84 -3.26 9.11
N THR C 52 57.49 -3.80 8.15
CA THR C 52 57.90 -2.97 7.03
C THR C 52 56.86 -3.05 5.93
N PRO C 53 56.41 -1.92 5.41
CA PRO C 53 55.33 -1.93 4.43
C PRO C 53 55.80 -2.37 3.06
N VAL C 54 54.92 -3.07 2.34
CA VAL C 54 55.17 -3.46 0.95
C VAL C 54 54.70 -2.33 0.06
N ARG C 55 55.64 -1.60 -0.55
CA ARG C 55 55.31 -0.45 -1.37
C ARG C 55 54.23 -0.78 -2.40
N ALA C 56 53.29 0.13 -2.58
CA ALA C 56 52.17 -0.12 -3.46
C ALA C 56 52.51 0.29 -4.89
N THR C 57 51.90 -0.41 -5.84
CA THR C 57 52.23 -0.34 -7.25
C THR C 57 51.23 0.55 -7.99
N ARG C 58 51.32 0.59 -9.30
CA ARG C 58 50.39 1.41 -10.06
C ARG C 58 49.00 0.80 -10.07
N ASN C 59 48.93 -0.52 -10.25
CA ASN C 59 47.63 -1.17 -10.30
C ASN C 59 46.93 -1.19 -8.96
N ASP C 60 47.58 -0.70 -7.91
CA ASP C 60 46.96 -0.56 -6.61
C ASP C 60 46.50 0.86 -6.33
N MET C 61 47.13 1.85 -6.95
CA MET C 61 46.72 3.22 -6.76
C MET C 61 45.63 3.64 -7.71
N THR C 62 45.43 2.95 -8.82
CA THR C 62 44.36 3.30 -9.73
C THR C 62 43.06 2.61 -9.39
N ARG C 63 42.97 1.94 -8.25
CA ARG C 63 41.67 1.53 -7.79
C ARG C 63 40.82 2.70 -7.34
N CYS C 64 41.40 3.86 -7.18
CA CYS C 64 40.66 5.06 -6.84
C CYS C 64 40.95 6.22 -7.76
N HIS C 65 42.16 6.35 -8.25
CA HIS C 65 42.52 7.49 -9.05
C HIS C 65 42.45 7.10 -10.52
N THR C 66 42.79 8.05 -11.38
CA THR C 66 42.68 7.83 -12.82
C THR C 66 44.04 7.51 -13.41
N ASP C 67 44.00 6.78 -14.53
CA ASP C 67 45.24 6.34 -15.17
C ASP C 67 46.13 7.51 -15.53
N GLU C 68 45.54 8.62 -15.95
CA GLU C 68 46.36 9.76 -16.35
C GLU C 68 47.04 10.40 -15.16
N TYR C 69 46.35 10.50 -14.03
CA TYR C 69 46.94 11.12 -12.86
C TYR C 69 48.08 10.27 -12.32
N ILE C 70 47.85 8.97 -12.15
CA ILE C 70 48.91 8.10 -11.65
C ILE C 70 50.05 8.03 -12.65
N GLU C 71 49.76 8.05 -13.95
CA GLU C 71 50.85 8.06 -14.92
C GLU C 71 51.69 9.31 -14.78
N PHE C 72 51.06 10.47 -14.63
CA PHE C 72 51.82 11.69 -14.47
C PHE C 72 52.67 11.64 -13.21
N LEU C 73 52.12 11.11 -12.12
CA LEU C 73 52.91 10.94 -10.92
C LEU C 73 54.14 10.11 -11.21
N TRP C 74 53.94 8.94 -11.80
CA TRP C 74 55.01 7.98 -12.00
C TRP C 74 56.03 8.43 -13.02
N ARG C 75 55.73 9.44 -13.84
CA ARG C 75 56.67 9.86 -14.86
C ARG C 75 57.42 11.13 -14.53
N VAL C 76 56.82 12.04 -13.77
CA VAL C 76 57.40 13.37 -13.61
C VAL C 76 58.63 13.29 -12.71
N THR C 77 59.55 14.22 -12.93
CA THR C 77 60.72 14.42 -12.10
C THR C 77 60.95 15.92 -11.99
N PRO C 78 61.60 16.38 -10.93
CA PRO C 78 61.73 17.84 -10.75
C PRO C 78 62.54 18.50 -11.82
N ASP C 79 63.25 17.75 -12.65
CA ASP C 79 64.05 18.34 -13.71
C ASP C 79 63.29 18.42 -15.02
N THR C 80 62.57 17.36 -15.37
CA THR C 80 61.88 17.28 -16.64
C THR C 80 60.43 17.73 -16.54
N MET C 81 60.13 18.69 -15.68
CA MET C 81 58.78 19.20 -15.58
C MET C 81 58.58 20.43 -16.45
N GLU C 82 59.57 20.77 -17.28
CA GLU C 82 59.38 21.77 -18.31
C GLU C 82 58.55 21.27 -19.46
N LYS C 83 58.37 19.95 -19.56
CA LYS C 83 57.57 19.37 -20.62
C LYS C 83 56.18 18.97 -20.17
N PHE C 84 55.81 19.26 -18.93
CA PHE C 84 54.55 18.77 -18.37
C PHE C 84 53.58 19.88 -18.05
N GLN C 85 53.79 21.07 -18.60
CA GLN C 85 53.03 22.26 -18.22
C GLN C 85 51.53 22.15 -18.41
N PRO C 86 51.04 21.43 -19.42
CA PRO C 86 49.62 21.08 -19.40
C PRO C 86 49.21 20.24 -18.21
N HIS C 87 50.01 19.24 -17.86
CA HIS C 87 49.62 18.35 -16.77
C HIS C 87 49.63 19.06 -15.43
N GLN C 88 50.48 20.06 -15.27
CA GLN C 88 50.46 20.81 -14.02
C GLN C 88 49.14 21.50 -13.82
N LEU C 89 48.63 22.18 -14.84
CA LEU C 89 47.33 22.81 -14.75
C LEU C 89 46.24 21.78 -14.50
N LYS C 90 46.26 20.69 -15.27
CA LYS C 90 45.16 19.73 -15.15
C LYS C 90 45.13 19.06 -13.79
N PHE C 91 46.27 18.74 -13.21
CA PHE C 91 46.31 17.92 -12.01
C PHE C 91 46.57 18.70 -10.75
N ASN C 92 46.63 20.04 -10.82
CA ASN C 92 46.69 20.87 -9.63
C ASN C 92 48.01 20.68 -8.90
N VAL C 93 49.11 20.68 -9.63
CA VAL C 93 50.43 20.41 -9.08
C VAL C 93 51.34 21.58 -9.40
N GLY C 94 52.07 22.06 -8.40
CA GLY C 94 53.03 23.11 -8.68
C GLY C 94 53.23 24.19 -7.64
N ASP C 95 52.23 24.55 -6.85
CA ASP C 95 52.40 25.63 -5.89
C ASP C 95 52.25 25.19 -4.44
N ASP C 96 51.10 24.62 -4.08
CA ASP C 96 50.91 24.09 -2.74
C ASP C 96 51.24 22.62 -2.65
N CYS C 97 51.08 21.91 -3.74
CA CYS C 97 51.50 20.53 -3.87
C CYS C 97 52.64 20.50 -4.88
N PRO C 98 53.87 20.74 -4.46
CA PRO C 98 54.96 20.84 -5.40
C PRO C 98 55.35 19.47 -5.92
N VAL C 99 56.14 19.48 -6.99
CA VAL C 99 56.76 18.28 -7.51
C VAL C 99 58.18 18.23 -6.96
N PHE C 100 58.52 17.14 -6.29
CA PHE C 100 59.83 17.05 -5.67
C PHE C 100 60.49 15.72 -5.98
N ASP C 101 61.59 15.43 -5.32
CA ASP C 101 62.36 14.23 -5.59
C ASP C 101 61.74 13.05 -4.87
N GLY C 102 61.49 11.97 -5.60
CA GLY C 102 60.94 10.81 -4.97
C GLY C 102 59.48 10.92 -4.63
N LEU C 103 58.75 11.76 -5.36
CA LEU C 103 57.33 11.93 -5.11
C LEU C 103 56.60 10.59 -5.15
N TYR C 104 56.79 9.84 -6.24
CA TYR C 104 56.08 8.59 -6.37
C TYR C 104 56.48 7.58 -5.30
N GLU C 105 57.75 7.58 -4.91
CA GLU C 105 58.17 6.62 -3.88
C GLU C 105 57.52 6.96 -2.55
N PHE C 106 57.45 8.25 -2.23
CA PHE C 106 56.75 8.68 -1.02
C PHE C 106 55.31 8.18 -1.04
N CYS C 107 54.60 8.45 -2.13
CA CYS C 107 53.21 8.03 -2.21
C CYS C 107 53.08 6.52 -2.07
N SER C 108 54.01 5.76 -2.63
CA SER C 108 53.92 4.32 -2.52
C SER C 108 54.13 3.85 -1.09
N ILE C 109 55.01 4.51 -0.35
CA ILE C 109 55.22 4.13 1.05
C ILE C 109 53.96 4.39 1.87
N SER C 110 53.35 5.57 1.70
CA SER C 110 52.13 5.88 2.42
C SER C 110 51.02 4.88 2.12
N ALA C 111 50.71 4.73 0.83
CA ALA C 111 49.62 3.85 0.46
C ALA C 111 49.90 2.42 0.86
N GLY C 112 51.16 1.99 0.83
CA GLY C 112 51.47 0.63 1.20
C GLY C 112 51.27 0.38 2.67
N GLY C 113 51.63 1.33 3.51
CA GLY C 113 51.31 1.21 4.92
C GLY C 113 49.82 1.07 5.16
N SER C 114 49.02 1.90 4.49
CA SER C 114 47.58 1.87 4.75
C SER C 114 46.95 0.56 4.28
N ILE C 115 47.28 0.12 3.06
CA ILE C 115 46.76 -1.16 2.59
C ILE C 115 47.27 -2.31 3.44
N GLY C 116 48.50 -2.23 3.94
CA GLY C 116 48.98 -3.29 4.81
C GLY C 116 48.20 -3.37 6.10
N ALA C 117 47.86 -2.22 6.66
CA ALA C 117 47.03 -2.22 7.88
C ALA C 117 45.67 -2.85 7.60
N ALA C 118 45.07 -2.49 6.47
CA ALA C 118 43.78 -3.08 6.13
C ALA C 118 43.88 -4.59 6.00
N GLN C 119 44.96 -5.08 5.40
CA GLN C 119 45.12 -6.53 5.27
C GLN C 119 45.37 -7.19 6.62
N GLU C 120 46.04 -6.47 7.52
CA GLU C 120 46.26 -7.00 8.86
C GLU C 120 44.95 -7.21 9.58
N LEU C 121 44.03 -6.26 9.47
CA LEU C 121 42.74 -6.44 10.14
C LEU C 121 41.91 -7.50 9.44
N ASN C 122 41.93 -7.52 8.10
CA ASN C 122 41.21 -8.54 7.37
C ASN C 122 41.64 -9.93 7.77
N SER C 123 42.92 -10.11 8.09
CA SER C 123 43.46 -11.44 8.35
C SER C 123 43.20 -11.93 9.76
N GLY C 124 43.02 -11.05 10.72
CA GLY C 124 42.85 -11.44 12.10
C GLY C 124 44.09 -11.35 12.93
N ASN C 125 45.21 -10.92 12.36
CA ASN C 125 46.46 -10.85 13.08
C ASN C 125 46.51 -9.72 14.08
N ALA C 126 45.64 -8.73 13.96
CA ALA C 126 45.67 -7.59 14.85
C ALA C 126 44.26 -7.04 15.01
N GLU C 127 44.09 -6.22 16.04
CA GLU C 127 42.88 -5.44 16.20
C GLU C 127 43.12 -3.95 16.14
N ILE C 128 44.34 -3.49 16.27
CA ILE C 128 44.71 -2.11 16.05
C ILE C 128 45.91 -2.10 15.13
N ALA C 129 46.02 -1.08 14.29
CA ALA C 129 47.11 -0.99 13.34
C ALA C 129 47.41 0.47 13.12
N ILE C 130 48.66 0.85 13.20
CA ILE C 130 49.05 2.24 13.15
C ILE C 130 49.87 2.47 11.90
N ASN C 131 49.75 3.67 11.34
CA ASN C 131 50.60 4.04 10.20
C ASN C 131 50.63 5.56 10.14
N TRP C 132 51.67 6.17 10.71
CA TRP C 132 51.65 7.62 10.80
C TRP C 132 52.01 8.30 9.50
N ALA C 133 52.56 7.60 8.53
CA ALA C 133 52.87 8.24 7.26
C ALA C 133 51.66 8.35 6.36
N GLY C 134 50.59 7.63 6.66
CA GLY C 134 49.40 7.67 5.84
C GLY C 134 48.52 8.85 6.15
N GLY C 135 47.23 8.68 5.90
CA GLY C 135 46.26 9.68 6.28
C GLY C 135 46.32 10.98 5.52
N LEU C 136 46.48 10.93 4.21
CA LEU C 136 46.47 12.12 3.37
C LEU C 136 45.06 12.28 2.83
N HIS C 137 44.23 13.02 3.54
CA HIS C 137 42.78 12.99 3.33
C HIS C 137 42.27 14.05 2.38
N HIS C 138 43.15 14.81 1.73
CA HIS C 138 42.73 15.90 0.87
C HIS C 138 42.89 15.62 -0.61
N ALA C 139 43.18 14.39 -1.00
CA ALA C 139 43.49 14.08 -2.39
C ALA C 139 42.27 13.55 -3.10
N LYS C 140 41.94 14.15 -4.23
CA LYS C 140 40.76 13.79 -4.98
C LYS C 140 41.07 12.68 -5.97
N LYS C 141 40.03 12.14 -6.58
CA LYS C 141 40.23 11.08 -7.56
C LYS C 141 40.89 11.59 -8.82
N ARG C 142 40.65 12.83 -9.20
CA ARG C 142 41.19 13.35 -10.43
C ARG C 142 42.32 14.35 -10.24
N GLU C 143 42.66 14.72 -9.02
CA GLU C 143 43.58 15.83 -8.80
C GLU C 143 44.34 15.64 -7.51
N ALA C 144 45.35 16.46 -7.33
CA ALA C 144 46.00 16.64 -6.05
C ALA C 144 45.45 17.88 -5.37
N SER C 145 45.33 17.84 -4.06
CA SER C 145 44.73 18.97 -3.35
C SER C 145 45.28 19.04 -1.95
N GLY C 146 45.92 20.15 -1.62
CA GLY C 146 46.26 20.44 -0.24
C GLY C 146 47.22 19.48 0.41
N PHE C 147 48.46 19.45 -0.07
CA PHE C 147 49.59 18.70 0.47
C PHE C 147 49.49 17.20 0.27
N CYS C 148 48.44 16.69 -0.35
CA CYS C 148 48.23 15.26 -0.48
C CYS C 148 48.17 14.89 -1.95
N TYR C 149 48.64 13.69 -2.29
CA TYR C 149 48.69 13.24 -3.67
C TYR C 149 47.92 11.96 -3.93
N VAL C 150 47.95 11.00 -3.03
CA VAL C 150 47.25 9.73 -3.21
C VAL C 150 46.49 9.43 -1.94
N ASN C 151 45.18 9.38 -2.03
CA ASN C 151 44.29 9.24 -0.89
C ASN C 151 44.25 7.79 -0.46
N ASP C 152 45.06 7.43 0.51
CA ASP C 152 45.19 6.05 0.93
C ASP C 152 44.11 5.59 1.89
N ILE C 153 43.34 6.51 2.47
CA ILE C 153 42.25 6.08 3.34
C ILE C 153 41.15 5.43 2.51
N ALA C 154 40.96 5.88 1.28
CA ALA C 154 40.01 5.23 0.40
C ALA C 154 40.43 3.81 0.08
N LEU C 155 41.71 3.59 -0.17
CA LEU C 155 42.20 2.26 -0.48
C LEU C 155 42.10 1.34 0.74
N ALA C 156 42.43 1.86 1.92
CA ALA C 156 42.21 1.08 3.12
C ALA C 156 40.75 0.71 3.29
N ALA C 157 39.85 1.64 3.02
CA ALA C 157 38.44 1.36 3.20
C ALA C 157 37.95 0.32 2.22
N LEU C 158 38.36 0.43 0.95
CA LEU C 158 37.99 -0.58 -0.03
C LEU C 158 38.45 -1.95 0.38
N GLU C 159 39.70 -2.06 0.82
CA GLU C 159 40.19 -3.36 1.27
C GLU C 159 39.47 -3.83 2.52
N LEU C 160 38.95 -2.92 3.33
CA LEU C 160 38.20 -3.32 4.51
C LEU C 160 36.83 -3.85 4.15
N LEU C 161 36.24 -3.35 3.08
CA LEU C 161 34.89 -3.71 2.68
C LEU C 161 34.81 -5.05 1.98
N LYS C 162 35.82 -5.89 2.08
CA LYS C 162 35.68 -7.23 1.54
C LYS C 162 34.97 -8.15 2.51
N TYR C 163 35.03 -7.86 3.79
CA TYR C 163 34.42 -8.74 4.77
C TYR C 163 33.63 -8.02 5.84
N HIS C 164 33.70 -6.70 5.92
CA HIS C 164 32.94 -5.93 6.88
C HIS C 164 31.86 -5.16 6.16
N GLN C 165 30.65 -5.14 6.70
CA GLN C 165 29.54 -4.54 5.98
C GLN C 165 29.40 -3.05 6.20
N ARG C 166 29.98 -2.50 7.25
CA ARG C 166 29.87 -1.07 7.51
C ARG C 166 31.18 -0.54 8.09
N VAL C 167 31.59 0.63 7.64
CA VAL C 167 32.85 1.23 8.06
C VAL C 167 32.59 2.68 8.49
N LEU C 168 33.30 3.13 9.52
CA LEU C 168 33.15 4.49 10.02
C LEU C 168 34.48 5.22 9.96
N TYR C 169 34.49 6.42 9.42
CA TYR C 169 35.72 7.18 9.28
C TYR C 169 35.61 8.49 10.07
N ILE C 170 36.36 8.58 11.17
CA ILE C 170 36.33 9.74 12.05
C ILE C 170 37.53 10.62 11.73
N ASP C 171 37.29 11.92 11.63
CA ASP C 171 38.31 12.86 11.18
C ASP C 171 38.38 14.05 12.13
N ILE C 172 39.54 14.24 12.75
CA ILE C 172 39.70 15.30 13.72
C ILE C 172 40.86 16.24 13.39
N ASP C 173 41.40 16.14 12.18
CA ASP C 173 42.21 17.23 11.65
C ASP C 173 41.37 18.49 11.64
N VAL C 174 42.02 19.65 11.80
CA VAL C 174 41.28 20.89 11.90
C VAL C 174 40.57 21.24 10.60
N HIS C 175 40.91 20.61 9.50
CA HIS C 175 40.33 20.91 8.21
C HIS C 175 39.25 19.91 7.88
N HIS C 176 38.61 20.12 6.74
CA HIS C 176 37.59 19.21 6.26
C HIS C 176 38.24 18.13 5.43
N GLY C 177 37.92 16.88 5.75
CA GLY C 177 38.46 15.78 4.98
C GLY C 177 37.67 15.58 3.72
N ASP C 178 37.90 16.42 2.72
CA ASP C 178 36.98 16.46 1.59
C ASP C 178 37.21 15.34 0.59
N GLY C 179 38.44 14.87 0.42
CA GLY C 179 38.65 13.74 -0.47
C GLY C 179 37.92 12.50 0.01
N VAL C 180 38.08 12.17 1.29
CA VAL C 180 37.45 10.98 1.81
C VAL C 180 35.96 11.13 1.92
N GLU C 181 35.43 12.34 1.82
CA GLU C 181 33.98 12.49 1.78
C GLU C 181 33.48 12.35 0.37
N GLU C 182 34.14 13.01 -0.57
CA GLU C 182 33.75 12.94 -1.96
C GLU C 182 33.77 11.51 -2.47
N PHE C 183 34.71 10.70 -1.99
CA PHE C 183 34.79 9.33 -2.48
C PHE C 183 33.57 8.53 -2.07
N PHE C 184 33.14 8.65 -0.82
CA PHE C 184 32.05 7.84 -0.27
C PHE C 184 30.81 8.67 0.02
N TYR C 185 30.49 9.62 -0.85
CA TYR C 185 29.40 10.55 -0.57
C TYR C 185 28.05 9.97 -0.87
N THR C 186 27.96 9.10 -1.87
CA THR C 186 26.69 8.55 -2.34
C THR C 186 26.52 7.09 -1.97
N THR C 187 27.02 6.67 -0.82
CA THR C 187 26.93 5.28 -0.43
C THR C 187 26.66 5.17 1.05
N ASP C 188 26.04 4.05 1.44
CA ASP C 188 25.63 3.82 2.82
C ASP C 188 26.43 2.71 3.47
N ARG C 189 27.60 2.39 2.93
CA ARG C 189 28.48 1.42 3.54
C ARG C 189 29.62 2.07 4.30
N VAL C 190 29.93 3.32 4.00
CA VAL C 190 30.93 4.09 4.71
C VAL C 190 30.27 5.35 5.21
N MET C 191 30.32 5.57 6.51
CA MET C 191 29.86 6.83 7.08
C MET C 191 31.06 7.67 7.49
N THR C 192 31.13 8.89 7.01
CA THR C 192 32.20 9.78 7.38
C THR C 192 31.69 10.78 8.41
N CYS C 193 32.58 11.19 9.31
CA CYS C 193 32.23 12.17 10.34
C CYS C 193 33.44 13.05 10.58
N SER C 194 33.32 14.34 10.33
CA SER C 194 34.47 15.22 10.42
C SER C 194 34.16 16.45 11.27
N PHE C 195 35.10 16.83 12.14
CA PHE C 195 34.97 18.02 12.97
C PHE C 195 35.95 19.06 12.48
N HIS C 196 35.49 20.25 12.13
CA HIS C 196 36.42 21.18 11.50
C HIS C 196 36.04 22.63 11.73
N LYS C 197 36.97 23.51 11.41
CA LYS C 197 36.71 24.95 11.49
C LYS C 197 36.08 25.41 10.19
N PHE C 198 34.80 25.73 10.23
CA PHE C 198 34.03 26.15 9.06
C PHE C 198 33.92 27.66 9.06
N GLY C 199 34.52 28.31 8.08
CA GLY C 199 34.46 29.74 8.00
C GLY C 199 35.15 30.23 6.74
N GLU C 200 35.97 31.26 6.86
CA GLU C 200 36.86 31.65 5.77
C GLU C 200 38.13 30.81 5.86
N TYR C 201 37.97 29.52 5.58
CA TYR C 201 38.99 28.53 5.89
C TYR C 201 39.06 27.52 4.76
N PHE C 202 40.22 26.89 4.65
CA PHE C 202 40.46 25.83 3.70
C PHE C 202 39.76 24.55 4.18
N PRO C 203 39.20 23.75 3.27
CA PRO C 203 39.10 23.94 1.83
C PRO C 203 37.94 24.80 1.41
N GLY C 204 37.05 25.10 2.34
CA GLY C 204 35.88 25.89 2.08
C GLY C 204 34.59 25.10 2.07
N THR C 205 34.66 23.78 2.17
CA THR C 205 33.49 22.94 2.12
C THR C 205 33.21 22.43 3.52
N GLY C 206 32.19 21.60 3.64
CA GLY C 206 31.86 20.98 4.91
C GLY C 206 30.64 21.50 5.60
N HIS C 207 29.79 22.25 4.91
CA HIS C 207 28.63 22.88 5.52
C HIS C 207 27.76 21.86 6.22
N ILE C 208 27.08 22.28 7.28
CA ILE C 208 26.35 21.34 8.11
C ILE C 208 25.21 20.67 7.36
N LYS C 209 24.73 21.27 6.27
CA LYS C 209 23.71 20.66 5.45
C LYS C 209 24.27 19.89 4.27
N ASP C 210 25.55 19.54 4.30
CA ASP C 210 26.15 18.61 3.35
C ASP C 210 26.11 17.23 3.98
N THR C 211 25.03 16.49 3.74
CA THR C 211 24.86 15.20 4.37
C THR C 211 24.54 14.10 3.37
N GLY C 212 25.08 14.18 2.17
CA GLY C 212 25.02 13.03 1.29
C GLY C 212 23.85 13.07 0.33
N ILE C 213 24.02 12.42 -0.81
CA ILE C 213 22.99 12.33 -1.82
C ILE C 213 22.77 10.87 -2.15
N GLY C 214 21.78 10.63 -3.00
CA GLY C 214 21.54 9.27 -3.45
C GLY C 214 21.18 8.37 -2.31
N THR C 215 21.86 7.21 -2.24
CA THR C 215 21.69 6.28 -1.15
C THR C 215 22.41 6.73 0.10
N GLY C 216 23.36 7.64 -0.03
CA GLY C 216 24.15 8.06 1.09
C GLY C 216 23.56 9.27 1.75
N LYS C 217 22.24 9.37 1.71
CA LYS C 217 21.53 10.43 2.38
C LYS C 217 21.50 10.15 3.87
N ASN C 218 22.04 11.08 4.66
CA ASN C 218 22.24 10.98 6.11
C ASN C 218 23.45 10.14 6.49
N TYR C 219 24.38 9.90 5.57
CA TYR C 219 25.56 9.09 5.87
C TYR C 219 26.83 9.90 5.74
N ALA C 220 26.76 11.19 5.94
CA ALA C 220 27.91 12.04 6.13
C ALA C 220 27.57 12.98 7.29
N VAL C 221 28.56 13.31 8.10
CA VAL C 221 28.35 14.15 9.26
C VAL C 221 29.41 15.21 9.30
N ASN C 222 29.01 16.46 9.42
CA ASN C 222 29.92 17.58 9.54
C ASN C 222 29.66 18.29 10.86
N VAL C 223 30.73 18.68 11.55
CA VAL C 223 30.55 19.47 12.77
C VAL C 223 31.38 20.74 12.64
N PRO C 224 30.77 21.82 12.23
CA PRO C 224 31.47 23.08 11.98
C PRO C 224 31.62 23.90 13.25
N LEU C 225 32.85 24.04 13.72
CA LEU C 225 33.13 24.77 14.94
C LEU C 225 33.79 26.11 14.61
N ARG C 226 34.16 26.84 15.64
CA ARG C 226 34.78 28.15 15.52
C ARG C 226 36.10 28.14 16.28
N ASP C 227 36.73 29.31 16.34
CA ASP C 227 38.10 29.38 16.81
C ASP C 227 38.25 28.90 18.24
N GLY C 228 39.49 28.77 18.66
CA GLY C 228 39.86 28.61 20.05
C GLY C 228 39.16 27.58 20.89
N ILE C 229 38.48 26.60 20.29
CA ILE C 229 37.74 25.65 21.10
C ILE C 229 38.69 24.93 22.04
N ASP C 230 38.23 24.66 23.26
CA ASP C 230 39.04 24.07 24.31
C ASP C 230 38.76 22.58 24.42
N ASP C 231 39.32 21.96 25.45
CA ASP C 231 39.19 20.52 25.59
C ASP C 231 37.82 20.10 26.08
N GLU C 232 37.21 20.88 26.96
CA GLU C 232 35.92 20.49 27.52
C GLU C 232 34.77 20.79 26.57
N SER C 233 34.84 21.91 25.86
CA SER C 233 33.87 22.18 24.81
C SER C 233 33.94 21.10 23.74
N TYR C 234 35.16 20.78 23.28
CA TYR C 234 35.34 19.72 22.30
C TYR C 234 34.79 18.40 22.81
N GLU C 235 35.04 18.07 24.07
CA GLU C 235 34.53 16.81 24.58
C GLU C 235 33.01 16.82 24.59
N SER C 236 32.41 17.96 24.95
CA SER C 236 30.97 18.07 25.01
C SER C 236 30.34 17.87 23.64
N VAL C 237 31.01 18.35 22.59
CA VAL C 237 30.44 18.18 21.25
C VAL C 237 30.86 16.87 20.59
N PHE C 238 31.92 16.22 21.05
CA PHE C 238 32.44 14.99 20.49
C PHE C 238 31.76 13.75 21.04
N LYS C 239 31.64 13.63 22.35
CA LYS C 239 31.15 12.38 22.89
C LYS C 239 29.70 12.05 22.54
N PRO C 240 28.78 13.01 22.53
CA PRO C 240 27.40 12.67 22.15
C PRO C 240 27.24 12.21 20.71
N VAL C 241 27.82 12.95 19.78
CA VAL C 241 27.75 12.61 18.37
C VAL C 241 28.24 11.18 18.15
N ILE C 242 29.42 10.86 18.66
CA ILE C 242 30.01 9.57 18.41
C ILE C 242 29.24 8.48 19.14
N SER C 243 28.71 8.77 20.33
CA SER C 243 27.93 7.77 21.03
C SER C 243 26.72 7.37 20.21
N HIS C 244 26.05 8.35 19.61
CA HIS C 244 24.86 8.01 18.84
C HIS C 244 25.19 7.40 17.49
N ILE C 245 26.33 7.77 16.89
CA ILE C 245 26.75 7.10 15.66
C ILE C 245 27.03 5.63 15.93
N MET C 246 27.72 5.34 17.03
CA MET C 246 27.97 3.95 17.36
C MET C 246 26.69 3.23 17.71
N GLN C 247 25.71 3.93 18.26
CA GLN C 247 24.47 3.27 18.62
C GLN C 247 23.63 2.95 17.40
N TRP C 248 23.47 3.93 16.50
CA TRP C 248 22.50 3.86 15.42
C TRP C 248 23.08 3.35 14.10
N PHE C 249 24.30 3.77 13.73
CA PHE C 249 24.94 3.26 12.52
C PHE C 249 25.49 1.86 12.72
N ARG C 250 26.09 1.59 13.87
CA ARG C 250 26.60 0.28 14.25
C ARG C 250 27.65 -0.22 13.28
N PRO C 251 28.85 0.36 13.28
CA PRO C 251 29.86 -0.07 12.32
C PRO C 251 30.51 -1.38 12.71
N GLU C 252 31.42 -1.88 11.87
CA GLU C 252 32.24 -3.02 12.20
C GLU C 252 33.73 -2.73 12.15
N ALA C 253 34.14 -1.58 11.64
CA ALA C 253 35.55 -1.24 11.57
C ALA C 253 35.68 0.27 11.48
N VAL C 254 36.65 0.81 12.20
CA VAL C 254 36.83 2.24 12.33
C VAL C 254 38.15 2.64 11.70
N ILE C 255 38.15 3.78 11.04
CA ILE C 255 39.37 4.43 10.57
C ILE C 255 39.41 5.80 11.23
N LEU C 256 40.41 6.00 12.06
CA LEU C 256 40.53 7.20 12.87
C LEU C 256 41.71 7.99 12.34
N GLN C 257 41.43 9.20 11.88
CA GLN C 257 42.48 10.07 11.43
C GLN C 257 42.86 10.97 12.59
N CYS C 258 44.15 11.04 12.90
CA CYS C 258 44.60 11.66 14.14
C CYS C 258 45.41 12.90 13.87
N GLY C 259 44.93 13.78 13.00
CA GLY C 259 45.67 15.00 12.71
C GLY C 259 45.94 15.81 13.95
N THR C 260 46.99 16.61 13.91
CA THR C 260 47.43 17.34 15.08
C THR C 260 47.82 18.76 14.73
N ASP C 261 47.12 19.37 13.78
CA ASP C 261 47.14 20.81 13.66
C ASP C 261 45.96 21.42 14.38
N SER C 262 45.14 20.59 15.00
CA SER C 262 44.12 21.03 15.91
C SER C 262 44.64 21.22 17.31
N LEU C 263 45.94 21.36 17.49
CA LEU C 263 46.53 21.55 18.80
C LEU C 263 46.89 23.02 19.01
N ALA C 264 47.09 23.38 20.27
CA ALA C 264 47.38 24.74 20.63
C ALA C 264 48.78 25.10 20.14
N GLY C 265 48.88 26.14 19.35
CA GLY C 265 50.17 26.65 18.92
C GLY C 265 50.63 26.17 17.58
N ASP C 266 49.73 25.64 16.75
CA ASP C 266 50.13 25.08 15.49
C ASP C 266 50.43 26.16 14.47
N ARG C 267 51.08 25.76 13.39
CA ARG C 267 51.49 26.75 12.40
C ARG C 267 50.31 27.23 11.58
N LEU C 268 49.34 26.37 11.34
CA LEU C 268 48.20 26.69 10.47
C LEU C 268 46.87 26.63 11.20
N GLY C 269 46.62 25.59 11.97
CA GLY C 269 45.35 25.45 12.66
C GLY C 269 45.09 26.57 13.64
N CYS C 270 43.85 26.61 14.12
CA CYS C 270 43.41 27.66 15.03
C CYS C 270 42.50 27.11 16.12
N PHE C 271 42.86 25.98 16.71
CA PHE C 271 42.13 25.48 17.85
C PHE C 271 42.97 25.61 19.10
N ASN C 272 42.50 25.08 20.20
CA ASN C 272 43.15 25.27 21.49
C ASN C 272 43.12 24.00 22.30
N LEU C 273 43.40 22.87 21.69
CA LEU C 273 43.46 21.66 22.48
C LEU C 273 44.86 21.46 23.05
N SER C 274 44.98 20.50 23.94
CA SER C 274 46.24 20.11 24.54
C SER C 274 46.49 18.64 24.25
N MET C 275 47.53 18.09 24.85
CA MET C 275 47.82 16.68 24.63
C MET C 275 46.72 15.81 25.21
N LYS C 276 46.24 16.13 26.41
CA LYS C 276 45.19 15.32 27.00
C LYS C 276 43.86 15.54 26.32
N GLY C 277 43.57 16.77 25.91
CA GLY C 277 42.34 17.00 25.18
C GLY C 277 42.30 16.27 23.87
N HIS C 278 43.43 16.24 23.16
CA HIS C 278 43.51 15.54 21.89
C HIS C 278 43.45 14.03 22.09
N SER C 279 44.15 13.52 23.09
CA SER C 279 44.13 12.09 23.36
C SER C 279 42.79 11.60 23.87
N MET C 280 41.96 12.48 24.41
CA MET C 280 40.65 12.05 24.88
C MET C 280 39.86 11.38 23.77
N CYS C 281 39.93 11.94 22.56
CA CYS C 281 39.21 11.39 21.43
C CYS C 281 39.68 9.98 21.14
N VAL C 282 41.00 9.78 21.08
CA VAL C 282 41.54 8.49 20.74
C VAL C 282 41.15 7.45 21.77
N ASP C 283 41.23 7.81 23.04
CA ASP C 283 40.87 6.84 24.07
C ASP C 283 39.38 6.52 24.04
N PHE C 284 38.54 7.52 23.78
CA PHE C 284 37.11 7.28 23.72
C PHE C 284 36.76 6.35 22.56
N VAL C 285 37.33 6.61 21.39
CA VAL C 285 37.09 5.76 20.24
C VAL C 285 37.57 4.35 20.49
N LYS C 286 38.74 4.21 21.10
CA LYS C 286 39.27 2.89 21.38
C LYS C 286 38.39 2.12 22.38
N SER C 287 37.70 2.83 23.26
CA SER C 287 36.93 2.14 24.28
C SER C 287 35.77 1.32 23.75
N PHE C 288 35.51 1.29 22.44
CA PHE C 288 34.34 0.59 21.93
C PHE C 288 34.62 -0.83 21.47
N ASN C 289 35.89 -1.21 21.38
CA ASN C 289 36.30 -2.58 21.02
C ASN C 289 35.92 -2.97 19.60
N LEU C 290 36.38 -2.19 18.64
CA LEU C 290 36.21 -2.49 17.23
C LEU C 290 37.57 -2.55 16.56
N PRO C 291 37.70 -3.30 15.46
CA PRO C 291 38.90 -3.19 14.65
C PRO C 291 39.12 -1.74 14.25
N MET C 292 40.36 -1.29 14.39
CA MET C 292 40.65 0.12 14.28
C MET C 292 41.93 0.34 13.51
N ILE C 293 41.95 1.37 12.69
CA ILE C 293 43.18 1.86 12.08
C ILE C 293 43.35 3.29 12.53
N CYS C 294 44.58 3.69 12.82
CA CYS C 294 44.87 5.04 13.27
C CYS C 294 45.95 5.62 12.38
N VAL C 295 45.60 6.63 11.60
CA VAL C 295 46.59 7.15 10.66
C VAL C 295 47.00 8.55 11.05
N GLY C 296 47.94 9.10 10.32
CA GLY C 296 48.52 10.37 10.66
C GLY C 296 47.60 11.46 10.18
N GLY C 297 48.12 12.43 9.45
CA GLY C 297 47.25 13.52 9.05
C GLY C 297 48.01 14.81 8.89
N GLY C 298 47.56 15.85 9.58
CA GLY C 298 48.24 17.13 9.55
C GLY C 298 49.25 17.23 10.66
N GLY C 299 49.65 18.46 10.94
CA GLY C 299 50.62 18.68 11.98
C GLY C 299 51.86 19.37 11.46
N TYR C 300 52.01 20.64 11.79
CA TYR C 300 53.04 21.47 11.17
C TYR C 300 53.94 22.16 12.17
N THR C 301 53.81 21.85 13.45
CA THR C 301 54.84 22.16 14.44
C THR C 301 55.38 20.80 14.91
N VAL C 302 56.60 20.48 14.49
CA VAL C 302 57.01 19.08 14.53
C VAL C 302 57.29 18.60 15.95
N ARG C 303 57.72 19.47 16.85
CA ARG C 303 57.91 19.07 18.23
C ARG C 303 56.60 18.61 18.87
N ASN C 304 55.56 19.43 18.76
CA ASN C 304 54.26 19.06 19.28
C ASN C 304 53.77 17.77 18.67
N VAL C 305 53.89 17.64 17.35
CA VAL C 305 53.38 16.47 16.66
C VAL C 305 54.09 15.21 17.13
N ALA C 306 55.42 15.26 17.21
CA ALA C 306 56.19 14.12 17.67
C ALA C 306 55.75 13.68 19.05
N ARG C 307 55.64 14.63 20.00
CA ARG C 307 55.25 14.26 21.34
C ARG C 307 53.85 13.69 21.40
N VAL C 308 52.91 14.26 20.66
CA VAL C 308 51.53 13.80 20.75
C VAL C 308 51.37 12.42 20.13
N TRP C 309 51.96 12.20 18.97
CA TRP C 309 51.83 10.90 18.34
C TRP C 309 52.54 9.82 19.14
N THR C 310 53.67 10.15 19.78
CA THR C 310 54.30 9.21 20.70
C THR C 310 53.36 8.85 21.84
N TYR C 311 52.75 9.87 22.46
CA TYR C 311 51.87 9.61 23.58
C TYR C 311 50.71 8.71 23.15
N GLU C 312 50.12 9.01 22.00
CA GLU C 312 48.97 8.23 21.54
C GLU C 312 49.36 6.82 21.15
N THR C 313 50.58 6.63 20.63
CA THR C 313 51.05 5.28 20.36
C THR C 313 51.19 4.49 21.65
N GLY C 314 51.83 5.08 22.65
CA GLY C 314 51.94 4.38 23.92
C GLY C 314 50.61 4.14 24.58
N LEU C 315 49.62 4.94 24.24
CA LEU C 315 48.29 4.81 24.81
C LEU C 315 47.44 3.78 24.11
N LEU C 316 47.65 3.58 22.80
CA LEU C 316 46.98 2.49 22.11
C LEU C 316 47.57 1.15 22.50
N ALA C 317 48.89 1.11 22.72
CA ALA C 317 49.54 -0.14 23.08
C ALA C 317 49.14 -0.64 24.44
N GLY C 318 48.48 0.18 25.24
CA GLY C 318 48.09 -0.20 26.56
C GLY C 318 49.10 0.12 27.63
N GLU C 319 50.04 1.00 27.37
CA GLU C 319 51.12 1.31 28.30
C GLU C 319 50.81 2.60 29.04
N GLU C 320 51.79 3.10 29.77
CA GLU C 320 51.70 4.39 30.44
C GLU C 320 53.10 4.98 30.50
N LEU C 321 53.36 6.00 29.70
CA LEU C 321 54.71 6.51 29.52
C LEU C 321 55.07 7.51 30.60
N ASP C 322 56.34 7.51 30.99
CA ASP C 322 56.83 8.51 31.91
C ASP C 322 56.91 9.85 31.22
N GLU C 323 56.70 10.93 31.98
CA GLU C 323 56.57 12.24 31.39
C GLU C 323 57.90 12.94 31.14
N ASN C 324 59.01 12.33 31.48
CA ASN C 324 60.33 12.86 31.15
C ASN C 324 60.82 12.23 29.86
N LEU C 325 61.33 13.04 28.96
CA LEU C 325 61.79 12.53 27.68
C LEU C 325 63.14 11.86 27.85
N PRO C 326 63.30 10.62 27.43
CA PRO C 326 64.62 9.99 27.49
C PRO C 326 65.49 10.54 26.39
N TYR C 327 66.80 10.40 26.56
CA TYR C 327 67.70 10.98 25.58
C TYR C 327 67.47 10.37 24.22
N ASN C 328 67.20 11.22 23.23
CA ASN C 328 67.06 10.76 21.86
C ASN C 328 67.77 11.75 20.95
N ASP C 329 67.82 11.40 19.68
CA ASP C 329 68.63 12.14 18.72
C ASP C 329 68.11 13.54 18.48
N TYR C 330 66.88 13.84 18.87
CA TYR C 330 66.31 15.16 18.65
C TYR C 330 65.86 15.76 19.97
N LEU C 331 66.70 15.67 20.99
CA LEU C 331 66.31 16.19 22.30
C LEU C 331 66.19 17.69 22.30
N GLN C 332 66.95 18.37 21.47
CA GLN C 332 66.95 19.82 21.53
C GLN C 332 65.78 20.43 20.81
N TYR C 333 64.88 19.63 20.25
CA TYR C 333 63.64 20.18 19.74
C TYR C 333 62.62 20.41 20.84
N TYR C 334 62.82 19.81 22.00
CA TYR C 334 61.78 19.67 23.01
C TYR C 334 62.02 20.57 24.21
N GLY C 335 62.63 21.71 24.02
CA GLY C 335 62.88 22.62 25.11
C GLY C 335 61.64 23.39 25.48
N PRO C 336 61.68 24.03 26.65
CA PRO C 336 62.71 23.96 27.67
C PRO C 336 62.29 23.10 28.85
N ASP C 337 61.07 22.59 28.80
CA ASP C 337 60.63 21.69 29.86
C ASP C 337 61.19 20.28 29.70
N TYR C 338 61.36 19.83 28.46
CA TYR C 338 61.80 18.46 28.14
C TYR C 338 60.86 17.43 28.74
N LYS C 339 59.57 17.64 28.52
CA LYS C 339 58.53 16.78 29.07
C LYS C 339 57.61 16.29 27.97
N LEU C 340 56.94 15.17 28.23
CA LEU C 340 55.98 14.61 27.27
C LEU C 340 54.61 15.26 27.49
N ASN C 341 54.49 16.49 27.00
CA ASN C 341 53.27 17.24 27.24
C ASN C 341 53.24 18.46 26.33
N VAL C 342 52.04 18.73 25.81
CA VAL C 342 51.78 19.93 25.01
C VAL C 342 50.68 20.70 25.72
N LEU C 343 50.86 22.00 25.85
CA LEU C 343 50.04 22.84 26.72
C LEU C 343 49.18 23.80 25.92
N SER C 344 47.99 24.08 26.43
CA SER C 344 47.10 25.03 25.80
C SER C 344 47.50 26.46 26.17
N ASN C 345 46.77 27.42 25.63
CA ASN C 345 47.12 28.82 25.80
C ASN C 345 45.94 29.64 26.26
N ASN C 346 46.06 30.97 26.24
CA ASN C 346 45.00 31.84 26.71
C ASN C 346 44.31 32.58 25.58
N MET C 347 44.34 32.04 24.37
CA MET C 347 43.52 32.56 23.29
C MET C 347 42.04 32.39 23.67
N GLU C 348 41.19 33.20 23.04
CA GLU C 348 39.79 33.29 23.42
C GLU C 348 38.91 32.35 22.62
N ASN C 349 38.06 31.62 23.33
CA ASN C 349 37.10 30.71 22.72
C ASN C 349 35.95 31.49 22.09
N HIS C 350 35.43 30.97 20.98
CA HIS C 350 34.32 31.61 20.28
C HIS C 350 33.10 30.73 20.17
N ASN C 351 33.13 29.54 20.74
CA ASN C 351 32.03 28.61 20.61
C ASN C 351 31.18 28.70 21.88
N THR C 352 30.15 29.54 21.82
CA THR C 352 29.27 29.70 22.96
C THR C 352 28.44 28.45 23.16
N ARG C 353 28.00 28.26 24.39
CA ARG C 353 27.32 27.02 24.74
C ARG C 353 26.08 26.79 23.88
N GLN C 354 25.32 27.84 23.58
CA GLN C 354 24.10 27.67 22.82
C GLN C 354 24.38 27.18 21.40
N TYR C 355 25.45 27.70 20.78
CA TYR C 355 25.85 27.25 19.45
C TYR C 355 26.07 25.74 19.44
N LEU C 356 26.86 25.26 20.38
CA LEU C 356 27.17 23.83 20.42
C LEU C 356 25.92 23.01 20.68
N ASP C 357 25.05 23.48 21.57
CA ASP C 357 23.81 22.76 21.80
C ASP C 357 22.97 22.68 20.54
N SER C 358 22.92 23.78 19.79
CA SER C 358 22.12 23.81 18.58
C SER C 358 22.60 22.76 17.58
N ILE C 359 23.90 22.77 17.28
CA ILE C 359 24.38 21.87 16.24
C ILE C 359 24.31 20.43 16.72
N THR C 360 24.54 20.18 18.00
CA THR C 360 24.41 18.81 18.49
C THR C 360 23.00 18.30 18.30
N SER C 361 22.00 19.12 18.60
CA SER C 361 20.61 18.71 18.43
C SER C 361 20.30 18.42 16.97
N GLU C 362 20.70 19.34 16.08
CA GLU C 362 20.45 19.14 14.66
C GLU C 362 21.02 17.81 14.18
N ILE C 363 22.30 17.59 14.46
CA ILE C 363 22.96 16.39 13.99
C ILE C 363 22.31 15.15 14.56
N ILE C 364 21.84 15.21 15.81
CA ILE C 364 21.27 13.99 16.38
C ILE C 364 19.94 13.68 15.74
N GLU C 365 19.19 14.69 15.32
CA GLU C 365 17.98 14.42 14.55
C GLU C 365 18.32 13.72 13.23
N ASN C 366 19.25 14.32 12.49
CA ASN C 366 19.72 13.70 11.25
C ASN C 366 20.07 12.24 11.46
N LEU C 367 20.86 11.95 12.48
CA LEU C 367 21.25 10.56 12.73
C LEU C 367 20.09 9.73 13.19
N ARG C 368 19.05 10.33 13.77
CA ARG C 368 17.88 9.54 14.10
C ARG C 368 17.18 9.06 12.85
N ASN C 369 17.34 9.77 11.74
CA ASN C 369 16.79 9.23 10.49
C ASN C 369 17.29 7.84 10.15
N LEU C 370 18.36 7.36 10.79
CA LEU C 370 19.03 6.14 10.36
C LEU C 370 18.24 4.91 10.80
N SER C 371 18.85 3.75 10.68
CA SER C 371 18.22 2.49 11.01
C SER C 371 18.46 2.08 12.46
N LYS D 7 10.02 -19.65 22.30
CA LYS D 7 9.97 -21.06 22.64
C LYS D 7 8.67 -21.70 22.14
N VAL D 8 8.36 -21.47 20.86
CA VAL D 8 7.18 -22.02 20.23
C VAL D 8 7.63 -23.14 19.31
N SER D 9 7.15 -24.35 19.53
CA SER D 9 7.47 -25.43 18.62
C SER D 9 6.79 -25.18 17.29
N TYR D 10 7.54 -25.30 16.21
CA TYR D 10 7.03 -25.01 14.88
C TYR D 10 7.40 -26.18 13.98
N PHE D 11 6.43 -27.01 13.64
CA PHE D 11 6.70 -28.20 12.85
C PHE D 11 6.62 -27.87 11.37
N TYR D 12 7.54 -28.44 10.60
CA TYR D 12 7.56 -28.19 9.17
C TYR D 12 8.40 -29.26 8.50
N ASP D 13 7.81 -30.02 7.60
CA ASP D 13 8.53 -30.98 6.78
C ASP D 13 8.67 -30.41 5.37
N GLU D 14 9.86 -30.53 4.81
CA GLU D 14 10.15 -29.85 3.55
C GLU D 14 9.43 -30.46 2.36
N ASP D 15 9.02 -31.72 2.48
CA ASP D 15 8.43 -32.43 1.35
C ASP D 15 6.99 -32.05 1.09
N VAL D 16 6.27 -31.61 2.13
CA VAL D 16 4.83 -31.43 2.02
C VAL D 16 4.45 -30.41 0.96
N GLY D 17 5.37 -29.55 0.57
CA GLY D 17 5.04 -28.57 -0.45
C GLY D 17 5.22 -29.06 -1.87
N ASN D 18 5.51 -30.34 -2.06
CA ASN D 18 5.78 -30.89 -3.38
C ASN D 18 4.65 -31.80 -3.86
N TYR D 19 3.58 -31.90 -3.10
CA TYR D 19 2.46 -32.73 -3.46
C TYR D 19 1.45 -31.93 -4.27
N HIS D 20 0.50 -32.63 -4.86
CA HIS D 20 -0.33 -32.03 -5.88
C HIS D 20 -1.62 -32.82 -5.96
N TYR D 21 -2.74 -32.17 -5.66
CA TYR D 21 -4.00 -32.88 -5.56
C TYR D 21 -4.49 -33.33 -6.92
N GLY D 22 -4.45 -32.44 -7.90
CA GLY D 22 -4.97 -32.73 -9.21
C GLY D 22 -4.84 -31.54 -10.11
N PRO D 23 -5.35 -31.67 -11.33
CA PRO D 23 -5.13 -30.63 -12.34
C PRO D 23 -5.60 -29.24 -11.96
N GLN D 24 -6.86 -29.07 -11.60
CA GLN D 24 -7.36 -27.74 -11.25
C GLN D 24 -8.00 -27.70 -9.87
N HIS D 25 -7.73 -28.69 -9.04
CA HIS D 25 -8.24 -28.78 -7.68
C HIS D 25 -8.05 -27.47 -6.94
N PRO D 26 -8.92 -27.13 -5.99
CA PRO D 26 -8.72 -25.89 -5.24
C PRO D 26 -7.74 -26.00 -4.09
N MET D 27 -7.42 -27.21 -3.63
CA MET D 27 -6.60 -27.41 -2.45
C MET D 27 -5.15 -27.61 -2.87
N LYS D 28 -4.28 -26.68 -2.48
CA LYS D 28 -2.88 -26.78 -2.81
C LYS D 28 -2.03 -26.85 -1.55
N PRO D 29 -1.39 -27.98 -1.24
CA PRO D 29 -0.48 -27.98 -0.10
C PRO D 29 0.70 -27.06 -0.27
N HIS D 30 1.01 -26.70 -1.50
CA HIS D 30 2.08 -25.75 -1.79
C HIS D 30 1.98 -24.50 -0.95
N ARG D 31 0.76 -24.12 -0.57
CA ARG D 31 0.56 -22.90 0.21
C ARG D 31 1.41 -22.92 1.46
N VAL D 32 1.48 -24.07 2.13
CA VAL D 32 2.27 -24.18 3.35
C VAL D 32 3.70 -23.76 3.09
N ARG D 33 4.27 -24.22 1.97
CA ARG D 33 5.63 -23.83 1.66
C ARG D 33 5.75 -22.33 1.55
N MET D 34 4.80 -21.67 0.89
CA MET D 34 4.85 -20.22 0.80
C MET D 34 4.95 -19.58 2.17
N VAL D 35 4.18 -20.10 3.14
CA VAL D 35 4.24 -19.57 4.49
C VAL D 35 5.66 -19.62 5.00
N HIS D 36 6.28 -20.79 4.94
CA HIS D 36 7.65 -20.92 5.42
C HIS D 36 8.58 -19.96 4.70
N ASN D 37 8.34 -19.73 3.42
CA ASN D 37 9.24 -18.88 2.68
C ASN D 37 9.17 -17.44 3.13
N LEU D 38 8.13 -17.06 3.87
CA LEU D 38 8.06 -15.74 4.47
C LEU D 38 8.51 -15.77 5.91
N VAL D 39 8.43 -16.93 6.57
CA VAL D 39 8.94 -17.04 7.93
C VAL D 39 10.44 -16.92 7.93
N VAL D 40 11.11 -17.58 6.99
CA VAL D 40 12.56 -17.49 6.90
C VAL D 40 12.98 -16.06 6.61
N ASN D 41 12.40 -15.44 5.59
CA ASN D 41 12.83 -14.10 5.22
C ASN D 41 12.35 -13.03 6.19
N TYR D 42 11.48 -13.37 7.13
CA TYR D 42 11.13 -12.47 8.22
C TYR D 42 11.96 -12.72 9.45
N ASN D 43 12.99 -13.57 9.34
CA ASN D 43 13.90 -13.86 10.45
C ASN D 43 13.15 -14.32 11.68
N LEU D 44 12.02 -14.96 11.49
CA LEU D 44 11.38 -15.66 12.58
C LEU D 44 11.92 -17.05 12.77
N TYR D 45 12.86 -17.48 11.93
CA TYR D 45 13.38 -18.82 12.08
C TYR D 45 14.11 -19.00 13.40
N GLU D 46 14.64 -17.92 13.95
CA GLU D 46 15.47 -17.98 15.13
C GLU D 46 14.69 -17.86 16.43
N LYS D 47 13.49 -17.32 16.39
CA LYS D 47 12.66 -17.19 17.57
C LYS D 47 11.78 -18.39 17.78
N LEU D 48 11.83 -19.38 16.89
CA LEU D 48 10.95 -20.53 16.95
C LEU D 48 11.78 -21.79 17.06
N ASN D 49 11.28 -22.76 17.80
CA ASN D 49 11.93 -24.05 17.94
C ASN D 49 11.44 -24.92 16.79
N VAL D 50 12.15 -24.89 15.66
CA VAL D 50 11.67 -25.53 14.44
C VAL D 50 11.99 -27.01 14.47
N ILE D 51 10.99 -27.83 14.22
CA ILE D 51 11.13 -29.28 14.31
C ILE D 51 10.74 -29.88 12.98
N THR D 52 11.13 -31.12 12.76
CA THR D 52 10.74 -31.85 11.58
C THR D 52 9.92 -33.05 12.00
N PRO D 53 8.67 -33.16 11.59
CA PRO D 53 7.79 -34.17 12.17
C PRO D 53 8.25 -35.57 11.83
N VAL D 54 8.08 -36.46 12.80
CA VAL D 54 8.29 -37.88 12.56
C VAL D 54 7.05 -38.42 11.88
N ARG D 55 7.19 -38.86 10.63
CA ARG D 55 6.06 -39.41 9.89
C ARG D 55 5.30 -40.41 10.74
N ALA D 56 3.98 -40.32 10.71
CA ALA D 56 3.16 -41.24 11.49
C ALA D 56 3.13 -42.61 10.84
N THR D 57 3.21 -43.64 11.65
CA THR D 57 3.19 -45.01 11.15
C THR D 57 1.76 -45.36 10.77
N ARG D 58 1.52 -46.62 10.48
CA ARG D 58 0.17 -47.07 10.22
C ARG D 58 -0.54 -47.47 11.49
N ASN D 59 0.20 -47.84 12.52
CA ASN D 59 -0.42 -48.13 13.80
C ASN D 59 -0.84 -46.85 14.51
N ASP D 60 -0.24 -45.72 14.15
CA ASP D 60 -0.64 -44.45 14.76
C ASP D 60 -1.93 -43.94 14.17
N MET D 61 -2.20 -44.22 12.91
CA MET D 61 -3.34 -43.64 12.22
C MET D 61 -4.62 -44.40 12.39
N THR D 62 -4.58 -45.64 12.86
CA THR D 62 -5.80 -46.43 13.03
C THR D 62 -6.22 -46.53 14.47
N ARG D 63 -6.10 -45.45 15.24
CA ARG D 63 -6.82 -45.35 16.50
C ARG D 63 -8.16 -44.66 16.31
N CYS D 64 -8.21 -43.66 15.44
CA CYS D 64 -9.49 -43.14 14.98
C CYS D 64 -10.05 -43.99 13.85
N HIS D 65 -9.36 -44.02 12.71
CA HIS D 65 -9.90 -44.61 11.51
C HIS D 65 -9.88 -46.13 11.60
N THR D 66 -10.46 -46.77 10.60
CA THR D 66 -10.48 -48.22 10.54
C THR D 66 -9.24 -48.72 9.80
N ASP D 67 -8.88 -49.96 10.05
CA ASP D 67 -7.70 -50.50 9.40
C ASP D 67 -7.96 -50.76 7.93
N GLU D 68 -9.19 -51.08 7.57
CA GLU D 68 -9.52 -51.31 6.17
C GLU D 68 -9.36 -50.05 5.34
N TYR D 69 -9.85 -48.93 5.84
CA TYR D 69 -9.72 -47.68 5.11
C TYR D 69 -8.27 -47.24 5.02
N ILE D 70 -7.52 -47.41 6.10
CA ILE D 70 -6.13 -46.96 6.10
C ILE D 70 -5.29 -47.85 5.21
N GLU D 71 -5.56 -49.15 5.19
CA GLU D 71 -4.85 -50.03 4.29
C GLU D 71 -5.19 -49.74 2.83
N PHE D 72 -6.45 -49.43 2.55
CA PHE D 72 -6.79 -48.98 1.20
C PHE D 72 -5.98 -47.75 0.81
N LEU D 73 -5.89 -46.78 1.71
CA LEU D 73 -5.06 -45.61 1.45
C LEU D 73 -3.63 -46.01 1.19
N TRP D 74 -3.15 -47.04 1.88
CA TRP D 74 -1.76 -47.47 1.73
C TRP D 74 -1.53 -48.06 0.35
N ARG D 75 -2.37 -49.00 -0.08
CA ARG D 75 -2.12 -49.78 -1.28
C ARG D 75 -2.44 -49.03 -2.56
N VAL D 76 -3.35 -48.07 -2.53
CA VAL D 76 -3.83 -47.44 -3.75
C VAL D 76 -2.70 -46.69 -4.41
N THR D 77 -2.87 -46.32 -5.67
CA THR D 77 -1.83 -45.71 -6.48
C THR D 77 -2.49 -45.19 -7.75
N PRO D 78 -2.13 -44.01 -8.24
CA PRO D 78 -2.88 -43.42 -9.36
C PRO D 78 -2.73 -44.17 -10.67
N ASP D 79 -1.75 -45.04 -10.81
CA ASP D 79 -1.56 -45.76 -12.06
C ASP D 79 -1.86 -47.24 -11.96
N THR D 80 -2.15 -47.74 -10.76
CA THR D 80 -2.58 -49.11 -10.57
C THR D 80 -3.92 -49.16 -9.87
N MET D 81 -4.81 -48.23 -10.21
CA MET D 81 -6.16 -48.22 -9.64
C MET D 81 -7.16 -48.73 -10.65
N GLU D 82 -6.73 -49.64 -11.51
CA GLU D 82 -7.67 -50.40 -12.31
C GLU D 82 -8.18 -51.63 -11.57
N LYS D 83 -7.52 -52.02 -10.49
CA LYS D 83 -8.07 -53.05 -9.61
C LYS D 83 -8.77 -52.47 -8.40
N PHE D 84 -8.55 -51.20 -8.09
CA PHE D 84 -9.23 -50.57 -6.98
C PHE D 84 -10.47 -49.80 -7.42
N GLN D 85 -10.54 -49.43 -8.69
CA GLN D 85 -11.66 -48.64 -9.20
C GLN D 85 -13.03 -49.08 -8.72
N PRO D 86 -13.34 -50.37 -8.58
CA PRO D 86 -14.59 -50.72 -7.90
C PRO D 86 -14.66 -50.22 -6.47
N HIS D 87 -13.60 -50.43 -5.70
CA HIS D 87 -13.66 -50.12 -4.28
C HIS D 87 -13.49 -48.64 -4.00
N GLN D 88 -13.21 -47.84 -5.03
CA GLN D 88 -12.93 -46.43 -4.84
C GLN D 88 -14.01 -45.75 -4.02
N LEU D 89 -15.22 -45.68 -4.56
CA LEU D 89 -16.24 -44.83 -3.96
C LEU D 89 -16.90 -45.46 -2.74
N LYS D 90 -16.58 -46.71 -2.43
CA LYS D 90 -16.95 -47.24 -1.12
C LYS D 90 -16.33 -46.43 -0.01
N PHE D 91 -15.19 -45.80 -0.27
CA PHE D 91 -14.47 -44.97 0.68
C PHE D 91 -14.49 -43.50 0.26
N ASN D 92 -15.47 -43.09 -0.51
CA ASN D 92 -15.68 -41.70 -0.89
C ASN D 92 -14.50 -41.10 -1.63
N VAL D 93 -13.52 -41.90 -1.99
CA VAL D 93 -12.38 -41.37 -2.72
C VAL D 93 -12.73 -41.26 -4.20
N GLY D 94 -12.28 -40.19 -4.84
CA GLY D 94 -12.35 -40.20 -6.28
C GLY D 94 -12.74 -38.92 -7.00
N ASP D 95 -13.62 -38.10 -6.45
CA ASP D 95 -14.09 -36.94 -7.19
C ASP D 95 -13.53 -35.63 -6.67
N ASP D 96 -13.77 -35.29 -5.42
CA ASP D 96 -13.14 -34.12 -4.82
C ASP D 96 -12.12 -34.49 -3.77
N CYS D 97 -12.04 -35.77 -3.39
CA CYS D 97 -10.90 -36.33 -2.73
C CYS D 97 -10.23 -37.29 -3.71
N PRO D 98 -9.48 -36.80 -4.67
CA PRO D 98 -8.94 -37.69 -5.69
C PRO D 98 -7.90 -38.63 -5.14
N VAL D 99 -7.33 -39.48 -6.00
CA VAL D 99 -6.13 -40.23 -5.68
C VAL D 99 -4.98 -39.63 -6.46
N PHE D 100 -3.89 -39.32 -5.79
CA PHE D 100 -2.76 -38.72 -6.46
C PHE D 100 -1.49 -39.43 -6.04
N ASP D 101 -0.39 -39.04 -6.68
CA ASP D 101 0.88 -39.69 -6.46
C ASP D 101 1.45 -39.30 -5.11
N GLY D 102 1.58 -40.26 -4.21
CA GLY D 102 2.19 -39.99 -2.93
C GLY D 102 1.20 -39.56 -1.88
N LEU D 103 0.00 -40.13 -1.92
CA LEU D 103 -1.05 -39.69 -1.02
C LEU D 103 -0.74 -40.08 0.43
N TYR D 104 -0.39 -41.34 0.65
CA TYR D 104 -0.13 -41.80 2.01
C TYR D 104 1.01 -41.05 2.66
N GLU D 105 2.00 -40.63 1.87
CA GLU D 105 3.09 -39.84 2.45
C GLU D 105 2.56 -38.53 3.00
N PHE D 106 1.71 -37.85 2.24
CA PHE D 106 1.17 -36.58 2.68
C PHE D 106 0.32 -36.75 3.93
N CYS D 107 -0.50 -37.79 3.97
CA CYS D 107 -1.31 -38.03 5.16
C CYS D 107 -0.42 -38.30 6.36
N SER D 108 0.64 -39.08 6.19
CA SER D 108 1.54 -39.35 7.30
C SER D 108 2.25 -38.11 7.77
N ILE D 109 2.65 -37.23 6.84
CA ILE D 109 3.31 -35.98 7.21
C ILE D 109 2.40 -35.14 8.09
N SER D 110 1.17 -34.91 7.66
CA SER D 110 0.29 -34.04 8.43
C SER D 110 -0.09 -34.65 9.77
N ALA D 111 -0.51 -35.91 9.78
CA ALA D 111 -0.85 -36.52 11.05
C ALA D 111 0.34 -36.59 11.98
N GLY D 112 1.55 -36.76 11.44
CA GLY D 112 2.72 -36.83 12.28
C GLY D 112 3.06 -35.47 12.88
N GLY D 113 2.90 -34.41 12.11
CA GLY D 113 3.04 -33.09 12.69
C GLY D 113 2.10 -32.86 13.85
N SER D 114 0.84 -33.25 13.71
CA SER D 114 -0.11 -33.01 14.79
C SER D 114 0.22 -33.84 16.02
N ILE D 115 0.48 -35.13 15.85
CA ILE D 115 0.82 -35.93 17.02
C ILE D 115 2.11 -35.44 17.66
N GLY D 116 3.04 -34.94 16.87
CA GLY D 116 4.27 -34.41 17.46
C GLY D 116 4.02 -33.17 18.28
N ALA D 117 3.13 -32.29 17.82
CA ALA D 117 2.81 -31.11 18.61
C ALA D 117 2.17 -31.51 19.92
N ALA D 118 1.27 -32.46 19.89
CA ALA D 118 0.65 -32.91 21.13
C ALA D 118 1.69 -33.48 22.09
N GLN D 119 2.67 -34.19 21.56
CA GLN D 119 3.71 -34.76 22.41
C GLN D 119 4.65 -33.69 22.95
N GLU D 120 4.87 -32.61 22.22
CA GLU D 120 5.61 -31.48 22.76
C GLU D 120 4.89 -30.87 23.94
N LEU D 121 3.60 -30.63 23.80
CA LEU D 121 2.86 -30.03 24.90
C LEU D 121 2.75 -30.95 26.10
N ASN D 122 2.64 -32.26 25.88
CA ASN D 122 2.51 -33.17 27.02
C ASN D 122 3.71 -33.05 27.95
N SER D 123 4.91 -32.98 27.38
CA SER D 123 6.16 -33.03 28.13
C SER D 123 6.73 -31.65 28.40
N GLY D 124 5.89 -30.65 28.60
CA GLY D 124 6.35 -29.36 29.07
C GLY D 124 7.37 -28.65 28.21
N ASN D 125 7.77 -29.24 27.08
CA ASN D 125 8.80 -28.61 26.27
C ASN D 125 8.33 -27.30 25.64
N ALA D 126 7.05 -26.98 25.70
CA ALA D 126 6.56 -25.70 25.23
C ALA D 126 5.13 -25.52 25.73
N GLU D 127 4.58 -24.36 25.44
CA GLU D 127 3.16 -24.09 25.68
C GLU D 127 2.36 -23.98 24.40
N ILE D 128 2.97 -23.45 23.35
CA ILE D 128 2.31 -23.23 22.07
C ILE D 128 3.00 -24.05 21.01
N ALA D 129 2.23 -24.78 20.22
CA ALA D 129 2.77 -25.55 19.10
C ALA D 129 2.03 -25.15 17.84
N ILE D 130 2.68 -25.31 16.70
CA ILE D 130 2.14 -24.87 15.41
C ILE D 130 2.35 -25.95 14.37
N ASN D 131 1.30 -26.36 13.69
CA ASN D 131 1.41 -27.33 12.60
C ASN D 131 0.55 -26.84 11.44
N TRP D 132 1.09 -25.94 10.62
CA TRP D 132 0.23 -25.30 9.65
C TRP D 132 -0.26 -26.22 8.55
N ALA D 133 0.29 -27.43 8.45
CA ALA D 133 -0.06 -28.32 7.36
C ALA D 133 -0.88 -29.50 7.85
N GLY D 134 -1.54 -29.36 8.97
CA GLY D 134 -2.47 -30.34 9.46
C GLY D 134 -3.84 -29.72 9.62
N GLY D 135 -4.61 -30.24 10.56
CA GLY D 135 -5.90 -29.66 10.84
C GLY D 135 -6.86 -29.84 9.69
N LEU D 136 -7.15 -31.09 9.36
CA LEU D 136 -8.11 -31.47 8.33
C LEU D 136 -9.29 -32.08 9.07
N HIS D 137 -10.35 -31.31 9.23
CA HIS D 137 -11.41 -31.64 10.17
C HIS D 137 -12.59 -32.37 9.54
N HIS D 138 -12.57 -32.58 8.23
CA HIS D 138 -13.73 -33.17 7.57
C HIS D 138 -13.65 -34.67 7.44
N ALA D 139 -12.46 -35.26 7.45
CA ALA D 139 -12.34 -36.68 7.16
C ALA D 139 -12.98 -37.51 8.25
N LYS D 140 -13.79 -38.47 7.86
CA LYS D 140 -14.55 -39.24 8.82
C LYS D 140 -13.80 -40.51 9.18
N LYS D 141 -14.44 -41.37 9.97
CA LYS D 141 -13.76 -42.55 10.47
C LYS D 141 -13.60 -43.61 9.41
N ARG D 142 -14.45 -43.62 8.39
CA ARG D 142 -14.43 -44.70 7.42
C ARG D 142 -14.55 -44.20 6.00
N GLU D 143 -14.23 -42.94 5.74
CA GLU D 143 -14.30 -42.41 4.38
C GLU D 143 -13.69 -41.02 4.35
N ALA D 144 -13.18 -40.64 3.19
CA ALA D 144 -12.71 -39.28 3.02
C ALA D 144 -13.92 -38.36 2.92
N SER D 145 -13.67 -37.06 3.10
CA SER D 145 -14.79 -36.13 3.07
C SER D 145 -14.28 -34.73 2.82
N GLY D 146 -14.57 -34.17 1.68
CA GLY D 146 -14.28 -32.79 1.45
C GLY D 146 -12.84 -32.39 1.64
N PHE D 147 -11.96 -32.93 0.81
CA PHE D 147 -10.54 -32.59 0.66
C PHE D 147 -9.66 -33.18 1.74
N CYS D 148 -10.19 -33.95 2.67
CA CYS D 148 -9.43 -34.47 3.80
C CYS D 148 -9.58 -35.98 3.88
N TYR D 149 -8.47 -36.69 4.04
CA TYR D 149 -8.48 -38.16 4.04
C TYR D 149 -8.33 -38.76 5.43
N VAL D 150 -7.36 -38.28 6.20
CA VAL D 150 -7.17 -38.71 7.58
C VAL D 150 -7.38 -37.50 8.47
N ASN D 151 -8.03 -37.70 9.60
CA ASN D 151 -8.43 -36.60 10.47
C ASN D 151 -7.41 -36.50 11.59
N ASP D 152 -6.41 -35.65 11.40
CA ASP D 152 -5.30 -35.59 12.33
C ASP D 152 -5.69 -34.97 13.67
N ILE D 153 -6.69 -34.09 13.67
CA ILE D 153 -7.03 -33.40 14.90
C ILE D 153 -7.55 -34.36 15.95
N ALA D 154 -8.30 -35.37 15.55
CA ALA D 154 -8.74 -36.35 16.53
C ALA D 154 -7.56 -37.07 17.14
N LEU D 155 -6.50 -37.29 16.36
CA LEU D 155 -5.32 -37.97 16.89
C LEU D 155 -4.54 -37.06 17.82
N ALA D 156 -4.42 -35.78 17.48
CA ALA D 156 -3.79 -34.83 18.39
C ALA D 156 -4.52 -34.81 19.72
N ALA D 157 -5.85 -34.78 19.69
CA ALA D 157 -6.59 -34.71 20.95
C ALA D 157 -6.50 -36.02 21.71
N LEU D 158 -6.53 -37.16 21.01
CA LEU D 158 -6.36 -38.43 21.70
C LEU D 158 -4.99 -38.54 22.34
N GLU D 159 -4.01 -37.83 21.80
CA GLU D 159 -2.70 -37.80 22.43
C GLU D 159 -2.69 -36.89 23.65
N LEU D 160 -3.27 -35.69 23.51
CA LEU D 160 -3.31 -34.76 24.64
C LEU D 160 -4.01 -35.37 25.82
N LEU D 161 -5.05 -36.15 25.60
CA LEU D 161 -5.83 -36.61 26.73
C LEU D 161 -5.10 -37.58 27.62
N LYS D 162 -3.85 -37.93 27.33
CA LYS D 162 -3.14 -38.85 28.21
C LYS D 162 -2.74 -38.16 29.51
N TYR D 163 -2.37 -36.89 29.43
CA TYR D 163 -1.96 -36.12 30.60
C TYR D 163 -3.01 -35.14 31.06
N HIS D 164 -3.45 -34.26 30.18
CA HIS D 164 -4.50 -33.31 30.50
C HIS D 164 -5.83 -34.03 30.71
N GLN D 165 -6.80 -33.31 31.22
CA GLN D 165 -8.06 -33.93 31.63
C GLN D 165 -9.27 -33.44 30.84
N ARG D 166 -9.23 -32.24 30.28
CA ARG D 166 -10.36 -31.73 29.51
C ARG D 166 -9.81 -30.83 28.41
N VAL D 167 -10.13 -31.14 27.17
CA VAL D 167 -9.60 -30.43 26.01
C VAL D 167 -10.71 -29.63 25.34
N LEU D 168 -10.33 -28.50 24.76
CA LEU D 168 -11.28 -27.63 24.07
C LEU D 168 -10.81 -27.44 22.64
N TYR D 169 -11.69 -27.68 21.68
CA TYR D 169 -11.37 -27.58 20.26
C TYR D 169 -12.19 -26.45 19.66
N ILE D 170 -11.53 -25.36 19.33
CA ILE D 170 -12.19 -24.18 18.78
C ILE D 170 -11.98 -24.16 17.28
N ASP D 171 -13.00 -23.80 16.52
CA ASP D 171 -12.99 -23.95 15.08
C ASP D 171 -13.54 -22.70 14.41
N ILE D 172 -12.70 -22.02 13.64
CA ILE D 172 -13.12 -20.82 12.94
C ILE D 172 -12.93 -20.97 11.44
N ASP D 173 -13.04 -22.20 10.95
CA ASP D 173 -13.23 -22.44 9.53
C ASP D 173 -14.69 -22.21 9.19
N VAL D 174 -14.95 -21.54 8.05
CA VAL D 174 -16.32 -21.20 7.71
C VAL D 174 -17.18 -22.44 7.57
N HIS D 175 -16.60 -23.55 7.19
CA HIS D 175 -17.34 -24.80 7.16
C HIS D 175 -17.43 -25.39 8.55
N HIS D 176 -18.35 -26.30 8.73
CA HIS D 176 -18.51 -26.97 10.00
C HIS D 176 -17.45 -28.04 10.16
N GLY D 177 -16.98 -28.23 11.39
CA GLY D 177 -16.02 -29.28 11.68
C GLY D 177 -16.70 -30.57 12.05
N ASP D 178 -17.24 -31.28 11.06
CA ASP D 178 -18.14 -32.39 11.33
C ASP D 178 -17.42 -33.67 11.72
N GLY D 179 -16.23 -33.92 11.17
CA GLY D 179 -15.49 -35.11 11.55
C GLY D 179 -15.13 -35.09 13.00
N VAL D 180 -14.57 -33.97 13.47
CA VAL D 180 -14.17 -33.89 14.87
C VAL D 180 -15.39 -33.98 15.76
N GLU D 181 -16.43 -33.22 15.46
CA GLU D 181 -17.61 -33.23 16.31
C GLU D 181 -18.20 -34.61 16.42
N GLU D 182 -18.25 -35.35 15.31
CA GLU D 182 -18.79 -36.70 15.35
C GLU D 182 -17.86 -37.67 16.07
N PHE D 183 -16.56 -37.38 16.10
CA PHE D 183 -15.64 -38.28 16.80
C PHE D 183 -15.89 -38.27 18.30
N PHE D 184 -16.01 -37.09 18.89
CA PHE D 184 -16.14 -36.92 20.33
C PHE D 184 -17.54 -36.48 20.73
N TYR D 185 -18.56 -36.99 20.06
CA TYR D 185 -19.90 -36.49 20.29
C TYR D 185 -20.54 -37.02 21.54
N THR D 186 -20.08 -38.14 22.05
CA THR D 186 -20.67 -38.73 23.24
C THR D 186 -19.65 -38.81 24.36
N THR D 187 -18.90 -37.74 24.59
CA THR D 187 -18.00 -37.68 25.72
C THR D 187 -17.92 -36.26 26.23
N ASP D 188 -17.66 -36.13 27.52
CA ASP D 188 -17.58 -34.84 28.17
C ASP D 188 -16.16 -34.34 28.30
N ARG D 189 -15.16 -35.16 28.02
CA ARG D 189 -13.78 -34.76 28.20
C ARG D 189 -13.24 -33.91 27.08
N VAL D 190 -13.95 -33.80 25.97
CA VAL D 190 -13.55 -32.87 24.91
C VAL D 190 -14.78 -32.07 24.53
N MET D 191 -14.62 -30.77 24.39
CA MET D 191 -15.72 -29.91 23.98
C MET D 191 -15.36 -29.22 22.67
N THR D 192 -16.27 -29.33 21.71
CA THR D 192 -16.09 -28.77 20.38
C THR D 192 -16.88 -27.48 20.26
N CYS D 193 -16.31 -26.48 19.62
CA CYS D 193 -17.02 -25.24 19.39
C CYS D 193 -16.73 -24.78 17.97
N SER D 194 -17.78 -24.51 17.20
CA SER D 194 -17.63 -24.18 15.79
C SER D 194 -18.38 -22.91 15.45
N PHE D 195 -17.77 -22.06 14.64
CA PHE D 195 -18.44 -20.85 14.15
C PHE D 195 -18.57 -20.95 12.64
N HIS D 196 -19.75 -21.32 12.14
CA HIS D 196 -19.83 -21.74 10.75
C HIS D 196 -21.03 -21.14 10.04
N LYS D 197 -20.87 -20.86 8.76
CA LYS D 197 -22.01 -20.43 7.96
C LYS D 197 -22.97 -21.60 7.81
N PHE D 198 -24.26 -21.32 7.96
CA PHE D 198 -25.27 -22.36 7.95
C PHE D 198 -26.32 -22.04 6.90
N GLY D 199 -26.97 -23.08 6.39
CA GLY D 199 -27.97 -22.91 5.38
C GLY D 199 -27.85 -23.87 4.22
N GLU D 200 -27.66 -23.33 3.02
CA GLU D 200 -27.43 -24.14 1.83
C GLU D 200 -25.93 -24.15 1.56
N TYR D 201 -25.23 -25.00 2.30
CA TYR D 201 -23.79 -24.94 2.38
C TYR D 201 -23.25 -26.29 2.80
N PHE D 202 -22.01 -26.53 2.45
CA PHE D 202 -21.29 -27.72 2.84
C PHE D 202 -20.85 -27.62 4.29
N PRO D 203 -20.98 -28.69 5.09
CA PRO D 203 -21.55 -30.00 4.85
C PRO D 203 -23.00 -30.09 5.23
N GLY D 204 -23.63 -28.98 5.57
CA GLY D 204 -25.04 -28.99 5.84
C GLY D 204 -25.44 -29.47 7.21
N THR D 205 -24.49 -29.85 8.05
CA THR D 205 -24.79 -30.10 9.44
C THR D 205 -24.43 -28.85 10.26
N GLY D 206 -24.60 -28.95 11.57
CA GLY D 206 -24.21 -27.85 12.43
C GLY D 206 -25.34 -26.99 12.92
N HIS D 207 -26.42 -27.62 13.33
CA HIS D 207 -27.61 -26.93 13.77
C HIS D 207 -27.53 -26.60 15.25
N ILE D 208 -28.11 -25.46 15.62
CA ILE D 208 -27.93 -24.89 16.95
C ILE D 208 -28.58 -25.73 18.02
N LYS D 209 -29.26 -26.80 17.63
CA LYS D 209 -29.85 -27.72 18.60
C LYS D 209 -29.10 -29.04 18.69
N ASP D 210 -27.97 -29.15 18.02
CA ASP D 210 -27.15 -30.37 18.06
C ASP D 210 -26.05 -30.12 19.10
N THR D 211 -26.25 -30.67 20.29
CA THR D 211 -25.36 -30.45 21.43
C THR D 211 -25.10 -31.75 22.16
N GLY D 212 -24.76 -32.80 21.42
CA GLY D 212 -24.24 -34.00 22.02
C GLY D 212 -25.31 -34.91 22.59
N ILE D 213 -24.91 -36.14 22.87
CA ILE D 213 -25.79 -37.18 23.37
C ILE D 213 -25.17 -37.75 24.64
N GLY D 214 -25.82 -38.76 25.18
CA GLY D 214 -25.24 -39.57 26.24
C GLY D 214 -24.74 -38.72 27.39
N THR D 215 -23.47 -38.89 27.72
CA THR D 215 -22.81 -38.03 28.68
C THR D 215 -22.17 -36.83 28.01
N GLY D 216 -22.34 -36.66 26.71
CA GLY D 216 -21.81 -35.50 26.06
C GLY D 216 -22.81 -34.38 25.96
N LYS D 217 -23.97 -34.53 26.59
CA LYS D 217 -25.04 -33.55 26.46
C LYS D 217 -24.59 -32.19 26.96
N ASN D 218 -24.82 -31.16 26.15
CA ASN D 218 -24.46 -29.76 26.32
C ASN D 218 -23.01 -29.47 25.96
N TYR D 219 -22.19 -30.47 25.66
CA TYR D 219 -20.76 -30.28 25.54
C TYR D 219 -20.29 -30.03 24.12
N ALA D 220 -21.19 -29.67 23.23
CA ALA D 220 -20.84 -29.19 21.89
C ALA D 220 -21.44 -27.82 21.72
N VAL D 221 -20.91 -27.05 20.79
CA VAL D 221 -21.42 -25.70 20.57
C VAL D 221 -21.34 -25.40 19.09
N ASN D 222 -22.50 -25.17 18.48
CA ASN D 222 -22.58 -24.78 17.09
C ASN D 222 -23.10 -23.36 17.01
N VAL D 223 -22.36 -22.49 16.34
CA VAL D 223 -22.77 -21.10 16.19
C VAL D 223 -23.06 -20.89 14.71
N PRO D 224 -24.30 -21.04 14.31
CA PRO D 224 -24.67 -20.93 12.89
C PRO D 224 -24.84 -19.48 12.47
N LEU D 225 -23.86 -18.97 11.76
CA LEU D 225 -23.91 -17.59 11.32
C LEU D 225 -24.56 -17.52 9.95
N ARG D 226 -24.44 -16.39 9.29
CA ARG D 226 -25.05 -16.19 7.98
C ARG D 226 -24.02 -15.50 7.10
N ASP D 227 -24.47 -15.00 5.95
CA ASP D 227 -23.59 -14.40 4.98
C ASP D 227 -22.87 -13.19 5.55
N GLY D 228 -21.89 -12.73 4.80
CA GLY D 228 -21.34 -11.40 4.94
C GLY D 228 -20.85 -10.91 6.27
N ILE D 229 -20.79 -11.78 7.28
CA ILE D 229 -20.43 -11.35 8.63
C ILE D 229 -19.08 -10.66 8.60
N ASP D 230 -18.87 -9.70 9.50
CA ASP D 230 -17.61 -8.95 9.51
C ASP D 230 -17.00 -8.91 10.89
N ASP D 231 -15.96 -8.11 11.05
CA ASP D 231 -15.08 -8.23 12.21
C ASP D 231 -15.81 -7.92 13.51
N GLU D 232 -16.62 -6.87 13.53
CA GLU D 232 -17.23 -6.44 14.78
C GLU D 232 -18.30 -7.40 15.24
N SER D 233 -19.18 -7.83 14.34
CA SER D 233 -20.19 -8.80 14.71
C SER D 233 -19.55 -10.11 15.13
N TYR D 234 -18.51 -10.54 14.42
CA TYR D 234 -17.82 -11.76 14.77
C TYR D 234 -17.21 -11.66 16.15
N GLU D 235 -16.61 -10.51 16.47
CA GLU D 235 -16.06 -10.30 17.79
C GLU D 235 -17.13 -10.33 18.86
N SER D 236 -18.25 -9.68 18.57
CA SER D 236 -19.33 -9.57 19.54
C SER D 236 -19.94 -10.92 19.87
N VAL D 237 -19.91 -11.86 18.93
CA VAL D 237 -20.40 -13.20 19.23
C VAL D 237 -19.29 -14.16 19.64
N PHE D 238 -18.03 -13.83 19.37
CA PHE D 238 -16.93 -14.73 19.70
C PHE D 238 -16.47 -14.58 21.14
N LYS D 239 -16.35 -13.35 21.63
CA LYS D 239 -15.81 -13.16 22.98
C LYS D 239 -16.74 -13.64 24.09
N PRO D 240 -18.06 -13.39 24.03
CA PRO D 240 -18.93 -13.88 25.12
C PRO D 240 -18.93 -15.38 25.28
N VAL D 241 -19.08 -16.12 24.18
CA VAL D 241 -19.18 -17.57 24.27
C VAL D 241 -17.85 -18.17 24.71
N ILE D 242 -16.74 -17.71 24.14
CA ILE D 242 -15.46 -18.23 24.56
C ILE D 242 -15.23 -17.96 26.03
N SER D 243 -15.57 -16.75 26.49
CA SER D 243 -15.36 -16.43 27.89
C SER D 243 -16.19 -17.32 28.79
N HIS D 244 -17.43 -17.59 28.43
CA HIS D 244 -18.24 -18.44 29.29
C HIS D 244 -17.79 -19.88 29.24
N ILE D 245 -17.23 -20.32 28.12
CA ILE D 245 -16.71 -21.68 28.06
C ILE D 245 -15.51 -21.82 28.96
N MET D 246 -14.60 -20.85 28.92
CA MET D 246 -13.45 -20.91 29.81
C MET D 246 -13.85 -20.76 31.27
N GLN D 247 -14.94 -20.06 31.55
CA GLN D 247 -15.43 -19.96 32.91
C GLN D 247 -15.98 -21.29 33.39
N TRP D 248 -16.82 -21.92 32.59
CA TRP D 248 -17.63 -23.04 33.04
C TRP D 248 -17.06 -24.40 32.68
N PHE D 249 -16.39 -24.53 31.54
CA PHE D 249 -15.79 -25.80 31.16
C PHE D 249 -14.45 -26.00 31.84
N ARG D 250 -13.65 -24.95 31.95
CA ARG D 250 -12.32 -24.96 32.53
C ARG D 250 -11.43 -25.90 31.75
N PRO D 251 -11.07 -25.55 30.52
CA PRO D 251 -10.20 -26.42 29.73
C PRO D 251 -8.79 -26.38 30.26
N GLU D 252 -8.03 -27.42 29.92
CA GLU D 252 -6.61 -27.42 30.18
C GLU D 252 -5.78 -27.33 28.93
N ALA D 253 -6.28 -27.80 27.80
CA ALA D 253 -5.58 -27.72 26.54
C ALA D 253 -6.50 -27.14 25.49
N VAL D 254 -5.96 -26.35 24.57
CA VAL D 254 -6.75 -25.67 23.56
C VAL D 254 -6.20 -26.00 22.18
N ILE D 255 -7.03 -26.59 21.33
CA ILE D 255 -6.71 -26.83 19.93
C ILE D 255 -7.43 -25.79 19.11
N LEU D 256 -6.69 -24.90 18.48
CA LEU D 256 -7.30 -23.83 17.72
C LEU D 256 -7.12 -24.11 16.24
N GLN D 257 -8.24 -24.20 15.53
CA GLN D 257 -8.27 -24.47 14.11
C GLN D 257 -8.39 -23.15 13.38
N CYS D 258 -7.42 -22.83 12.53
CA CYS D 258 -7.33 -21.48 12.00
C CYS D 258 -7.60 -21.43 10.51
N GLY D 259 -8.64 -22.10 10.05
CA GLY D 259 -9.02 -22.02 8.66
C GLY D 259 -9.10 -20.60 8.16
N THR D 260 -8.71 -20.35 6.91
CA THR D 260 -8.64 -19.00 6.39
C THR D 260 -9.53 -18.79 5.18
N ASP D 261 -10.48 -19.67 4.93
CA ASP D 261 -11.48 -19.42 3.91
C ASP D 261 -12.58 -18.53 4.43
N SER D 262 -12.47 -18.09 5.68
CA SER D 262 -13.40 -17.14 6.26
C SER D 262 -12.93 -15.71 6.09
N LEU D 263 -12.01 -15.47 5.18
CA LEU D 263 -11.57 -14.12 4.90
C LEU D 263 -12.32 -13.58 3.70
N ALA D 264 -12.11 -12.30 3.43
CA ALA D 264 -12.85 -11.60 2.39
C ALA D 264 -12.17 -11.84 1.04
N GLY D 265 -12.89 -12.48 0.14
CA GLY D 265 -12.38 -12.75 -1.19
C GLY D 265 -12.11 -14.20 -1.47
N ASP D 266 -12.42 -15.09 -0.55
CA ASP D 266 -12.04 -16.48 -0.70
C ASP D 266 -12.73 -17.12 -1.89
N ARG D 267 -12.23 -18.29 -2.27
CA ARG D 267 -12.80 -19.02 -3.40
C ARG D 267 -14.14 -19.62 -3.02
N LEU D 268 -14.21 -20.24 -1.85
CA LEU D 268 -15.39 -20.98 -1.40
C LEU D 268 -15.96 -20.41 -0.11
N GLY D 269 -15.75 -19.12 0.17
CA GLY D 269 -16.16 -18.53 1.41
C GLY D 269 -17.19 -17.42 1.21
N CYS D 270 -17.92 -17.14 2.28
CA CYS D 270 -19.00 -16.17 2.27
C CYS D 270 -18.96 -15.29 3.49
N PHE D 271 -17.79 -15.06 4.06
CA PHE D 271 -17.63 -14.14 5.18
C PHE D 271 -16.89 -12.92 4.72
N ASN D 272 -16.70 -11.97 5.62
CA ASN D 272 -16.07 -10.71 5.26
C ASN D 272 -14.99 -10.31 6.26
N LEU D 273 -14.44 -11.25 7.02
CA LEU D 273 -13.38 -10.93 7.95
C LEU D 273 -12.16 -10.40 7.22
N SER D 274 -11.21 -9.89 7.98
CA SER D 274 -9.94 -9.43 7.46
C SER D 274 -8.84 -9.90 8.41
N MET D 275 -7.60 -9.57 8.07
CA MET D 275 -6.49 -10.09 8.85
C MET D 275 -6.59 -9.68 10.32
N LYS D 276 -7.03 -8.46 10.58
CA LYS D 276 -7.25 -8.04 11.97
C LYS D 276 -8.40 -8.79 12.60
N GLY D 277 -9.51 -8.91 11.88
CA GLY D 277 -10.64 -9.64 12.40
C GLY D 277 -10.35 -11.10 12.64
N HIS D 278 -9.44 -11.67 11.85
CA HIS D 278 -9.11 -13.07 12.05
C HIS D 278 -8.11 -13.26 13.18
N SER D 279 -7.10 -12.39 13.26
CA SER D 279 -6.10 -12.50 14.29
C SER D 279 -6.62 -12.10 15.67
N MET D 280 -7.74 -11.39 15.74
CA MET D 280 -8.34 -11.12 17.03
C MET D 280 -8.65 -12.41 17.78
N CYS D 281 -9.05 -13.45 17.06
CA CYS D 281 -9.42 -14.70 17.71
C CYS D 281 -8.21 -15.39 18.30
N VAL D 282 -7.09 -15.35 17.59
CA VAL D 282 -5.85 -15.92 18.12
C VAL D 282 -5.38 -15.13 19.33
N ASP D 283 -5.39 -13.81 19.25
CA ASP D 283 -5.08 -12.99 20.41
C ASP D 283 -5.91 -13.39 21.60
N PHE D 284 -7.23 -13.39 21.44
CA PHE D 284 -8.12 -13.60 22.57
C PHE D 284 -7.98 -14.99 23.16
N VAL D 285 -7.78 -16.02 22.33
CA VAL D 285 -7.60 -17.34 22.89
C VAL D 285 -6.22 -17.51 23.53
N LYS D 286 -5.21 -16.80 23.03
CA LYS D 286 -3.90 -16.88 23.63
C LYS D 286 -3.87 -16.21 24.99
N SER D 287 -4.67 -15.18 25.16
CA SER D 287 -4.63 -14.39 26.38
C SER D 287 -5.06 -15.15 27.62
N PHE D 288 -5.47 -16.41 27.52
CA PHE D 288 -5.86 -17.16 28.70
C PHE D 288 -4.72 -17.95 29.31
N ASN D 289 -3.55 -17.96 28.68
CA ASN D 289 -2.34 -18.60 29.20
C ASN D 289 -2.56 -20.10 29.42
N LEU D 290 -2.72 -20.81 28.32
CA LEU D 290 -2.98 -22.23 28.31
C LEU D 290 -2.06 -22.94 27.32
N PRO D 291 -1.92 -24.26 27.45
CA PRO D 291 -1.27 -25.05 26.40
C PRO D 291 -2.07 -25.12 25.12
N MET D 292 -1.53 -24.57 24.02
CA MET D 292 -2.31 -24.28 22.83
C MET D 292 -1.64 -24.85 21.60
N ILE D 293 -2.28 -25.84 20.97
CA ILE D 293 -1.91 -26.29 19.62
C ILE D 293 -2.66 -25.42 18.62
N CYS D 294 -2.00 -25.05 17.53
CA CYS D 294 -2.60 -24.10 16.61
C CYS D 294 -2.39 -24.58 15.18
N VAL D 295 -3.41 -25.22 14.61
CA VAL D 295 -3.28 -25.93 13.33
C VAL D 295 -3.88 -25.12 12.19
N GLY D 296 -3.67 -25.58 10.98
CA GLY D 296 -4.26 -24.97 9.81
C GLY D 296 -5.61 -25.58 9.48
N GLY D 297 -5.99 -25.51 8.22
CA GLY D 297 -7.35 -25.86 7.85
C GLY D 297 -7.68 -25.56 6.42
N GLY D 298 -8.74 -24.80 6.19
CA GLY D 298 -9.13 -24.45 4.84
C GLY D 298 -8.20 -23.44 4.23
N GLY D 299 -8.73 -22.55 3.39
CA GLY D 299 -7.91 -21.54 2.77
C GLY D 299 -7.55 -21.89 1.35
N TYR D 300 -8.20 -21.24 0.39
CA TYR D 300 -8.07 -21.60 -1.01
C TYR D 300 -7.64 -20.47 -1.92
N THR D 301 -7.60 -19.24 -1.45
CA THR D 301 -6.93 -18.16 -2.16
C THR D 301 -5.58 -18.02 -1.49
N VAL D 302 -4.53 -18.50 -2.14
CA VAL D 302 -3.31 -18.79 -1.40
C VAL D 302 -2.51 -17.55 -1.03
N ARG D 303 -2.64 -16.44 -1.75
CA ARG D 303 -1.95 -15.23 -1.31
C ARG D 303 -2.47 -14.79 0.05
N ASN D 304 -3.79 -14.76 0.21
CA ASN D 304 -4.38 -14.44 1.50
C ASN D 304 -3.91 -15.40 2.57
N VAL D 305 -3.94 -16.69 2.28
CA VAL D 305 -3.59 -17.69 3.30
C VAL D 305 -2.16 -17.48 3.76
N ALA D 306 -1.24 -17.30 2.81
CA ALA D 306 0.15 -17.08 3.17
C ALA D 306 0.29 -15.89 4.10
N ARG D 307 -0.24 -14.74 3.68
CA ARG D 307 -0.04 -13.54 4.48
C ARG D 307 -0.64 -13.68 5.87
N VAL D 308 -1.85 -14.19 5.96
CA VAL D 308 -2.52 -14.25 7.24
C VAL D 308 -1.81 -15.22 8.17
N TRP D 309 -1.41 -16.38 7.67
CA TRP D 309 -0.77 -17.35 8.53
C TRP D 309 0.61 -16.87 8.98
N THR D 310 1.32 -16.15 8.12
CA THR D 310 2.59 -15.55 8.55
C THR D 310 2.36 -14.56 9.68
N TYR D 311 1.36 -13.70 9.54
CA TYR D 311 1.06 -12.73 10.59
C TYR D 311 0.72 -13.44 11.89
N GLU D 312 -0.10 -14.46 11.82
CA GLU D 312 -0.51 -15.13 13.06
C GLU D 312 0.66 -15.86 13.70
N THR D 313 1.63 -16.32 12.93
CA THR D 313 2.80 -16.93 13.55
C THR D 313 3.68 -15.88 14.21
N GLY D 314 3.95 -14.78 13.50
CA GLY D 314 4.72 -13.71 14.10
C GLY D 314 4.09 -13.15 15.35
N LEU D 315 2.77 -13.21 15.45
CA LEU D 315 2.06 -12.73 16.62
C LEU D 315 1.89 -13.78 17.70
N LEU D 316 1.92 -15.06 17.36
CA LEU D 316 1.93 -16.10 18.38
C LEU D 316 3.29 -16.20 19.06
N ALA D 317 4.37 -15.96 18.31
CA ALA D 317 5.68 -15.94 18.96
C ALA D 317 5.78 -14.79 19.93
N GLY D 318 5.44 -13.59 19.49
CA GLY D 318 5.42 -12.42 20.34
C GLY D 318 6.03 -11.23 19.65
N GLU D 319 6.34 -11.37 18.37
CA GLU D 319 7.08 -10.37 17.62
C GLU D 319 6.12 -9.43 16.90
N GLU D 320 6.68 -8.51 16.11
CA GLU D 320 5.90 -7.49 15.41
C GLU D 320 6.48 -7.35 14.01
N LEU D 321 5.94 -8.13 13.07
CA LEU D 321 6.48 -8.13 11.73
C LEU D 321 6.16 -6.82 11.03
N ASP D 322 7.04 -6.43 10.13
CA ASP D 322 6.86 -5.21 9.35
C ASP D 322 5.56 -5.29 8.56
N GLU D 323 5.18 -4.15 7.98
CA GLU D 323 4.01 -4.14 7.10
C GLU D 323 4.38 -4.50 5.68
N ASN D 324 5.52 -4.00 5.19
CA ASN D 324 5.99 -4.37 3.87
C ASN D 324 6.41 -5.83 3.83
N LEU D 325 6.61 -6.33 2.64
CA LEU D 325 6.95 -7.73 2.52
C LEU D 325 8.40 -7.90 2.11
N PRO D 326 9.11 -8.83 2.74
CA PRO D 326 10.52 -9.01 2.39
C PRO D 326 10.65 -9.77 1.09
N TYR D 327 11.58 -9.31 0.25
CA TYR D 327 11.77 -9.96 -1.03
C TYR D 327 12.05 -11.43 -0.84
N ASN D 328 11.24 -12.28 -1.45
CA ASN D 328 11.42 -13.72 -1.39
C ASN D 328 11.09 -14.30 -2.77
N ASP D 329 10.94 -15.62 -2.84
CA ASP D 329 10.77 -16.28 -4.13
C ASP D 329 9.36 -16.12 -4.67
N TYR D 330 8.37 -16.16 -3.79
CA TYR D 330 6.96 -16.03 -4.18
C TYR D 330 6.46 -14.62 -4.00
N LEU D 331 7.29 -13.61 -4.27
CA LEU D 331 6.88 -12.25 -3.97
C LEU D 331 5.78 -11.78 -4.90
N GLN D 332 5.89 -12.11 -6.19
CA GLN D 332 4.97 -11.58 -7.18
C GLN D 332 3.56 -12.12 -7.04
N TYR D 333 3.36 -13.14 -6.21
CA TYR D 333 2.00 -13.55 -5.88
C TYR D 333 1.22 -12.46 -5.18
N TYR D 334 1.89 -11.47 -4.60
CA TYR D 334 1.26 -10.56 -3.66
C TYR D 334 1.07 -9.16 -4.22
N GLY D 335 1.23 -8.96 -5.51
CA GLY D 335 1.07 -7.65 -6.09
C GLY D 335 -0.35 -7.14 -6.01
N PRO D 336 -0.56 -5.87 -6.38
CA PRO D 336 0.44 -4.90 -6.80
C PRO D 336 0.90 -4.03 -5.66
N ASP D 337 0.46 -4.37 -4.45
CA ASP D 337 0.74 -3.57 -3.27
C ASP D 337 1.92 -4.09 -2.46
N TYR D 338 2.04 -5.41 -2.31
CA TYR D 338 3.14 -6.03 -1.57
C TYR D 338 3.15 -5.59 -0.11
N LYS D 339 2.08 -5.93 0.60
CA LYS D 339 1.97 -5.63 2.02
C LYS D 339 1.39 -6.82 2.74
N LEU D 340 1.67 -6.92 4.02
CA LEU D 340 1.18 -8.06 4.78
C LEU D 340 -0.28 -7.91 5.18
N ASN D 341 -1.05 -7.04 4.54
CA ASN D 341 -2.42 -6.79 4.97
C ASN D 341 -3.42 -7.44 4.04
N VAL D 342 -4.47 -7.99 4.63
CA VAL D 342 -5.62 -8.52 3.91
C VAL D 342 -6.83 -7.72 4.34
N LEU D 343 -7.50 -7.11 3.36
CA LEU D 343 -8.59 -6.18 3.62
C LEU D 343 -9.93 -6.90 3.49
N SER D 344 -11.00 -6.12 3.55
CA SER D 344 -12.35 -6.62 3.36
C SER D 344 -13.08 -5.72 2.37
N ASN D 345 -14.21 -6.21 1.87
CA ASN D 345 -14.99 -5.51 0.86
C ASN D 345 -16.32 -5.10 1.43
N ASN D 346 -17.08 -4.34 0.64
CA ASN D 346 -18.36 -3.79 1.04
C ASN D 346 -19.49 -4.75 0.88
N MET D 347 -19.20 -6.05 0.84
CA MET D 347 -20.22 -7.06 0.91
C MET D 347 -21.19 -6.76 2.04
N GLU D 348 -22.48 -6.97 1.80
CA GLU D 348 -23.49 -6.57 2.74
C GLU D 348 -23.73 -7.64 3.79
N ASN D 349 -23.65 -7.26 5.05
CA ASN D 349 -23.90 -8.18 6.14
C ASN D 349 -25.34 -8.66 6.12
N HIS D 350 -25.58 -9.80 6.74
CA HIS D 350 -26.91 -10.37 6.82
C HIS D 350 -27.29 -10.77 8.23
N ASN D 351 -26.52 -10.36 9.22
CA ASN D 351 -26.80 -10.69 10.61
C ASN D 351 -27.37 -9.44 11.29
N THR D 352 -28.67 -9.46 11.54
CA THR D 352 -29.29 -8.39 12.30
C THR D 352 -28.97 -8.60 13.77
N ARG D 353 -28.69 -7.50 14.46
CA ARG D 353 -28.24 -7.57 15.84
C ARG D 353 -29.15 -8.44 16.70
N GLN D 354 -30.45 -8.39 16.46
CA GLN D 354 -31.37 -9.21 17.23
C GLN D 354 -31.06 -10.69 17.04
N TYR D 355 -30.68 -11.08 15.82
CA TYR D 355 -30.38 -12.50 15.58
C TYR D 355 -29.17 -12.93 16.38
N LEU D 356 -28.08 -12.17 16.29
CA LEU D 356 -26.88 -12.50 17.02
C LEU D 356 -27.15 -12.60 18.52
N ASP D 357 -27.92 -11.65 19.06
CA ASP D 357 -28.20 -11.71 20.49
C ASP D 357 -29.07 -12.89 20.86
N SER D 358 -30.01 -13.25 19.99
CA SER D 358 -30.85 -14.41 20.28
C SER D 358 -30.02 -15.69 20.35
N ILE D 359 -29.15 -15.91 19.36
CA ILE D 359 -28.36 -17.14 19.39
C ILE D 359 -27.38 -17.11 20.55
N THR D 360 -26.80 -15.93 20.86
CA THR D 360 -25.86 -15.87 21.96
C THR D 360 -26.53 -16.23 23.27
N SER D 361 -27.75 -15.72 23.49
CA SER D 361 -28.44 -16.03 24.73
C SER D 361 -28.84 -17.49 24.80
N GLU D 362 -29.27 -18.06 23.67
CA GLU D 362 -29.62 -19.49 23.68
C GLU D 362 -28.42 -20.34 24.03
N ILE D 363 -27.29 -20.05 23.41
CA ILE D 363 -26.05 -20.76 23.72
C ILE D 363 -25.74 -20.65 25.21
N ILE D 364 -25.61 -19.42 25.71
CA ILE D 364 -25.17 -19.22 27.08
C ILE D 364 -26.14 -19.86 28.07
N GLU D 365 -27.43 -19.86 27.74
CA GLU D 365 -28.38 -20.54 28.62
C GLU D 365 -28.21 -22.04 28.53
N ASN D 366 -27.71 -22.55 27.41
CA ASN D 366 -27.37 -23.97 27.35
C ASN D 366 -26.14 -24.27 28.18
N LEU D 367 -25.18 -23.35 28.21
CA LEU D 367 -23.90 -23.60 28.86
C LEU D 367 -23.97 -23.55 30.37
N ARG D 368 -25.11 -23.22 30.96
CA ARG D 368 -25.15 -23.09 32.41
C ARG D 368 -25.26 -24.42 33.13
N ASN D 369 -25.16 -25.55 32.44
CA ASN D 369 -25.33 -26.83 33.09
C ASN D 369 -24.00 -27.57 33.23
N ALA E 311 121.82 74.99 54.05
CA ALA E 311 120.41 74.70 54.22
C ALA E 311 119.83 74.02 53.00
N LEU E 312 120.13 74.57 51.82
CA LEU E 312 119.58 74.04 50.58
C LEU E 312 120.14 72.67 50.25
N LEU E 313 121.43 72.44 50.57
CA LEU E 313 122.05 71.15 50.29
C LEU E 313 121.44 70.05 51.14
N ASN E 314 121.11 70.36 52.41
CA ASN E 314 120.52 69.36 53.28
C ASN E 314 119.13 68.96 52.82
N ILE E 315 118.32 69.94 52.38
CA ILE E 315 116.99 69.64 51.86
C ILE E 315 117.08 68.91 50.54
N GLU E 316 118.07 69.26 49.71
CA GLU E 316 118.30 68.53 48.47
C GLU E 316 118.61 67.06 48.75
N THR E 317 119.53 66.80 49.68
CA THR E 317 119.87 65.43 50.03
C THR E 317 118.68 64.70 50.65
N GLU E 318 117.86 65.41 51.42
CA GLU E 318 116.70 64.78 52.05
C GLU E 318 115.65 64.38 51.02
N PHE E 319 115.36 65.27 50.07
CA PHE E 319 114.43 64.92 49.01
C PHE E 319 114.99 63.82 48.11
N THR E 320 116.32 63.83 47.91
CA THR E 320 116.95 62.76 47.15
C THR E 320 116.82 61.42 47.87
N PHE E 321 116.96 61.43 49.20
CA PHE E 321 116.79 60.21 49.97
C PHE E 321 115.35 59.72 49.92
N LEU E 322 114.39 60.63 49.97
CA LEU E 322 112.99 60.23 49.86
C LEU E 322 112.69 59.60 48.50
N ARG E 323 113.16 60.24 47.42
CA ARG E 323 112.94 59.70 46.09
C ARG E 323 113.63 58.35 45.93
N ASN E 324 114.86 58.22 46.45
CA ASN E 324 115.59 56.97 46.36
C ASN E 324 114.90 55.87 47.16
N ARG E 325 114.31 56.23 48.30
CA ARG E 325 113.57 55.26 49.09
C ARG E 325 112.33 54.77 48.35
N LEU E 326 111.58 55.70 47.74
CA LEU E 326 110.42 55.31 46.93
C LEU E 326 110.85 54.41 45.78
N TYR E 327 111.90 54.78 45.06
CA TYR E 327 112.41 53.98 43.94
C TYR E 327 112.81 52.59 44.40
N GLY E 328 113.58 52.50 45.49
CA GLY E 328 114.03 51.21 45.97
C GLY E 328 112.90 50.33 46.46
N LYS E 329 111.94 50.92 47.18
CA LYS E 329 110.83 50.11 47.68
C LYS E 329 109.96 49.60 46.53
N LYS E 330 109.65 50.47 45.56
CA LYS E 330 108.83 50.02 44.43
C LYS E 330 109.59 49.01 43.58
N LEU E 331 110.90 49.17 43.44
CA LEU E 331 111.68 48.22 42.66
C LEU E 331 111.75 46.86 43.34
N LEU E 332 111.93 46.85 44.66
CA LEU E 332 111.95 45.58 45.38
C LEU E 332 110.58 44.90 45.35
N LYS E 333 109.51 45.68 45.46
CA LYS E 333 108.17 45.10 45.36
C LYS E 333 107.92 44.52 43.98
N LEU E 334 108.37 45.22 42.93
CA LEU E 334 108.21 44.70 41.58
C LEU E 334 108.99 43.41 41.40
N ASN E 335 110.23 43.37 41.91
CA ASN E 335 111.00 42.13 41.80
C ASN E 335 110.36 41.01 42.60
N GLU E 336 109.77 41.33 43.75
CA GLU E 336 109.07 40.31 44.51
C GLU E 336 107.92 39.72 43.72
N HIS E 337 107.08 40.58 43.14
CA HIS E 337 105.98 40.08 42.32
C HIS E 337 106.49 39.26 41.14
N GLU E 338 107.64 39.65 40.58
CA GLU E 338 108.17 38.90 39.44
C GLU E 338 108.64 37.51 39.86
N GLU E 339 109.46 37.43 40.90
CA GLU E 339 109.82 36.13 41.46
C GLU E 339 108.58 35.30 41.69
N MET E 340 107.55 35.89 42.29
CA MET E 340 106.31 35.17 42.55
C MET E 340 105.65 34.68 41.27
N ILE E 341 105.66 35.48 40.20
CA ILE E 341 105.16 34.97 38.93
C ILE E 341 105.92 33.72 38.57
N GLN E 342 107.24 33.77 38.59
CA GLN E 342 108.01 32.55 38.35
C GLN E 342 107.87 31.55 39.49
N ASN E 343 107.42 32.00 40.66
CA ASN E 343 107.14 31.13 41.79
C ASN E 343 105.67 30.79 41.93
N GLU E 344 104.87 31.11 40.92
CA GLU E 344 103.44 30.86 40.83
C GLU E 344 102.64 31.80 41.72
N THR E 345 103.29 32.61 42.56
CA THR E 345 102.71 33.79 43.19
C THR E 345 101.71 33.48 44.30
N HIS E 346 101.22 32.24 44.37
CA HIS E 346 100.31 31.78 45.42
C HIS E 346 99.36 32.89 45.87
N GLU E 347 98.70 33.52 44.91
CA GLU E 347 97.93 34.73 45.15
C GLU E 347 96.71 34.80 44.25
N ARG E 348 96.15 36.01 44.08
CA ARG E 348 95.02 36.23 43.18
C ARG E 348 95.26 35.59 41.81
N PHE E 349 96.52 35.57 41.36
CA PHE E 349 96.82 34.91 40.09
C PHE E 349 96.43 33.44 40.14
N ASN E 350 96.71 32.76 41.24
CA ASN E 350 96.26 31.39 41.40
C ASN E 350 94.74 31.32 41.35
N ALA E 351 94.05 32.35 41.84
CA ALA E 351 92.60 32.37 41.74
C ALA E 351 92.16 32.42 40.28
N CYS E 352 92.85 33.22 39.46
CA CYS E 352 92.54 33.24 38.04
C CYS E 352 92.79 31.88 37.40
N ILE E 353 93.89 31.24 37.78
CA ILE E 353 94.20 29.91 37.26
C ILE E 353 93.09 28.93 37.60
N ASP E 354 92.61 28.98 38.84
CA ASP E 354 91.58 28.03 39.24
C ASP E 354 90.24 28.33 38.58
N LEU E 355 89.93 29.60 38.36
CA LEU E 355 88.69 29.90 37.65
C LEU E 355 88.81 29.61 36.15
N ILE E 356 90.02 29.41 35.64
CA ILE E 356 90.16 28.90 34.27
C ILE E 356 90.02 27.38 34.23
N THR E 357 90.67 26.70 35.18
CA THR E 357 90.54 25.26 35.22
C THR E 357 89.13 24.83 35.53
N GLU E 358 88.35 25.68 36.21
CA GLU E 358 86.93 25.39 36.36
C GLU E 358 86.25 25.27 34.99
N ARG E 359 86.51 26.24 34.12
CA ARG E 359 85.94 26.19 32.78
C ARG E 359 86.36 24.93 32.05
N ARG E 360 87.65 24.63 32.06
CA ARG E 360 88.12 23.44 31.36
C ARG E 360 87.44 22.19 31.91
N ASP E 361 87.31 22.09 33.22
CA ASP E 361 86.76 20.86 33.76
C ASP E 361 85.27 20.72 33.48
N ASP E 362 84.51 21.83 33.46
CA ASP E 362 83.11 21.66 33.11
C ASP E 362 82.97 21.26 31.65
N ARG E 363 83.82 21.79 30.78
CA ARG E 363 83.79 21.35 29.39
C ARG E 363 84.04 19.86 29.28
N VAL E 364 85.09 19.37 29.94
CA VAL E 364 85.40 17.95 29.88
C VAL E 364 84.25 17.13 30.44
N ARG E 365 83.61 17.61 31.50
CA ARG E 365 82.51 16.84 32.07
C ARG E 365 81.33 16.79 31.11
N LEU E 366 81.06 17.88 30.41
CA LEU E 366 79.97 17.87 29.44
C LEU E 366 80.25 16.89 28.32
N ALA E 367 81.48 16.86 27.82
CA ALA E 367 81.81 15.95 26.73
C ALA E 367 81.65 14.50 27.18
N THR E 368 82.25 14.16 28.32
CA THR E 368 82.11 12.79 28.77
C THR E 368 80.70 12.46 29.21
N GLU E 369 79.84 13.47 29.37
CA GLU E 369 78.44 13.16 29.65
C GLU E 369 77.66 12.92 28.36
N ASN E 370 77.96 13.66 27.31
CA ASN E 370 77.39 13.41 26.00
C ASN E 370 77.66 11.98 25.57
N LEU E 371 78.92 11.55 25.71
CA LEU E 371 79.34 10.27 25.15
C LEU E 371 78.48 9.12 25.65
N MET E 372 78.30 9.02 26.96
CA MET E 372 77.59 7.85 27.48
C MET E 372 76.15 7.83 27.04
N LYS E 373 75.53 9.00 26.93
CA LYS E 373 74.15 9.04 26.47
C LYS E 373 74.05 8.62 25.01
N GLN E 374 75.01 9.02 24.18
CA GLN E 374 74.98 8.60 22.80
C GLN E 374 75.15 7.09 22.68
N LEU E 375 76.02 6.52 23.50
CA LEU E 375 76.19 5.08 23.42
C LEU E 375 74.95 4.35 23.88
N GLY E 376 74.21 4.91 24.84
CA GLY E 376 72.94 4.32 25.20
C GLY E 376 71.94 4.38 24.06
N ASN E 377 71.88 5.52 23.37
CA ASN E 377 71.00 5.66 22.20
C ASN E 377 71.31 4.60 21.16
N ILE E 378 72.60 4.42 20.85
CA ILE E 378 73.01 3.44 19.85
C ILE E 378 72.61 2.04 20.29
N LYS E 379 72.82 1.72 21.56
CA LYS E 379 72.45 0.39 22.03
C LYS E 379 70.97 0.14 21.81
N ASN E 380 70.14 1.13 22.11
CA ASN E 380 68.71 0.98 21.93
C ASN E 380 68.36 0.72 20.48
N VAL E 381 68.90 1.56 19.58
CA VAL E 381 68.61 1.43 18.16
C VAL E 381 68.94 0.04 17.66
N MET E 382 70.13 -0.46 18.01
CA MET E 382 70.53 -1.74 17.45
C MET E 382 69.74 -2.91 18.02
N ASP E 383 69.40 -2.88 19.30
CA ASP E 383 68.54 -3.94 19.81
C ASP E 383 67.21 -3.94 19.10
N TYR E 384 66.69 -2.75 18.82
CA TYR E 384 65.48 -2.64 18.02
C TYR E 384 65.63 -3.36 16.71
N VAL E 385 66.63 -2.97 15.93
CA VAL E 385 66.81 -3.51 14.58
C VAL E 385 66.91 -5.03 14.61
N THR E 386 67.65 -5.57 15.56
CA THR E 386 67.79 -7.02 15.64
C THR E 386 66.44 -7.70 15.79
N LYS E 387 65.68 -7.29 16.82
CA LYS E 387 64.40 -7.95 17.02
C LYS E 387 63.47 -7.74 15.84
N GLN E 388 63.58 -6.60 15.17
CA GLN E 388 62.71 -6.31 14.04
C GLN E 388 62.97 -7.28 12.90
N ARG E 389 64.23 -7.51 12.56
CA ARG E 389 64.53 -8.41 11.45
C ARG E 389 64.04 -9.82 11.74
N LYS E 390 64.26 -10.30 12.97
CA LYS E 390 63.77 -11.64 13.29
C LYS E 390 62.25 -11.74 13.13
N TYR E 391 61.52 -10.75 13.65
CA TYR E 391 60.07 -10.81 13.53
C TYR E 391 59.62 -10.74 12.08
N GLN E 392 60.29 -9.94 11.26
CA GLN E 392 59.88 -9.85 9.87
C GLN E 392 59.96 -11.20 9.19
N LEU E 393 61.02 -11.96 9.47
CA LEU E 393 61.07 -13.31 8.91
C LEU E 393 59.87 -14.13 9.35
N LEU E 394 59.55 -14.11 10.64
CA LEU E 394 58.44 -14.95 11.11
C LEU E 394 57.12 -14.57 10.44
N PHE E 395 56.86 -13.27 10.37
CA PHE E 395 55.71 -12.70 9.65
C PHE E 395 55.58 -13.29 8.25
N ASP E 396 56.61 -13.10 7.42
CA ASP E 396 56.50 -13.53 6.03
C ASP E 396 56.38 -15.04 5.91
N LYS E 397 57.00 -15.79 6.81
CA LYS E 397 56.87 -17.24 6.74
C LYS E 397 55.42 -17.67 6.90
N ARG E 398 54.75 -17.17 7.93
CA ARG E 398 53.36 -17.59 8.12
C ARG E 398 52.48 -17.11 6.98
N ARG E 399 52.78 -15.93 6.44
CA ARG E 399 51.99 -15.41 5.34
C ARG E 399 52.08 -16.31 4.13
N ILE E 400 53.29 -16.73 3.78
CA ILE E 400 53.49 -17.62 2.63
C ILE E 400 52.74 -18.93 2.84
N ARG E 401 52.87 -19.51 4.03
CA ARG E 401 52.21 -20.79 4.24
C ARG E 401 50.71 -20.68 4.03
N GLN E 402 50.08 -19.65 4.60
CA GLN E 402 48.64 -19.50 4.43
C GLN E 402 48.27 -19.34 2.96
N ALA E 403 48.97 -18.45 2.26
CA ALA E 403 48.62 -18.22 0.86
C ALA E 403 48.71 -19.49 0.04
N LEU E 404 49.78 -20.27 0.21
CA LEU E 404 49.91 -21.49 -0.57
C LEU E 404 48.82 -22.49 -0.24
N LEU E 405 48.47 -22.61 1.05
CA LEU E 405 47.39 -23.52 1.41
C LEU E 405 46.11 -23.18 0.66
N THR E 406 45.73 -21.90 0.67
CA THR E 406 44.49 -21.55 -0.03
C THR E 406 44.61 -21.82 -1.52
N LYS E 407 45.73 -21.44 -2.13
CA LYS E 407 45.87 -21.60 -3.57
C LYS E 407 45.67 -23.05 -3.99
N ILE E 408 46.32 -23.98 -3.29
CA ILE E 408 46.20 -25.38 -3.68
C ILE E 408 44.80 -25.91 -3.43
N ALA E 409 44.16 -25.51 -2.33
CA ALA E 409 42.80 -25.99 -2.12
C ALA E 409 41.85 -25.53 -3.21
N THR E 410 41.96 -24.26 -3.63
CA THR E 410 41.07 -23.84 -4.71
C THR E 410 41.38 -24.55 -6.00
N LYS E 411 42.65 -24.82 -6.29
CA LYS E 411 42.95 -25.59 -7.49
C LYS E 411 42.23 -26.93 -7.45
N CYS E 412 42.25 -27.60 -6.31
CA CYS E 412 41.59 -28.89 -6.21
C CYS E 412 40.09 -28.77 -6.47
N PHE E 413 39.43 -27.86 -5.77
CA PHE E 413 37.98 -27.72 -5.94
C PHE E 413 37.64 -27.36 -7.38
N GLN E 414 38.44 -26.49 -7.99
CA GLN E 414 38.15 -26.05 -9.34
C GLN E 414 38.30 -27.16 -10.34
N LEU E 415 39.27 -28.06 -10.14
CA LEU E 415 39.37 -29.21 -11.01
C LEU E 415 38.14 -30.10 -10.90
N LEU E 416 37.71 -30.37 -9.67
CA LEU E 416 36.49 -31.18 -9.50
C LEU E 416 35.32 -30.59 -10.28
N ASN E 417 35.05 -29.31 -10.05
CA ASN E 417 33.92 -28.67 -10.71
C ASN E 417 34.08 -28.64 -12.21
N LYS E 418 35.29 -28.37 -12.71
CA LYS E 418 35.48 -28.27 -14.14
C LYS E 418 35.22 -29.58 -14.83
N GLN E 419 35.64 -30.70 -14.22
CA GLN E 419 35.31 -31.99 -14.79
C GLN E 419 33.81 -32.18 -14.85
N LYS E 420 33.13 -31.98 -13.72
CA LYS E 420 31.70 -32.22 -13.70
C LYS E 420 30.98 -31.34 -14.72
N SER E 421 31.49 -30.15 -14.99
CA SER E 421 30.75 -29.23 -15.85
C SER E 421 31.09 -29.45 -17.33
N VAL E 422 32.34 -29.83 -17.64
CA VAL E 422 32.68 -30.10 -19.02
C VAL E 422 32.03 -31.40 -19.49
N HIS E 423 31.76 -32.31 -18.55
CA HIS E 423 31.03 -33.52 -18.93
C HIS E 423 29.54 -33.22 -19.16
N ASP E 424 29.12 -31.99 -18.91
CA ASP E 424 27.72 -31.64 -19.05
C ASP E 424 27.39 -31.26 -20.48
N PRO E 425 26.40 -31.89 -21.11
CA PRO E 425 26.10 -31.60 -22.52
C PRO E 425 25.27 -30.33 -22.68
N THR E 426 25.91 -29.29 -23.22
CA THR E 426 25.27 -28.01 -23.53
C THR E 426 26.30 -27.07 -24.15
N THR E 432 22.39 -20.09 -33.18
CA THR E 432 23.71 -19.61 -32.85
C THR E 432 24.24 -18.67 -33.93
N MET E 433 25.53 -18.82 -34.25
CA MET E 433 26.31 -18.10 -35.26
C MET E 433 26.67 -16.69 -34.84
N SER E 434 26.13 -16.17 -33.74
CA SER E 434 26.49 -14.82 -33.30
C SER E 434 25.80 -14.47 -32.00
N TYR E 435 26.01 -13.24 -31.55
CA TYR E 435 25.01 -12.63 -30.70
C TYR E 435 23.91 -12.00 -31.56
N ARG E 436 24.31 -11.33 -32.65
CA ARG E 436 23.34 -10.67 -33.53
C ARG E 436 22.27 -11.63 -34.01
N GLN E 437 22.65 -12.86 -34.33
CA GLN E 437 21.69 -13.79 -34.88
C GLN E 437 20.65 -14.20 -33.86
N SER E 438 21.09 -14.56 -32.66
CA SER E 438 20.11 -14.92 -31.64
C SER E 438 19.25 -13.73 -31.26
N ALA E 439 19.83 -12.54 -31.23
CA ALA E 439 19.05 -11.34 -30.94
C ALA E 439 17.95 -11.13 -31.98
N LEU E 440 18.32 -11.15 -33.27
CA LEU E 440 17.34 -10.93 -34.32
C LEU E 440 16.29 -12.03 -34.32
N LEU E 441 16.70 -13.27 -34.04
CA LEU E 441 15.73 -14.35 -33.96
C LEU E 441 14.70 -14.08 -32.89
N GLN E 442 15.16 -13.67 -31.70
CA GLN E 442 14.22 -13.45 -30.62
C GLN E 442 13.29 -12.28 -30.93
N LYS E 443 13.81 -11.24 -31.58
CA LYS E 443 12.94 -10.11 -31.88
C LYS E 443 11.90 -10.46 -32.92
N GLN E 444 12.29 -11.16 -33.99
CA GLN E 444 11.33 -11.60 -34.98
C GLN E 444 10.28 -12.49 -34.36
N ARG E 445 10.69 -13.40 -33.48
CA ARG E 445 9.74 -14.32 -32.88
C ARG E 445 8.73 -13.58 -32.00
N ILE E 446 9.21 -12.64 -31.20
CA ILE E 446 8.30 -11.85 -30.37
C ILE E 446 7.34 -11.05 -31.23
N GLU E 447 7.85 -10.45 -32.30
CA GLU E 447 7.02 -9.64 -33.18
C GLU E 447 5.94 -10.47 -33.85
N TYR E 448 6.24 -11.71 -34.19
CA TYR E 448 5.22 -12.57 -34.77
C TYR E 448 4.16 -12.94 -33.74
N GLU E 449 4.61 -13.30 -32.53
CA GLU E 449 3.67 -13.70 -31.49
C GLU E 449 2.72 -12.58 -31.13
N ALA E 450 3.20 -11.33 -31.12
CA ALA E 450 2.32 -10.23 -30.76
C ALA E 450 1.16 -10.13 -31.74
N ALA E 451 1.46 -10.20 -33.04
CA ALA E 451 0.40 -10.11 -34.03
C ALA E 451 -0.58 -11.27 -33.89
N VAL E 452 -0.05 -12.48 -33.71
CA VAL E 452 -0.94 -13.64 -33.55
C VAL E 452 -1.88 -13.42 -32.38
N LEU E 453 -1.36 -12.91 -31.27
CA LEU E 453 -2.19 -12.80 -30.08
C LEU E 453 -3.16 -11.64 -30.17
N CYS E 454 -2.80 -10.54 -30.84
CA CYS E 454 -3.75 -9.46 -31.02
C CYS E 454 -4.92 -9.89 -31.90
N GLU E 455 -4.61 -10.60 -32.98
CA GLU E 455 -5.69 -11.12 -33.82
C GLU E 455 -6.58 -12.10 -33.04
N LEU E 456 -5.98 -13.07 -32.38
CA LEU E 456 -6.76 -14.01 -31.59
C LEU E 456 -7.55 -13.29 -30.49
N ASN E 457 -7.04 -12.16 -30.02
CA ASN E 457 -7.75 -11.39 -29.00
C ASN E 457 -9.01 -10.78 -29.57
N SER E 458 -8.88 -10.05 -30.67
CA SER E 458 -10.05 -9.43 -31.29
C SER E 458 -11.10 -10.47 -31.66
N PHE E 459 -10.68 -11.59 -32.23
CA PHE E 459 -11.67 -12.48 -32.83
C PHE E 459 -12.31 -13.39 -31.79
N ALA E 460 -11.51 -14.18 -31.05
CA ALA E 460 -12.05 -15.29 -30.27
C ALA E 460 -12.19 -14.99 -28.78
N GLY E 461 -11.14 -14.54 -28.12
CA GLY E 461 -11.22 -14.30 -26.68
C GLY E 461 -9.97 -13.63 -26.19
N PHE E 462 -9.65 -13.86 -24.91
CA PHE E 462 -8.42 -13.34 -24.33
C PHE E 462 -7.48 -14.50 -24.04
N PRO E 463 -6.26 -14.48 -24.57
CA PRO E 463 -5.42 -15.68 -24.53
C PRO E 463 -4.81 -15.90 -23.15
N THR E 464 -4.86 -17.14 -22.69
CA THR E 464 -4.23 -17.48 -21.42
C THR E 464 -2.74 -17.74 -21.62
N ALA E 465 -2.08 -18.16 -20.54
CA ALA E 465 -0.64 -18.35 -20.55
C ALA E 465 -0.26 -19.38 -21.61
N PRO E 466 0.97 -19.32 -22.13
CA PRO E 466 1.39 -20.31 -23.13
C PRO E 466 1.31 -21.72 -22.55
N ILE E 467 0.89 -22.66 -23.38
CA ILE E 467 0.68 -24.01 -22.88
C ILE E 467 2.02 -24.67 -22.62
N ILE E 468 2.06 -25.53 -21.62
CA ILE E 468 3.25 -26.31 -21.31
C ILE E 468 3.06 -27.69 -21.90
N GLU E 469 3.76 -27.97 -22.99
CA GLU E 469 3.55 -29.18 -23.76
C GLU E 469 4.79 -30.05 -23.70
N THR E 470 4.67 -31.27 -24.21
CA THR E 470 5.77 -32.22 -24.22
C THR E 470 6.71 -31.92 -25.38
N ALA E 471 7.69 -32.79 -25.56
CA ALA E 471 8.58 -32.68 -26.70
C ALA E 471 7.89 -33.23 -27.94
N SER E 472 8.50 -32.99 -29.10
CA SER E 472 7.92 -33.44 -30.36
C SER E 472 7.90 -34.95 -30.43
N PHE E 473 7.16 -35.46 -31.41
CA PHE E 473 7.19 -36.90 -31.69
C PHE E 473 8.56 -37.33 -32.19
N ASP E 474 9.15 -36.54 -33.09
CA ASP E 474 10.47 -36.85 -33.62
C ASP E 474 11.52 -36.90 -32.51
N ASP E 475 11.49 -35.93 -31.60
CA ASP E 475 12.51 -35.87 -30.58
C ASP E 475 12.33 -36.96 -29.53
N ILE E 476 11.09 -37.26 -29.16
CA ILE E 476 10.84 -38.42 -28.30
C ILE E 476 11.39 -39.67 -28.95
N ARG E 477 11.15 -39.82 -30.25
CA ARG E 477 11.66 -40.97 -30.99
C ARG E 477 13.17 -41.07 -30.91
N ASN E 478 13.87 -40.01 -31.30
CA ASN E 478 15.33 -40.02 -31.27
C ASN E 478 15.86 -40.30 -29.89
N ASP E 479 15.20 -39.78 -28.85
CA ASP E 479 15.70 -39.99 -27.50
C ASP E 479 15.53 -41.43 -27.05
N LEU E 480 14.34 -42.01 -27.30
CA LEU E 480 14.16 -43.42 -27.00
C LEU E 480 15.13 -44.27 -27.79
N LEU E 481 15.50 -43.82 -28.99
CA LEU E 481 16.51 -44.53 -29.76
C LEU E 481 17.84 -44.52 -29.04
N GLU E 482 18.43 -43.34 -28.88
CA GLU E 482 19.77 -43.23 -28.32
C GLU E 482 19.84 -43.78 -26.91
N MET E 483 18.72 -43.87 -26.22
CA MET E 483 18.71 -44.51 -24.91
C MET E 483 18.61 -46.02 -25.04
N GLY E 484 17.94 -46.50 -26.09
CA GLY E 484 17.52 -47.89 -26.22
C GLY E 484 18.52 -48.96 -25.81
N MET F 1 -18.19 -19.66 -51.08
CA MET F 1 -18.05 -21.04 -50.54
C MET F 1 -17.72 -20.97 -49.04
N LYS F 2 -17.62 -19.74 -48.51
CA LYS F 2 -17.32 -19.54 -47.06
C LYS F 2 -18.45 -20.14 -46.23
N GLN F 3 -19.70 -19.94 -46.66
CA GLN F 3 -20.88 -20.49 -45.96
C GLN F 3 -20.80 -22.03 -45.98
N PHE F 4 -20.39 -22.60 -47.11
CA PHE F 4 -20.24 -24.07 -47.26
C PHE F 4 -19.17 -24.57 -46.29
N GLU F 5 -18.06 -23.83 -46.17
CA GLU F 5 -16.96 -24.21 -45.24
C GLU F 5 -17.49 -24.18 -43.80
N GLU F 6 -18.29 -23.16 -43.49
CA GLU F 6 -18.88 -23.02 -42.12
C GLU F 6 -19.79 -24.22 -41.86
N GLN F 7 -20.57 -24.62 -42.88
CA GLN F 7 -21.49 -25.78 -42.78
C GLN F 7 -20.68 -27.04 -42.51
N ILE F 8 -19.64 -27.27 -43.31
CA ILE F 8 -18.78 -28.49 -43.16
C ILE F 8 -18.18 -28.49 -41.75
N GLU F 9 -17.67 -27.34 -41.30
CA GLU F 9 -17.06 -27.25 -39.95
C GLU F 9 -18.13 -27.54 -38.90
N ARG F 10 -19.35 -27.03 -39.09
CA ARG F 10 -20.45 -27.25 -38.12
C ARG F 10 -20.77 -28.75 -38.05
N PHE F 11 -20.83 -29.42 -39.21
CA PHE F 11 -21.12 -30.88 -39.27
C PHE F 11 -19.99 -31.65 -38.56
N LYS F 12 -18.76 -31.22 -38.78
CA LYS F 12 -17.57 -31.87 -38.16
C LYS F 12 -17.69 -31.71 -36.64
N GLN F 13 -18.10 -30.53 -36.18
CA GLN F 13 -18.26 -30.23 -34.72
C GLN F 13 -19.36 -31.15 -34.16
N ALA F 14 -20.44 -31.34 -34.92
CA ALA F 14 -21.55 -32.22 -34.48
C ALA F 14 -21.03 -33.65 -34.33
N LEU F 15 -20.21 -34.12 -35.29
CA LEU F 15 -19.64 -35.49 -35.20
C LEU F 15 -18.71 -35.57 -33.97
N PHE F 16 -17.93 -34.49 -33.78
CA PHE F 16 -16.94 -34.30 -32.69
C PHE F 16 -17.63 -34.32 -31.33
N GLU F 17 -18.86 -33.79 -31.26
CA GLU F 17 -19.66 -33.74 -29.99
C GLU F 17 -19.57 -35.03 -29.16
N ASP F 18 -19.31 -34.85 -27.86
CA ASP F 18 -19.17 -35.91 -26.83
C ASP F 18 -20.51 -36.61 -26.57
N ASP F 20 -21.93 -37.44 -23.71
CA ASP F 20 -22.67 -36.74 -22.63
C ASP F 20 -22.26 -35.26 -22.67
N ALA F 21 -23.21 -34.33 -22.72
CA ALA F 21 -22.85 -32.90 -22.79
C ALA F 21 -23.88 -32.01 -22.09
N ASP F 23 -26.23 -28.68 -22.70
CA ASP F 23 -26.84 -27.87 -23.79
C ASP F 23 -27.40 -26.54 -23.25
N ASP F 25 -27.96 -22.98 -21.69
CA ASP F 25 -27.07 -21.80 -21.53
C ASP F 25 -26.84 -21.52 -20.04
N SER F 26 -27.88 -21.62 -19.22
CA SER F 26 -27.72 -21.38 -17.76
C SER F 26 -26.80 -22.45 -17.18
N ILE F 28 -24.81 -24.38 -13.69
CA ILE F 28 -25.29 -24.73 -12.39
C ILE F 28 -24.55 -23.79 -11.44
N GLY F 29 -25.31 -22.97 -10.73
CA GLY F 29 -24.73 -22.22 -9.63
C GLY F 29 -24.22 -23.16 -8.56
N GLU F 30 -24.00 -22.63 -7.38
CA GLU F 30 -23.55 -23.44 -6.25
C GLU F 30 -24.37 -24.72 -6.16
N ALA F 31 -25.64 -24.67 -5.79
CA ALA F 31 -26.62 -25.70 -6.08
C ALA F 31 -26.40 -27.09 -5.50
N LEU F 32 -25.18 -27.40 -5.06
CA LEU F 32 -24.90 -28.51 -4.14
C LEU F 32 -25.63 -29.82 -4.46
N THR F 33 -26.08 -30.03 -5.70
CA THR F 33 -26.66 -31.30 -6.12
C THR F 33 -26.89 -31.28 -7.62
N ASN F 34 -27.11 -32.45 -8.21
CA ASN F 34 -27.41 -32.54 -9.63
C ASN F 34 -28.78 -33.09 -9.94
N ARG F 35 -29.46 -33.68 -8.95
CA ARG F 35 -30.82 -34.17 -9.14
C ARG F 35 -31.68 -33.09 -9.77
N GLY F 36 -32.54 -33.49 -10.67
CA GLY F 36 -33.34 -32.51 -11.35
C GLY F 36 -32.57 -31.72 -12.38
N LEU F 37 -31.52 -31.03 -11.96
CA LEU F 37 -30.83 -30.12 -12.87
C LEU F 37 -29.53 -30.71 -13.39
N LYS F 38 -29.67 -31.79 -14.14
CA LYS F 38 -28.62 -32.23 -15.04
C LYS F 38 -28.69 -31.36 -16.28
N ARG F 39 -27.90 -31.68 -17.30
CA ARG F 39 -27.81 -30.87 -18.52
C ARG F 39 -27.80 -29.37 -18.20
N LYS F 40 -26.91 -28.99 -17.29
CA LYS F 40 -26.90 -27.64 -16.74
C LYS F 40 -25.52 -27.03 -16.71
N LYS F 41 -24.62 -27.45 -17.61
CA LYS F 41 -23.31 -26.80 -17.74
C LYS F 41 -22.51 -26.87 -16.44
N GLY F 42 -22.15 -28.08 -16.06
CA GLY F 42 -21.22 -28.25 -14.97
C GLY F 42 -21.79 -29.12 -13.90
N SER F 43 -22.88 -29.80 -14.23
CA SER F 43 -23.56 -30.64 -13.26
C SER F 43 -22.89 -31.98 -13.06
N LYS F 44 -21.82 -32.24 -13.82
CA LYS F 44 -21.06 -33.51 -13.68
C LYS F 44 -20.12 -33.37 -12.49
N ASN F 45 -19.82 -32.12 -12.09
CA ASN F 45 -18.94 -31.84 -10.98
C ASN F 45 -19.67 -31.79 -9.65
N VAL F 46 -20.94 -32.05 -9.64
CA VAL F 46 -21.76 -31.83 -8.45
C VAL F 46 -22.45 -33.12 -8.06
N TYR F 47 -22.59 -33.35 -6.77
CA TYR F 47 -23.25 -34.54 -6.26
C TYR F 47 -23.53 -34.31 -4.78
N TYR F 48 -23.88 -35.36 -4.05
CA TYR F 48 -24.18 -35.24 -2.63
C TYR F 48 -22.89 -35.31 -1.82
N GLY F 49 -22.33 -34.13 -1.57
CA GLY F 49 -21.19 -33.94 -0.70
C GLY F 49 -20.22 -32.91 -1.23
N CYS F 50 -19.89 -32.94 -2.51
CA CYS F 50 -19.74 -31.74 -3.31
C CYS F 50 -19.35 -30.48 -2.55
N VAL F 51 -18.14 -30.39 -2.02
CA VAL F 51 -17.72 -29.19 -1.30
C VAL F 51 -18.21 -27.93 -1.99
N GLY F 52 -18.10 -27.89 -3.31
CA GLY F 52 -18.58 -26.74 -4.05
C GLY F 52 -18.44 -27.01 -5.53
N ASN F 53 -18.52 -25.95 -6.30
CA ASN F 53 -18.16 -25.99 -7.72
C ASN F 53 -17.19 -24.85 -7.96
N SER F 54 -15.93 -25.21 -8.16
CA SER F 54 -14.88 -24.19 -8.30
C SER F 54 -14.85 -23.63 -9.71
N SER F 55 -15.01 -24.50 -10.70
CA SER F 55 -14.95 -24.07 -12.09
C SER F 55 -16.28 -23.51 -12.54
N GLY F 56 -16.35 -22.19 -12.69
CA GLY F 56 -17.53 -21.56 -13.23
C GLY F 56 -17.43 -21.54 -14.75
N SER F 57 -18.56 -21.34 -15.42
CA SER F 57 -18.55 -21.31 -16.88
C SER F 57 -18.20 -19.92 -17.38
N SER F 58 -17.11 -19.37 -16.86
CA SER F 58 -16.59 -18.10 -17.34
C SER F 58 -15.10 -18.15 -17.59
N ILE F 59 -14.40 -19.10 -17.01
CA ILE F 59 -12.98 -19.31 -17.24
C ILE F 59 -12.71 -20.47 -18.18
N ASP F 60 -13.74 -21.06 -18.76
CA ASP F 60 -13.56 -22.19 -19.66
C ASP F 60 -12.68 -21.81 -20.83
N ILE F 61 -11.87 -22.76 -21.26
CA ILE F 61 -10.80 -22.50 -22.21
C ILE F 61 -11.10 -23.20 -23.52
N ASP F 62 -10.82 -22.53 -24.63
CA ASP F 62 -10.99 -23.07 -25.97
C ASP F 62 -9.65 -23.01 -26.69
N TYR F 63 -9.25 -24.11 -27.31
CA TYR F 63 -7.94 -24.17 -27.94
C TYR F 63 -8.04 -23.90 -29.43
N TYR F 64 -7.13 -23.07 -29.92
CA TYR F 64 -7.07 -22.72 -31.32
C TYR F 64 -5.67 -23.02 -31.83
N ASN F 65 -5.57 -23.76 -32.92
CA ASN F 65 -4.27 -24.14 -33.43
C ASN F 65 -3.77 -23.10 -34.42
N ILE F 66 -2.63 -22.50 -34.13
CA ILE F 66 -2.00 -21.51 -34.98
C ILE F 66 -0.63 -22.02 -35.37
N GLY F 67 -0.33 -22.01 -36.67
CA GLY F 67 0.93 -22.53 -37.11
C GLY F 67 1.10 -23.97 -36.71
N ASN F 68 1.93 -24.21 -35.69
CA ASN F 68 2.15 -25.56 -35.18
C ASN F 68 1.80 -25.70 -33.71
N THR F 69 1.44 -24.62 -33.02
CA THR F 69 1.18 -24.69 -31.60
C THR F 69 -0.28 -24.33 -31.34
N LYS F 70 -0.87 -24.96 -30.35
CA LYS F 70 -2.23 -24.62 -29.97
C LYS F 70 -2.19 -23.68 -28.78
N ARG F 71 -3.00 -22.63 -28.87
CA ARG F 71 -3.10 -21.64 -27.81
C ARG F 71 -4.49 -21.70 -27.23
N GLY F 72 -4.60 -21.86 -25.92
CA GLY F 72 -5.88 -21.76 -25.26
C GLY F 72 -6.36 -20.33 -25.26
N VAL F 73 -7.63 -20.15 -24.91
CA VAL F 73 -8.20 -18.80 -24.84
C VAL F 73 -9.38 -18.82 -23.89
N VAL F 74 -9.58 -17.71 -23.19
CA VAL F 74 -10.79 -17.49 -22.39
C VAL F 74 -11.84 -16.94 -23.33
N SER F 75 -12.82 -17.75 -23.68
CA SER F 75 -13.87 -17.28 -24.59
C SER F 75 -15.17 -17.36 -23.82
N HIS F 76 -15.38 -16.37 -22.97
CA HIS F 76 -16.67 -16.05 -22.41
C HIS F 76 -16.80 -14.55 -22.54
N PHE F 77 -15.64 -13.90 -22.48
CA PHE F 77 -15.53 -12.47 -22.70
C PHE F 77 -14.96 -12.18 -24.09
N ARG F 78 -15.72 -12.60 -25.09
CA ARG F 78 -15.43 -12.19 -26.46
C ARG F 78 -16.27 -10.95 -26.76
N ARG F 79 -16.23 -10.50 -28.01
CA ARG F 79 -17.01 -9.32 -28.37
C ARG F 79 -18.50 -9.63 -28.32
N ARG F 80 -18.89 -10.80 -28.81
CA ARG F 80 -20.22 -11.40 -28.65
C ARG F 80 -21.32 -10.35 -28.71
N ILE F 81 -21.26 -9.54 -29.77
CA ILE F 81 -21.97 -8.28 -29.75
C ILE F 81 -23.46 -8.54 -29.56
N ASP F 82 -24.04 -7.82 -28.61
CA ASP F 82 -25.36 -8.11 -28.09
C ASP F 82 -25.83 -6.87 -27.34
N PRO F 83 -27.11 -6.81 -26.96
CA PRO F 83 -27.56 -5.69 -26.14
C PRO F 83 -27.14 -5.77 -24.69
N GLU F 84 -27.04 -6.95 -24.10
CA GLU F 84 -26.90 -7.08 -22.64
C GLU F 84 -25.51 -6.71 -22.16
N TRP F 85 -24.48 -6.96 -22.95
CA TRP F 85 -23.12 -6.84 -22.45
C TRP F 85 -22.54 -5.46 -22.69
N LEU F 86 -22.11 -4.80 -21.62
CA LEU F 86 -21.38 -3.55 -21.71
C LEU F 86 -19.88 -3.83 -21.73
N ASP F 87 -19.11 -2.82 -22.12
CA ASP F 87 -17.67 -2.99 -22.21
C ASP F 87 -17.05 -3.23 -20.85
N HIS F 88 -17.42 -2.44 -19.85
CA HIS F 88 -16.85 -2.59 -18.53
C HIS F 88 -17.32 -3.84 -17.80
N ASP F 89 -18.03 -4.73 -18.48
CA ASP F 89 -18.27 -6.06 -17.93
C ASP F 89 -17.06 -6.95 -18.14
N ASN F 90 -16.20 -6.57 -19.04
CA ASN F 90 -15.03 -7.35 -19.40
C ASN F 90 -13.91 -7.09 -18.41
N PRO F 91 -13.45 -8.09 -17.66
CA PRO F 91 -12.27 -7.87 -16.82
C PRO F 91 -11.07 -7.44 -17.63
N TYR F 92 -10.81 -8.12 -18.73
CA TYR F 92 -9.65 -7.86 -19.55
C TYR F 92 -9.86 -6.70 -20.49
N ASN F 93 -10.83 -5.85 -20.22
CA ASN F 93 -10.94 -4.64 -20.99
C ASN F 93 -9.71 -3.77 -20.75
N ASP F 94 -9.43 -2.90 -21.71
CA ASP F 94 -8.34 -1.91 -21.61
C ASP F 94 -7.01 -2.52 -21.15
N ILE F 95 -6.80 -3.79 -21.46
CA ILE F 95 -5.49 -4.43 -21.32
C ILE F 95 -4.96 -4.59 -22.74
N ASN F 96 -4.19 -3.62 -23.20
CA ASN F 96 -3.74 -3.59 -24.58
C ASN F 96 -2.56 -4.54 -24.73
N ILE F 97 -2.76 -5.65 -25.45
CA ILE F 97 -1.68 -6.59 -25.67
C ILE F 97 -0.70 -6.07 -26.71
N ALA F 98 -1.16 -5.28 -27.65
CA ALA F 98 -0.28 -4.80 -28.71
C ALA F 98 0.74 -3.81 -28.23
N GLU F 99 0.47 -3.11 -27.12
CA GLU F 99 1.44 -2.16 -26.60
C GLU F 99 2.16 -2.65 -25.36
N ILE F 100 1.66 -3.71 -24.71
CA ILE F 100 2.44 -4.31 -23.65
C ILE F 100 3.60 -5.10 -24.22
N MET F 101 3.36 -5.90 -25.26
CA MET F 101 4.38 -6.75 -25.83
C MET F 101 5.19 -6.08 -26.92
N SER F 102 5.08 -4.78 -27.07
CA SER F 102 5.75 -4.19 -28.20
C SER F 102 7.20 -3.87 -27.89
N PRO F 103 8.07 -3.87 -28.91
CA PRO F 103 9.48 -3.53 -28.69
C PRO F 103 9.71 -2.06 -28.36
N LEU F 104 10.98 -1.66 -28.27
CA LEU F 104 11.29 -0.30 -27.83
C LEU F 104 11.36 0.68 -28.99
N THR F 105 12.29 0.46 -29.93
CA THR F 105 12.49 1.26 -31.14
C THR F 105 13.02 2.66 -30.86
N LYS F 106 13.15 3.06 -29.63
CA LYS F 106 13.61 4.40 -29.28
C LYS F 106 14.15 4.35 -27.87
N PRO F 107 15.40 4.75 -27.65
CA PRO F 107 16.01 4.49 -26.34
C PRO F 107 15.26 5.12 -25.18
N GLN F 108 14.83 6.37 -25.33
CA GLN F 108 14.12 7.07 -24.28
C GLN F 108 12.81 6.38 -23.90
N ASP F 109 12.20 5.65 -24.83
CA ASP F 109 11.02 4.84 -24.50
C ASP F 109 11.24 3.93 -23.32
N LEU F 110 12.49 3.69 -22.93
CA LEU F 110 12.75 2.86 -21.78
C LEU F 110 12.14 3.41 -20.51
N LEU F 111 11.91 4.71 -20.45
CA LEU F 111 11.43 5.33 -19.23
C LEU F 111 9.94 5.61 -19.21
N THR F 112 9.23 5.35 -20.31
CA THR F 112 7.79 5.57 -20.40
C THR F 112 7.01 4.32 -20.74
N HIS F 113 7.59 3.42 -21.50
CA HIS F 113 6.94 2.17 -21.84
C HIS F 113 6.44 1.49 -20.56
N PRO F 114 5.18 1.05 -20.51
CA PRO F 114 4.62 0.54 -19.26
C PRO F 114 5.37 -0.64 -18.65
N ALA F 115 5.48 -1.74 -19.39
CA ALA F 115 6.06 -2.96 -18.82
C ALA F 115 7.53 -2.79 -18.52
N ILE F 116 8.29 -2.24 -19.46
CA ILE F 116 9.72 -2.08 -19.25
C ILE F 116 9.98 -1.16 -18.08
N SER F 117 9.29 -0.03 -18.00
CA SER F 117 9.51 0.86 -16.86
C SER F 117 9.15 0.16 -15.56
N SER F 118 8.12 -0.66 -15.56
CA SER F 118 7.87 -1.45 -14.37
C SER F 118 8.99 -2.42 -14.08
N ILE F 119 9.86 -2.69 -15.05
CA ILE F 119 10.98 -3.60 -14.82
C ILE F 119 12.19 -2.87 -14.27
N PHE F 120 12.46 -1.67 -14.74
CA PHE F 120 13.60 -0.91 -14.24
C PHE F 120 13.29 -0.15 -12.97
N GLU F 121 12.19 -0.46 -12.31
CA GLU F 121 11.84 0.14 -11.04
C GLU F 121 11.94 -0.86 -9.90
N GLN F 122 12.15 -2.13 -10.20
CA GLN F 122 12.40 -3.11 -9.16
C GLN F 122 13.83 -2.98 -8.69
N ASN F 123 14.04 -3.06 -7.39
CA ASN F 123 15.38 -3.13 -6.84
C ASN F 123 15.51 -4.47 -6.16
N TYR F 124 15.75 -5.50 -6.95
CA TYR F 124 15.96 -6.83 -6.41
C TYR F 124 17.42 -7.20 -6.40
N LEU F 125 18.23 -6.54 -7.21
CA LEU F 125 19.66 -6.74 -7.17
C LEU F 125 20.28 -6.05 -5.97
N SER F 126 19.85 -4.83 -5.68
CA SER F 126 20.41 -4.11 -4.56
C SER F 126 20.04 -4.74 -3.24
N ILE F 127 18.96 -5.51 -3.18
CA ILE F 127 18.65 -6.25 -1.97
C ILE F 127 19.53 -7.47 -1.87
N LEU F 128 19.71 -8.17 -2.99
CA LEU F 128 20.44 -9.42 -2.96
C LEU F 128 21.92 -9.19 -2.69
N ALA F 129 22.50 -8.12 -3.23
CA ALA F 129 23.91 -7.86 -2.99
C ALA F 129 24.18 -7.57 -1.52
N SER F 130 23.33 -6.76 -0.90
CA SER F 130 23.50 -6.49 0.52
C SER F 130 23.26 -7.74 1.35
N SER F 131 22.34 -8.59 0.93
CA SER F 131 22.16 -9.86 1.64
C SER F 131 23.40 -10.72 1.54
N ALA F 132 24.06 -10.70 0.38
CA ALA F 132 25.29 -11.48 0.22
C ALA F 132 26.38 -10.97 1.14
N LEU F 133 26.52 -9.66 1.25
CA LEU F 133 27.52 -9.13 2.17
C LEU F 133 27.22 -9.50 3.60
N GLU F 134 25.96 -9.40 4.00
CA GLU F 134 25.60 -9.79 5.36
C GLU F 134 25.89 -11.26 5.61
N ILE F 135 25.79 -12.10 4.58
CA ILE F 135 26.06 -13.52 4.80
C ILE F 135 27.56 -13.78 4.88
N ILE F 136 28.34 -13.10 4.04
CA ILE F 136 29.78 -13.32 4.02
C ILE F 136 30.42 -12.87 5.33
N SER F 137 29.90 -11.81 5.94
CA SER F 137 30.60 -11.23 7.08
C SER F 137 30.61 -12.14 8.30
N ALA F 138 29.50 -12.80 8.62
CA ALA F 138 29.51 -13.69 9.78
C ALA F 138 30.45 -14.87 9.55
N GLU F 139 30.36 -15.47 8.37
CA GLU F 139 31.27 -16.55 8.02
C GLU F 139 32.71 -16.13 8.19
N HIS F 140 33.04 -14.91 7.79
CA HIS F 140 34.44 -14.50 7.89
C HIS F 140 34.85 -14.25 9.34
N LYS F 141 33.96 -13.74 10.17
CA LYS F 141 34.27 -13.62 11.59
C LYS F 141 34.58 -14.97 12.19
N TYR F 142 34.01 -16.04 11.64
CA TYR F 142 34.33 -17.38 12.14
C TYR F 142 35.64 -17.90 11.57
N THR F 143 35.88 -17.62 10.29
CA THR F 143 37.07 -18.11 9.62
C THR F 143 38.33 -17.48 10.18
N ALA F 144 38.27 -16.21 10.57
CA ALA F 144 39.47 -15.58 11.12
C ALA F 144 39.95 -16.30 12.38
N HIS F 145 39.04 -16.67 13.26
CA HIS F 145 39.44 -17.39 14.46
C HIS F 145 39.96 -18.78 14.13
N LEU F 146 39.28 -19.49 13.22
CA LEU F 146 39.81 -20.79 12.81
C LEU F 146 41.24 -20.65 12.28
N GLU F 147 41.51 -19.57 11.54
CA GLU F 147 42.82 -19.40 10.93
C GLU F 147 43.88 -19.12 11.97
N GLN F 148 43.56 -18.30 12.97
CA GLN F 148 44.52 -18.07 14.05
C GLN F 148 44.87 -19.39 14.74
N LEU F 149 43.85 -20.17 15.08
CA LEU F 149 44.16 -21.46 15.70
C LEU F 149 45.01 -22.31 14.79
N MET F 150 44.83 -22.19 13.48
CA MET F 150 45.62 -23.01 12.57
C MET F 150 47.08 -22.61 12.58
N VAL F 151 47.37 -21.32 12.48
CA VAL F 151 48.78 -20.92 12.50
C VAL F 151 49.40 -21.26 13.84
N ALA F 152 48.61 -21.33 14.90
CA ALA F 152 49.16 -21.79 16.17
C ALA F 152 49.49 -23.27 16.12
N LEU F 153 48.60 -24.08 15.54
CA LEU F 153 48.80 -25.53 15.61
C LEU F 153 49.90 -25.98 14.69
N LEU F 154 50.00 -25.39 13.50
CA LEU F 154 51.12 -25.73 12.62
C LEU F 154 52.45 -25.38 13.26
N GLY F 155 52.52 -24.23 13.91
CA GLY F 155 53.73 -23.77 14.54
C GLY F 155 54.28 -22.49 13.98
N ASP F 156 53.64 -21.87 13.00
CA ASP F 156 54.20 -20.65 12.42
C ASP F 156 53.70 -19.41 13.12
N ASP F 157 53.71 -19.41 14.45
CA ASP F 157 53.21 -18.30 15.22
C ASP F 157 54.38 -17.55 15.82
N PRO F 158 54.58 -16.28 15.49
CA PRO F 158 55.74 -15.57 16.04
C PRO F 158 55.77 -15.53 17.55
N SER F 159 54.62 -15.47 18.19
CA SER F 159 54.58 -15.32 19.63
C SER F 159 54.58 -16.64 20.37
N LEU F 160 54.70 -17.75 19.65
CA LEU F 160 54.70 -19.09 20.24
C LEU F 160 55.84 -19.85 19.61
N PRO F 161 57.04 -19.80 20.19
CA PRO F 161 58.21 -20.43 19.56
C PRO F 161 58.37 -21.90 19.90
N GLY F 162 57.80 -22.33 21.03
CA GLY F 162 57.94 -23.69 21.46
C GLY F 162 57.06 -24.64 20.66
N PRO F 163 56.95 -25.87 21.15
CA PRO F 163 56.07 -26.84 20.50
C PRO F 163 54.64 -26.62 20.93
N PRO F 164 53.68 -26.70 20.01
CA PRO F 164 52.31 -26.28 20.33
C PRO F 164 51.63 -27.17 21.36
N HIS F 165 51.90 -28.47 21.36
CA HIS F 165 51.26 -29.34 22.35
C HIS F 165 51.64 -28.94 23.76
N GLU F 166 52.83 -28.36 23.93
CA GLU F 166 53.24 -27.97 25.27
C GLU F 166 52.46 -26.76 25.76
N VAL F 167 52.25 -25.78 24.88
CA VAL F 167 51.73 -24.48 25.32
C VAL F 167 50.30 -24.59 25.80
N PHE F 168 49.63 -25.70 25.49
CA PHE F 168 48.36 -26.05 26.14
C PHE F 168 48.38 -27.56 26.35
N GLY F 169 48.74 -27.98 27.56
CA GLY F 169 49.21 -29.32 27.79
C GLY F 169 48.27 -30.42 27.35
N ILE F 170 48.62 -31.07 26.24
CA ILE F 170 47.85 -32.18 25.69
C ILE F 170 48.84 -33.17 25.11
N SER F 171 48.44 -34.43 25.08
CA SER F 171 49.29 -35.44 24.49
C SER F 171 49.56 -35.12 23.03
N PRO F 172 50.76 -35.39 22.54
CA PRO F 172 51.04 -35.13 21.12
C PRO F 172 50.26 -36.02 20.18
N GLU F 173 49.45 -36.95 20.68
CA GLU F 173 48.53 -37.70 19.85
C GLU F 173 47.14 -37.09 19.80
N GLN F 174 46.86 -36.15 20.69
CA GLN F 174 45.63 -35.37 20.65
C GLN F 174 45.78 -34.16 19.74
N CYS F 175 46.98 -33.61 19.69
CA CYS F 175 47.23 -32.45 18.85
C CYS F 175 47.06 -32.80 17.38
N ARG F 176 47.36 -34.03 16.99
CA ARG F 176 47.25 -34.38 15.58
C ARG F 176 45.80 -34.50 15.16
N GLU F 177 44.96 -35.12 16.00
CA GLU F 177 43.55 -35.19 15.69
C GLU F 177 42.94 -33.81 15.63
N LEU F 178 43.25 -32.98 16.63
CA LEU F 178 42.76 -31.61 16.61
C LEU F 178 43.18 -30.91 15.32
N THR F 179 44.43 -31.06 14.91
CA THR F 179 44.90 -30.38 13.72
C THR F 179 44.17 -30.86 12.48
N ILE F 180 43.87 -32.16 12.42
CA ILE F 180 43.17 -32.69 11.26
C ILE F 180 41.79 -32.07 11.13
N THR F 181 41.03 -32.06 12.23
CA THR F 181 39.68 -31.53 12.15
C THR F 181 39.68 -30.04 11.87
N VAL F 182 40.59 -29.30 12.51
CA VAL F 182 40.68 -27.88 12.22
C VAL F 182 41.01 -27.63 10.76
N GLN F 183 41.84 -28.48 10.17
CA GLN F 183 42.19 -28.28 8.78
C GLN F 183 40.96 -28.46 7.88
N GLU F 184 40.21 -29.53 8.10
CA GLU F 184 39.00 -29.71 7.31
C GLU F 184 38.09 -28.51 7.43
N ALA F 185 37.82 -28.08 8.66
CA ALA F 185 36.89 -26.98 8.88
C ALA F 185 37.35 -25.72 8.18
N LEU F 186 38.62 -25.38 8.33
CA LEU F 186 39.14 -24.15 7.74
C LEU F 186 39.06 -24.18 6.23
N GLU F 187 39.36 -25.32 5.62
CA GLU F 187 39.34 -25.40 4.17
C GLU F 187 37.93 -25.24 3.62
N LYS F 188 36.96 -25.93 4.24
CA LYS F 188 35.59 -25.79 3.75
C LYS F 188 35.08 -24.37 3.91
N SER F 189 35.33 -23.77 5.08
CA SER F 189 34.88 -22.40 5.31
C SER F 189 35.54 -21.42 4.35
N LYS F 190 36.76 -21.68 3.91
CA LYS F 190 37.35 -20.79 2.91
C LYS F 190 36.71 -20.99 1.55
N GLU F 191 36.35 -22.22 1.20
CA GLU F 191 35.77 -22.43 -0.12
C GLU F 191 34.42 -21.75 -0.24
N PHE F 192 33.58 -21.89 0.78
CA PHE F 192 32.26 -21.24 0.72
C PHE F 192 32.40 -19.75 0.45
N ILE F 193 33.36 -19.11 1.12
CA ILE F 193 33.55 -17.68 0.92
C ILE F 193 34.02 -17.39 -0.48
N ARG F 194 34.93 -18.22 -1.01
CA ARG F 194 35.43 -17.94 -2.35
C ARG F 194 34.31 -18.01 -3.39
N CYS F 195 33.34 -18.91 -3.20
CA CYS F 195 32.24 -18.97 -4.16
C CYS F 195 31.26 -17.81 -3.98
N TRP F 196 30.81 -17.59 -2.74
CA TRP F 196 29.83 -16.54 -2.51
C TRP F 196 30.37 -15.18 -2.91
N THR F 197 31.69 -14.99 -2.89
CA THR F 197 32.22 -13.72 -3.34
C THR F 197 32.05 -13.55 -4.84
N ASN F 198 32.18 -14.62 -5.61
CA ASN F 198 31.96 -14.52 -7.04
C ASN F 198 30.50 -14.23 -7.35
N VAL F 199 29.60 -14.91 -6.62
CA VAL F 199 28.17 -14.59 -6.77
C VAL F 199 27.93 -13.10 -6.55
N ARG F 200 28.44 -12.57 -5.45
CA ARG F 200 28.20 -11.17 -5.12
C ARG F 200 28.83 -10.23 -6.15
N MET F 201 30.04 -10.52 -6.61
CA MET F 201 30.68 -9.63 -7.55
C MET F 201 29.96 -9.62 -8.88
N ASP F 202 29.34 -10.73 -9.27
CA ASP F 202 28.58 -10.70 -10.51
C ASP F 202 27.26 -9.95 -10.35
N LEU F 203 26.60 -10.09 -9.20
CA LEU F 203 25.46 -9.22 -8.94
C LEU F 203 25.85 -7.75 -9.06
N LEU F 204 27.03 -7.39 -8.56
CA LEU F 204 27.46 -6.01 -8.66
C LEU F 204 27.75 -5.59 -10.10
N ARG F 205 28.26 -6.51 -10.91
CA ARG F 205 28.44 -6.22 -12.33
C ARG F 205 27.10 -5.92 -13.00
N ALA F 206 26.08 -6.71 -12.67
CA ALA F 206 24.75 -6.46 -13.21
C ALA F 206 24.24 -5.09 -12.81
N ILE F 207 24.37 -4.74 -11.53
CA ILE F 207 23.91 -3.44 -11.05
C ILE F 207 24.61 -2.31 -11.78
N ARG F 208 25.91 -2.47 -12.01
CA ARG F 208 26.66 -1.43 -12.69
C ARG F 208 26.17 -1.22 -14.10
N PHE F 209 25.96 -2.31 -14.84
CA PHE F 209 25.44 -2.19 -16.20
C PHE F 209 24.05 -1.56 -16.23
N LYS F 210 23.18 -1.99 -15.34
CA LYS F 210 21.83 -1.45 -15.30
C LYS F 210 21.85 0.06 -15.13
N ASN F 211 22.61 0.54 -14.15
CA ASN F 211 22.66 1.98 -13.95
C ASN F 211 23.26 2.70 -15.14
N LYS F 212 24.28 2.11 -15.76
CA LYS F 212 24.87 2.75 -16.93
C LYS F 212 23.85 2.93 -18.04
N VAL F 213 22.99 1.95 -18.25
CA VAL F 213 21.99 2.04 -19.30
C VAL F 213 20.92 3.06 -18.94
N ILE F 214 20.45 3.03 -17.70
CA ILE F 214 19.46 4.01 -17.26
C ILE F 214 19.99 5.42 -17.45
N ALA F 215 21.30 5.62 -17.29
CA ALA F 215 21.85 6.96 -17.48
C ALA F 215 22.07 7.31 -18.93
N TYR F 216 22.35 6.33 -19.80
CA TYR F 216 22.47 6.62 -21.22
C TYR F 216 21.12 7.03 -21.79
N CYS F 217 20.08 6.26 -21.51
CA CYS F 217 18.78 6.56 -22.08
C CYS F 217 18.04 7.60 -21.26
N GLN F 218 18.72 8.72 -20.98
CA GLN F 218 18.12 9.89 -20.38
C GLN F 218 18.54 11.17 -21.06
N GLY F 219 19.48 11.11 -22.00
CA GLY F 219 19.78 12.25 -22.84
C GLY F 219 20.15 13.50 -22.09
N GLU F 220 19.25 14.47 -22.08
CA GLU F 220 19.48 15.73 -21.40
C GLU F 220 18.72 15.82 -20.09
N ASP F 221 17.94 14.81 -19.74
CA ASP F 221 17.29 14.76 -18.45
C ASP F 221 18.16 14.12 -17.40
N TYR F 222 19.47 14.09 -17.63
CA TYR F 222 20.41 13.44 -16.72
C TYR F 222 20.71 14.38 -15.56
N ASN F 223 19.99 14.19 -14.47
CA ASN F 223 20.43 14.64 -13.16
C ASN F 223 20.99 13.42 -12.45
N GLY F 224 22.12 13.60 -11.78
CA GLY F 224 22.95 12.49 -11.37
C GLY F 224 22.24 11.24 -10.91
N ASN F 225 21.10 11.41 -10.25
CA ASN F 225 20.41 10.25 -9.71
C ASN F 225 19.83 9.40 -10.82
N THR F 226 19.83 8.09 -10.60
CA THR F 226 19.32 7.11 -11.56
C THR F 226 18.44 6.10 -10.84
N GLN F 227 17.55 6.59 -10.00
CA GLN F 227 16.53 5.74 -9.39
C GLN F 227 15.24 5.87 -10.19
N VAL F 228 15.32 5.41 -11.43
CA VAL F 228 14.30 5.61 -12.47
C VAL F 228 13.75 7.02 -12.44
N MET G 1 60.28 -9.54 0.74
CA MET G 1 58.92 -9.78 1.18
C MET G 1 58.04 -9.98 -0.04
N ASP G 2 56.90 -9.27 -0.07
CA ASP G 2 55.99 -9.25 -1.21
C ASP G 2 55.47 -10.65 -1.54
N VAL G 3 54.72 -11.19 -0.58
CA VAL G 3 54.31 -12.58 -0.66
C VAL G 3 53.30 -12.79 -1.79
N LEU G 4 52.34 -11.89 -1.93
CA LEU G 4 51.25 -12.14 -2.87
C LEU G 4 51.70 -12.08 -4.32
N SER G 5 52.86 -11.50 -4.60
CA SER G 5 53.35 -11.42 -5.97
C SER G 5 54.36 -12.49 -6.29
N ARG G 6 54.60 -13.41 -5.37
CA ARG G 6 55.46 -14.56 -5.61
C ARG G 6 54.75 -15.88 -5.43
N VAL G 7 53.75 -15.93 -4.56
CA VAL G 7 52.94 -17.13 -4.43
C VAL G 7 51.94 -17.22 -5.57
N PHE G 8 51.59 -16.08 -6.16
CA PHE G 8 50.62 -16.04 -7.24
C PHE G 8 51.36 -15.70 -8.53
N ASP G 9 51.66 -16.74 -9.31
CA ASP G 9 52.42 -16.63 -10.55
C ASP G 9 53.81 -16.06 -10.27
N LEU G 19 41.95 -26.17 -21.10
CA LEU G 19 41.45 -26.79 -19.88
C LEU G 19 40.06 -27.38 -20.09
N ASN G 20 39.28 -26.74 -20.97
CA ASN G 20 37.99 -27.29 -21.34
C ASN G 20 38.11 -28.64 -22.03
N ASN G 21 39.30 -28.95 -22.56
CA ASN G 21 39.59 -30.26 -23.10
C ASN G 21 39.34 -31.33 -22.04
N PRO G 22 38.36 -32.21 -22.24
CA PRO G 22 37.94 -33.12 -21.17
C PRO G 22 39.01 -34.14 -20.81
N LEU G 23 38.67 -34.95 -19.81
CA LEU G 23 39.58 -35.89 -19.18
C LEU G 23 38.91 -37.24 -19.07
N THR G 24 39.68 -38.31 -19.17
CA THR G 24 39.14 -39.63 -18.93
C THR G 24 38.99 -39.86 -17.43
N ALA G 25 38.73 -41.11 -17.07
CA ALA G 25 38.59 -41.45 -15.65
C ALA G 25 39.94 -41.54 -14.97
N SER G 26 40.88 -42.25 -15.59
CA SER G 26 42.18 -42.44 -14.97
C SER G 26 43.05 -41.20 -14.98
N GLU G 27 43.00 -40.40 -16.05
CA GLU G 27 43.73 -39.14 -16.02
C GLU G 27 43.20 -38.23 -14.91
N PHE G 28 41.88 -38.19 -14.75
CA PHE G 28 41.28 -37.42 -13.68
C PHE G 28 41.74 -37.93 -12.32
N ARG G 29 41.72 -39.25 -12.12
CA ARG G 29 42.16 -39.79 -10.84
C ARG G 29 43.62 -39.46 -10.58
N ALA G 30 44.45 -39.51 -11.61
CA ALA G 30 45.87 -39.20 -11.44
C ALA G 30 46.08 -37.76 -11.02
N LYS G 31 45.46 -36.83 -11.75
CA LYS G 31 45.60 -35.42 -11.41
C LYS G 31 45.10 -35.13 -10.01
N LYS G 32 43.95 -35.71 -9.64
CA LYS G 32 43.43 -35.47 -8.30
C LYS G 32 44.38 -36.00 -7.24
N ALA G 33 44.93 -37.19 -7.44
CA ALA G 33 45.87 -37.73 -6.47
C ALA G 33 47.06 -36.83 -6.32
N GLU G 34 47.56 -36.28 -7.43
CA GLU G 34 48.69 -35.36 -7.36
C GLU G 34 48.37 -34.16 -6.49
N LEU G 35 47.21 -33.53 -6.74
CA LEU G 35 46.91 -32.31 -6.00
C LEU G 35 46.72 -32.58 -4.51
N GLU G 36 46.06 -33.68 -4.17
CA GLU G 36 45.89 -33.99 -2.75
C GLU G 36 47.22 -34.28 -2.09
N ALA G 37 48.12 -34.96 -2.80
CA ALA G 37 49.43 -35.25 -2.23
C ALA G 37 50.23 -33.98 -2.02
N GLU G 38 50.12 -33.03 -2.93
CA GLU G 38 50.82 -31.76 -2.75
C GLU G 38 50.27 -30.99 -1.56
N LEU G 39 48.95 -30.98 -1.39
CA LEU G 39 48.37 -30.34 -0.22
C LEU G 39 48.91 -30.96 1.06
N GLU G 40 48.87 -32.29 1.17
CA GLU G 40 49.42 -32.91 2.36
C GLU G 40 50.92 -32.68 2.49
N SER G 41 51.61 -32.44 1.38
CA SER G 41 53.02 -32.13 1.46
C SER G 41 53.26 -30.79 2.13
N ILE G 42 52.46 -29.80 1.78
CA ILE G 42 52.67 -28.49 2.39
C ILE G 42 52.12 -28.44 3.81
N ARG G 43 51.12 -29.25 4.13
CA ARG G 43 50.56 -29.20 5.49
C ARG G 43 51.56 -29.69 6.52
N ASN G 44 52.63 -30.35 6.11
CA ASN G 44 53.64 -30.82 7.03
C ASN G 44 55.03 -30.27 6.73
N GLY G 45 55.15 -29.37 5.76
CA GLY G 45 56.36 -28.58 5.62
C GLY G 45 57.46 -29.21 4.79
N THR G 46 57.11 -29.90 3.72
CA THR G 46 58.12 -30.48 2.85
C THR G 46 57.94 -30.08 1.39
N CYS G 47 57.10 -29.11 1.11
CA CYS G 47 56.87 -28.67 -0.26
C CYS G 47 58.16 -28.11 -0.86
N LYS G 48 58.28 -28.23 -2.17
CA LYS G 48 59.44 -27.70 -2.87
C LYS G 48 59.26 -26.24 -3.24
N THR G 49 58.06 -25.70 -3.10
CA THR G 49 57.87 -24.27 -3.23
C THR G 49 57.92 -23.54 -1.90
N LEU G 50 57.59 -24.24 -0.82
CA LEU G 50 57.70 -23.66 0.50
C LEU G 50 59.16 -23.51 0.90
N LEU G 51 59.98 -24.52 0.62
CA LEU G 51 61.34 -24.53 1.10
C LEU G 51 62.21 -23.51 0.38
N ASP G 52 61.95 -23.27 -0.90
CA ASP G 52 62.75 -22.30 -1.63
C ASP G 52 62.53 -20.90 -1.11
N LEU G 53 61.28 -20.52 -0.88
CA LEU G 53 61.01 -19.18 -0.35
C LEU G 53 61.44 -19.07 1.10
N ALA G 54 61.27 -20.14 1.88
CA ALA G 54 61.78 -20.12 3.26
C ALA G 54 63.28 -19.91 3.28
N ASP G 55 64.00 -20.53 2.35
CA ASP G 55 65.44 -20.38 2.33
C ASP G 55 65.85 -18.99 1.87
N GLU G 56 65.14 -18.44 0.90
CA GLU G 56 65.35 -17.04 0.55
C GLU G 56 65.20 -16.14 1.77
N LEU G 57 64.18 -16.41 2.59
CA LEU G 57 63.97 -15.60 3.78
C LEU G 57 65.11 -15.74 4.76
N ARG G 58 65.53 -16.97 5.05
CA ARG G 58 66.64 -17.18 5.98
C ARG G 58 67.89 -16.45 5.52
N ARG G 59 68.21 -16.56 4.22
CA ARG G 59 69.43 -15.92 3.75
C ARG G 59 69.35 -14.41 3.86
N SER G 60 68.19 -13.83 3.52
CA SER G 60 68.06 -12.38 3.65
C SER G 60 68.21 -11.94 5.10
N ARG G 61 67.59 -12.67 6.03
CA ARG G 61 67.69 -12.27 7.43
C ARG G 61 69.12 -12.35 7.92
N ASP G 62 69.82 -13.43 7.60
CA ASP G 62 71.18 -13.56 8.11
C ASP G 62 72.07 -12.46 7.57
N GLU G 63 71.91 -12.12 6.30
CA GLU G 63 72.71 -11.02 5.77
C GLU G 63 72.38 -9.70 6.47
N GLU G 64 71.10 -9.45 6.75
CA GLU G 64 70.75 -8.20 7.40
C GLU G 64 71.26 -8.11 8.81
N LEU G 65 71.31 -9.23 9.53
CA LEU G 65 71.88 -9.22 10.87
C LEU G 65 73.38 -8.93 10.82
N GLU G 66 74.10 -9.54 9.88
CA GLU G 66 75.51 -9.21 9.71
C GLU G 66 75.70 -7.73 9.46
N ILE G 67 74.88 -7.15 8.58
CA ILE G 67 75.04 -5.74 8.26
C ILE G 67 74.76 -4.87 9.48
N ALA G 68 73.78 -5.25 10.29
CA ALA G 68 73.51 -4.48 11.50
C ALA G 68 74.72 -4.47 12.41
N GLU G 69 75.33 -5.62 12.61
CA GLU G 69 76.50 -5.69 13.47
C GLU G 69 77.65 -4.86 12.92
N ARG G 70 77.77 -4.80 11.60
CA ARG G 70 78.85 -3.99 11.05
C ARG G 70 78.51 -2.50 11.00
N TRP G 71 77.25 -2.13 11.19
CA TRP G 71 76.88 -0.72 11.27
C TRP G 71 77.06 -0.17 12.66
N ARG G 72 76.73 -0.98 13.67
CA ARG G 72 76.92 -0.55 15.05
C ARG G 72 78.36 -0.13 15.32
N THR G 73 79.31 -0.87 14.76
CA THR G 73 80.72 -0.54 14.93
C THR G 73 81.04 0.83 14.37
N PHE G 74 80.58 1.11 13.16
CA PHE G 74 80.84 2.41 12.58
C PHE G 74 80.24 3.51 13.43
N LEU G 75 79.03 3.29 13.94
CA LEU G 75 78.39 4.32 14.74
C LEU G 75 79.19 4.61 16.01
N VAL G 76 79.63 3.56 16.70
CA VAL G 76 80.38 3.74 17.93
C VAL G 76 81.70 4.44 17.67
N ASN G 77 82.41 4.05 16.62
CA ASN G 77 83.66 4.73 16.30
C ASN G 77 83.41 6.19 15.96
N ARG G 78 82.28 6.47 15.32
CA ARG G 78 81.92 7.85 15.01
C ARG G 78 81.77 8.67 16.29
N ALA G 79 81.06 8.11 17.27
CA ALA G 79 80.87 8.83 18.54
C ALA G 79 82.20 9.04 19.26
N GLN G 80 83.03 8.00 19.33
CA GLN G 80 84.31 8.14 20.02
C GLN G 80 85.18 9.19 19.36
N GLU G 81 85.25 9.20 18.03
CA GLU G 81 86.03 10.22 17.37
C GLU G 81 85.49 11.61 17.66
N GLU G 82 84.17 11.76 17.61
CA GLU G 82 83.54 13.05 17.89
C GLU G 82 83.94 13.56 19.26
N TYR G 83 84.08 12.66 20.23
CA TYR G 83 84.39 13.07 21.60
C TYR G 83 85.88 13.34 21.79
N GLU G 84 86.74 12.57 21.12
CA GLU G 84 88.16 12.85 21.16
C GLU G 84 88.45 14.24 20.63
N VAL G 85 87.76 14.63 19.57
CA VAL G 85 87.98 15.96 19.02
C VAL G 85 87.73 17.02 20.08
N GLU G 86 86.63 16.91 20.80
CA GLU G 86 86.27 17.95 21.75
C GLU G 86 87.17 17.94 22.97
N MET G 87 87.57 16.76 23.45
CA MET G 87 88.47 16.74 24.59
C MET G 87 89.83 17.36 24.23
N LYS G 88 90.37 17.01 23.06
CA LYS G 88 91.62 17.63 22.65
C LYS G 88 91.45 19.14 22.50
N ALA G 89 90.32 19.57 21.95
CA ALA G 89 90.11 21.01 21.77
C ALA G 89 90.07 21.73 23.12
N ALA G 90 89.41 21.12 24.10
CA ALA G 90 89.34 21.73 25.42
C ALA G 90 90.72 21.86 26.04
N LYS G 91 91.50 20.78 26.01
CA LYS G 91 92.84 20.84 26.58
C LYS G 91 93.68 21.90 25.89
N GLU G 92 93.64 21.92 24.55
CA GLU G 92 94.44 22.89 23.82
C GLU G 92 94.06 24.32 24.17
N GLU G 93 92.75 24.60 24.16
CA GLU G 93 92.29 25.95 24.47
C GLU G 93 92.69 26.36 25.88
N TYR G 94 92.60 25.44 26.84
CA TYR G 94 92.94 25.80 28.21
C TYR G 94 94.43 26.04 28.36
N GLU G 95 95.27 25.21 27.74
CA GLU G 95 96.69 25.45 27.79
C GLU G 95 97.03 26.82 27.21
N TYR G 96 96.42 27.15 26.07
CA TYR G 96 96.68 28.44 25.45
C TYR G 96 96.20 29.58 26.34
N ARG G 97 95.07 29.40 26.99
CA ARG G 97 94.53 30.44 27.87
C ARG G 97 95.47 30.70 29.04
N CYS G 98 95.93 29.63 29.70
CA CYS G 98 96.83 29.78 30.83
C CYS G 98 98.15 30.43 30.40
N LYS G 99 98.69 29.99 29.27
CA LYS G 99 99.94 30.59 28.79
C LYS G 99 99.75 32.06 28.47
N THR G 100 98.66 32.40 27.78
CA THR G 100 98.43 33.79 27.42
C THR G 100 98.24 34.65 28.66
N LEU G 101 97.63 34.09 29.70
CA LEU G 101 97.46 34.84 30.94
C LEU G 101 98.79 35.05 31.65
N LYS G 102 99.63 34.00 31.70
CA LYS G 102 100.97 34.17 32.27
C LYS G 102 101.73 35.26 31.54
N GLU G 103 101.67 35.25 30.21
CA GLU G 103 102.35 36.27 29.43
C GLU G 103 101.76 37.65 29.69
N MET G 104 100.45 37.73 29.83
CA MET G 104 99.80 39.01 30.07
C MET G 104 100.18 39.57 31.44
N VAL G 105 100.28 38.70 32.44
CA VAL G 105 100.67 39.14 33.78
C VAL G 105 102.13 39.60 33.77
N LEU G 106 103.00 38.86 33.07
CA LEU G 106 104.38 39.28 32.97
C LEU G 106 104.50 40.63 32.27
N SER G 107 103.73 40.83 31.21
CA SER G 107 103.77 42.12 30.52
C SER G 107 103.20 43.23 31.38
N HIS G 108 102.15 42.94 32.16
CA HIS G 108 101.58 43.94 33.07
C HIS G 108 102.60 44.34 34.12
N LEU G 109 103.34 43.37 34.67
CA LEU G 109 104.37 43.69 35.64
C LEU G 109 105.51 44.46 35.00
N ASN G 110 105.86 44.11 33.76
CA ASN G 110 106.89 44.87 33.04
C ASN G 110 106.46 46.32 32.86
N GLU G 111 105.22 46.53 32.42
CA GLU G 111 104.70 47.89 32.25
C GLU G 111 104.70 48.64 33.57
N LYS G 112 104.25 47.98 34.65
CA LYS G 112 104.24 48.63 35.96
C LYS G 112 105.65 49.01 36.38
N LYS G 113 106.64 48.15 36.13
CA LYS G 113 108.01 48.46 36.51
C LYS G 113 108.55 49.63 35.70
N ARG G 114 108.19 49.72 34.42
CA ARG G 114 108.67 50.84 33.62
C ARG G 114 107.99 52.14 34.04
N LYS G 115 106.69 52.09 34.33
CA LYS G 115 106.00 53.25 34.90
C LYS G 115 106.64 53.68 36.22
N ILE G 116 107.06 52.71 37.02
CA ILE G 116 107.68 53.02 38.32
C ILE G 116 109.04 53.66 38.12
N TYR G 117 109.84 53.16 37.17
CA TYR G 117 111.11 53.78 36.85
C TYR G 117 110.91 55.22 36.37
N GLU G 118 109.90 55.45 35.53
CA GLU G 118 109.58 56.81 35.09
C GLU G 118 109.18 57.68 36.27
N ALA G 119 108.35 57.15 37.17
CA ALA G 119 107.89 57.91 38.33
C ALA G 119 109.06 58.28 39.23
N LYS G 120 110.00 57.35 39.41
CA LYS G 120 111.16 57.64 40.27
C LYS G 120 112.05 58.70 39.64
N ASP G 121 112.27 58.63 38.32
CA ASP G 121 113.05 59.68 37.66
C ASP G 121 112.35 61.03 37.79
N MET G 122 111.02 61.05 37.62
CA MET G 122 110.29 62.30 37.74
C MET G 122 110.35 62.85 39.16
N PHE G 123 110.29 61.96 40.16
CA PHE G 123 110.42 62.41 41.54
C PHE G 123 111.82 62.93 41.82
N ASP G 124 112.83 62.36 41.16
CA ASP G 124 114.18 62.90 41.28
C ASP G 124 114.27 64.30 40.69
N ILE G 125 113.65 64.51 39.53
CA ILE G 125 113.63 65.84 38.93
C ILE G 125 112.88 66.81 39.82
N GLY G 126 111.78 66.36 40.43
CA GLY G 126 111.03 67.22 41.34
C GLY G 126 111.82 67.56 42.59
N SER G 127 112.59 66.60 43.10
CA SER G 127 113.44 66.87 44.26
C SER G 127 114.52 67.89 43.92
N GLU G 128 115.14 67.75 42.76
CA GLU G 128 116.13 68.73 42.33
C GLU G 128 115.51 70.11 42.16
N SER G 129 114.30 70.17 41.58
CA SER G 129 113.63 71.46 41.38
C SER G 129 113.24 72.10 42.70
N SER G 130 112.73 71.30 43.64
CA SER G 130 112.38 71.82 44.96
C SER G 130 113.62 72.32 45.68
N THR G 131 114.74 71.60 45.53
CA THR G 131 116.00 72.05 46.12
C THR G 131 116.44 73.37 45.51
N LEU G 132 116.30 73.53 44.19
CA LEU G 132 116.69 74.78 43.54
C LEU G 132 115.81 75.93 44.01
N LEU G 133 114.50 75.69 44.13
CA LEU G 133 113.61 76.74 44.61
C LEU G 133 113.91 77.11 46.05
N LEU G 134 114.23 76.12 46.89
CA LEU G 134 114.60 76.41 48.27
C LEU G 134 115.90 77.20 48.35
N HIS G 135 116.87 76.85 47.51
CA HIS G 135 118.13 77.60 47.47
C HIS G 135 117.90 79.04 47.03
N ASP G 136 117.03 79.24 46.04
CA ASP G 136 116.73 80.59 45.58
C ASP G 136 116.00 81.39 46.65
N ALA G 137 115.10 80.73 47.39
CA ALA G 137 114.35 81.40 48.45
C ALA G 137 115.25 81.76 49.63
N SER G 138 116.42 81.14 49.71
CA SER G 138 117.37 81.42 50.78
C SER G 138 118.07 82.76 50.57
N GLU G 230 68.02 45.20 12.16
CA GLU G 230 69.16 44.80 12.96
C GLU G 230 70.25 44.24 12.07
N ARG G 231 71.50 44.52 12.41
CA ARG G 231 72.63 43.98 11.68
C ARG G 231 73.12 42.65 12.22
N ALA G 232 72.79 42.33 13.47
CA ALA G 232 73.28 41.10 14.06
C ALA G 232 72.52 39.90 13.53
N GLU G 233 71.20 39.88 13.69
CA GLU G 233 70.45 38.68 13.36
C GLU G 233 70.40 38.46 11.84
N ARG G 234 70.30 39.53 11.06
CA ARG G 234 70.40 39.37 9.62
C ARG G 234 71.79 38.93 9.18
N ASP G 235 72.73 38.82 10.11
CA ASP G 235 74.04 38.24 9.83
C ASP G 235 74.12 36.79 10.26
N ARG G 236 73.60 36.46 11.44
CA ARG G 236 73.60 35.06 11.84
C ARG G 236 72.71 34.22 10.94
N GLU G 237 71.70 34.84 10.31
CA GLU G 237 70.92 34.10 9.33
C GLU G 237 71.80 33.61 8.20
N LYS G 238 72.59 34.50 7.61
CA LYS G 238 73.49 34.07 6.54
C LYS G 238 74.58 33.13 7.06
N ALA G 239 75.06 33.36 8.28
CA ALA G 239 76.05 32.45 8.84
C ALA G 239 75.52 31.04 8.92
N VAL G 240 74.28 30.89 9.38
CA VAL G 240 73.64 29.58 9.38
C VAL G 240 73.54 29.05 7.96
N GLU G 241 73.10 29.90 7.04
CA GLU G 241 72.82 29.45 5.68
C GLU G 241 74.05 28.82 5.03
N LYS G 242 75.20 29.48 5.12
CA LYS G 242 76.42 28.96 4.53
C LYS G 242 76.97 27.76 5.27
N GLY G 243 76.30 27.27 6.30
CA GLY G 243 76.85 26.16 7.06
C GLY G 243 76.97 24.91 6.23
N LEU G 244 75.87 24.47 5.63
CA LEU G 244 75.83 23.21 4.90
C LEU G 244 76.78 23.22 3.71
N SER G 245 76.50 24.05 2.72
CA SER G 245 77.51 24.51 1.76
C SER G 245 78.08 23.43 0.87
N GLY G 246 77.77 22.17 1.12
CA GLY G 246 78.35 21.15 0.26
C GLY G 246 79.88 21.12 0.27
N ALA G 247 80.42 20.26 -0.59
CA ALA G 247 81.86 20.16 -0.71
C ALA G 247 82.42 21.38 -1.42
N THR G 248 83.72 21.56 -1.32
CA THR G 248 84.37 22.71 -1.92
C THR G 248 84.93 22.36 -3.29
N GLU G 249 85.56 23.34 -3.94
CA GLU G 249 85.93 23.19 -5.33
C GLU G 249 87.22 22.41 -5.49
N GLU G 250 88.26 22.80 -4.75
CA GLU G 250 89.52 22.07 -4.80
C GLU G 250 89.33 20.62 -4.39
N ASP G 251 88.37 20.36 -3.50
CA ASP G 251 88.15 18.99 -3.04
C ASP G 251 87.55 18.13 -4.13
N ILE G 252 86.52 18.62 -4.82
CA ILE G 252 85.97 17.82 -5.90
C ILE G 252 86.99 17.68 -7.02
N GLN G 253 87.81 18.71 -7.25
CA GLN G 253 88.87 18.57 -8.24
C GLN G 253 89.82 17.44 -7.86
N SER G 254 90.23 17.39 -6.59
CA SER G 254 91.12 16.31 -6.17
C SER G 254 90.46 14.96 -6.31
N ASP G 255 89.20 14.83 -5.93
CA ASP G 255 88.52 13.55 -6.06
C ASP G 255 88.43 13.13 -7.52
N LEU G 256 88.24 14.09 -8.42
CA LEU G 256 88.18 13.78 -9.85
C LEU G 256 89.53 13.32 -10.38
N GLN G 257 90.59 14.01 -9.98
CA GLN G 257 91.92 13.60 -10.43
C GLN G 257 92.26 12.22 -9.93
N LEU G 258 91.92 11.93 -8.68
CA LEU G 258 92.16 10.59 -8.14
C LEU G 258 91.36 9.55 -8.91
N LEU G 259 90.10 9.84 -9.21
CA LEU G 259 89.29 8.91 -9.99
C LEU G 259 89.95 8.59 -11.32
N LYS G 260 90.32 9.61 -12.07
CA LYS G 260 90.90 9.38 -13.39
C LYS G 260 92.20 8.60 -13.28
N LYS G 261 93.03 8.95 -12.29
CA LYS G 261 94.27 8.22 -12.09
C LYS G 261 94.01 6.74 -11.87
N GLU G 262 93.16 6.40 -10.90
CA GLU G 262 92.87 5.00 -10.66
C GLU G 262 92.18 4.34 -11.86
N LEU G 263 91.57 5.13 -12.73
CA LEU G 263 91.03 4.55 -13.96
C LEU G 263 92.13 4.20 -14.93
N ALA G 264 93.23 4.96 -14.92
CA ALA G 264 94.36 4.61 -15.78
C ALA G 264 94.96 3.25 -15.40
N LYS G 265 95.00 2.94 -14.12
CA LYS G 265 95.59 1.70 -13.65
C LYS G 265 94.82 0.47 -14.06
N LYS G 266 93.79 0.59 -14.88
CA LYS G 266 93.01 -0.56 -15.31
C LYS G 266 93.83 -1.46 -16.22
N GLY H 5 20.81 0.68 -42.76
CA GLY H 5 19.68 1.58 -42.70
C GLY H 5 19.25 1.87 -41.28
N ILE H 6 17.98 2.23 -41.10
CA ILE H 6 17.46 2.47 -39.76
C ILE H 6 17.60 1.19 -38.94
N GLU H 7 17.87 1.36 -37.65
CA GLU H 7 18.28 0.24 -36.81
C GLU H 7 17.22 -0.06 -35.76
N ILE H 8 16.72 -1.28 -35.78
CA ILE H 8 16.07 -1.82 -34.61
C ILE H 8 17.09 -1.98 -33.50
N PHE H 9 16.60 -2.00 -32.26
CA PHE H 9 17.46 -2.22 -31.12
C PHE H 9 17.25 -3.65 -30.60
N ALA H 10 17.83 -4.60 -31.31
CA ALA H 10 17.69 -5.99 -30.90
C ALA H 10 18.42 -6.25 -29.59
N ALA H 11 19.64 -5.73 -29.46
CA ALA H 11 20.41 -5.91 -28.25
C ALA H 11 19.76 -5.21 -27.07
N LEU H 12 19.27 -3.99 -27.27
CA LEU H 12 18.60 -3.27 -26.20
C LEU H 12 17.28 -3.92 -25.81
N ASN H 13 16.72 -4.76 -26.66
CA ASN H 13 15.51 -5.48 -26.30
C ASN H 13 15.80 -6.82 -25.64
N ASP H 14 16.99 -7.37 -25.84
CA ASP H 14 17.37 -8.57 -25.11
C ASP H 14 17.97 -8.23 -23.75
N PHE H 15 18.61 -7.07 -23.64
CA PHE H 15 19.17 -6.63 -22.37
C PHE H 15 18.10 -6.65 -21.28
N THR H 16 16.91 -6.15 -21.59
CA THR H 16 15.86 -6.07 -20.61
C THR H 16 15.33 -7.43 -20.21
N ASP H 17 15.58 -8.46 -20.99
CA ASP H 17 15.20 -9.80 -20.56
C ASP H 17 16.27 -10.41 -19.67
N ALA H 18 17.53 -10.19 -20.02
CA ALA H 18 18.61 -10.70 -19.17
C ALA H 18 18.55 -10.07 -17.78
N ILE H 19 18.30 -8.76 -17.72
CA ILE H 19 18.28 -8.05 -16.46
C ILE H 19 17.20 -8.59 -15.54
N VAL H 20 16.24 -9.33 -16.07
CA VAL H 20 15.17 -9.90 -15.28
C VAL H 20 15.55 -11.32 -14.93
N SER H 21 16.20 -12.00 -15.87
CA SER H 21 16.58 -13.39 -15.62
C SER H 21 17.53 -13.49 -14.45
N VAL H 22 18.34 -12.46 -14.22
CA VAL H 22 19.45 -12.60 -13.26
C VAL H 22 19.00 -12.94 -11.85
N PRO H 23 18.06 -12.23 -11.21
CA PRO H 23 17.81 -12.46 -9.78
C PRO H 23 17.19 -13.79 -9.39
N GLU H 24 16.59 -14.58 -10.28
CA GLU H 24 15.71 -15.65 -9.83
C GLU H 24 16.46 -16.87 -9.30
N SER H 25 17.43 -17.35 -10.07
CA SER H 25 18.31 -18.43 -9.62
C SER H 25 18.83 -18.15 -8.21
N VAL H 26 19.57 -17.07 -8.09
CA VAL H 26 20.14 -16.75 -6.80
C VAL H 26 19.05 -16.48 -5.78
N CYS H 27 17.83 -16.12 -6.18
CA CYS H 27 16.79 -15.94 -5.17
C CYS H 27 16.52 -17.23 -4.43
N GLY H 28 16.23 -18.28 -5.19
CA GLY H 28 16.03 -19.58 -4.56
C GLY H 28 17.20 -19.99 -3.70
N LYS H 29 18.42 -19.77 -4.21
CA LYS H 29 19.59 -20.22 -3.46
C LYS H 29 19.80 -19.41 -2.19
N PHE H 30 19.57 -18.10 -2.25
CA PHE H 30 19.70 -17.25 -1.07
C PHE H 30 18.80 -17.71 0.04
N THR H 31 17.54 -18.04 -0.27
CA THR H 31 16.67 -18.49 0.81
C THR H 31 17.14 -19.81 1.38
N SER H 32 17.49 -20.76 0.49
CA SER H 32 17.99 -22.04 0.97
C SER H 32 19.19 -21.86 1.88
N LEU H 33 19.99 -20.84 1.65
CA LEU H 33 21.12 -20.57 2.53
C LEU H 33 20.64 -20.05 3.87
N LYS H 34 19.88 -18.96 3.87
CA LYS H 34 19.43 -18.36 5.11
C LYS H 34 18.88 -19.38 6.08
N GLU H 35 18.20 -20.41 5.59
CA GLU H 35 17.76 -21.47 6.51
C GLU H 35 18.94 -22.09 7.25
N ILE H 36 19.87 -22.67 6.49
CA ILE H 36 21.02 -23.34 7.07
C ILE H 36 21.80 -22.40 7.97
N ASP H 37 22.08 -21.21 7.46
CA ASP H 37 22.82 -20.22 8.23
C ASP H 37 22.14 -19.92 9.55
N ALA H 38 20.81 -19.99 9.60
CA ALA H 38 20.12 -19.69 10.83
C ALA H 38 20.01 -20.87 11.78
N GLN H 39 20.18 -22.09 11.30
CA GLN H 39 20.21 -23.23 12.22
C GLN H 39 21.62 -23.63 12.62
N VAL H 40 22.59 -22.74 12.48
CA VAL H 40 23.98 -23.03 12.82
C VAL H 40 24.63 -21.95 13.67
N ARG H 41 23.93 -20.86 13.97
CA ARG H 41 24.59 -19.69 14.55
C ARG H 41 25.03 -19.93 15.98
N ASP H 42 24.25 -20.67 16.74
CA ASP H 42 24.62 -20.96 18.13
C ASP H 42 25.90 -21.76 18.19
N ILE H 43 26.04 -22.75 17.32
CA ILE H 43 27.25 -23.57 17.31
C ILE H 43 28.45 -22.73 16.90
N ARG H 44 28.26 -21.81 15.98
CA ARG H 44 29.38 -20.97 15.57
C ARG H 44 29.81 -20.04 16.69
N GLN H 45 28.86 -19.50 17.44
CA GLN H 45 29.26 -18.67 18.57
C GLN H 45 29.95 -19.50 19.64
N ASN H 46 29.48 -20.72 19.85
CA ASN H 46 30.20 -21.64 20.71
C ASN H 46 31.64 -21.78 20.28
N VAL H 47 31.86 -22.07 19.00
CA VAL H 47 33.20 -22.30 18.49
C VAL H 47 34.06 -21.08 18.68
N ILE H 48 33.50 -19.90 18.47
CA ILE H 48 34.30 -18.68 18.61
C ILE H 48 34.74 -18.51 20.07
N GLN H 49 33.82 -18.67 21.01
CA GLN H 49 34.19 -18.56 22.42
C GLN H 49 35.24 -19.59 22.79
N GLU H 50 35.10 -20.82 22.29
CA GLU H 50 36.05 -21.86 22.60
C GLU H 50 37.43 -21.54 22.07
N ILE H 51 37.53 -21.10 20.83
CA ILE H 51 38.82 -20.76 20.26
C ILE H 51 39.43 -19.61 21.04
N GLY H 52 38.61 -18.66 21.48
CA GLY H 52 39.15 -17.54 22.24
C GLY H 52 39.75 -17.96 23.56
N VAL H 53 39.04 -18.84 24.29
CA VAL H 53 39.56 -19.29 25.57
C VAL H 53 40.77 -20.19 25.40
N VAL H 54 40.86 -20.93 24.29
CA VAL H 54 42.02 -21.78 24.10
C VAL H 54 43.22 -20.97 23.62
N LEU H 55 43.00 -19.88 22.89
CA LEU H 55 44.12 -19.13 22.34
C LEU H 55 44.64 -18.07 23.28
N LYS H 56 43.80 -17.49 24.14
CA LYS H 56 44.38 -16.53 25.07
C LYS H 56 45.14 -17.23 26.18
N ASN H 57 44.58 -18.31 26.71
CA ASN H 57 45.23 -19.15 27.71
C ASN H 57 45.51 -18.40 29.01
N GLU H 58 45.03 -17.16 29.11
CA GLU H 58 45.28 -16.37 30.31
C GLU H 58 44.10 -15.53 30.79
N LYS H 59 42.96 -15.55 30.10
CA LYS H 59 41.85 -14.66 30.47
C LYS H 59 40.66 -15.39 31.06
N ASN H 60 40.42 -16.65 30.67
CA ASN H 60 39.38 -17.48 31.27
C ASN H 60 40.06 -18.81 31.61
N ASP H 61 40.73 -18.84 32.76
CA ASP H 61 41.55 -20.00 33.13
C ASP H 61 40.79 -20.89 34.11
N GLU H 62 39.82 -21.63 33.56
CA GLU H 62 39.08 -22.63 34.31
C GLU H 62 38.90 -23.84 33.39
N LEU H 63 39.83 -24.78 33.45
CA LEU H 63 39.85 -25.88 32.49
C LEU H 63 40.94 -26.87 32.87
N SER H 64 40.95 -27.98 32.16
CA SER H 64 42.09 -28.88 32.07
C SER H 64 42.39 -29.02 30.59
N GLY H 65 43.50 -28.43 30.15
CA GLY H 65 43.80 -28.26 28.74
C GLY H 65 43.58 -29.47 27.87
N GLU H 66 43.59 -30.66 28.48
CA GLU H 66 43.28 -31.87 27.74
C GLU H 66 41.80 -31.98 27.41
N GLU H 67 40.94 -31.47 28.28
CA GLU H 67 39.50 -31.51 28.07
C GLU H 67 38.98 -30.27 27.37
N ARG H 68 39.57 -29.12 27.69
CA ARG H 68 39.25 -27.87 27.00
C ARG H 68 39.36 -28.02 25.49
N CYS H 69 40.12 -29.00 25.01
CA CYS H 69 40.24 -29.27 23.59
C CYS H 69 39.36 -30.41 23.13
N GLU H 70 39.01 -31.35 24.00
CA GLU H 70 38.03 -32.36 23.62
C GLU H 70 36.67 -31.72 23.37
N ARG H 71 36.34 -30.68 24.12
CA ARG H 71 35.10 -29.97 23.87
C ARG H 71 35.14 -29.28 22.50
N LEU H 72 36.23 -28.56 22.21
CA LEU H 72 36.37 -27.91 20.92
C LEU H 72 36.32 -28.92 19.79
N GLN H 73 36.91 -30.09 20.00
CA GLN H 73 36.90 -31.14 18.98
C GLN H 73 35.48 -31.62 18.71
N LYS H 74 34.71 -31.90 19.76
CA LYS H 74 33.35 -32.35 19.53
C LYS H 74 32.53 -31.28 18.83
N THR H 75 32.68 -30.03 19.26
CA THR H 75 31.90 -28.96 18.64
C THR H 75 32.25 -28.82 17.17
N LEU H 76 33.52 -28.93 16.82
CA LEU H 76 33.89 -28.86 15.41
C LEU H 76 33.32 -30.04 14.64
N LYS H 77 33.26 -31.21 15.27
CA LYS H 77 32.65 -32.35 14.59
C LYS H 77 31.18 -32.11 14.34
N GLU H 78 30.52 -31.32 15.20
CA GLU H 78 29.09 -31.10 15.02
C GLU H 78 28.80 -30.22 13.81
N ILE H 79 29.63 -29.20 13.58
CA ILE H 79 29.36 -28.24 12.52
C ILE H 79 29.71 -28.74 11.13
N LEU H 80 30.31 -29.93 11.02
CA LEU H 80 30.88 -30.32 9.74
C LEU H 80 29.82 -30.56 8.67
N PRO H 81 28.71 -31.25 8.94
CA PRO H 81 27.74 -31.48 7.86
C PRO H 81 27.06 -30.23 7.34
N TYR H 82 27.14 -29.09 8.04
CA TYR H 82 26.53 -27.88 7.50
C TYR H 82 27.41 -27.23 6.43
N SER H 83 28.73 -27.35 6.59
CA SER H 83 29.63 -26.74 5.62
C SER H 83 29.47 -27.38 4.25
N ASP H 84 29.16 -28.67 4.20
CA ASP H 84 28.94 -29.32 2.91
C ASP H 84 27.69 -28.78 2.23
N SER H 85 26.60 -28.64 2.97
CA SER H 85 25.41 -28.06 2.40
C SER H 85 25.69 -26.67 1.84
N LYS H 86 26.40 -25.85 2.61
CA LYS H 86 26.70 -24.51 2.14
C LYS H 86 27.55 -24.56 0.88
N ILE H 87 28.44 -25.53 0.77
CA ILE H 87 29.30 -25.60 -0.41
C ILE H 87 28.51 -26.01 -1.64
N CYS H 88 27.62 -26.99 -1.50
CA CYS H 88 26.79 -27.37 -2.63
C CYS H 88 25.93 -26.21 -3.10
N LEU H 89 25.29 -25.51 -2.17
CA LEU H 89 24.44 -24.40 -2.58
C LEU H 89 25.25 -23.27 -3.22
N ALA H 90 26.44 -22.99 -2.71
CA ALA H 90 27.24 -21.92 -3.27
C ALA H 90 27.72 -22.26 -4.68
N THR H 91 28.06 -23.53 -4.93
CA THR H 91 28.49 -23.88 -6.27
C THR H 91 27.32 -23.84 -7.25
N ASP H 92 26.15 -24.32 -6.85
CA ASP H 92 24.98 -24.21 -7.72
C ASP H 92 24.72 -22.76 -8.09
N ALA H 93 24.64 -21.88 -7.09
CA ALA H 93 24.35 -20.48 -7.36
C ALA H 93 25.41 -19.87 -8.26
N MET H 94 26.67 -20.21 -8.02
CA MET H 94 27.76 -19.66 -8.82
C MET H 94 27.58 -20.01 -10.29
N ASN H 95 27.28 -21.28 -10.58
CA ASN H 95 27.11 -21.68 -11.98
C ASN H 95 25.95 -20.94 -12.64
N ASN H 96 24.79 -20.93 -11.97
CA ASN H 96 23.62 -20.29 -12.57
C ASN H 96 23.91 -18.84 -12.90
N ILE H 97 24.34 -18.07 -11.90
CA ILE H 97 24.57 -16.66 -12.13
C ILE H 97 25.66 -16.45 -13.17
N LYS H 98 26.61 -17.38 -13.27
CA LYS H 98 27.66 -17.23 -14.27
C LYS H 98 27.08 -17.24 -15.67
N SER H 99 26.24 -18.22 -15.95
CA SER H 99 25.63 -18.28 -17.28
C SER H 99 24.81 -17.03 -17.57
N CYS H 100 23.96 -16.65 -16.60
CA CYS H 100 23.10 -15.49 -16.81
C CYS H 100 23.91 -14.23 -17.06
N ILE H 101 25.02 -14.06 -16.35
CA ILE H 101 25.79 -12.84 -16.48
C ILE H 101 26.62 -12.84 -17.75
N ASP H 102 27.08 -14.01 -18.20
CA ASP H 102 27.71 -14.06 -19.51
C ASP H 102 26.76 -13.55 -20.59
N ARG H 103 25.49 -13.96 -20.49
CA ARG H 103 24.50 -13.47 -21.45
C ARG H 103 24.35 -11.96 -21.36
N LEU H 104 24.14 -11.45 -20.14
CA LEU H 104 23.91 -10.02 -19.96
C LEU H 104 25.11 -9.19 -20.43
N ASP H 105 26.31 -9.69 -20.20
CA ASP H 105 27.51 -8.97 -20.60
C ASP H 105 27.65 -8.93 -22.11
N ALA H 106 27.45 -10.09 -22.76
CA ALA H 106 27.49 -10.12 -24.21
C ALA H 106 26.49 -9.15 -24.80
N GLY H 107 25.35 -8.97 -24.14
CA GLY H 107 24.39 -8.00 -24.63
C GLY H 107 24.87 -6.56 -24.47
N PHE H 108 25.25 -6.19 -23.25
CA PHE H 108 25.66 -4.81 -23.01
C PHE H 108 26.84 -4.42 -23.88
N GLU H 109 27.64 -5.38 -24.31
CA GLU H 109 28.73 -5.03 -25.21
C GLU H 109 28.21 -4.39 -26.49
N TYR H 110 27.03 -4.81 -26.94
CA TYR H 110 26.42 -4.29 -28.15
C TYR H 110 25.49 -3.12 -27.90
N VAL H 111 24.68 -3.14 -26.84
CA VAL H 111 23.74 -2.04 -26.64
C VAL H 111 24.47 -0.71 -26.57
N GLU H 112 25.76 -0.70 -26.26
CA GLU H 112 26.50 0.54 -26.24
C GLU H 112 26.93 0.98 -27.62
N LEU H 113 26.76 0.14 -28.63
CA LEU H 113 27.21 0.52 -29.96
C LEU H 113 26.09 1.16 -30.77
N GLU H 114 24.89 0.58 -30.72
CA GLU H 114 23.77 1.13 -31.46
C GLU H 114 22.94 2.01 -30.51
N ILE H 115 23.55 3.14 -30.19
CA ILE H 115 22.89 4.19 -29.41
C ILE H 115 23.59 5.46 -29.85
N PRO H 116 22.87 6.53 -30.15
CA PRO H 116 23.52 7.72 -30.71
C PRO H 116 24.49 8.33 -29.71
N GLN H 117 25.55 8.93 -30.24
CA GLN H 117 26.57 9.51 -29.38
C GLN H 117 25.97 10.55 -28.45
N GLN H 118 25.23 11.51 -29.01
CA GLN H 118 24.63 12.56 -28.20
C GLN H 118 23.84 12.03 -27.03
N LEU H 119 23.51 10.74 -27.02
CA LEU H 119 22.77 10.16 -25.92
C LEU H 119 23.67 9.59 -24.84
N ARG H 120 24.98 9.51 -25.07
CA ARG H 120 25.88 9.08 -24.01
C ARG H 120 27.10 9.97 -23.82
N LEU H 121 27.39 10.89 -24.72
CA LEU H 121 28.46 11.85 -24.50
C LEU H 121 27.96 13.29 -24.45
N GLY H 122 26.66 13.51 -24.54
CA GLY H 122 26.13 14.86 -24.54
C GLY H 122 26.45 15.62 -25.80
N TYR H 123 25.75 16.73 -26.02
CA TYR H 123 26.01 17.53 -27.20
C TYR H 123 27.42 18.09 -27.12
N PRO H 124 28.06 18.36 -28.26
CA PRO H 124 29.45 18.83 -28.24
C PRO H 124 29.65 20.17 -27.58
N ASP H 125 28.59 20.74 -26.99
CA ASP H 125 28.70 21.99 -26.25
C ASP H 125 28.34 21.87 -24.79
N ASP H 126 27.71 20.77 -24.36
CA ASP H 126 27.47 20.56 -22.94
C ASP H 126 28.65 19.85 -22.29
N ARG H 127 29.84 20.37 -22.55
CA ARG H 127 31.08 19.87 -21.98
C ARG H 127 31.88 21.09 -21.56
N ALA H 128 32.14 21.21 -20.26
CA ALA H 128 32.73 22.42 -19.73
C ALA H 128 34.06 22.77 -20.41
N LEU H 129 35.08 21.94 -20.21
CA LEU H 129 36.37 22.06 -20.89
C LEU H 129 36.90 23.49 -20.87
N MET H 130 37.28 23.92 -19.68
CA MET H 130 37.96 25.19 -19.51
C MET H 130 39.35 25.16 -20.13
N GLN I 166 -29.50 -53.30 -56.16
CA GLN I 166 -28.03 -53.31 -56.21
C GLN I 166 -27.45 -52.35 -55.17
N VAL I 167 -28.34 -51.60 -54.52
CA VAL I 167 -27.91 -50.66 -53.47
C VAL I 167 -27.34 -51.44 -52.30
N ARG I 168 -26.28 -50.90 -51.70
CA ARG I 168 -25.74 -51.46 -50.48
C ARG I 168 -26.73 -51.30 -49.33
N GLN I 169 -26.92 -52.36 -48.56
CA GLN I 169 -27.83 -52.37 -47.42
C GLN I 169 -27.01 -52.60 -46.15
N PHE I 170 -26.96 -51.59 -45.29
CA PHE I 170 -26.30 -51.69 -44.01
C PHE I 170 -27.32 -52.03 -42.93
N VAL I 171 -26.86 -52.68 -41.87
CA VAL I 171 -27.73 -53.11 -40.78
C VAL I 171 -27.26 -52.47 -39.49
N SER I 172 -28.13 -51.65 -38.89
CA SER I 172 -27.84 -51.06 -37.60
C SER I 172 -27.74 -52.16 -36.54
N PRO I 173 -26.85 -52.00 -35.56
CA PRO I 173 -26.45 -53.14 -34.72
C PRO I 173 -27.56 -53.60 -33.78
N ILE I 174 -27.28 -54.70 -33.11
CA ILE I 174 -28.15 -55.23 -32.07
C ILE I 174 -27.77 -54.56 -30.76
N ILE I 175 -28.68 -54.65 -29.78
CA ILE I 175 -28.48 -54.01 -28.48
C ILE I 175 -28.88 -55.00 -27.41
N SER I 176 -27.92 -55.38 -26.57
CA SER I 176 -28.12 -56.39 -25.54
C SER I 176 -28.04 -55.74 -24.17
N ILE I 177 -28.85 -56.25 -23.23
CA ILE I 177 -29.03 -55.61 -21.95
C ILE I 177 -28.94 -56.67 -20.85
N ASP I 178 -27.95 -56.52 -19.97
CA ASP I 178 -27.68 -57.48 -18.90
C ASP I 178 -28.03 -56.86 -17.54
N ASN I 179 -29.28 -57.04 -17.15
CA ASN I 179 -29.72 -56.63 -15.81
C ASN I 179 -29.66 -57.83 -14.86
N SER I 180 -28.46 -58.40 -14.77
CA SER I 180 -28.26 -59.60 -13.97
C SER I 180 -27.74 -59.32 -12.56
N ALA I 181 -27.01 -58.23 -12.37
CA ALA I 181 -26.54 -57.87 -11.04
C ALA I 181 -27.65 -57.32 -10.17
N LEU I 182 -28.70 -56.74 -10.76
CA LEU I 182 -29.82 -56.22 -10.00
C LEU I 182 -30.74 -57.30 -9.47
N GLU I 183 -30.48 -58.56 -9.83
CA GLU I 183 -31.36 -59.65 -9.46
C GLU I 183 -31.67 -59.75 -7.97
N PRO I 184 -30.75 -59.52 -7.04
CA PRO I 184 -31.14 -59.60 -5.62
C PRO I 184 -32.17 -58.58 -5.23
N PHE I 185 -32.28 -57.48 -5.96
CA PHE I 185 -33.21 -56.41 -5.63
C PHE I 185 -34.58 -56.60 -6.28
N LEU I 186 -34.59 -56.95 -7.56
CA LEU I 186 -35.86 -57.23 -8.24
C LEU I 186 -36.64 -58.32 -7.53
N ASN I 187 -35.94 -59.25 -6.87
CA ASN I 187 -36.59 -60.36 -6.21
C ASN I 187 -36.53 -60.25 -4.69
N ARG I 188 -36.23 -59.07 -4.16
CA ARG I 188 -36.16 -58.92 -2.71
C ARG I 188 -37.48 -59.33 -2.07
N TYR I 189 -38.49 -58.63 -2.37
CA TYR I 189 -39.73 -59.13 -1.81
C TYR I 189 -40.33 -60.18 -2.74
N PRO I 190 -41.05 -61.14 -2.20
CA PRO I 190 -41.62 -62.20 -3.04
C PRO I 190 -42.77 -61.66 -3.87
N ALA I 191 -43.29 -62.53 -4.73
CA ALA I 191 -44.58 -62.25 -5.33
C ALA I 191 -45.67 -62.49 -4.31
N SER I 192 -46.87 -62.00 -4.63
CA SER I 192 -48.05 -62.09 -3.77
C SER I 192 -47.94 -61.15 -2.57
N GLU I 193 -46.77 -60.54 -2.39
CA GLU I 193 -46.58 -59.54 -1.36
C GLU I 193 -46.03 -58.24 -1.93
N SER I 194 -46.05 -58.10 -3.24
CA SER I 194 -45.68 -56.88 -3.95
C SER I 194 -46.81 -56.48 -4.87
N LEU I 195 -48.03 -56.48 -4.34
CA LEU I 195 -49.22 -56.22 -5.13
C LEU I 195 -49.61 -54.74 -5.15
N PHE I 196 -49.38 -54.04 -4.04
CA PHE I 196 -49.83 -52.67 -3.91
C PHE I 196 -48.65 -51.73 -4.00
N PRO I 197 -48.67 -50.77 -4.92
CA PRO I 197 -47.59 -49.77 -4.95
C PRO I 197 -47.63 -48.95 -3.68
N VAL I 198 -46.46 -48.45 -3.29
CA VAL I 198 -46.37 -47.66 -2.06
C VAL I 198 -47.21 -46.40 -2.19
N THR I 199 -46.87 -45.55 -3.15
CA THR I 199 -47.59 -44.33 -3.42
C THR I 199 -47.94 -44.27 -4.89
N GLU I 200 -48.88 -43.38 -5.24
CA GLU I 200 -49.32 -43.23 -6.62
C GLU I 200 -49.33 -41.75 -6.99
N TYR I 201 -48.85 -41.45 -8.17
CA TYR I 201 -48.74 -40.09 -8.65
C TYR I 201 -49.51 -39.95 -9.96
N GLU I 202 -49.96 -38.74 -10.22
CA GLU I 202 -50.62 -38.41 -11.47
C GLU I 202 -49.64 -37.61 -12.30
N TYR I 203 -49.20 -38.20 -13.42
CA TYR I 203 -48.15 -37.57 -14.20
C TYR I 203 -48.56 -36.21 -14.68
N THR I 204 -47.62 -35.27 -14.62
CA THR I 204 -47.71 -33.98 -15.28
C THR I 204 -46.29 -33.48 -15.45
N PRO I 205 -46.02 -32.67 -16.44
CA PRO I 205 -44.63 -32.31 -16.73
C PRO I 205 -43.96 -31.53 -15.61
N TRP I 206 -44.64 -31.39 -14.49
CA TRP I 206 -44.08 -30.76 -13.29
C TRP I 206 -44.14 -31.71 -12.11
N LEU I 207 -44.03 -33.01 -12.35
CA LEU I 207 -44.01 -33.98 -11.28
C LEU I 207 -42.57 -34.26 -10.86
N GLU I 208 -42.34 -34.30 -9.55
CA GLU I 208 -41.02 -34.63 -9.02
C GLU I 208 -41.17 -35.66 -7.91
N PHE I 209 -40.61 -36.83 -8.12
CA PHE I 209 -40.66 -37.85 -7.09
C PHE I 209 -39.89 -37.38 -5.87
N PRO I 210 -40.22 -37.86 -4.70
CA PRO I 210 -39.37 -37.61 -3.55
C PRO I 210 -38.16 -38.53 -3.59
N LEU I 211 -37.33 -38.51 -2.56
CA LEU I 211 -36.27 -39.51 -2.42
C LEU I 211 -36.89 -40.75 -1.78
N LEU I 212 -36.65 -41.91 -2.37
CA LEU I 212 -37.33 -43.13 -1.96
C LEU I 212 -36.34 -44.20 -1.53
N TYR I 213 -35.33 -43.82 -0.75
CA TYR I 213 -34.31 -44.77 -0.35
C TYR I 213 -34.87 -45.88 0.53
N SER I 214 -35.88 -45.59 1.34
CA SER I 214 -36.32 -46.58 2.30
C SER I 214 -37.11 -47.71 1.67
N SER I 215 -37.54 -47.59 0.42
CA SER I 215 -38.44 -48.56 -0.18
C SER I 215 -37.86 -49.18 -1.44
N ILE I 216 -36.54 -49.38 -1.47
CA ILE I 216 -35.92 -49.98 -2.63
C ILE I 216 -36.43 -51.41 -2.78
N GLY I 217 -36.73 -51.80 -4.01
CA GLY I 217 -37.24 -53.12 -4.27
C GLY I 217 -38.75 -53.20 -4.36
N LYS I 218 -39.46 -52.12 -4.13
CA LYS I 218 -40.90 -52.06 -4.34
C LYS I 218 -41.20 -51.26 -5.59
N PHE I 219 -42.48 -51.07 -5.87
CA PHE I 219 -42.90 -50.43 -7.11
C PHE I 219 -43.90 -49.33 -6.83
N VAL I 220 -43.96 -48.38 -7.75
CA VAL I 220 -44.89 -47.26 -7.68
C VAL I 220 -45.78 -47.29 -8.92
N ARG I 221 -46.90 -46.57 -8.84
CA ARG I 221 -47.91 -46.53 -9.89
C ARG I 221 -48.14 -45.10 -10.35
N VAL I 222 -47.81 -44.83 -11.60
CA VAL I 222 -48.05 -43.52 -12.21
C VAL I 222 -49.22 -43.66 -13.17
N THR I 223 -49.96 -42.58 -13.37
CA THR I 223 -51.13 -42.56 -14.23
C THR I 223 -51.00 -41.41 -15.23
N ILE I 224 -50.90 -41.73 -16.51
CA ILE I 224 -50.69 -40.73 -17.54
C ILE I 224 -51.97 -40.55 -18.33
N ASP I 225 -52.37 -39.31 -18.55
CA ASP I 225 -53.55 -39.00 -19.35
C ASP I 225 -53.22 -39.01 -20.83
N ILE I 226 -54.25 -38.87 -21.65
CA ILE I 226 -54.07 -39.06 -23.08
C ILE I 226 -53.36 -37.87 -23.71
N LYS I 227 -53.62 -36.67 -23.20
CA LYS I 227 -53.03 -35.49 -23.81
C LYS I 227 -51.52 -35.47 -23.63
N TRP I 228 -51.04 -36.03 -22.54
CA TRP I 228 -49.62 -35.94 -22.21
C TRP I 228 -48.74 -36.71 -23.18
N LEU I 229 -49.30 -37.72 -23.84
CA LEU I 229 -48.53 -38.53 -24.78
C LEU I 229 -48.50 -37.94 -26.17
N ASN I 230 -48.66 -36.63 -26.28
CA ASN I 230 -48.68 -35.94 -27.57
C ASN I 230 -47.43 -35.09 -27.71
N ALA I 231 -46.69 -35.32 -28.78
CA ALA I 231 -45.47 -34.55 -28.98
C ALA I 231 -45.73 -33.08 -29.24
N ALA I 232 -46.99 -32.66 -29.28
CA ALA I 232 -47.31 -31.25 -29.51
C ALA I 232 -47.82 -30.55 -28.27
N ILE I 233 -48.45 -31.28 -27.35
CA ILE I 233 -48.95 -30.68 -26.12
C ILE I 233 -47.89 -30.71 -25.03
N ASN I 234 -47.27 -31.86 -24.83
CA ASN I 234 -46.25 -32.03 -23.82
C ASN I 234 -45.01 -31.24 -24.17
N PRO I 235 -44.59 -30.28 -23.37
CA PRO I 235 -43.39 -29.52 -23.70
C PRO I 235 -42.11 -30.25 -23.31
N ARG I 236 -42.20 -31.11 -22.29
CA ARG I 236 -41.03 -31.82 -21.82
C ARG I 236 -40.57 -32.88 -22.80
N LEU I 237 -41.42 -33.30 -23.73
CA LEU I 237 -41.10 -34.40 -24.62
C LEU I 237 -40.00 -34.05 -25.59
N CYS I 238 -39.75 -32.77 -25.83
CA CYS I 238 -38.77 -32.36 -26.84
C CYS I 238 -37.38 -32.10 -26.26
N ARG I 239 -37.30 -31.75 -24.98
CA ARG I 239 -36.00 -31.48 -24.38
C ARG I 239 -35.16 -32.74 -24.25
N ARG I 240 -35.77 -33.92 -24.39
CA ARG I 240 -35.06 -35.20 -24.32
C ARG I 240 -34.42 -35.40 -22.95
N GLU I 241 -35.26 -35.46 -21.93
CA GLU I 241 -34.80 -35.60 -20.56
C GLU I 241 -34.93 -37.05 -20.13
N ILE I 242 -33.97 -37.86 -20.57
CA ILE I 242 -33.94 -39.26 -20.19
C ILE I 242 -32.49 -39.72 -20.17
N TRP I 243 -32.08 -40.34 -19.07
CA TRP I 243 -30.71 -40.79 -18.90
C TRP I 243 -30.74 -42.28 -18.59
N GLY I 244 -30.12 -43.08 -19.44
CA GLY I 244 -30.04 -44.51 -19.22
C GLY I 244 -30.73 -45.30 -20.30
N THR I 245 -30.61 -46.62 -20.17
CA THR I 245 -31.24 -47.58 -21.07
C THR I 245 -31.76 -48.75 -20.26
N ASP I 246 -33.08 -48.88 -20.19
CA ASP I 246 -33.78 -49.98 -19.55
C ASP I 246 -33.74 -49.90 -18.03
N VAL I 247 -32.89 -49.01 -17.49
CA VAL I 247 -32.94 -48.58 -16.11
C VAL I 247 -32.51 -47.12 -16.10
N TYR I 248 -33.39 -46.24 -15.65
CA TYR I 248 -33.23 -44.81 -15.84
C TYR I 248 -33.09 -44.11 -14.51
N THR I 249 -32.47 -42.94 -14.52
CA THR I 249 -32.40 -42.12 -13.32
C THR I 249 -33.81 -41.71 -12.92
N ASP I 250 -33.99 -41.36 -11.65
CA ASP I 250 -35.31 -40.91 -11.26
C ASP I 250 -35.55 -39.43 -11.56
N ASP I 251 -34.74 -38.82 -12.42
CA ASP I 251 -35.05 -37.53 -12.99
C ASP I 251 -35.71 -37.63 -14.34
N SER I 252 -35.77 -38.81 -14.93
CA SER I 252 -36.23 -38.97 -16.29
C SER I 252 -37.72 -38.76 -16.39
N ASP I 253 -38.15 -38.26 -17.54
CA ASP I 253 -39.54 -37.94 -17.79
C ASP I 253 -40.28 -39.21 -18.18
N ILE I 254 -41.26 -39.62 -17.37
CA ILE I 254 -41.87 -40.93 -17.52
C ILE I 254 -42.51 -41.11 -18.88
N ALA I 255 -43.07 -40.05 -19.46
CA ALA I 255 -43.57 -40.14 -20.82
C ALA I 255 -42.45 -40.60 -21.76
N THR I 256 -41.27 -40.02 -21.62
CA THR I 256 -40.17 -40.40 -22.49
C THR I 256 -39.71 -41.81 -22.20
N ILE I 257 -39.91 -42.28 -20.97
CA ILE I 257 -39.58 -43.67 -20.66
C ILE I 257 -40.50 -44.61 -21.40
N LEU I 258 -41.81 -44.33 -21.37
CA LEU I 258 -42.76 -45.14 -22.12
C LEU I 258 -42.43 -45.12 -23.60
N ALA I 259 -42.21 -43.93 -24.16
CA ALA I 259 -42.00 -43.83 -25.59
C ALA I 259 -40.64 -44.37 -26.01
N HIS I 260 -39.71 -44.54 -25.08
CA HIS I 260 -38.39 -45.10 -25.40
C HIS I 260 -38.34 -46.58 -25.12
N CYS I 261 -39.02 -47.03 -24.09
CA CYS I 261 -39.12 -48.46 -23.86
C CYS I 261 -40.09 -49.11 -24.78
N GLY I 262 -40.61 -48.39 -25.76
CA GLY I 262 -41.45 -48.99 -26.78
C GLY I 262 -42.81 -49.45 -26.34
N CYS I 263 -43.60 -48.56 -25.73
CA CYS I 263 -44.98 -48.89 -25.40
C CYS I 263 -45.99 -48.10 -26.23
N PHE I 264 -45.55 -47.05 -26.91
CA PHE I 264 -46.35 -46.39 -27.92
C PHE I 264 -45.41 -45.75 -28.93
N SER I 265 -45.97 -45.15 -29.96
CA SER I 265 -45.20 -44.49 -31.00
C SER I 265 -45.47 -43.00 -30.97
N LEU I 266 -44.42 -42.22 -31.20
CA LEU I 266 -44.54 -40.76 -31.15
C LEU I 266 -45.29 -40.21 -32.35
N LEU I 267 -45.21 -40.85 -33.50
CA LEU I 267 -45.80 -40.33 -34.72
C LEU I 267 -47.31 -40.57 -34.80
N LYS I 268 -47.78 -41.69 -34.31
CA LYS I 268 -49.20 -41.97 -34.24
C LYS I 268 -49.74 -41.52 -32.89
N PRO I 269 -50.85 -40.81 -32.83
CA PRO I 269 -51.37 -40.35 -31.54
C PRO I 269 -52.15 -41.45 -30.81
N VAL I 270 -52.01 -41.46 -29.48
CA VAL I 270 -52.59 -42.49 -28.64
C VAL I 270 -54.02 -42.08 -28.27
N ARG I 271 -54.80 -43.05 -27.80
CA ARG I 271 -56.19 -42.79 -27.46
C ARG I 271 -56.64 -43.54 -26.21
N LYS I 272 -55.75 -43.75 -25.25
CA LYS I 272 -56.13 -44.39 -23.99
C LYS I 272 -55.30 -43.80 -22.86
N ILE I 273 -55.80 -44.00 -21.65
CA ILE I 273 -55.09 -43.63 -20.44
C ILE I 273 -54.09 -44.73 -20.12
N ALA I 274 -52.90 -44.36 -19.66
CA ALA I 274 -51.87 -45.33 -19.31
C ALA I 274 -51.75 -45.44 -17.79
N VAL I 275 -51.54 -46.64 -17.30
CA VAL I 275 -51.20 -46.87 -15.91
C VAL I 275 -49.88 -47.63 -15.91
N VAL I 276 -48.82 -46.97 -15.46
CA VAL I 276 -47.48 -47.52 -15.48
C VAL I 276 -47.12 -47.94 -14.08
N ASP I 277 -46.42 -49.07 -13.96
CA ASP I 277 -45.90 -49.52 -12.68
C ASP I 277 -44.40 -49.68 -12.83
N LEU I 278 -43.66 -48.95 -12.00
CA LEU I 278 -42.21 -48.84 -12.09
C LEU I 278 -41.56 -49.41 -10.84
N TYR I 279 -40.39 -49.99 -11.04
CA TYR I 279 -39.58 -50.50 -9.93
C TYR I 279 -38.75 -49.39 -9.31
N ILE I 280 -38.33 -49.61 -8.08
CA ILE I 280 -37.38 -48.74 -7.40
C ILE I 280 -36.06 -49.49 -7.29
N LEU I 281 -34.98 -48.88 -7.74
CA LEU I 281 -33.71 -49.57 -7.83
C LEU I 281 -32.58 -48.69 -7.34
N PRO I 282 -31.58 -49.28 -6.68
CA PRO I 282 -30.43 -48.52 -6.21
C PRO I 282 -29.76 -47.77 -7.35
N PRO I 283 -28.99 -46.74 -7.07
CA PRO I 283 -28.28 -46.05 -8.13
C PRO I 283 -27.34 -46.98 -8.85
N LEU I 284 -26.92 -46.58 -10.04
CA LEU I 284 -25.99 -47.38 -10.81
C LEU I 284 -24.66 -46.66 -10.92
N VAL I 285 -23.65 -47.40 -11.35
CA VAL I 285 -22.35 -46.80 -11.55
C VAL I 285 -22.25 -46.07 -12.88
N HIS I 286 -23.05 -46.45 -13.85
CA HIS I 286 -22.98 -45.83 -15.17
C HIS I 286 -24.34 -45.98 -15.84
N TYR I 287 -24.79 -44.92 -16.49
CA TYR I 287 -26.06 -44.91 -17.20
C TYR I 287 -25.76 -44.76 -18.68
N LYS I 288 -26.04 -45.80 -19.45
CA LYS I 288 -25.67 -45.85 -20.86
C LYS I 288 -26.81 -45.36 -21.74
N GLY I 289 -26.48 -44.50 -22.68
CA GLY I 289 -27.48 -43.91 -23.53
C GLY I 289 -27.50 -44.46 -24.94
N THR I 290 -28.65 -45.00 -25.36
CA THR I 290 -28.78 -45.70 -26.63
C THR I 290 -30.05 -45.26 -27.34
N ARG I 291 -29.99 -45.25 -28.65
CA ARG I 291 -31.05 -44.73 -29.50
C ARG I 291 -32.02 -45.83 -29.90
N LYS I 292 -33.29 -45.66 -29.54
CA LYS I 292 -34.32 -46.62 -29.86
C LYS I 292 -35.60 -45.87 -30.15
N ASN I 293 -36.38 -46.36 -31.10
CA ASN I 293 -37.69 -45.78 -31.40
C ASN I 293 -37.59 -44.28 -31.66
N GLN I 294 -36.47 -43.88 -32.25
CA GLN I 294 -36.18 -42.47 -32.51
C GLN I 294 -36.23 -41.64 -31.22
N ILE I 295 -35.60 -42.16 -30.17
CA ILE I 295 -35.51 -41.47 -28.89
C ILE I 295 -34.13 -41.77 -28.34
N GLU I 296 -33.26 -40.77 -28.31
CA GLU I 296 -31.87 -40.97 -27.96
C GLU I 296 -31.65 -40.56 -26.52
N SER I 297 -31.78 -41.52 -25.62
CA SER I 297 -31.56 -41.25 -24.21
C SER I 297 -30.11 -40.93 -23.96
N ARG I 298 -29.86 -39.96 -23.08
CA ARG I 298 -28.51 -39.49 -22.81
C ARG I 298 -27.87 -40.37 -21.75
N SER I 299 -26.59 -40.13 -21.49
CA SER I 299 -25.82 -40.94 -20.56
C SER I 299 -25.30 -40.10 -19.42
N TRP I 300 -25.13 -40.74 -18.26
CA TRP I 300 -24.62 -40.09 -17.06
C TRP I 300 -23.46 -40.91 -16.53
N SER I 301 -22.27 -40.33 -16.54
CA SER I 301 -21.08 -41.05 -16.12
C SER I 301 -20.64 -40.72 -14.70
N SER I 302 -21.09 -39.60 -14.14
CA SER I 302 -20.75 -39.21 -12.78
C SER I 302 -21.60 -40.01 -11.80
N ARG I 303 -21.66 -39.58 -10.55
CA ARG I 303 -22.46 -40.26 -9.54
C ARG I 303 -23.85 -39.66 -9.49
N GLN I 304 -24.86 -40.52 -9.59
CA GLN I 304 -26.22 -40.06 -9.42
C GLN I 304 -26.53 -39.92 -7.94
N ASP I 305 -27.57 -39.15 -7.64
CA ASP I 305 -27.94 -38.91 -6.26
C ASP I 305 -29.38 -39.26 -5.97
N GLY I 306 -30.16 -39.57 -6.98
CA GLY I 306 -31.45 -40.16 -6.73
C GLY I 306 -31.35 -41.67 -6.73
N ILE I 307 -32.42 -42.32 -7.17
CA ILE I 307 -32.50 -43.75 -7.30
C ILE I 307 -32.79 -44.05 -8.76
N SER I 308 -33.02 -45.30 -9.10
CA SER I 308 -33.31 -45.66 -10.46
C SER I 308 -34.68 -46.32 -10.55
N LEU I 309 -35.29 -46.20 -11.73
CA LEU I 309 -36.61 -46.74 -12.01
C LEU I 309 -36.55 -47.67 -13.20
N LYS I 310 -37.30 -48.76 -13.15
CA LYS I 310 -37.44 -49.67 -14.27
C LYS I 310 -38.91 -50.04 -14.41
N ILE I 311 -39.39 -50.15 -15.65
CA ILE I 311 -40.80 -50.40 -15.89
C ILE I 311 -41.17 -51.79 -15.41
N LYS I 312 -42.12 -51.87 -14.49
CA LYS I 312 -42.58 -53.19 -14.11
C LYS I 312 -43.64 -53.70 -15.06
N GLU I 313 -44.62 -52.86 -15.39
CA GLU I 313 -45.67 -53.27 -16.33
C GLU I 313 -46.52 -52.07 -16.73
N VAL I 314 -47.03 -52.10 -17.95
CA VAL I 314 -47.84 -51.03 -18.51
C VAL I 314 -49.23 -51.58 -18.79
N THR I 315 -50.26 -50.87 -18.36
CA THR I 315 -51.63 -51.30 -18.56
C THR I 315 -52.45 -50.16 -19.14
N TRP I 316 -53.11 -50.39 -20.26
CA TRP I 316 -53.92 -49.35 -20.84
C TRP I 316 -55.36 -49.46 -20.35
N LYS I 317 -56.04 -48.30 -20.28
CA LYS I 317 -57.43 -48.24 -19.81
C LYS I 317 -58.38 -48.62 -20.96
N PRO I 318 -59.27 -49.62 -20.79
CA PRO I 318 -60.19 -50.04 -21.86
C PRO I 318 -61.13 -48.89 -22.24
N ALA I 319 -61.65 -48.17 -21.24
CA ALA I 319 -62.37 -46.90 -21.50
C ALA I 319 -61.60 -45.73 -20.86
N CYS I 320 -61.23 -44.74 -21.68
CA CYS I 320 -60.49 -43.55 -21.17
C CYS I 320 -61.47 -42.39 -20.96
N ALA I 321 -62.35 -42.15 -21.96
CA ALA I 321 -63.34 -41.06 -21.89
C ALA I 321 -64.60 -41.47 -22.68
N SER I 322 -65.72 -40.78 -22.43
CA SER I 322 -66.99 -41.10 -23.13
C SER I 322 -67.43 -39.93 -24.02
N ILE I 323 -67.15 -40.02 -25.33
CA ILE I 323 -67.55 -39.00 -26.29
C ILE I 323 -69.07 -38.99 -26.33
N PHE I 324 -69.65 -37.79 -26.24
CA PHE I 324 -71.10 -37.70 -26.04
C PHE I 324 -71.88 -38.22 -27.23
N GLU I 325 -71.34 -38.10 -28.44
CA GLU I 325 -72.00 -38.70 -29.58
C GLU I 325 -72.10 -40.20 -29.44
N ASN I 326 -71.33 -40.80 -28.54
CA ASN I 326 -71.48 -42.23 -28.27
C ASN I 326 -72.53 -42.49 -27.20
N SER I 327 -72.55 -41.66 -26.14
CA SER I 327 -73.58 -41.79 -25.13
C SER I 327 -74.96 -41.57 -25.73
N ILE I 328 -75.08 -40.64 -26.68
CA ILE I 328 -76.34 -40.50 -27.39
C ILE I 328 -76.47 -41.59 -28.44
N HIS I 329 -75.36 -42.21 -28.84
CA HIS I 329 -75.46 -43.36 -29.74
C HIS I 329 -76.12 -44.54 -29.04
N THR I 330 -76.13 -44.53 -27.70
CA THR I 330 -76.88 -45.53 -26.97
C THR I 330 -78.37 -45.38 -27.19
N LEU I 331 -78.84 -44.16 -27.42
CA LEU I 331 -80.26 -43.93 -27.67
C LEU I 331 -80.63 -44.40 -29.07
N THR I 332 -81.92 -44.66 -29.27
CA THR I 332 -82.40 -45.15 -30.56
C THR I 332 -82.41 -44.01 -31.58
N LEU I 333 -82.28 -44.39 -32.85
CA LEU I 333 -82.16 -43.40 -33.92
C LEU I 333 -83.36 -42.46 -33.92
N GLU I 334 -84.56 -43.01 -34.06
CA GLU I 334 -85.74 -42.18 -34.21
C GLU I 334 -86.02 -41.38 -32.94
N GLU I 335 -85.92 -42.03 -31.79
CA GLU I 335 -86.18 -41.34 -30.53
C GLU I 335 -85.29 -40.12 -30.38
N ARG I 336 -83.97 -40.32 -30.46
CA ARG I 336 -83.07 -39.17 -30.38
C ARG I 336 -83.28 -38.22 -31.55
N LEU I 337 -83.78 -38.74 -32.67
CA LEU I 337 -84.05 -37.86 -33.80
C LEU I 337 -85.25 -36.95 -33.54
N GLN I 338 -86.18 -37.37 -32.69
CA GLN I 338 -87.32 -36.51 -32.40
C GLN I 338 -86.91 -35.31 -31.57
N ALA I 339 -86.05 -35.52 -30.58
CA ALA I 339 -85.50 -34.39 -29.83
C ALA I 339 -84.69 -33.49 -30.75
N ARG I 340 -84.11 -34.05 -31.81
CA ARG I 340 -83.41 -33.23 -32.79
C ARG I 340 -84.35 -32.19 -33.38
N LEU I 341 -85.56 -32.63 -33.80
CA LEU I 341 -86.50 -31.71 -34.42
C LEU I 341 -86.91 -30.60 -33.46
N GLU I 342 -87.06 -30.93 -32.18
CA GLU I 342 -87.47 -29.94 -31.19
C GLU I 342 -86.45 -28.81 -31.10
N LEU I 343 -85.18 -29.16 -30.87
CA LEU I 343 -84.14 -28.14 -30.83
C LEU I 343 -84.16 -27.28 -32.07
N SER I 344 -84.49 -27.87 -33.22
CA SER I 344 -84.52 -27.11 -34.46
C SER I 344 -85.66 -26.10 -34.47
N ARG I 345 -86.59 -26.19 -33.52
CA ARG I 345 -87.74 -25.30 -33.56
C ARG I 345 -87.41 -23.95 -32.95
N SER I 346 -87.17 -23.91 -31.65
CA SER I 346 -87.00 -22.63 -30.98
C SER I 346 -85.74 -21.91 -31.46
N SER I 347 -84.59 -22.41 -31.04
CA SER I 347 -83.27 -22.07 -31.55
C SER I 347 -82.87 -20.61 -31.32
N THR I 348 -83.84 -19.75 -31.00
CA THR I 348 -83.60 -18.45 -30.40
C THR I 348 -82.65 -17.55 -31.21
N PHE I 349 -82.17 -18.01 -32.37
CA PHE I 349 -81.24 -17.22 -33.16
C PHE I 349 -81.05 -17.88 -34.52
N LYS I 350 -80.50 -17.11 -35.45
CA LYS I 350 -80.11 -17.63 -36.75
C LYS I 350 -78.60 -17.71 -36.86
N GLN J 14 -73.06 -29.47 -15.50
CA GLN J 14 -71.80 -30.19 -15.62
C GLN J 14 -71.73 -31.01 -16.90
N ALA J 15 -72.85 -31.63 -17.26
CA ALA J 15 -72.91 -32.39 -18.52
C ALA J 15 -73.01 -31.45 -19.71
N SER J 16 -73.65 -30.28 -19.50
CA SER J 16 -73.67 -29.24 -20.52
C SER J 16 -72.29 -29.05 -21.12
N GLU J 17 -71.32 -28.72 -20.27
CA GLU J 17 -69.94 -28.49 -20.69
C GLU J 17 -69.48 -29.52 -21.73
N GLU J 18 -69.61 -30.81 -21.42
CA GLU J 18 -69.23 -31.84 -22.38
C GLU J 18 -70.05 -31.75 -23.66
N GLY J 19 -71.38 -31.61 -23.53
CA GLY J 19 -72.21 -31.58 -24.72
C GLY J 19 -71.91 -30.41 -25.64
N ILE J 20 -71.68 -29.24 -25.05
CA ILE J 20 -71.43 -28.03 -25.84
C ILE J 20 -70.06 -28.10 -26.49
N ASN J 21 -69.04 -28.51 -25.74
CA ASN J 21 -67.75 -28.80 -26.37
C ASN J 21 -67.90 -29.75 -27.55
N GLN J 22 -68.67 -30.84 -27.36
CA GLN J 22 -68.76 -31.85 -28.40
C GLN J 22 -69.42 -31.27 -29.64
N GLU J 23 -70.53 -30.54 -29.44
CA GLU J 23 -71.21 -29.86 -30.52
C GLU J 23 -70.26 -28.91 -31.25
N LYS J 24 -69.42 -28.23 -30.48
CA LYS J 24 -68.53 -27.24 -31.09
C LYS J 24 -67.48 -27.89 -31.95
N CYS J 25 -66.88 -28.99 -31.51
CA CYS J 25 -65.94 -29.65 -32.41
C CYS J 25 -66.64 -30.34 -33.56
N ILE J 26 -67.91 -30.68 -33.41
CA ILE J 26 -68.64 -31.11 -34.59
C ILE J 26 -68.63 -29.98 -35.62
N ASN J 27 -69.05 -28.78 -35.20
CA ASN J 27 -68.94 -27.59 -36.03
C ASN J 27 -67.52 -27.40 -36.58
N GLU J 28 -66.53 -27.71 -35.76
CA GLU J 28 -65.13 -27.55 -36.11
C GLU J 28 -64.79 -28.42 -37.32
N GLU J 29 -65.00 -29.72 -37.17
CA GLU J 29 -64.86 -30.64 -38.28
C GLU J 29 -65.59 -30.11 -39.50
N TYR J 30 -66.75 -29.47 -39.28
CA TYR J 30 -67.48 -28.91 -40.41
C TYR J 30 -66.62 -27.96 -41.22
N LYS J 31 -66.26 -26.79 -40.69
CA LYS J 31 -65.70 -25.88 -41.71
C LYS J 31 -64.25 -26.22 -41.96
N ILE J 32 -63.66 -27.13 -41.18
CA ILE J 32 -62.33 -27.57 -41.57
C ILE J 32 -62.41 -28.54 -42.75
N TRP J 33 -63.57 -29.17 -42.95
CA TRP J 33 -63.80 -29.86 -44.22
C TRP J 33 -64.22 -28.87 -45.31
N LYS J 34 -65.02 -27.89 -44.92
CA LYS J 34 -65.54 -26.89 -45.86
C LYS J 34 -64.40 -26.04 -46.43
N LYS J 35 -63.36 -25.82 -45.63
CA LYS J 35 -62.33 -24.87 -45.97
C LYS J 35 -61.39 -25.42 -47.03
N ASN J 36 -61.11 -26.73 -46.99
CA ASN J 36 -60.18 -27.36 -47.90
C ASN J 36 -60.88 -28.22 -48.95
N SER J 37 -62.19 -28.05 -49.10
CA SER J 37 -62.92 -28.78 -50.13
C SER J 37 -62.38 -28.56 -51.53
N PRO J 38 -62.11 -27.33 -51.98
CA PRO J 38 -61.67 -27.14 -53.37
C PRO J 38 -60.37 -27.84 -53.71
N PHE J 39 -59.66 -28.41 -52.74
CA PHE J 39 -58.48 -29.20 -53.01
C PHE J 39 -58.71 -30.70 -52.86
N LEU J 40 -59.93 -31.12 -52.53
CA LEU J 40 -60.21 -32.53 -52.30
C LEU J 40 -61.14 -33.15 -53.33
N TYR J 41 -62.23 -32.49 -53.65
CA TYR J 41 -63.28 -33.07 -54.48
C TYR J 41 -63.31 -32.45 -55.87
N ASP J 42 -63.94 -33.17 -56.79
CA ASP J 42 -64.25 -32.63 -58.10
C ASP J 42 -65.71 -32.21 -58.20
N LEU J 43 -66.52 -32.56 -57.21
CA LEU J 43 -67.92 -32.18 -57.14
C LEU J 43 -68.41 -32.22 -55.71
N ILE J 44 -69.19 -31.22 -55.33
CA ILE J 44 -69.86 -31.20 -54.03
C ILE J 44 -71.20 -30.51 -54.21
N ILE J 45 -72.28 -31.18 -53.84
CA ILE J 45 -73.61 -30.60 -53.82
C ILE J 45 -74.20 -30.90 -52.45
N THR J 46 -74.40 -29.85 -51.66
CA THR J 46 -74.98 -29.99 -50.32
C THR J 46 -76.42 -29.51 -50.35
N ARG J 47 -77.32 -30.35 -49.89
CA ARG J 47 -78.75 -30.07 -49.95
C ARG J 47 -79.37 -30.15 -48.57
N ALA J 48 -80.04 -29.09 -48.15
CA ALA J 48 -80.75 -29.06 -46.89
C ALA J 48 -82.21 -29.37 -47.15
N LEU J 49 -82.53 -30.66 -47.23
CA LEU J 49 -83.90 -31.07 -47.45
C LEU J 49 -84.75 -30.73 -46.24
N GLU J 50 -86.06 -30.81 -46.42
CA GLU J 50 -86.97 -30.45 -45.35
C GLU J 50 -86.76 -31.35 -44.13
N TRP J 51 -86.65 -32.64 -44.37
CA TRP J 51 -86.96 -33.70 -43.44
C TRP J 51 -85.80 -34.67 -43.34
N PRO J 52 -85.74 -35.48 -42.28
CA PRO J 52 -84.75 -36.55 -42.22
C PRO J 52 -85.09 -37.66 -43.21
N CYS J 53 -84.12 -37.98 -44.06
CA CYS J 53 -84.26 -39.00 -45.09
C CYS J 53 -83.73 -40.32 -44.56
N MET J 54 -84.63 -41.25 -44.27
CA MET J 54 -84.26 -42.57 -43.76
C MET J 54 -83.46 -43.39 -44.75
N SER J 55 -83.65 -43.21 -46.07
CA SER J 55 -82.96 -44.04 -47.04
C SER J 55 -82.86 -43.33 -48.38
N LEU J 56 -81.99 -43.86 -49.24
CA LEU J 56 -81.81 -43.38 -50.60
C LEU J 56 -81.46 -44.55 -51.50
N GLN J 57 -81.89 -44.47 -52.75
CA GLN J 57 -81.54 -45.50 -53.73
C GLN J 57 -81.47 -44.85 -55.10
N TRP J 58 -80.33 -45.00 -55.77
CA TRP J 58 -80.16 -44.38 -57.08
C TRP J 58 -80.99 -45.10 -58.13
N TYR J 59 -81.43 -44.33 -59.11
CA TYR J 59 -82.28 -44.76 -60.20
C TYR J 59 -81.46 -44.99 -61.46
N PRO J 60 -81.59 -46.17 -62.09
CA PRO J 60 -80.72 -46.50 -63.24
C PRO J 60 -81.09 -45.79 -64.53
N GLU J 61 -82.24 -45.14 -64.61
CA GLU J 61 -82.61 -44.39 -65.81
C GLU J 61 -82.05 -42.97 -65.73
N GLN J 62 -81.65 -42.43 -66.88
CA GLN J 62 -80.86 -41.22 -66.93
C GLN J 62 -81.25 -40.37 -68.14
N GLN J 63 -81.32 -39.06 -67.91
CA GLN J 63 -81.46 -38.09 -69.00
C GLN J 63 -80.12 -37.42 -69.28
N ILE J 64 -79.83 -37.21 -70.56
CA ILE J 64 -78.60 -36.59 -71.00
C ILE J 64 -79.00 -35.38 -71.83
N PHE J 65 -78.76 -34.19 -71.31
CA PHE J 65 -79.02 -32.94 -72.02
C PHE J 65 -77.70 -32.38 -72.55
N ALA J 66 -77.27 -32.94 -73.68
CA ALA J 66 -75.93 -32.64 -74.18
C ALA J 66 -75.80 -31.20 -74.65
N GLU J 67 -76.82 -30.66 -75.34
CA GLU J 67 -76.71 -29.30 -75.83
C GLU J 67 -76.76 -28.33 -74.65
N HIS J 68 -77.76 -28.48 -73.78
CA HIS J 68 -77.76 -27.83 -72.48
C HIS J 68 -76.50 -28.15 -71.68
N GLY J 69 -76.07 -29.40 -71.69
CA GLY J 69 -74.80 -29.78 -71.10
C GLY J 69 -74.82 -30.33 -69.69
N TYR J 70 -75.69 -31.31 -69.41
CA TYR J 70 -75.54 -32.07 -68.17
C TYR J 70 -76.21 -33.42 -68.34
N THR J 71 -76.37 -34.11 -67.22
CA THR J 71 -77.25 -35.26 -67.11
C THR J 71 -78.08 -35.11 -65.84
N GLU J 72 -79.31 -35.60 -65.87
CA GLU J 72 -80.09 -35.77 -64.66
C GLU J 72 -80.28 -37.24 -64.34
N GLN J 73 -80.00 -37.57 -63.09
CA GLN J 73 -80.34 -38.86 -62.51
C GLN J 73 -81.51 -38.66 -61.55
N LYS J 74 -82.11 -39.78 -61.14
CA LYS J 74 -83.22 -39.75 -60.20
C LYS J 74 -82.86 -40.46 -58.90
N MET J 75 -83.57 -40.07 -57.84
CA MET J 75 -83.39 -40.56 -56.49
C MET J 75 -84.75 -40.83 -55.88
N PHE J 76 -84.83 -41.88 -55.07
CA PHE J 76 -86.00 -42.18 -54.27
C PHE J 76 -85.63 -42.04 -52.79
N LEU J 77 -86.35 -41.17 -52.10
CA LEU J 77 -86.18 -40.95 -50.66
C LEU J 77 -87.44 -41.37 -49.94
N GLY J 78 -87.26 -41.86 -48.72
CA GLY J 78 -88.34 -41.91 -47.76
C GLY J 78 -87.92 -41.08 -46.57
N VAL J 79 -88.74 -40.12 -46.16
CA VAL J 79 -88.39 -39.17 -45.12
C VAL J 79 -89.46 -39.23 -44.05
N ARG J 80 -89.16 -38.67 -42.86
CA ARG J 80 -90.24 -38.36 -41.92
C ARG J 80 -90.40 -36.84 -41.90
N ALA J 81 -91.63 -36.36 -42.08
CA ALA J 81 -91.91 -34.97 -41.73
C ALA J 81 -91.92 -34.78 -40.22
N ASP J 82 -92.45 -35.74 -39.49
CA ASP J 82 -92.64 -35.68 -38.04
C ASP J 82 -92.86 -37.10 -37.55
N VAL J 83 -93.36 -37.23 -36.32
CA VAL J 83 -93.82 -38.53 -35.86
C VAL J 83 -95.13 -38.84 -36.56
N GLY J 84 -95.24 -40.04 -37.10
CA GLY J 84 -96.44 -40.42 -37.81
C GLY J 84 -96.59 -39.82 -39.19
N LYS J 85 -96.01 -38.65 -39.47
CA LYS J 85 -95.96 -38.11 -40.82
C LYS J 85 -94.77 -38.73 -41.52
N TYR J 86 -95.01 -39.75 -42.33
CA TYR J 86 -93.97 -40.56 -42.94
C TYR J 86 -94.24 -40.55 -44.43
N LEU J 87 -93.25 -40.15 -45.23
CA LEU J 87 -93.55 -39.82 -46.62
C LEU J 87 -92.45 -40.35 -47.53
N LEU J 88 -92.71 -40.29 -48.83
CA LEU J 88 -91.76 -40.67 -49.85
C LEU J 88 -91.66 -39.56 -50.87
N ALA J 89 -90.54 -39.53 -51.61
CA ALA J 89 -90.30 -38.46 -52.57
C ALA J 89 -89.31 -38.93 -53.63
N VAL J 90 -89.33 -38.25 -54.77
CA VAL J 90 -88.43 -38.49 -55.89
C VAL J 90 -87.67 -37.20 -56.19
N ALA J 91 -86.38 -37.32 -56.41
CA ALA J 91 -85.52 -36.17 -56.68
C ALA J 91 -84.83 -36.32 -58.03
N SER J 92 -84.58 -35.20 -58.68
CA SER J 92 -83.76 -35.14 -59.88
C SER J 92 -82.46 -34.42 -59.56
N ILE J 93 -81.36 -34.97 -60.08
CA ILE J 93 -80.01 -34.57 -59.67
C ILE J 93 -79.20 -34.24 -60.91
N GLN J 94 -78.59 -33.06 -60.93
CA GLN J 94 -77.78 -32.56 -62.03
C GLN J 94 -76.34 -33.00 -61.83
N LEU J 95 -75.80 -33.71 -62.81
CA LEU J 95 -74.38 -33.99 -62.91
C LEU J 95 -73.79 -33.30 -64.14
N PRO J 96 -72.61 -32.73 -64.03
CA PRO J 96 -72.01 -32.04 -65.18
C PRO J 96 -71.55 -33.01 -66.26
N TYR J 97 -71.23 -32.44 -67.43
CA TYR J 97 -70.99 -33.24 -68.63
C TYR J 97 -69.51 -33.23 -69.00
N LEU J 98 -69.00 -34.39 -69.43
CA LEU J 98 -67.65 -34.50 -69.94
C LEU J 98 -67.58 -34.32 -71.46
N ASN J 99 -68.46 -34.99 -72.20
CA ASN J 99 -68.28 -35.22 -73.63
C ASN J 99 -68.85 -34.10 -74.50
N GLN J 100 -68.11 -33.00 -74.63
CA GLN J 100 -68.32 -32.04 -75.71
C GLN J 100 -66.98 -31.49 -76.18
N LEU J 118 -77.85 -26.24 -61.85
CA LEU J 118 -77.08 -27.35 -61.32
C LEU J 118 -77.60 -27.70 -59.93
N ARG J 119 -78.88 -28.09 -59.88
CA ARG J 119 -79.63 -28.09 -58.63
C ARG J 119 -80.21 -29.47 -58.32
N VAL J 120 -80.58 -29.65 -57.05
CA VAL J 120 -81.25 -30.86 -56.59
C VAL J 120 -82.73 -30.56 -56.45
N ASN J 121 -83.56 -31.21 -57.26
CA ASN J 121 -84.98 -30.90 -57.37
C ASN J 121 -85.81 -31.97 -56.69
N ILE J 122 -86.52 -31.61 -55.63
CA ILE J 122 -87.44 -32.50 -54.93
C ILE J 122 -88.79 -32.42 -55.61
N SER J 123 -89.50 -33.55 -55.66
CA SER J 123 -90.88 -33.58 -56.16
C SER J 123 -91.45 -34.97 -55.89
N ASN J 124 -92.68 -35.20 -56.34
CA ASN J 124 -93.32 -36.52 -56.24
C ASN J 124 -93.37 -37.00 -54.80
N LEU J 125 -94.05 -36.23 -53.96
CA LEU J 125 -94.12 -36.49 -52.51
C LEU J 125 -95.45 -37.13 -52.17
N TYR J 126 -95.42 -38.38 -51.71
CA TYR J 126 -96.62 -39.15 -51.37
C TYR J 126 -96.51 -39.63 -49.94
N SER J 127 -97.56 -39.38 -49.15
CA SER J 127 -97.55 -39.82 -47.76
C SER J 127 -97.76 -41.33 -47.69
N HIS J 128 -96.98 -42.00 -46.84
CA HIS J 128 -96.91 -43.42 -46.53
C HIS J 128 -97.84 -43.75 -45.38
N PRO J 129 -98.44 -44.94 -45.33
CA PRO J 129 -99.29 -45.29 -44.19
C PRO J 129 -98.52 -45.42 -42.88
N GLU J 130 -97.35 -46.02 -42.88
CA GLU J 130 -96.54 -46.12 -41.66
C GLU J 130 -95.06 -46.01 -42.02
N SER J 131 -94.22 -46.39 -41.07
CA SER J 131 -92.81 -46.00 -41.10
C SER J 131 -92.04 -46.71 -42.21
N VAL J 132 -90.98 -46.05 -42.64
CA VAL J 132 -90.02 -46.63 -43.58
C VAL J 132 -88.67 -46.70 -42.87
N CYS J 133 -88.14 -47.90 -42.76
CA CYS J 133 -86.74 -48.09 -42.43
C CYS J 133 -85.93 -48.52 -43.63
N SER J 134 -86.51 -49.33 -44.50
CA SER J 134 -85.90 -49.73 -45.76
C SER J 134 -86.97 -49.72 -46.84
N ALA J 135 -86.65 -49.07 -47.96
CA ALA J 135 -87.50 -49.02 -49.13
C ALA J 135 -86.65 -49.41 -50.33
N LYS J 136 -86.85 -50.63 -50.82
CA LYS J 136 -86.08 -51.17 -51.93
C LYS J 136 -86.94 -51.21 -53.18
N LEU J 137 -86.40 -50.75 -54.30
CA LEU J 137 -87.12 -50.86 -55.57
C LEU J 137 -86.59 -52.04 -56.36
N MET J 138 -87.49 -52.69 -57.09
CA MET J 138 -87.14 -53.86 -57.87
C MET J 138 -86.14 -53.47 -58.96
N PRO J 139 -85.10 -54.25 -59.20
CA PRO J 139 -84.04 -53.80 -60.13
C PRO J 139 -84.52 -53.62 -61.56
N GLN J 140 -85.25 -54.59 -62.10
CA GLN J 140 -85.68 -54.50 -63.49
C GLN J 140 -87.01 -53.77 -63.66
N ASP J 141 -87.57 -53.21 -62.59
CA ASP J 141 -88.80 -52.42 -62.70
C ASP J 141 -88.84 -51.40 -61.58
N ASP J 142 -88.67 -50.14 -61.93
CA ASP J 142 -88.62 -49.07 -60.94
C ASP J 142 -89.95 -48.89 -60.21
N SER J 143 -91.08 -49.18 -60.86
CA SER J 143 -92.39 -48.81 -60.34
C SER J 143 -92.72 -49.46 -59.01
N CYS J 144 -92.09 -50.58 -58.68
CA CYS J 144 -92.39 -51.31 -57.46
C CYS J 144 -91.36 -50.95 -56.39
N VAL J 145 -91.84 -50.79 -55.16
CA VAL J 145 -90.99 -50.51 -54.01
C VAL J 145 -91.55 -51.26 -52.83
N ALA J 146 -90.73 -52.14 -52.25
CA ALA J 146 -91.07 -52.81 -51.01
C ALA J 146 -90.59 -51.96 -49.85
N THR J 147 -91.52 -51.54 -49.00
CA THR J 147 -91.24 -50.65 -47.89
C THR J 147 -91.59 -51.34 -46.59
N VAL J 148 -90.67 -51.22 -45.63
CA VAL J 148 -90.90 -51.66 -44.25
C VAL J 148 -90.30 -50.59 -43.35
N GLY J 149 -90.75 -50.57 -42.09
CA GLY J 149 -90.26 -49.62 -41.13
C GLY J 149 -90.13 -50.24 -39.76
N ASN J 150 -89.51 -49.49 -38.86
CA ASN J 150 -89.29 -49.95 -37.49
C ASN J 150 -90.57 -49.93 -36.67
N TYR J 151 -91.73 -49.71 -37.28
CA TYR J 151 -92.96 -49.47 -36.54
C TYR J 151 -94.04 -50.48 -36.88
N HIS J 152 -93.76 -51.42 -37.78
CA HIS J 152 -94.75 -52.38 -38.26
C HIS J 152 -94.05 -53.62 -38.79
N ASN J 153 -94.73 -54.76 -38.64
CA ASN J 153 -94.23 -56.05 -39.12
C ASN J 153 -94.77 -56.43 -40.48
N ASP J 154 -95.50 -55.54 -41.15
CA ASP J 154 -96.04 -55.80 -42.47
C ASP J 154 -95.17 -55.14 -43.54
N VAL J 155 -94.91 -55.90 -44.60
CA VAL J 155 -94.19 -55.40 -45.77
C VAL J 155 -95.23 -54.86 -46.74
N LEU J 156 -95.04 -53.62 -47.21
CA LEU J 156 -95.99 -53.01 -48.12
C LEU J 156 -95.30 -52.73 -49.45
N VAL J 157 -95.76 -53.39 -50.52
CA VAL J 157 -95.10 -53.27 -51.82
C VAL J 157 -95.99 -52.44 -52.73
N PHE J 158 -95.44 -51.36 -53.27
CA PHE J 158 -96.14 -50.39 -54.10
C PHE J 158 -95.75 -50.54 -55.55
N ASP J 159 -96.64 -50.15 -56.45
CA ASP J 159 -96.52 -50.34 -57.89
C ASP J 159 -96.82 -49.05 -58.65
N LYS J 160 -96.96 -49.17 -59.98
CA LYS J 160 -97.38 -48.04 -60.81
C LYS J 160 -98.65 -47.38 -60.29
N GLU J 161 -99.74 -48.16 -60.22
CA GLU J 161 -101.03 -47.55 -59.98
C GLU J 161 -101.08 -46.87 -58.61
N SER J 162 -100.42 -47.48 -57.62
CA SER J 162 -100.49 -46.94 -56.26
C SER J 162 -99.90 -45.53 -56.19
N PHE J 163 -98.77 -45.30 -56.87
CA PHE J 163 -98.23 -43.94 -56.92
C PHE J 163 -99.08 -43.05 -57.82
N GLU J 164 -99.49 -43.56 -58.98
CA GLU J 164 -100.21 -42.72 -59.95
C GLU J 164 -101.70 -42.60 -59.67
N SER J 165 -102.27 -43.49 -58.86
CA SER J 165 -103.65 -43.27 -58.43
C SER J 165 -103.72 -42.32 -57.24
N TYR J 166 -102.63 -42.17 -56.51
CA TYR J 166 -102.56 -41.15 -55.46
C TYR J 166 -102.64 -39.76 -56.06
N SER J 167 -103.32 -38.86 -55.35
CA SER J 167 -103.42 -37.45 -55.71
C SER J 167 -103.10 -36.64 -54.46
N SER J 168 -102.11 -35.75 -54.58
CA SER J 168 -101.67 -35.00 -53.40
C SER J 168 -102.80 -34.19 -52.76
N ALA J 169 -103.88 -33.92 -53.50
CA ALA J 169 -105.03 -33.24 -52.93
C ALA J 169 -105.85 -34.13 -52.01
N SER J 170 -105.70 -35.45 -52.12
CA SER J 170 -106.52 -36.38 -51.36
C SER J 170 -106.08 -36.39 -49.91
N GLU J 171 -107.00 -36.77 -49.02
CA GLU J 171 -106.67 -36.74 -47.60
C GLU J 171 -105.97 -38.01 -47.14
N SER J 172 -106.07 -39.11 -47.91
CA SER J 172 -105.55 -40.40 -47.51
C SER J 172 -104.17 -40.65 -48.14
N PRO J 173 -103.35 -41.51 -47.51
CA PRO J 173 -102.08 -41.90 -48.14
C PRO J 173 -102.26 -42.96 -49.22
N LEU J 174 -101.17 -43.49 -49.77
CA LEU J 174 -101.30 -44.52 -50.78
C LEU J 174 -101.70 -45.84 -50.12
N LYS J 175 -102.07 -46.79 -50.96
CA LYS J 175 -102.10 -48.19 -50.55
C LYS J 175 -101.25 -49.03 -51.48
N PRO J 176 -100.36 -49.87 -50.96
CA PRO J 176 -99.37 -50.54 -51.80
C PRO J 176 -100.02 -51.56 -52.71
N LYS J 177 -99.21 -52.11 -53.63
CA LYS J 177 -99.70 -53.21 -54.44
C LYS J 177 -100.13 -54.37 -53.57
N TYR J 178 -99.26 -54.86 -52.68
CA TYR J 178 -99.62 -55.96 -51.79
C TYR J 178 -99.19 -55.68 -50.35
N ARG J 179 -99.83 -56.40 -49.43
CA ARG J 179 -99.42 -56.51 -48.02
C ARG J 179 -98.88 -57.93 -47.78
N LEU J 180 -97.61 -58.02 -47.42
CA LEU J 180 -96.95 -59.29 -47.12
C LEU J 180 -96.71 -59.37 -45.62
N THR J 181 -97.28 -60.38 -44.97
CA THR J 181 -97.16 -60.51 -43.51
C THR J 181 -96.96 -61.97 -43.14
N LYS J 182 -95.77 -62.29 -42.63
CA LYS J 182 -95.53 -63.57 -41.97
C LYS J 182 -94.91 -63.31 -40.61
N HIS J 183 -94.12 -62.25 -40.51
CA HIS J 183 -93.40 -61.94 -39.29
C HIS J 183 -94.34 -61.46 -38.19
N THR J 184 -93.81 -61.46 -36.97
CA THR J 184 -94.49 -60.91 -35.81
C THR J 184 -93.76 -59.73 -35.19
N GLN J 185 -92.53 -59.43 -35.63
CA GLN J 185 -91.77 -58.24 -35.28
C GLN J 185 -91.44 -57.47 -36.55
N PRO J 186 -91.25 -56.15 -36.45
CA PRO J 186 -90.97 -55.36 -37.66
C PRO J 186 -89.76 -55.87 -38.41
N CYS J 187 -89.79 -55.72 -39.73
CA CYS J 187 -88.71 -56.20 -40.56
C CYS J 187 -87.63 -55.15 -40.68
N THR J 188 -86.37 -55.59 -40.72
CA THR J 188 -85.24 -54.68 -40.78
C THR J 188 -84.84 -54.30 -42.19
N SER J 189 -84.86 -55.22 -43.15
CA SER J 189 -84.51 -54.87 -44.52
C SER J 189 -85.05 -55.92 -45.49
N VAL J 190 -84.97 -55.58 -46.77
CA VAL J 190 -85.48 -56.44 -47.84
C VAL J 190 -84.49 -56.39 -49.00
N CYS J 191 -84.65 -57.32 -49.95
CA CYS J 191 -83.77 -57.41 -51.11
C CYS J 191 -84.49 -58.17 -52.20
N TRP J 192 -84.54 -57.58 -53.39
CA TRP J 192 -85.09 -58.27 -54.54
C TRP J 192 -84.05 -59.20 -55.14
N ASN J 193 -84.52 -60.13 -55.98
CA ASN J 193 -83.60 -60.95 -56.74
C ASN J 193 -83.26 -60.23 -58.05
N PHE J 194 -81.98 -60.06 -58.33
CA PHE J 194 -81.56 -59.29 -59.49
C PHE J 194 -81.87 -60.01 -60.79
N LEU J 195 -82.05 -61.33 -60.74
CA LEU J 195 -82.38 -62.14 -61.91
C LEU J 195 -83.75 -62.80 -61.81
N SER J 196 -84.05 -63.44 -60.69
CA SER J 196 -85.33 -64.11 -60.47
C SER J 196 -86.40 -63.02 -60.44
N LYS J 197 -87.38 -63.15 -61.34
CA LYS J 197 -88.27 -62.03 -61.62
C LYS J 197 -89.36 -61.93 -60.55
N GLY J 198 -89.30 -60.88 -59.75
CA GLY J 198 -90.24 -60.71 -58.67
C GLY J 198 -90.01 -61.60 -57.45
N THR J 199 -88.77 -61.84 -57.08
CA THR J 199 -88.45 -62.59 -55.88
C THR J 199 -87.84 -61.64 -54.86
N LEU J 200 -88.27 -61.76 -53.62
CA LEU J 200 -87.90 -60.80 -52.58
C LEU J 200 -87.52 -61.58 -51.32
N VAL J 201 -86.84 -60.90 -50.41
CA VAL J 201 -86.53 -61.46 -49.10
C VAL J 201 -86.84 -60.40 -48.05
N SER J 202 -87.16 -60.86 -46.85
CA SER J 202 -87.43 -59.98 -45.72
C SER J 202 -86.91 -60.65 -44.46
N GLY J 203 -85.93 -60.02 -43.81
CA GLY J 203 -85.45 -60.43 -42.51
C GLY J 203 -85.98 -59.45 -41.49
N SER J 204 -86.28 -59.95 -40.29
CA SER J 204 -87.05 -59.15 -39.37
C SER J 204 -86.38 -59.10 -38.00
N GLN J 205 -87.12 -58.54 -37.05
CA GLN J 205 -86.63 -58.37 -35.69
C GLN J 205 -86.90 -59.59 -34.82
N ASP J 206 -87.82 -60.48 -35.22
CA ASP J 206 -88.05 -61.74 -34.52
C ASP J 206 -87.12 -62.85 -34.98
N ALA J 207 -85.98 -62.50 -35.60
CA ALA J 207 -84.91 -63.43 -35.96
C ALA J 207 -85.32 -64.45 -37.02
N THR J 208 -86.30 -64.13 -37.86
CA THR J 208 -86.72 -65.04 -38.91
C THR J 208 -86.60 -64.38 -40.29
N LEU J 209 -86.54 -65.23 -41.31
CA LEU J 209 -86.36 -64.83 -42.70
C LEU J 209 -87.58 -65.24 -43.51
N SER J 210 -87.83 -64.56 -44.62
CA SER J 210 -88.93 -64.93 -45.52
C SER J 210 -88.58 -64.56 -46.95
N CYS J 211 -88.58 -65.56 -47.82
CA CYS J 211 -88.45 -65.35 -49.27
C CYS J 211 -89.85 -65.36 -49.88
N TRP J 212 -90.11 -64.37 -50.73
CA TRP J 212 -91.44 -64.05 -51.25
C TRP J 212 -91.46 -64.06 -52.77
N ASP J 213 -92.62 -64.42 -53.34
CA ASP J 213 -92.83 -64.55 -54.79
C ASP J 213 -94.18 -63.96 -55.15
N LEU J 214 -94.18 -62.78 -55.79
CA LEU J 214 -95.42 -62.06 -56.06
C LEU J 214 -96.23 -62.67 -57.21
N ASN J 215 -95.57 -63.26 -58.21
CA ASN J 215 -96.30 -63.86 -59.32
C ASN J 215 -97.00 -65.15 -58.92
N ALA J 216 -96.89 -65.55 -57.65
CA ALA J 216 -97.67 -66.64 -57.10
C ALA J 216 -98.76 -66.16 -56.17
N TYR J 217 -99.37 -65.01 -56.44
CA TYR J 217 -100.45 -64.50 -55.62
C TYR J 217 -101.69 -65.37 -55.77
N ASN J 218 -102.57 -65.29 -54.79
CA ASN J 218 -104.00 -65.58 -54.95
C ASN J 218 -104.78 -64.56 -54.15
N GLU J 219 -105.85 -64.04 -54.74
CA GLU J 219 -106.73 -63.13 -54.00
C GLU J 219 -107.26 -63.80 -52.73
N SER J 220 -107.47 -65.11 -52.79
CA SER J 220 -107.86 -65.86 -51.60
C SER J 220 -106.69 -66.16 -50.69
N ASP J 221 -105.46 -66.18 -51.22
CA ASP J 221 -104.26 -66.58 -50.49
C ASP J 221 -103.21 -65.48 -50.60
N SER J 222 -103.27 -64.52 -49.67
CA SER J 222 -102.18 -63.56 -49.56
C SER J 222 -100.92 -64.21 -49.00
N ALA J 223 -101.06 -65.42 -48.46
CA ALA J 223 -99.93 -66.22 -47.97
C ALA J 223 -99.32 -67.12 -49.04
N SER J 224 -99.87 -67.12 -50.26
CA SER J 224 -99.25 -67.87 -51.35
C SER J 224 -98.01 -67.17 -51.88
N VAL J 225 -97.87 -65.87 -51.58
CA VAL J 225 -96.63 -65.16 -51.89
C VAL J 225 -95.47 -65.70 -51.05
N LEU J 226 -95.76 -66.34 -49.93
CA LEU J 226 -94.75 -66.90 -49.04
C LEU J 226 -94.10 -68.10 -49.70
N LYS J 227 -92.93 -67.87 -50.31
CA LYS J 227 -92.13 -68.97 -50.82
C LYS J 227 -91.52 -69.78 -49.68
N VAL J 228 -90.70 -69.13 -48.84
CA VAL J 228 -90.05 -69.82 -47.73
C VAL J 228 -90.07 -68.90 -46.52
N HIS J 229 -90.10 -69.50 -45.33
CA HIS J 229 -89.75 -68.79 -44.11
C HIS J 229 -88.71 -69.63 -43.38
N ILE J 230 -87.70 -68.97 -42.84
CA ILE J 230 -86.53 -69.62 -42.26
C ILE J 230 -86.41 -69.18 -40.81
N SER J 231 -86.02 -70.10 -39.94
CA SER J 231 -85.57 -69.76 -38.59
C SER J 231 -84.20 -70.39 -38.40
N SER J 232 -83.17 -69.69 -38.85
CA SER J 232 -81.79 -70.07 -38.58
C SER J 232 -81.11 -69.19 -37.55
N HIS J 233 -81.55 -67.94 -37.42
CA HIS J 233 -80.90 -66.97 -36.56
C HIS J 233 -81.38 -67.08 -35.12
N GLU J 234 -80.57 -66.52 -34.23
CA GLU J 234 -80.72 -66.67 -32.79
C GLU J 234 -80.93 -65.34 -32.07
N LYS J 235 -80.48 -64.23 -32.66
CA LYS J 235 -80.73 -62.88 -32.15
C LYS J 235 -81.38 -62.08 -33.28
N GLN J 236 -81.76 -60.84 -32.98
CA GLN J 236 -82.46 -60.03 -33.97
C GLN J 236 -81.60 -59.83 -35.21
N VAL J 237 -82.18 -60.10 -36.38
CA VAL J 237 -81.45 -59.99 -37.63
C VAL J 237 -81.28 -58.53 -38.01
N SER J 238 -80.09 -58.18 -38.51
CA SER J 238 -79.84 -56.83 -38.96
C SER J 238 -79.80 -56.70 -40.48
N ASP J 239 -79.55 -57.80 -41.20
CA ASP J 239 -79.43 -57.73 -42.65
C ASP J 239 -79.58 -59.11 -43.27
N VAL J 240 -80.40 -59.17 -44.33
CA VAL J 240 -80.53 -60.36 -45.18
C VAL J 240 -80.51 -59.87 -46.63
N ARG J 241 -79.73 -60.55 -47.47
CA ARG J 241 -79.47 -59.98 -48.78
C ARG J 241 -78.91 -61.01 -49.74
N PHE J 242 -79.35 -60.94 -50.99
CA PHE J 242 -79.15 -61.97 -52.00
C PHE J 242 -77.82 -61.81 -52.72
N HIS J 243 -77.46 -62.83 -53.49
CA HIS J 243 -76.30 -62.76 -54.36
C HIS J 243 -76.60 -61.89 -55.58
N TYR J 244 -75.57 -61.21 -56.07
CA TYR J 244 -75.76 -60.31 -57.21
C TYR J 244 -75.99 -61.07 -58.51
N LYS J 245 -75.47 -62.28 -58.63
CA LYS J 245 -75.48 -62.97 -59.90
C LYS J 245 -76.15 -64.33 -59.80
N HIS J 246 -76.84 -64.62 -58.71
CA HIS J 246 -77.29 -65.97 -58.40
C HIS J 246 -78.66 -65.89 -57.73
N GLN J 247 -79.60 -66.72 -58.19
CA GLN J 247 -80.93 -66.73 -57.59
C GLN J 247 -80.92 -67.34 -56.19
N ASP J 248 -80.18 -68.42 -55.99
CA ASP J 248 -80.38 -69.31 -54.85
C ASP J 248 -79.35 -69.11 -53.75
N LEU J 249 -78.63 -68.01 -53.74
CA LEU J 249 -77.64 -67.74 -52.70
C LEU J 249 -77.98 -66.43 -52.00
N LEU J 250 -78.08 -66.47 -50.67
CA LEU J 250 -78.24 -65.26 -49.88
C LEU J 250 -77.45 -65.39 -48.60
N ALA J 251 -77.22 -64.26 -47.96
CA ALA J 251 -76.55 -64.20 -46.66
C ALA J 251 -77.42 -63.46 -45.66
N SER J 252 -77.28 -63.85 -44.41
CA SER J 252 -77.99 -63.24 -43.30
C SER J 252 -76.98 -63.02 -42.17
N VAL J 253 -77.11 -61.89 -41.48
CA VAL J 253 -76.18 -61.56 -40.41
C VAL J 253 -76.98 -61.08 -39.22
N SER J 254 -76.60 -61.54 -38.03
CA SER J 254 -77.43 -61.25 -36.87
C SER J 254 -76.60 -60.77 -35.68
N TYR J 255 -77.30 -60.17 -34.71
CA TYR J 255 -76.69 -59.60 -33.52
C TYR J 255 -75.94 -60.61 -32.67
N ASP J 256 -76.14 -61.90 -32.89
CA ASP J 256 -75.37 -62.90 -32.15
C ASP J 256 -73.98 -63.11 -32.73
N GLN J 257 -73.47 -62.15 -33.48
CA GLN J 257 -72.11 -62.17 -34.00
C GLN J 257 -71.93 -63.26 -35.05
N TYR J 258 -73.00 -63.64 -35.74
CA TYR J 258 -72.93 -64.77 -36.65
C TYR J 258 -73.37 -64.37 -38.06
N LEU J 259 -72.65 -64.96 -39.02
CA LEU J 259 -73.03 -64.99 -40.42
C LEU J 259 -73.69 -66.33 -40.70
N HIS J 260 -74.79 -66.31 -41.44
CA HIS J 260 -75.44 -67.51 -41.93
C HIS J 260 -75.55 -67.41 -43.44
N VAL J 261 -75.26 -68.51 -44.12
CA VAL J 261 -75.39 -68.62 -45.56
C VAL J 261 -76.59 -69.48 -45.85
N HIS J 262 -77.51 -68.97 -46.68
CA HIS J 262 -78.75 -69.64 -47.00
C HIS J 262 -78.84 -69.89 -48.49
N ASP J 263 -79.33 -71.07 -48.85
CA ASP J 263 -79.75 -71.35 -50.21
C ASP J 263 -81.21 -71.80 -50.11
N ILE J 264 -82.09 -71.11 -50.83
CA ILE J 264 -83.52 -71.31 -50.66
C ILE J 264 -84.01 -72.65 -51.23
N ARG J 265 -83.35 -73.18 -52.25
CA ARG J 265 -83.78 -74.44 -52.85
C ARG J 265 -83.33 -75.66 -52.05
N ARG J 266 -82.55 -75.45 -50.97
CA ARG J 266 -82.44 -76.47 -49.93
C ARG J 266 -83.83 -76.80 -49.38
N PRO J 267 -84.10 -78.08 -49.08
CA PRO J 267 -85.34 -78.38 -48.37
C PRO J 267 -85.28 -78.05 -46.90
N ASP J 268 -84.16 -78.32 -46.24
CA ASP J 268 -83.99 -78.12 -44.82
C ASP J 268 -83.74 -76.64 -44.50
N ALA J 269 -83.76 -75.78 -45.52
CA ALA J 269 -83.42 -74.37 -45.34
C ALA J 269 -84.37 -73.64 -44.41
N SER J 270 -85.56 -74.19 -44.15
CA SER J 270 -86.52 -73.54 -43.25
C SER J 270 -86.02 -73.52 -41.81
N THR J 271 -85.14 -74.46 -41.44
CA THR J 271 -84.48 -74.46 -40.14
C THR J 271 -82.96 -74.60 -40.21
N LYS J 272 -82.41 -75.16 -41.29
CA LYS J 272 -80.97 -75.35 -41.42
C LYS J 272 -80.39 -74.39 -42.46
N PRO J 273 -79.49 -73.50 -42.06
CA PRO J 273 -78.80 -72.66 -43.04
C PRO J 273 -77.72 -73.45 -43.76
N ALA J 274 -77.30 -72.91 -44.91
CA ALA J 274 -76.25 -73.58 -45.68
C ALA J 274 -74.93 -73.55 -44.93
N ARG J 275 -74.63 -72.43 -44.26
CA ARG J 275 -73.44 -72.35 -43.41
C ARG J 275 -73.71 -71.43 -42.24
N SER J 276 -72.86 -71.53 -41.21
CA SER J 276 -72.93 -70.66 -40.04
C SER J 276 -71.52 -70.43 -39.52
N VAL J 277 -71.09 -69.17 -39.50
CA VAL J 277 -69.72 -68.81 -39.16
C VAL J 277 -69.73 -67.71 -38.12
N HIS J 278 -68.79 -67.81 -37.17
CA HIS J 278 -68.52 -66.74 -36.21
C HIS J 278 -67.64 -65.70 -36.89
N ALA J 279 -68.28 -64.64 -37.40
CA ALA J 279 -67.58 -63.64 -38.19
C ALA J 279 -66.99 -62.52 -37.35
N HIS J 280 -67.68 -62.10 -36.29
CA HIS J 280 -67.21 -60.99 -35.47
C HIS J 280 -67.53 -61.28 -34.01
N SER J 281 -67.09 -60.37 -33.14
CA SER J 281 -67.36 -60.47 -31.71
C SER J 281 -68.42 -59.48 -31.23
N GLY J 282 -69.02 -58.71 -32.11
CA GLY J 282 -70.11 -57.83 -31.76
C GLY J 282 -71.30 -57.99 -32.70
N PRO J 283 -72.44 -57.38 -32.32
CA PRO J 283 -73.62 -57.46 -33.17
C PRO J 283 -73.37 -56.96 -34.58
N ILE J 284 -73.57 -57.83 -35.57
CA ILE J 284 -73.34 -57.48 -36.97
C ILE J 284 -74.46 -56.57 -37.44
N HIS J 285 -74.08 -55.54 -38.20
CA HIS J 285 -75.05 -54.60 -38.76
C HIS J 285 -75.43 -54.89 -40.20
N SER J 286 -74.45 -55.00 -41.10
CA SER J 286 -74.77 -55.17 -42.50
C SER J 286 -73.72 -56.04 -43.19
N VAL J 287 -74.10 -56.53 -44.37
CA VAL J 287 -73.25 -57.30 -45.26
C VAL J 287 -73.48 -56.83 -46.69
N ALA J 288 -72.41 -56.76 -47.46
CA ALA J 288 -72.44 -56.29 -48.83
C ALA J 288 -71.86 -57.36 -49.73
N PHE J 289 -72.49 -57.58 -50.88
CA PHE J 289 -72.02 -58.57 -51.85
C PHE J 289 -71.29 -57.87 -52.98
N ASN J 290 -70.12 -58.39 -53.33
CA ASN J 290 -69.35 -57.86 -54.44
C ASN J 290 -70.15 -58.02 -55.73
N PRO J 291 -70.49 -56.93 -56.42
CA PRO J 291 -71.31 -57.06 -57.63
C PRO J 291 -70.58 -57.70 -58.79
N HIS J 292 -69.29 -57.40 -58.96
CA HIS J 292 -68.53 -57.95 -60.08
C HIS J 292 -68.11 -59.38 -59.81
N ASN J 293 -67.57 -59.63 -58.62
CA ASN J 293 -67.02 -60.93 -58.26
C ASN J 293 -68.00 -61.64 -57.33
N ASP J 294 -68.35 -62.87 -57.67
CA ASP J 294 -69.35 -63.62 -56.92
C ASP J 294 -68.77 -64.33 -55.70
N PHE J 295 -67.57 -63.98 -55.26
CA PHE J 295 -66.89 -64.69 -54.20
C PHE J 295 -66.63 -63.87 -52.96
N ILE J 296 -66.65 -62.55 -53.05
CA ILE J 296 -66.28 -61.69 -51.93
C ILE J 296 -67.55 -61.10 -51.33
N LEU J 297 -67.65 -61.15 -50.01
CA LEU J 297 -68.62 -60.34 -49.29
C LEU J 297 -67.91 -59.60 -48.17
N ALA J 298 -68.54 -58.52 -47.73
CA ALA J 298 -68.02 -57.67 -46.68
C ALA J 298 -69.04 -57.61 -45.55
N THR J 299 -68.54 -57.48 -44.32
CA THR J 299 -69.37 -57.53 -43.14
C THR J 299 -68.93 -56.50 -42.12
N CYS J 300 -69.88 -55.71 -41.62
CA CYS J 300 -69.58 -54.66 -40.66
C CYS J 300 -70.25 -54.97 -39.34
N SER J 301 -69.62 -54.54 -38.24
CA SER J 301 -70.16 -54.78 -36.90
C SER J 301 -69.90 -53.55 -36.05
N THR J 302 -70.43 -53.57 -34.82
CA THR J 302 -70.09 -52.53 -33.86
C THR J 302 -68.69 -52.70 -33.31
N ASP J 303 -67.97 -53.74 -33.75
CA ASP J 303 -66.61 -53.99 -33.32
C ASP J 303 -65.60 -53.13 -34.08
N LYS J 304 -66.08 -52.07 -34.72
CA LYS J 304 -65.28 -51.09 -35.45
C LYS J 304 -64.30 -51.73 -36.43
N THR J 305 -64.59 -52.95 -36.91
CA THR J 305 -63.72 -53.65 -37.85
C THR J 305 -64.55 -54.25 -38.98
N ILE J 306 -64.01 -54.18 -40.18
CA ILE J 306 -64.70 -54.62 -41.40
C ILE J 306 -64.07 -55.92 -41.84
N ALA J 307 -64.88 -56.97 -41.98
CA ALA J 307 -64.37 -58.29 -42.31
C ALA J 307 -64.70 -58.65 -43.75
N LEU J 308 -63.77 -59.30 -44.42
CA LEU J 308 -64.00 -59.81 -45.76
C LEU J 308 -64.21 -61.32 -45.71
N TRP J 309 -64.86 -61.85 -46.73
CA TRP J 309 -65.21 -63.26 -46.74
C TRP J 309 -65.23 -63.82 -48.16
N ASP J 310 -64.59 -64.97 -48.33
CA ASP J 310 -64.59 -65.73 -49.58
C ASP J 310 -65.21 -67.10 -49.35
N LEU J 311 -66.07 -67.52 -50.26
CA LEU J 311 -66.97 -68.65 -50.03
C LEU J 311 -66.29 -70.01 -50.14
N ARG J 312 -65.09 -70.09 -50.74
CA ARG J 312 -64.37 -71.35 -50.80
C ARG J 312 -63.48 -71.55 -49.58
N ASN J 313 -63.22 -70.47 -48.83
CA ASN J 313 -62.46 -70.56 -47.59
C ASN J 313 -63.23 -69.77 -46.52
N LEU J 314 -64.21 -70.42 -45.90
CA LEU J 314 -65.03 -69.78 -44.88
C LEU J 314 -64.57 -70.04 -43.45
N ASN J 315 -63.54 -70.85 -43.26
CA ASN J 315 -62.98 -71.10 -41.93
C ASN J 315 -62.19 -69.92 -41.40
N GLN J 316 -61.95 -68.93 -42.26
CA GLN J 316 -60.90 -67.93 -42.08
C GLN J 316 -61.43 -66.58 -42.50
N ARG J 317 -61.25 -65.57 -41.64
CA ARG J 317 -61.57 -64.21 -42.05
C ARG J 317 -60.60 -63.75 -43.12
N LEU J 318 -61.14 -63.31 -44.25
CA LEU J 318 -60.30 -63.02 -45.41
C LEU J 318 -59.35 -61.88 -45.12
N HIS J 319 -59.85 -60.79 -44.54
CA HIS J 319 -59.00 -59.71 -44.04
C HIS J 319 -59.87 -58.82 -43.16
N THR J 320 -59.20 -57.87 -42.50
CA THR J 320 -59.84 -56.96 -41.55
C THR J 320 -59.30 -55.56 -41.77
N LEU J 321 -60.19 -54.61 -42.06
CA LEU J 321 -59.82 -53.23 -42.32
C LEU J 321 -60.10 -52.39 -41.08
N GLU J 322 -59.10 -51.66 -40.62
CA GLU J 322 -59.18 -50.88 -39.40
C GLU J 322 -59.22 -49.40 -39.76
N GLY J 323 -59.65 -48.58 -38.81
CA GLY J 323 -59.63 -47.14 -39.02
C GLY J 323 -60.79 -46.39 -38.40
N HIS J 324 -61.90 -47.06 -38.15
CA HIS J 324 -62.99 -46.44 -37.41
C HIS J 324 -62.83 -46.75 -35.94
N GLU J 325 -62.90 -45.72 -35.12
CA GLU J 325 -62.72 -45.88 -33.69
C GLU J 325 -64.01 -45.73 -32.89
N ASP J 326 -65.15 -46.09 -33.49
CA ASP J 326 -66.36 -46.49 -32.77
C ASP J 326 -67.23 -47.25 -33.78
N ILE J 327 -68.49 -47.54 -33.42
CA ILE J 327 -69.35 -48.40 -34.22
C ILE J 327 -69.35 -48.01 -35.70
N VAL J 328 -69.08 -48.97 -36.55
CA VAL J 328 -69.37 -48.87 -37.97
C VAL J 328 -70.77 -49.42 -38.19
N THR J 329 -71.53 -48.82 -39.11
CA THR J 329 -72.93 -49.17 -39.27
C THR J 329 -73.24 -49.87 -40.58
N LYS J 330 -72.64 -49.47 -41.69
CA LYS J 330 -73.11 -49.91 -42.99
C LYS J 330 -72.04 -49.73 -44.05
N ILE J 331 -72.08 -50.61 -45.06
CA ILE J 331 -71.00 -50.75 -46.03
C ILE J 331 -71.60 -51.03 -47.41
N SER J 332 -70.79 -50.84 -48.45
CA SER J 332 -71.24 -51.00 -49.82
C SER J 332 -70.05 -51.03 -50.76
N PHE J 333 -70.15 -51.86 -51.81
CA PHE J 333 -69.14 -51.95 -52.85
C PHE J 333 -69.40 -50.92 -53.95
N SER J 334 -68.41 -50.76 -54.81
CA SER J 334 -68.55 -49.88 -55.97
C SER J 334 -69.04 -50.67 -57.16
N PRO J 335 -70.19 -50.31 -57.75
CA PRO J 335 -70.71 -51.05 -58.90
C PRO J 335 -69.92 -50.85 -60.19
N HIS J 336 -68.79 -50.14 -60.16
CA HIS J 336 -67.96 -49.98 -61.34
C HIS J 336 -66.62 -50.71 -61.23
N GLU J 337 -65.93 -50.58 -60.10
CA GLU J 337 -64.72 -51.35 -59.82
C GLU J 337 -64.93 -52.09 -58.51
N GLU J 338 -64.58 -53.38 -58.48
CA GLU J 338 -64.76 -54.15 -57.24
C GLU J 338 -63.76 -53.79 -56.14
N PRO J 339 -62.49 -53.43 -56.41
CA PRO J 339 -61.56 -53.22 -55.28
C PRO J 339 -61.89 -52.02 -54.41
N ILE J 340 -62.93 -51.26 -54.72
CA ILE J 340 -63.30 -50.08 -53.96
C ILE J 340 -64.47 -50.42 -53.05
N LEU J 341 -64.26 -50.26 -51.74
CA LEU J 341 -65.29 -50.52 -50.74
C LEU J 341 -65.50 -49.29 -49.88
N ALA J 342 -66.77 -48.95 -49.64
CA ALA J 342 -67.11 -47.79 -48.82
C ALA J 342 -67.75 -48.25 -47.51
N SER J 343 -67.41 -47.54 -46.44
CA SER J 343 -67.92 -47.88 -45.12
C SER J 343 -68.30 -46.61 -44.37
N THR J 344 -69.43 -46.64 -43.68
CA THR J 344 -69.90 -45.52 -42.88
C THR J 344 -70.01 -45.94 -41.43
N SER J 345 -69.75 -44.97 -40.55
CA SER J 345 -69.67 -45.27 -39.12
C SER J 345 -70.25 -44.13 -38.31
N ALA J 346 -70.22 -44.31 -36.99
CA ALA J 346 -70.81 -43.34 -36.08
C ALA J 346 -69.91 -42.16 -35.78
N ASP J 347 -68.61 -42.25 -36.08
CA ASP J 347 -67.71 -41.13 -35.87
C ASP J 347 -67.76 -40.12 -37.00
N ARG J 348 -68.86 -40.06 -37.74
CA ARG J 348 -69.15 -39.03 -38.73
C ARG J 348 -68.21 -39.08 -39.91
N ARG J 349 -67.59 -40.22 -40.19
CA ARG J 349 -66.72 -40.37 -41.35
C ARG J 349 -67.21 -41.50 -42.23
N THR J 350 -66.94 -41.38 -43.53
CA THR J 350 -67.08 -42.49 -44.47
C THR J 350 -65.72 -42.73 -45.10
N LEU J 351 -65.28 -43.98 -45.06
CA LEU J 351 -63.96 -44.35 -45.54
C LEU J 351 -64.08 -45.19 -46.80
N VAL J 352 -63.24 -44.89 -47.78
CA VAL J 352 -63.18 -45.63 -49.03
C VAL J 352 -61.85 -46.35 -49.08
N TRP J 353 -61.89 -47.65 -49.30
CA TRP J 353 -60.71 -48.50 -49.31
C TRP J 353 -60.50 -49.07 -50.70
N ASP J 354 -59.28 -48.97 -51.18
CA ASP J 354 -58.82 -49.64 -52.39
C ASP J 354 -58.06 -50.86 -51.90
N LEU J 355 -58.67 -52.03 -52.08
CA LEU J 355 -58.13 -53.28 -51.57
C LEU J 355 -56.99 -53.84 -52.42
N SER J 356 -56.59 -53.15 -53.48
CA SER J 356 -55.43 -53.58 -54.25
C SER J 356 -54.12 -53.26 -53.56
N ARG J 357 -54.17 -52.78 -52.32
CA ARG J 357 -52.97 -52.41 -51.58
C ARG J 357 -52.72 -53.29 -50.36
N ILE J 358 -53.24 -54.53 -50.34
CA ILE J 358 -52.82 -55.49 -49.33
C ILE J 358 -51.31 -55.66 -49.41
N GLY J 359 -50.68 -55.82 -48.25
CA GLY J 359 -49.28 -56.23 -48.20
C GLY J 359 -48.28 -55.22 -48.72
N GLU J 360 -48.72 -54.05 -49.17
CA GLU J 360 -47.80 -53.08 -49.76
C GLU J 360 -46.91 -52.44 -48.70
N ASP J 361 -45.89 -51.73 -49.17
CA ASP J 361 -45.02 -50.94 -48.33
C ASP J 361 -45.60 -49.54 -48.17
N GLN J 362 -45.29 -48.90 -47.05
CA GLN J 362 -45.68 -47.52 -46.80
C GLN J 362 -44.58 -46.85 -46.01
N PRO J 363 -44.24 -45.60 -46.35
CA PRO J 363 -43.24 -44.87 -45.57
C PRO J 363 -43.70 -44.64 -44.14
N ALA J 364 -42.78 -44.10 -43.34
CA ALA J 364 -43.08 -43.89 -41.93
C ALA J 364 -44.22 -42.90 -41.73
N GLU J 365 -44.14 -41.74 -42.38
CA GLU J 365 -45.19 -40.73 -42.28
C GLU J 365 -46.48 -41.20 -42.95
N GLU J 366 -46.37 -42.14 -43.89
CA GLU J 366 -47.57 -42.64 -44.56
C GLU J 366 -48.41 -43.54 -43.65
N ALA J 367 -47.86 -43.99 -42.52
CA ALA J 367 -48.59 -44.88 -41.63
C ALA J 367 -49.50 -44.12 -40.67
N GLN J 368 -49.47 -42.79 -40.69
CA GLN J 368 -50.26 -42.01 -39.76
C GLN J 368 -51.75 -42.16 -40.04
N ASP J 369 -52.12 -41.99 -41.31
CA ASP J 369 -53.53 -41.97 -41.69
C ASP J 369 -54.17 -43.34 -41.57
N GLY J 370 -53.38 -44.41 -41.47
CA GLY J 370 -53.90 -45.75 -41.36
C GLY J 370 -53.14 -46.71 -42.25
N PRO J 371 -53.65 -47.93 -42.38
CA PRO J 371 -53.01 -48.91 -43.27
C PRO J 371 -53.05 -48.43 -44.71
N PRO J 372 -52.11 -48.88 -45.55
CA PRO J 372 -52.02 -48.31 -46.91
C PRO J 372 -53.18 -48.66 -47.81
N GLU J 373 -53.93 -49.71 -47.49
CA GLU J 373 -55.13 -50.05 -48.24
C GLU J 373 -56.30 -49.11 -48.00
N LEU J 374 -56.17 -48.15 -47.08
CA LEU J 374 -57.14 -47.07 -46.95
C LEU J 374 -56.87 -46.05 -48.05
N LEU J 375 -57.93 -45.60 -48.72
CA LEU J 375 -57.82 -44.72 -49.88
C LEU J 375 -58.26 -43.29 -49.57
N PHE J 376 -59.49 -43.12 -49.07
CA PHE J 376 -60.07 -41.79 -48.92
C PHE J 376 -60.91 -41.75 -47.67
N MET J 377 -61.18 -40.53 -47.19
CA MET J 377 -61.95 -40.34 -45.96
C MET J 377 -62.72 -39.03 -46.10
N HIS J 378 -64.04 -39.11 -45.97
CA HIS J 378 -64.91 -37.95 -46.14
C HIS J 378 -65.67 -37.70 -44.84
N GLY J 379 -65.64 -36.45 -44.37
CA GLY J 379 -66.27 -36.08 -43.12
C GLY J 379 -67.00 -34.76 -43.14
N GLY J 380 -67.56 -34.39 -44.29
CA GLY J 380 -68.27 -33.13 -44.40
C GLY J 380 -69.55 -33.03 -43.59
N HIS J 381 -70.01 -34.14 -43.00
CA HIS J 381 -71.26 -34.14 -42.26
C HIS J 381 -71.10 -33.48 -40.90
N THR J 382 -72.15 -33.56 -40.09
CA THR J 382 -72.11 -33.08 -38.73
C THR J 382 -72.84 -33.97 -37.74
N SER J 383 -73.21 -35.18 -38.14
CA SER J 383 -73.81 -36.15 -37.22
C SER J 383 -73.67 -37.52 -37.86
N CYS J 384 -74.31 -38.51 -37.24
CA CYS J 384 -74.30 -39.85 -37.77
C CYS J 384 -74.89 -39.86 -39.18
N THR J 385 -74.07 -40.22 -40.15
CA THR J 385 -74.58 -40.43 -41.49
C THR J 385 -75.58 -41.58 -41.46
N ILE J 386 -76.76 -41.34 -42.04
CA ILE J 386 -77.78 -42.38 -42.08
C ILE J 386 -77.33 -43.45 -43.05
N ASP J 387 -77.27 -43.11 -44.33
CA ASP J 387 -76.89 -44.10 -45.35
C ASP J 387 -76.19 -43.45 -46.53
N MET J 388 -75.73 -44.32 -47.44
CA MET J 388 -75.07 -43.94 -48.67
C MET J 388 -75.76 -44.63 -49.83
N ASP J 389 -75.30 -44.29 -51.04
CA ASP J 389 -75.53 -45.05 -52.27
C ASP J 389 -74.64 -44.49 -53.37
N TRP J 390 -74.11 -45.39 -54.20
CA TRP J 390 -73.35 -44.97 -55.37
C TRP J 390 -74.30 -44.61 -56.51
N CYS J 391 -74.01 -43.50 -57.18
CA CYS J 391 -74.69 -43.22 -58.42
C CYS J 391 -74.14 -44.14 -59.49
N PRO J 392 -74.89 -45.10 -60.02
CA PRO J 392 -74.32 -46.07 -60.95
C PRO J 392 -74.05 -45.51 -62.34
N ASN J 393 -74.47 -44.28 -62.62
CA ASN J 393 -74.29 -43.68 -63.92
C ASN J 393 -73.03 -42.83 -64.00
N TYR J 394 -72.43 -42.48 -62.87
CA TYR J 394 -71.19 -41.71 -62.84
C TYR J 394 -70.22 -42.41 -61.91
N ASN J 395 -68.94 -42.38 -62.29
CA ASN J 395 -67.91 -43.04 -61.50
C ASN J 395 -67.49 -42.21 -60.30
N TRP J 396 -67.04 -42.90 -59.25
CA TRP J 396 -66.40 -42.29 -58.08
C TRP J 396 -67.34 -41.40 -57.28
N THR J 397 -68.61 -41.35 -57.67
CA THR J 397 -69.58 -40.47 -57.04
C THR J 397 -70.41 -41.23 -56.02
N MET J 398 -70.74 -40.57 -54.91
CA MET J 398 -71.63 -41.16 -53.92
C MET J 398 -72.50 -40.09 -53.29
N ALA J 399 -73.70 -40.51 -52.89
CA ALA J 399 -74.67 -39.67 -52.19
C ALA J 399 -74.92 -40.23 -50.80
N THR J 400 -74.84 -39.35 -49.81
CA THR J 400 -75.00 -39.73 -48.41
C THR J 400 -76.05 -38.86 -47.74
N ALA J 401 -76.96 -39.50 -47.03
CA ALA J 401 -77.96 -38.80 -46.21
C ALA J 401 -77.60 -38.97 -44.75
N ALA J 402 -77.68 -37.87 -44.00
CA ALA J 402 -77.25 -37.87 -42.60
C ALA J 402 -78.39 -37.46 -41.67
N GLU J 403 -78.11 -37.60 -40.37
CA GLU J 403 -79.12 -37.40 -39.34
C GLU J 403 -79.51 -35.94 -39.17
N ASP J 404 -78.71 -35.01 -39.66
CA ASP J 404 -79.00 -33.59 -39.54
C ASP J 404 -79.63 -33.01 -40.79
N ASN J 405 -80.50 -33.78 -41.46
CA ASN J 405 -81.33 -33.30 -42.56
C ASN J 405 -80.49 -32.87 -43.76
N ILE J 406 -79.33 -33.46 -43.95
CA ILE J 406 -78.38 -33.03 -44.98
C ILE J 406 -78.14 -34.18 -45.95
N LEU J 407 -78.07 -33.82 -47.23
CA LEU J 407 -77.69 -34.70 -48.32
C LEU J 407 -76.36 -34.24 -48.88
N GLN J 408 -75.52 -35.18 -49.29
CA GLN J 408 -74.20 -34.88 -49.84
C GLN J 408 -73.99 -35.68 -51.11
N ILE J 409 -73.76 -34.98 -52.21
CA ILE J 409 -73.33 -35.61 -53.45
C ILE J 409 -71.86 -35.27 -53.63
N TRP J 410 -70.99 -36.27 -53.68
CA TRP J 410 -69.58 -35.97 -53.70
C TRP J 410 -68.79 -37.02 -54.46
N THR J 411 -67.75 -36.56 -55.15
CA THR J 411 -66.76 -37.41 -55.80
C THR J 411 -65.39 -36.81 -55.56
N PRO J 412 -64.38 -37.60 -55.17
CA PRO J 412 -63.04 -37.05 -54.98
C PRO J 412 -62.42 -36.60 -56.29
N SER J 413 -61.28 -35.92 -56.16
CA SER J 413 -60.52 -35.52 -57.33
C SER J 413 -59.96 -36.73 -58.08
N ARG J 414 -59.70 -36.53 -59.36
CA ARG J 414 -58.94 -37.52 -60.12
C ARG J 414 -57.59 -37.84 -59.48
N SER J 415 -56.91 -36.80 -58.98
CA SER J 415 -55.50 -36.92 -58.61
C SER J 415 -55.22 -38.06 -57.64
N ILE J 416 -56.17 -38.41 -56.78
CA ILE J 416 -55.92 -39.46 -55.81
C ILE J 416 -56.00 -40.83 -56.46
N TRP J 417 -56.84 -40.98 -57.49
CA TRP J 417 -57.01 -42.27 -58.16
C TRP J 417 -56.69 -42.24 -59.65
N GLY J 418 -56.52 -41.07 -60.25
CA GLY J 418 -56.18 -41.00 -61.66
C GLY J 418 -54.70 -41.08 -61.91
N GLN K 14 1.25 45.35 41.07
CA GLN K 14 1.93 46.47 40.46
C GLN K 14 1.07 47.73 40.46
N ALA K 15 -0.23 47.57 40.22
CA ALA K 15 -1.14 48.70 40.27
C ALA K 15 -1.45 49.09 41.71
N SER K 16 -1.41 48.10 42.61
CA SER K 16 -1.53 48.38 44.04
C SER K 16 -0.64 49.54 44.43
N GLU K 17 0.67 49.39 44.18
CA GLU K 17 1.65 50.43 44.51
C GLU K 17 1.15 51.83 44.18
N GLU K 18 0.71 52.06 42.93
CA GLU K 18 0.19 53.36 42.58
C GLU K 18 -1.05 53.72 43.40
N GLY K 19 -1.98 52.79 43.53
CA GLY K 19 -3.21 53.11 44.27
C GLY K 19 -2.96 53.46 45.72
N ILE K 20 -2.08 52.71 46.37
CA ILE K 20 -1.79 52.91 47.78
C ILE K 20 -1.03 54.22 47.99
N ASN K 21 -0.01 54.48 47.16
CA ASN K 21 0.61 55.80 47.19
C ASN K 21 -0.42 56.90 47.02
N GLN K 22 -1.34 56.76 46.07
CA GLN K 22 -2.28 57.82 45.80
C GLN K 22 -3.18 58.05 47.01
N GLU K 23 -3.69 56.96 47.58
CA GLU K 23 -4.51 57.05 48.79
C GLU K 23 -3.73 57.72 49.91
N LYS K 24 -2.44 57.43 50.02
CA LYS K 24 -1.66 57.98 51.10
C LYS K 24 -1.46 59.48 50.96
N CYS K 25 -1.18 59.95 49.75
CA CYS K 25 -1.09 61.41 49.62
C CYS K 25 -2.46 62.07 49.72
N ILE K 26 -3.53 61.34 49.44
CA ILE K 26 -4.83 61.89 49.78
C ILE K 26 -4.89 62.17 51.28
N ASN K 27 -4.57 61.15 52.09
CA ASN K 27 -4.44 61.31 53.54
C ASN K 27 -3.49 62.46 53.89
N GLU K 28 -2.43 62.60 53.11
CA GLU K 28 -1.42 63.62 53.34
C GLU K 28 -2.03 65.00 53.25
N GLU K 29 -2.62 65.31 52.09
CA GLU K 29 -3.37 66.54 51.92
C GLU K 29 -4.33 66.73 53.08
N TYR K 30 -4.92 65.63 53.57
CA TYR K 30 -5.83 65.74 54.70
C TYR K 30 -5.17 66.44 55.87
N LYS K 31 -4.20 65.82 56.55
CA LYS K 31 -3.89 66.50 57.82
C LYS K 31 -2.97 67.68 57.58
N ILE K 32 -2.47 67.85 56.35
CA ILE K 32 -1.75 69.10 56.10
C ILE K 32 -2.74 70.25 55.93
N TRP K 33 -4.00 69.95 55.61
CA TRP K 33 -5.03 70.96 55.73
C TRP K 33 -5.51 71.08 57.17
N LYS K 34 -5.61 69.94 57.85
CA LYS K 34 -6.08 69.88 59.22
C LYS K 34 -5.14 70.61 60.16
N LYS K 35 -3.84 70.59 59.84
CA LYS K 35 -2.82 71.06 60.75
C LYS K 35 -2.78 72.58 60.80
N ASN K 36 -3.02 73.24 59.66
CA ASN K 36 -2.94 74.69 59.56
C ASN K 36 -4.31 75.34 59.46
N SER K 37 -5.37 74.60 59.78
CA SER K 37 -6.71 75.17 59.77
C SER K 37 -6.86 76.38 60.68
N PRO K 38 -6.40 76.35 61.94
CA PRO K 38 -6.63 77.51 62.83
C PRO K 38 -6.02 78.80 62.34
N PHE K 39 -5.20 78.78 61.28
CA PHE K 39 -4.68 80.00 60.68
C PHE K 39 -5.34 80.35 59.37
N LEU K 40 -6.32 79.56 58.92
CA LEU K 40 -6.96 79.80 57.63
C LEU K 40 -8.42 80.21 57.74
N TYR K 41 -9.20 79.52 58.55
CA TYR K 41 -10.65 79.70 58.58
C TYR K 41 -11.09 80.39 59.85
N ASP K 42 -12.30 80.95 59.79
CA ASP K 42 -12.97 81.46 60.98
C ASP K 42 -14.03 80.49 61.49
N LEU K 43 -14.33 79.45 60.71
CA LEU K 43 -15.29 78.43 61.10
C LEU K 43 -15.01 77.16 60.32
N ILE K 44 -15.08 76.01 61.01
CA ILE K 44 -15.00 74.71 60.35
C ILE K 44 -15.89 73.76 61.13
N ILE K 45 -16.84 73.13 60.44
CA ILE K 45 -17.68 72.08 61.00
C ILE K 45 -17.62 70.90 60.05
N THR K 46 -17.01 69.81 60.50
CA THR K 46 -16.89 68.60 59.71
C THR K 46 -17.88 67.56 60.23
N ARG K 47 -18.69 67.03 59.34
CA ARG K 47 -19.77 66.12 59.70
C ARG K 47 -19.64 64.82 58.92
N ALA K 48 -19.59 63.71 59.63
CA ALA K 48 -19.54 62.39 59.02
C ALA K 48 -20.96 61.83 59.00
N LEU K 49 -21.72 62.21 58.00
CA LEU K 49 -23.08 61.71 57.87
C LEU K 49 -23.05 60.23 57.55
N GLU K 50 -24.22 59.60 57.67
CA GLU K 50 -24.31 58.18 57.45
C GLU K 50 -23.91 57.81 56.03
N TRP K 51 -24.40 58.58 55.06
CA TRP K 51 -24.60 58.16 53.69
C TRP K 51 -24.00 59.17 52.75
N PRO K 52 -23.76 58.80 51.49
CA PRO K 52 -23.33 59.77 50.49
C PRO K 52 -24.48 60.71 50.13
N CYS K 53 -24.22 62.01 50.26
CA CYS K 53 -25.21 63.04 49.97
C CYS K 53 -25.02 63.53 48.54
N MET K 54 -25.96 63.17 47.66
CA MET K 54 -25.90 63.55 46.27
C MET K 54 -26.04 65.06 46.06
N SER K 55 -26.75 65.77 46.94
CA SER K 55 -26.96 67.20 46.72
C SER K 55 -27.26 67.91 48.04
N LEU K 56 -27.15 69.24 48.00
CA LEU K 56 -27.47 70.10 49.13
C LEU K 56 -28.05 71.40 48.62
N GLN K 57 -28.96 71.98 49.39
CA GLN K 57 -29.53 73.28 49.05
C GLN K 57 -29.87 74.02 50.34
N TRP K 58 -29.33 75.22 50.49
CA TRP K 58 -29.58 75.99 51.70
C TRP K 58 -31.01 76.51 51.74
N TYR K 59 -31.53 76.62 52.94
CA TYR K 59 -32.89 77.04 53.23
C TYR K 59 -32.91 78.50 53.66
N PRO K 60 -33.75 79.33 53.03
CA PRO K 60 -33.72 80.77 53.31
C PRO K 60 -34.36 81.17 54.63
N GLU K 61 -35.07 80.27 55.31
CA GLU K 61 -35.65 80.59 56.61
C GLU K 61 -34.64 80.30 57.71
N GLN K 62 -34.68 81.11 58.77
CA GLN K 62 -33.61 81.13 59.76
C GLN K 62 -34.17 81.40 61.14
N GLN K 63 -33.64 80.68 62.13
CA GLN K 63 -33.89 80.96 63.53
C GLN K 63 -32.71 81.68 64.15
N ILE K 64 -33.00 82.65 65.01
CA ILE K 64 -31.99 83.45 65.68
C ILE K 64 -32.26 83.31 67.17
N PHE K 65 -31.37 82.59 67.87
CA PHE K 65 -31.45 82.45 69.32
C PHE K 65 -30.43 83.37 69.97
N ALA K 66 -30.83 84.64 70.10
CA ALA K 66 -29.89 85.66 70.53
C ALA K 66 -29.47 85.48 71.99
N GLU K 67 -30.40 85.15 72.87
CA GLU K 67 -30.04 85.00 74.28
C GLU K 67 -29.16 83.77 74.44
N HIS K 68 -29.61 82.62 73.91
CA HIS K 68 -28.75 81.46 73.76
C HIS K 68 -27.49 81.78 72.97
N GLY K 69 -27.61 82.55 71.88
CA GLY K 69 -26.45 83.06 71.17
C GLY K 69 -26.02 82.28 69.94
N TYR K 70 -26.95 81.97 69.03
CA TYR K 70 -26.53 81.50 67.71
C TYR K 70 -27.64 81.76 66.72
N THR K 71 -27.51 81.16 65.54
CA THR K 71 -28.59 81.02 64.59
C THR K 71 -28.59 79.59 64.08
N GLU K 72 -29.78 79.07 63.76
CA GLU K 72 -29.89 77.81 63.02
C GLU K 72 -30.45 78.07 61.64
N GLN K 73 -29.75 77.52 60.65
CA GLN K 73 -30.22 77.42 59.28
C GLN K 73 -30.65 75.99 59.01
N LYS K 74 -31.33 75.79 57.90
CA LYS K 74 -31.77 74.46 57.49
C LYS K 74 -31.14 74.06 56.15
N MET K 75 -31.06 72.75 55.97
CA MET K 75 -30.47 72.11 54.80
C MET K 75 -31.37 70.98 54.34
N PHE K 76 -31.43 70.81 53.03
CA PHE K 76 -32.11 69.67 52.42
C PHE K 76 -31.07 68.80 51.71
N LEU K 77 -30.99 67.54 52.11
CA LEU K 77 -30.10 66.56 51.50
C LEU K 77 -30.92 65.47 50.84
N GLY K 78 -30.38 64.92 49.76
CA GLY K 78 -30.81 63.64 49.27
C GLY K 78 -29.60 62.72 49.29
N VAL K 79 -29.71 61.57 49.93
CA VAL K 79 -28.58 60.67 50.12
C VAL K 79 -28.96 59.31 49.57
N ARG K 80 -27.96 58.44 49.37
CA ARG K 80 -28.26 57.02 49.20
C ARG K 80 -27.80 56.30 50.46
N ALA K 81 -28.70 55.49 51.05
CA ALA K 81 -28.24 54.53 52.04
C ALA K 81 -27.46 53.40 51.39
N ASP K 82 -27.90 52.96 50.22
CA ASP K 82 -27.34 51.81 49.49
C ASP K 82 -27.82 51.92 48.06
N VAL K 83 -27.68 50.82 47.31
CA VAL K 83 -28.32 50.74 46.00
C VAL K 83 -29.82 50.57 46.22
N GLY K 84 -30.60 51.36 45.52
CA GLY K 84 -32.04 51.30 45.67
C GLY K 84 -32.59 51.91 46.94
N LYS K 85 -31.82 52.00 48.02
CA LYS K 85 -32.22 52.74 49.20
C LYS K 85 -31.82 54.19 48.98
N TYR K 86 -32.78 55.01 48.59
CA TYR K 86 -32.53 56.38 48.16
C TYR K 86 -33.44 57.25 49.01
N LEU K 87 -32.89 58.23 49.71
CA LEU K 87 -33.66 58.89 50.76
C LEU K 87 -33.41 60.39 50.74
N LEU K 88 -34.21 61.11 51.51
CA LEU K 88 -34.07 62.55 51.68
C LEU K 88 -34.04 62.88 53.16
N ALA K 89 -33.50 64.04 53.50
CA ALA K 89 -33.36 64.42 54.90
C ALA K 89 -33.24 65.93 55.02
N VAL K 90 -33.54 66.44 56.21
CA VAL K 90 -33.44 67.85 56.55
C VAL K 90 -32.50 67.99 57.74
N ALA K 91 -31.60 68.97 57.67
CA ALA K 91 -30.61 69.20 58.72
C ALA K 91 -30.76 70.62 59.28
N SER K 92 -30.44 70.76 60.56
CA SER K 92 -30.34 72.07 61.21
C SER K 92 -28.87 72.34 61.54
N ILE K 93 -28.44 73.56 61.29
CA ILE K 93 -27.03 73.93 61.31
C ILE K 93 -26.84 75.15 62.20
N GLN K 94 -25.92 75.03 63.16
CA GLN K 94 -25.61 76.09 64.12
C GLN K 94 -24.52 76.99 63.54
N LEU K 95 -24.82 78.28 63.44
CA LEU K 95 -23.83 79.31 63.17
C LEU K 95 -23.69 80.22 64.37
N PRO K 96 -22.47 80.64 64.70
CA PRO K 96 -22.28 81.51 65.87
C PRO K 96 -22.78 82.93 65.61
N TYR K 97 -22.88 83.70 66.69
CA TYR K 97 -23.54 85.00 66.67
C TYR K 97 -22.53 86.13 66.77
N LEU K 98 -22.76 87.20 66.01
CA LEU K 98 -21.96 88.42 66.10
C LEU K 98 -22.56 89.43 67.07
N ASN K 99 -23.86 89.69 66.97
CA ASN K 99 -24.47 90.88 67.55
C ASN K 99 -24.92 90.70 69.00
N GLN K 100 -23.98 90.78 69.92
CA GLN K 100 -24.30 91.03 71.33
C GLN K 100 -23.24 91.93 71.94
N LEU K 118 -23.21 73.38 69.31
CA LEU K 118 -22.77 73.92 68.04
C LEU K 118 -22.67 72.78 67.03
N ARG K 119 -23.80 72.14 66.76
CA ARG K 119 -23.81 70.83 66.13
C ARG K 119 -24.65 70.82 64.86
N VAL K 120 -24.42 69.80 64.04
CA VAL K 120 -25.19 69.55 62.82
C VAL K 120 -26.19 68.45 63.10
N ASN K 121 -27.48 68.79 63.05
CA ASN K 121 -28.55 67.88 63.47
C ASN K 121 -29.30 67.36 62.26
N ILE K 122 -29.22 66.05 62.04
CA ILE K 122 -29.96 65.37 60.99
C ILE K 122 -31.34 65.01 61.51
N SER K 123 -32.35 65.07 60.64
CA SER K 123 -33.69 64.61 60.98
C SER K 123 -34.54 64.64 59.71
N ASN K 124 -35.82 64.32 59.85
CA ASN K 124 -36.78 64.39 58.74
C ASN K 124 -36.31 63.55 57.55
N LEU K 125 -36.18 62.24 57.78
CA LEU K 125 -35.64 61.31 56.79
C LEU K 125 -36.79 60.53 56.16
N TYR K 126 -37.01 60.74 54.86
CA TYR K 126 -38.10 60.10 54.12
C TYR K 126 -37.52 59.35 52.93
N SER K 127 -37.89 58.09 52.77
CA SER K 127 -37.40 57.30 51.65
C SER K 127 -38.09 57.74 50.37
N HIS K 128 -37.32 57.87 49.29
CA HIS K 128 -37.65 58.29 47.93
C HIS K 128 -37.97 57.05 47.10
N PRO K 129 -38.86 57.14 46.11
CA PRO K 129 -39.14 55.98 45.27
C PRO K 129 -37.96 55.57 44.39
N GLU K 130 -37.24 56.52 43.80
CA GLU K 130 -36.06 56.20 43.00
C GLU K 130 -35.00 57.28 43.19
N SER K 131 -34.03 57.28 42.29
CA SER K 131 -32.77 57.98 42.53
C SER K 131 -32.94 59.50 42.50
N VAL K 132 -32.05 60.18 43.21
CA VAL K 132 -31.94 61.62 43.18
C VAL K 132 -30.55 61.97 42.64
N CYS K 133 -30.53 62.69 41.52
CA CYS K 133 -29.32 63.38 41.09
C CYS K 133 -29.39 64.86 41.33
N SER K 134 -30.58 65.45 41.18
CA SER K 134 -30.83 66.84 41.47
C SER K 134 -32.19 66.96 42.14
N ALA K 135 -32.21 67.66 43.27
CA ALA K 135 -33.43 67.94 44.02
C ALA K 135 -33.47 69.44 44.29
N LYS K 136 -34.31 70.15 43.54
CA LYS K 136 -34.41 71.60 43.64
C LYS K 136 -35.71 71.97 44.35
N LEU K 137 -35.63 72.88 45.30
CA LEU K 137 -36.84 73.39 45.94
C LEU K 137 -37.23 74.72 45.35
N MET K 138 -38.54 74.95 45.27
CA MET K 138 -39.07 76.18 44.69
C MET K 138 -38.64 77.37 45.54
N PRO K 139 -38.20 78.48 44.94
CA PRO K 139 -37.64 79.57 45.74
C PRO K 139 -38.62 80.20 46.70
N GLN K 140 -39.82 80.53 46.25
CA GLN K 140 -40.79 81.21 47.11
C GLN K 140 -41.66 80.25 47.91
N ASP K 141 -41.40 78.94 47.83
CA ASP K 141 -42.13 77.97 48.64
C ASP K 141 -41.25 76.75 48.88
N ASP K 142 -40.82 76.59 50.12
CA ASP K 142 -39.92 75.50 50.46
C ASP K 142 -40.56 74.12 50.31
N SER K 143 -41.88 74.03 50.50
CA SER K 143 -42.54 72.74 50.62
C SER K 143 -42.42 71.88 49.38
N CYS K 144 -42.17 72.46 48.22
CA CYS K 144 -42.12 71.74 46.97
C CYS K 144 -40.66 71.46 46.62
N VAL K 145 -40.40 70.26 46.11
CA VAL K 145 -39.08 69.85 45.67
C VAL K 145 -39.24 69.00 44.43
N ALA K 146 -38.65 69.43 43.32
CA ALA K 146 -38.59 68.64 42.11
C ALA K 146 -37.34 67.78 42.17
N THR K 147 -37.53 66.47 42.11
CA THR K 147 -36.44 65.51 42.23
C THR K 147 -36.37 64.68 40.97
N VAL K 148 -35.14 64.51 40.48
CA VAL K 148 -34.84 63.59 39.39
C VAL K 148 -33.53 62.89 39.74
N GLY K 149 -33.30 61.74 39.11
CA GLY K 149 -32.08 60.98 39.36
C GLY K 149 -31.57 60.36 38.08
N ASN K 150 -30.37 59.80 38.16
CA ASN K 150 -29.73 59.17 37.03
C ASN K 150 -30.35 57.82 36.69
N TYR K 151 -31.49 57.47 37.28
CA TYR K 151 -32.03 56.12 37.17
C TYR K 151 -33.44 56.11 36.58
N HIS K 152 -33.99 57.29 36.27
CA HIS K 152 -35.36 57.42 35.80
C HIS K 152 -35.51 58.70 35.00
N ASN K 153 -36.40 58.65 34.00
CA ASN K 153 -36.70 59.80 33.16
C ASN K 153 -37.93 60.58 33.62
N ASP K 154 -38.50 60.25 34.78
CA ASP K 154 -39.64 60.96 35.31
C ASP K 154 -39.21 61.95 36.38
N VAL K 155 -39.78 63.15 36.31
CA VAL K 155 -39.57 64.19 37.31
C VAL K 155 -40.65 64.02 38.37
N LEU K 156 -40.27 63.96 39.64
CA LEU K 156 -41.23 63.79 40.72
C LEU K 156 -41.20 65.02 41.62
N VAL K 157 -42.31 65.74 41.68
CA VAL K 157 -42.36 66.98 42.45
C VAL K 157 -43.20 66.75 43.70
N PHE K 158 -42.60 67.03 44.85
CA PHE K 158 -43.19 66.79 46.17
C PHE K 158 -43.62 68.11 46.80
N ASP K 159 -44.61 68.03 47.69
CA ASP K 159 -45.26 69.19 48.30
C ASP K 159 -45.38 69.01 49.81
N LYS K 160 -46.18 69.89 50.44
CA LYS K 160 -46.47 69.77 51.87
C LYS K 160 -47.00 68.39 52.21
N GLU K 161 -48.12 68.01 51.60
CA GLU K 161 -48.81 66.82 52.08
C GLU K 161 -47.96 65.57 51.90
N SER K 162 -47.19 65.50 50.81
CA SER K 162 -46.40 64.31 50.53
C SER K 162 -45.37 64.05 51.63
N PHE K 163 -44.70 65.10 52.11
CA PHE K 163 -43.79 64.92 53.24
C PHE K 163 -44.57 64.66 54.53
N GLU K 164 -45.63 65.43 54.77
CA GLU K 164 -46.34 65.35 56.03
C GLU K 164 -47.35 64.21 56.09
N SER K 165 -47.76 63.66 54.94
CA SER K 165 -48.58 62.46 54.98
C SER K 165 -47.73 61.21 55.15
N TYR K 166 -46.45 61.29 54.80
CA TYR K 166 -45.53 60.19 55.07
C TYR K 166 -45.35 60.00 56.57
N SER K 167 -45.23 58.74 56.98
CA SER K 167 -44.95 58.37 58.36
C SER K 167 -43.80 57.37 58.35
N SER K 168 -42.74 57.67 59.08
CA SER K 168 -41.56 56.82 59.04
C SER K 168 -41.85 55.38 59.45
N ALA K 169 -42.96 55.15 60.15
CA ALA K 169 -43.35 53.79 60.49
C ALA K 169 -43.91 53.02 59.30
N SER K 170 -44.33 53.71 58.25
CA SER K 170 -44.98 53.07 57.12
C SER K 170 -43.94 52.33 56.29
N GLU K 171 -44.40 51.31 55.54
CA GLU K 171 -43.46 50.52 54.78
C GLU K 171 -43.17 51.12 53.41
N SER K 172 -44.01 52.03 52.93
CA SER K 172 -43.89 52.60 51.60
C SER K 172 -43.18 53.95 51.62
N PRO K 173 -42.54 54.35 50.51
CA PRO K 173 -41.98 55.70 50.43
C PRO K 173 -43.01 56.77 50.16
N LEU K 174 -42.60 58.02 49.94
CA LEU K 174 -43.57 59.05 49.62
C LEU K 174 -44.06 58.88 48.20
N LYS K 175 -45.12 59.63 47.88
CA LYS K 175 -45.47 59.89 46.49
C LYS K 175 -45.54 61.39 46.24
N PRO K 176 -44.90 61.88 45.19
CA PRO K 176 -44.74 63.33 45.01
C PRO K 176 -46.07 63.99 44.70
N LYS K 177 -46.06 65.33 44.68
CA LYS K 177 -47.24 66.05 44.25
C LYS K 177 -47.63 65.65 42.82
N TYR K 178 -46.69 65.74 41.88
CA TYR K 178 -46.95 65.36 40.49
C TYR K 178 -45.83 64.50 39.92
N ARG K 179 -46.18 63.77 38.85
CA ARG K 179 -45.23 63.08 37.97
C ARG K 179 -45.21 63.80 36.62
N LEU K 180 -44.05 64.34 36.26
CA LEU K 180 -43.87 65.05 34.99
C LEU K 180 -42.99 64.18 34.09
N THR K 181 -43.52 63.78 32.93
CA THR K 181 -42.80 62.90 32.02
C THR K 181 -43.00 63.34 30.57
N LYS K 182 -41.93 63.83 29.94
CA LYS K 182 -41.89 64.04 28.50
C LYS K 182 -40.66 63.35 27.93
N HIS K 183 -39.59 63.32 28.72
CA HIS K 183 -38.32 62.78 28.27
C HIS K 183 -38.38 61.27 28.13
N THR K 184 -37.38 60.73 27.43
CA THR K 184 -37.17 59.30 27.31
C THR K 184 -35.85 58.84 27.92
N GLN K 185 -34.97 59.76 28.31
CA GLN K 185 -33.76 59.49 29.06
C GLN K 185 -33.80 60.25 30.38
N PRO K 186 -33.11 59.77 31.42
CA PRO K 186 -33.16 60.46 32.71
C PRO K 186 -32.73 61.91 32.61
N CYS K 187 -33.33 62.75 33.46
CA CYS K 187 -33.03 64.17 33.42
C CYS K 187 -31.83 64.47 34.30
N THR K 188 -31.01 65.42 33.87
CA THR K 188 -29.80 65.77 34.59
C THR K 188 -30.01 66.84 35.65
N SER K 189 -30.82 67.86 35.40
CA SER K 189 -31.05 68.88 36.41
C SER K 189 -32.32 69.66 36.09
N VAL K 190 -32.74 70.46 37.06
CA VAL K 190 -33.97 71.24 36.97
C VAL K 190 -33.71 72.62 37.57
N CYS K 191 -34.63 73.54 37.31
CA CYS K 191 -34.51 74.91 37.80
C CYS K 191 -35.88 75.55 37.82
N TRP K 192 -36.26 76.12 38.96
CA TRP K 192 -37.50 76.86 39.05
C TRP K 192 -37.30 78.27 38.52
N ASN K 193 -38.41 78.95 38.23
CA ASN K 193 -38.35 80.36 37.90
C ASN K 193 -38.42 81.17 39.18
N PHE K 194 -37.46 82.07 39.39
CA PHE K 194 -37.38 82.82 40.64
C PHE K 194 -38.52 83.82 40.76
N LEU K 195 -39.13 84.22 39.65
CA LEU K 195 -40.25 85.16 39.63
C LEU K 195 -41.54 84.54 39.12
N SER K 196 -41.49 83.83 37.99
CA SER K 196 -42.66 83.19 37.41
C SER K 196 -43.10 82.09 38.37
N LYS K 197 -44.35 82.18 38.82
CA LYS K 197 -44.78 81.39 39.97
C LYS K 197 -45.12 79.97 39.55
N GLY K 198 -44.29 79.02 39.98
CA GLY K 198 -44.48 77.64 39.60
C GLY K 198 -44.06 77.29 38.19
N THR K 199 -42.96 77.86 37.69
CA THR K 199 -42.42 77.52 36.39
C THR K 199 -41.11 76.80 36.59
N LEU K 200 -40.91 75.72 35.85
CA LEU K 200 -39.76 74.84 36.05
C LEU K 200 -39.16 74.51 34.70
N VAL K 201 -37.94 74.00 34.72
CA VAL K 201 -37.28 73.50 33.51
C VAL K 201 -36.63 72.17 33.86
N SER K 202 -36.49 71.33 32.85
CA SER K 202 -35.85 70.03 32.99
C SER K 202 -35.09 69.73 31.70
N GLY K 203 -33.78 69.62 31.81
CA GLY K 203 -32.93 69.16 30.73
C GLY K 203 -32.50 67.74 31.03
N SER K 204 -32.36 66.94 29.98
CA SER K 204 -32.25 65.50 30.20
C SER K 204 -31.05 64.93 29.46
N GLN K 205 -30.99 63.61 29.44
CA GLN K 205 -29.89 62.89 28.82
C GLN K 205 -30.14 62.61 27.34
N ASP K 206 -31.40 62.70 26.89
CA ASP K 206 -31.72 62.58 25.47
C ASP K 206 -31.61 63.91 24.73
N ALA K 207 -30.87 64.88 25.28
CA ALA K 207 -30.52 66.13 24.62
C ALA K 207 -31.74 67.03 24.38
N THR K 208 -32.79 66.90 25.16
CA THR K 208 -33.96 67.75 25.01
C THR K 208 -34.27 68.52 26.29
N LEU K 209 -35.02 69.60 26.14
CA LEU K 209 -35.38 70.51 27.21
C LEU K 209 -36.89 70.52 27.39
N SER K 210 -37.37 70.86 28.58
CA SER K 210 -38.80 70.97 28.83
C SER K 210 -39.05 72.04 29.90
N CYS K 211 -39.85 73.05 29.54
CA CYS K 211 -40.34 74.04 30.48
C CYS K 211 -41.75 73.63 30.91
N TRP K 212 -42.00 73.67 32.22
CA TRP K 212 -43.18 73.12 32.87
C TRP K 212 -43.92 74.16 33.68
N ASP K 213 -45.25 74.00 33.77
CA ASP K 213 -46.14 74.94 34.46
C ASP K 213 -47.18 74.15 35.25
N LEU K 214 -47.03 74.11 36.58
CA LEU K 214 -47.90 73.28 37.42
C LEU K 214 -49.30 73.84 37.60
N ASN K 215 -49.46 75.16 37.59
CA ASN K 215 -50.80 75.74 37.75
C ASN K 215 -51.64 75.57 36.50
N ALA K 216 -51.11 74.91 35.47
CA ALA K 216 -51.88 74.51 34.31
C ALA K 216 -52.14 73.01 34.27
N TYR K 217 -52.32 72.37 35.43
CA TYR K 217 -52.61 70.95 35.49
C TYR K 217 -54.01 70.67 34.93
N ASN K 218 -54.21 69.42 34.52
CA ASN K 218 -55.53 68.81 34.46
C ASN K 218 -55.40 67.37 34.94
N GLU K 219 -56.35 66.93 35.77
CA GLU K 219 -56.36 65.53 36.19
C GLU K 219 -56.43 64.60 34.98
N SER K 220 -57.11 65.04 33.92
CA SER K 220 -57.16 64.28 32.68
C SER K 220 -55.89 64.47 31.85
N ASP K 221 -55.18 65.58 32.05
CA ASP K 221 -54.02 65.95 31.23
C ASP K 221 -52.81 66.21 32.13
N SER K 222 -52.07 65.15 32.43
CA SER K 222 -50.78 65.33 33.10
C SER K 222 -49.75 65.95 32.16
N ALA K 223 -50.06 65.99 30.86
CA ALA K 223 -49.22 66.64 29.86
C ALA K 223 -49.58 68.10 29.65
N SER K 224 -50.60 68.63 30.34
CA SER K 224 -50.88 70.06 30.25
C SER K 224 -49.89 70.88 31.06
N VAL K 225 -49.15 70.23 31.97
CA VAL K 225 -48.05 70.90 32.64
C VAL K 225 -46.93 71.23 31.65
N LEU K 226 -46.87 70.53 30.53
CA LEU K 226 -45.85 70.75 29.50
C LEU K 226 -46.08 72.08 28.82
N LYS K 227 -45.34 73.10 29.25
CA LYS K 227 -45.36 74.38 28.57
C LYS K 227 -44.63 74.27 27.23
N VAL K 228 -43.35 73.93 27.25
CA VAL K 228 -42.56 73.82 26.03
C VAL K 228 -41.66 72.59 26.14
N HIS K 229 -41.35 71.99 24.99
CA HIS K 229 -40.23 71.07 24.90
C HIS K 229 -39.37 71.52 23.73
N ILE K 230 -38.06 71.47 23.92
CA ILE K 230 -37.10 72.04 22.98
C ILE K 230 -36.15 70.93 22.56
N SER K 231 -35.77 70.91 21.27
CA SER K 231 -34.65 70.10 20.80
C SER K 231 -33.70 71.05 20.06
N SER K 232 -32.82 71.70 20.82
CA SER K 232 -31.73 72.49 20.28
C SER K 232 -30.38 71.82 20.41
N HIS K 233 -30.21 70.97 21.41
CA HIS K 233 -28.92 70.37 21.70
C HIS K 233 -28.67 69.12 20.87
N GLU K 234 -27.38 68.77 20.78
CA GLU K 234 -26.90 67.73 19.90
C GLU K 234 -26.22 66.57 20.63
N LYS K 235 -25.72 66.81 21.84
CA LYS K 235 -25.18 65.77 22.71
C LYS K 235 -25.93 65.84 24.04
N GLN K 236 -25.63 64.90 24.95
CA GLN K 236 -26.36 64.85 26.21
C GLN K 236 -26.17 66.14 27.00
N VAL K 237 -27.29 66.72 27.44
CA VAL K 237 -27.26 67.99 28.16
C VAL K 237 -26.76 67.76 29.58
N SER K 238 -25.92 68.67 30.06
CA SER K 238 -25.42 68.60 31.42
C SER K 238 -26.06 69.62 32.35
N ASP K 239 -26.61 70.71 31.81
CA ASP K 239 -27.17 71.76 32.65
C ASP K 239 -28.10 72.66 31.85
N VAL K 240 -29.27 72.93 32.42
CA VAL K 240 -30.22 73.92 31.90
C VAL K 240 -30.71 74.74 33.09
N ARG K 241 -30.73 76.06 32.92
CA ARG K 241 -30.93 76.90 34.11
C ARG K 241 -31.31 78.31 33.71
N PHE K 242 -32.23 78.89 34.48
CA PHE K 242 -32.94 80.13 34.16
C PHE K 242 -32.14 81.36 34.59
N HIS K 243 -32.61 82.52 34.13
CA HIS K 243 -32.06 83.79 34.58
C HIS K 243 -32.56 84.11 35.99
N TYR K 244 -31.70 84.80 36.76
CA TYR K 244 -32.06 85.11 38.14
C TYR K 244 -33.13 86.17 38.23
N LYS K 245 -33.22 87.05 37.25
CA LYS K 245 -34.10 88.21 37.37
C LYS K 245 -35.09 88.28 36.23
N HIS K 246 -35.23 87.22 35.43
CA HIS K 246 -35.95 87.28 34.16
C HIS K 246 -36.70 85.98 33.96
N GLN K 247 -37.98 86.06 33.59
CA GLN K 247 -38.76 84.86 33.34
C GLN K 247 -38.32 84.13 32.08
N ASP K 248 -38.04 84.88 31.00
CA ASP K 248 -37.99 84.32 29.66
C ASP K 248 -36.58 84.08 29.15
N LEU K 249 -35.58 84.08 30.02
CA LEU K 249 -34.21 83.83 29.61
C LEU K 249 -33.66 82.62 30.35
N LEU K 250 -33.13 81.65 29.60
CA LEU K 250 -32.43 80.53 30.19
C LEU K 250 -31.24 80.15 29.32
N ALA K 251 -30.33 79.39 29.92
CA ALA K 251 -29.17 78.87 29.22
C ALA K 251 -29.12 77.36 29.35
N SER K 252 -28.56 76.73 28.33
CA SER K 252 -28.37 75.29 28.28
C SER K 252 -26.96 75.02 27.79
N VAL K 253 -26.32 74.01 28.36
CA VAL K 253 -24.95 73.69 28.00
C VAL K 253 -24.83 72.19 27.81
N SER K 254 -24.15 71.78 26.74
CA SER K 254 -24.16 70.35 26.42
C SER K 254 -22.76 69.84 26.11
N TYR K 255 -22.64 68.51 26.13
CA TYR K 255 -21.39 67.80 25.93
C TYR K 255 -20.75 68.06 24.57
N ASP K 256 -21.50 68.63 23.61
CA ASP K 256 -20.91 68.97 22.33
C ASP K 256 -20.15 70.28 22.36
N GLN K 257 -19.73 70.73 23.55
CA GLN K 257 -18.90 71.91 23.72
C GLN K 257 -19.65 73.18 23.37
N TYR K 258 -20.97 73.17 23.50
CA TYR K 258 -21.77 74.30 23.05
C TYR K 258 -22.64 74.86 24.16
N LEU K 259 -22.73 76.19 24.16
CA LEU K 259 -23.71 76.95 24.91
C LEU K 259 -24.87 77.30 23.99
N HIS K 260 -26.08 77.14 24.49
CA HIS K 260 -27.29 77.57 23.79
C HIS K 260 -28.05 78.52 24.70
N VAL K 261 -28.54 79.60 24.13
CA VAL K 261 -29.37 80.57 24.84
C VAL K 261 -30.79 80.41 24.36
N HIS K 262 -31.72 80.22 25.30
CA HIS K 262 -33.11 79.97 24.99
C HIS K 262 -33.99 81.06 25.61
N ASP K 263 -34.98 81.50 24.84
CA ASP K 263 -36.07 82.29 25.38
C ASP K 263 -37.35 81.54 25.05
N ILE K 264 -38.14 81.25 26.08
CA ILE K 264 -39.27 80.35 25.92
C ILE K 264 -40.43 80.98 25.16
N ARG K 265 -40.59 82.31 25.22
CA ARG K 265 -41.69 82.97 24.51
C ARG K 265 -41.40 83.17 23.03
N ARG K 266 -40.18 82.80 22.55
CA ARG K 266 -39.99 82.56 21.13
C ARG K 266 -40.95 81.48 20.66
N PRO K 267 -41.51 81.63 19.45
CA PRO K 267 -42.29 80.50 18.89
C PRO K 267 -41.41 79.38 18.36
N ASP K 268 -40.31 79.72 17.70
CA ASP K 268 -39.43 78.74 17.08
C ASP K 268 -38.53 78.08 18.13
N ALA K 269 -38.71 78.43 19.41
CA ALA K 269 -37.82 77.94 20.46
C ALA K 269 -37.87 76.43 20.64
N SER K 270 -38.92 75.77 20.12
CA SER K 270 -39.02 74.32 20.23
C SER K 270 -37.93 73.60 19.43
N THR K 271 -37.40 74.23 18.39
CA THR K 271 -36.26 73.73 17.64
C THR K 271 -35.13 74.74 17.45
N LYS K 272 -35.40 76.05 17.54
CA LYS K 272 -34.39 77.07 17.34
C LYS K 272 -34.06 77.75 18.67
N PRO K 273 -32.82 77.66 19.14
CA PRO K 273 -32.41 78.41 20.33
C PRO K 273 -32.18 79.88 19.99
N ALA K 274 -32.19 80.71 21.03
CA ALA K 274 -31.96 82.13 20.81
C ALA K 274 -30.53 82.40 20.34
N ARG K 275 -29.57 81.65 20.88
CA ARG K 275 -28.19 81.74 20.41
C ARG K 275 -27.50 80.39 20.56
N SER K 276 -26.39 80.23 19.86
CA SER K 276 -25.56 79.04 19.96
C SER K 276 -24.10 79.42 19.77
N VAL K 277 -23.28 79.14 20.79
CA VAL K 277 -21.89 79.59 20.81
C VAL K 277 -20.99 78.41 21.15
N HIS K 278 -19.84 78.35 20.50
CA HIS K 278 -18.77 77.41 20.85
C HIS K 278 -17.99 78.00 22.03
N ALA K 279 -18.37 77.55 23.23
CA ALA K 279 -17.80 78.11 24.45
C ALA K 279 -16.51 77.43 24.89
N HIS K 280 -16.41 76.11 24.72
CA HIS K 280 -15.24 75.37 25.17
C HIS K 280 -14.91 74.29 24.15
N SER K 281 -13.81 73.57 24.41
CA SER K 281 -13.39 72.46 23.57
C SER K 281 -13.64 71.10 24.20
N GLY K 282 -14.25 71.05 25.37
CA GLY K 282 -14.63 69.80 25.99
C GLY K 282 -16.07 69.81 26.45
N PRO K 283 -16.58 68.62 26.83
CA PRO K 283 -17.97 68.54 27.32
C PRO K 283 -18.24 69.47 28.48
N ILE K 284 -19.19 70.37 28.31
CA ILE K 284 -19.52 71.35 29.33
C ILE K 284 -20.30 70.65 30.44
N HIS K 285 -19.98 70.98 31.69
CA HIS K 285 -20.67 70.41 32.83
C HIS K 285 -21.76 71.30 33.41
N SER K 286 -21.44 72.56 33.74
CA SER K 286 -22.42 73.42 34.37
C SER K 286 -22.23 74.86 33.95
N VAL K 287 -23.27 75.66 34.21
CA VAL K 287 -23.30 77.09 33.99
C VAL K 287 -23.99 77.76 35.18
N ALA K 288 -23.46 78.90 35.58
CA ALA K 288 -23.96 79.64 36.73
C ALA K 288 -24.32 81.06 36.28
N PHE K 289 -25.44 81.56 36.76
CA PHE K 289 -25.88 82.91 36.43
C PHE K 289 -25.58 83.85 37.57
N ASN K 290 -25.01 85.00 37.25
CA ASN K 290 -24.71 86.02 38.25
C ASN K 290 -26.02 86.50 38.87
N PRO K 291 -26.22 86.34 40.19
CA PRO K 291 -27.49 86.74 40.79
C PRO K 291 -27.69 88.24 40.84
N HIS K 292 -26.64 89.01 41.09
CA HIS K 292 -26.76 90.45 41.18
C HIS K 292 -26.83 91.09 39.80
N ASN K 293 -25.92 90.70 38.90
CA ASN K 293 -25.79 91.30 37.59
C ASN K 293 -26.40 90.35 36.56
N ASP K 294 -27.30 90.87 35.74
CA ASP K 294 -28.03 90.07 34.78
C ASP K 294 -27.26 89.84 33.48
N PHE K 295 -25.96 90.10 33.46
CA PHE K 295 -25.18 90.07 32.23
C PHE K 295 -24.08 89.04 32.22
N ILE K 296 -23.64 88.55 33.38
CA ILE K 296 -22.51 87.65 33.47
C ILE K 296 -23.01 86.24 33.72
N LEU K 297 -22.49 85.28 32.97
CA LEU K 297 -22.63 83.87 33.32
C LEU K 297 -21.26 83.22 33.29
N ALA K 298 -21.16 82.11 33.99
CA ALA K 298 -19.92 81.34 34.10
C ALA K 298 -20.18 79.93 33.60
N THR K 299 -19.16 79.32 33.01
CA THR K 299 -19.29 78.02 32.38
C THR K 299 -18.07 77.17 32.66
N CYS K 300 -18.30 75.94 33.11
CA CYS K 300 -17.21 75.02 33.45
C CYS K 300 -17.24 73.84 32.50
N SER K 301 -16.07 73.27 32.23
CA SER K 301 -15.94 72.12 31.36
C SER K 301 -14.87 71.18 31.89
N THR K 302 -14.74 70.03 31.24
CA THR K 302 -13.63 69.14 31.56
C THR K 302 -12.30 69.67 31.02
N ASP K 303 -12.33 70.80 30.34
CA ASP K 303 -11.12 71.43 29.81
C ASP K 303 -10.37 72.21 30.87
N LYS K 304 -10.65 71.94 32.14
CA LYS K 304 -9.99 72.54 33.31
C LYS K 304 -9.91 74.06 33.22
N THR K 305 -10.82 74.72 32.50
CA THR K 305 -10.83 76.16 32.35
C THR K 305 -12.25 76.69 32.52
N ILE K 306 -12.35 77.83 33.20
CA ILE K 306 -13.64 78.44 33.55
C ILE K 306 -13.84 79.64 32.64
N ALA K 307 -14.94 79.66 31.90
CA ALA K 307 -15.18 80.74 30.95
C ALA K 307 -16.25 81.68 31.45
N LEU K 308 -16.06 82.97 31.21
CA LEU K 308 -17.07 83.97 31.52
C LEU K 308 -17.77 84.41 30.25
N TRP K 309 -18.99 84.94 30.41
CA TRP K 309 -19.79 85.31 29.25
C TRP K 309 -20.68 86.51 29.56
N ASP K 310 -20.68 87.47 28.64
CA ASP K 310 -21.55 88.64 28.69
C ASP K 310 -22.44 88.67 27.45
N LEU K 311 -23.73 88.95 27.67
CA LEU K 311 -24.75 88.71 26.65
C LEU K 311 -24.76 89.75 25.53
N ARG K 312 -24.13 90.91 25.71
CA ARG K 312 -24.05 91.88 24.63
C ARG K 312 -22.83 91.64 23.74
N ASN K 313 -21.87 90.85 24.22
CA ASN K 313 -20.71 90.47 23.42
C ASN K 313 -20.53 88.96 23.56
N LEU K 314 -21.26 88.19 22.73
CA LEU K 314 -21.20 86.74 22.77
C LEU K 314 -20.25 86.14 21.75
N ASN K 315 -19.63 86.95 20.90
CA ASN K 315 -18.67 86.45 19.93
C ASN K 315 -17.35 86.07 20.57
N GLN K 316 -17.18 86.42 21.85
CA GLN K 316 -15.88 86.53 22.51
C GLN K 316 -16.00 85.96 23.92
N ARG K 317 -15.09 85.06 24.27
CA ARG K 317 -15.03 84.61 25.66
C ARG K 317 -14.57 85.74 26.56
N LEU K 318 -15.38 86.03 27.58
CA LEU K 318 -15.16 87.21 28.39
C LEU K 318 -13.82 87.12 29.12
N HIS K 319 -13.54 85.99 29.75
CA HIS K 319 -12.23 85.71 30.31
C HIS K 319 -12.18 84.22 30.65
N THR K 320 -10.98 83.78 31.04
CA THR K 320 -10.71 82.38 31.33
C THR K 320 -9.87 82.30 32.59
N LEU K 321 -10.35 81.58 33.59
CA LEU K 321 -9.66 81.42 34.87
C LEU K 321 -8.99 80.06 34.91
N GLU K 322 -7.70 80.04 35.21
CA GLU K 322 -6.90 78.83 35.21
C GLU K 322 -6.55 78.47 36.64
N GLY K 323 -6.14 77.22 36.84
CA GLY K 323 -5.69 76.81 38.15
C GLY K 323 -6.04 75.37 38.53
N HIS K 324 -7.08 74.81 37.91
CA HIS K 324 -7.35 73.39 38.11
C HIS K 324 -6.65 72.60 37.03
N GLU K 325 -5.92 71.57 37.45
CA GLU K 325 -5.17 70.74 36.53
C GLU K 325 -5.78 69.36 36.30
N ASP K 326 -7.10 69.24 36.41
CA ASP K 326 -7.88 68.18 35.77
C ASP K 326 -9.33 68.67 35.73
N ILE K 327 -10.28 67.78 35.39
CA ILE K 327 -11.68 68.17 35.17
C ILE K 327 -12.22 69.03 36.30
N VAL K 328 -12.77 70.18 35.94
CA VAL K 328 -13.62 70.96 36.82
C VAL K 328 -15.05 70.50 36.58
N THR K 329 -15.86 70.43 37.62
CA THR K 329 -17.20 69.85 37.51
C THR K 329 -18.32 70.85 37.66
N LYS K 330 -18.21 71.83 38.57
CA LYS K 330 -19.37 72.62 38.93
C LYS K 330 -18.95 73.93 39.58
N ILE K 331 -19.77 74.96 39.40
CA ILE K 331 -19.43 76.33 39.74
C ILE K 331 -20.65 77.05 40.29
N SER K 332 -20.42 78.18 40.96
CA SER K 332 -21.49 78.92 41.60
C SER K 332 -21.00 80.30 42.01
N PHE K 333 -21.87 81.29 41.89
CA PHE K 333 -21.60 82.66 42.32
C PHE K 333 -21.94 82.86 43.79
N SER K 334 -21.49 83.99 44.32
CA SER K 334 -21.82 84.35 45.69
C SER K 334 -23.08 85.20 45.72
N PRO K 335 -24.13 84.78 46.41
CA PRO K 335 -25.37 85.57 46.46
C PRO K 335 -25.27 86.85 47.27
N HIS K 336 -24.08 87.22 47.77
CA HIS K 336 -23.92 88.47 48.49
C HIS K 336 -23.08 89.49 47.73
N GLU K 337 -21.94 89.07 47.18
CA GLU K 337 -21.13 89.90 46.29
C GLU K 337 -20.95 89.15 44.97
N GLU K 338 -21.14 89.86 43.86
CA GLU K 338 -20.98 89.23 42.56
C GLU K 338 -19.53 88.90 42.18
N PRO K 339 -18.51 89.70 42.54
CA PRO K 339 -17.16 89.39 42.04
C PRO K 339 -16.57 88.10 42.59
N ILE K 340 -17.26 87.39 43.46
CA ILE K 340 -16.76 86.17 44.08
C ILE K 340 -17.38 84.98 43.37
N LEU K 341 -16.54 84.12 42.78
CA LEU K 341 -17.00 82.92 42.09
C LEU K 341 -16.30 81.70 42.67
N ALA K 342 -17.07 80.64 42.91
CA ALA K 342 -16.53 79.40 43.46
C ALA K 342 -16.60 78.29 42.41
N SER K 343 -15.55 77.46 42.39
CA SER K 343 -15.47 76.38 41.42
C SER K 343 -14.94 75.13 42.11
N THR K 344 -15.53 73.99 41.78
CA THR K 344 -15.12 72.70 42.32
C THR K 344 -14.67 71.79 41.19
N SER K 345 -13.69 70.95 41.49
CA SER K 345 -13.06 70.13 40.47
C SER K 345 -12.72 68.77 41.03
N ALA K 346 -12.14 67.93 40.15
CA ALA K 346 -11.83 66.56 40.50
C ALA K 346 -10.52 66.42 41.28
N ASP K 347 -9.67 67.43 41.27
CA ASP K 347 -8.42 67.37 42.03
C ASP K 347 -8.62 67.72 43.49
N ARG K 348 -9.83 67.55 44.01
CA ARG K 348 -10.14 67.65 45.44
C ARG K 348 -9.96 69.06 45.98
N ARG K 349 -10.02 70.09 45.13
CA ARG K 349 -9.93 71.47 45.58
C ARG K 349 -11.16 72.24 45.14
N THR K 350 -11.51 73.25 45.93
CA THR K 350 -12.48 74.26 45.52
C THR K 350 -11.78 75.62 45.56
N LEU K 351 -11.87 76.35 44.46
CA LEU K 351 -11.18 77.62 44.33
C LEU K 351 -12.18 78.76 44.32
N VAL K 352 -11.86 79.83 45.05
CA VAL K 352 -12.68 81.03 45.11
C VAL K 352 -11.90 82.15 44.45
N TRP K 353 -12.52 82.79 43.47
CA TRP K 353 -11.91 83.85 42.68
C TRP K 353 -12.61 85.16 42.95
N ASP K 354 -11.81 86.18 43.22
CA ASP K 354 -12.27 87.57 43.28
C ASP K 354 -11.89 88.18 41.93
N LEU K 355 -12.90 88.41 41.10
CA LEU K 355 -12.69 88.88 39.73
C LEU K 355 -12.39 90.37 39.65
N SER K 356 -12.30 91.08 40.78
CA SER K 356 -11.91 92.47 40.76
C SER K 356 -10.41 92.64 40.55
N ARG K 357 -9.69 91.56 40.29
CA ARG K 357 -8.24 91.61 40.11
C ARG K 357 -7.79 91.26 38.69
N ILE K 358 -8.66 91.44 37.69
CA ILE K 358 -8.21 91.38 36.30
C ILE K 358 -7.10 92.40 36.11
N GLY K 359 -6.12 92.05 35.28
CA GLY K 359 -5.13 93.00 34.83
C GLY K 359 -4.19 93.56 35.88
N GLU K 360 -4.31 93.13 37.14
CA GLU K 360 -3.50 93.70 38.20
C GLU K 360 -2.06 93.25 38.11
N ASP K 361 -1.19 93.90 38.88
CA ASP K 361 0.19 93.51 39.02
C ASP K 361 0.33 92.49 40.15
N GLN K 362 1.34 91.64 40.05
CA GLN K 362 1.66 90.69 41.10
C GLN K 362 3.16 90.52 41.15
N PRO K 363 3.73 90.45 42.35
CA PRO K 363 5.18 90.22 42.48
C PRO K 363 5.57 88.86 41.93
N ALA K 364 6.88 88.63 41.88
CA ALA K 364 7.39 87.39 41.30
C ALA K 364 6.94 86.18 42.11
N GLU K 365 7.13 86.21 43.43
CA GLU K 365 6.71 85.11 44.28
C GLU K 365 5.19 84.99 44.34
N GLU K 366 4.48 86.08 44.06
CA GLU K 366 3.03 86.03 44.09
C GLU K 366 2.45 85.25 42.91
N ALA K 367 3.25 84.99 41.88
CA ALA K 367 2.76 84.28 40.70
C ALA K 367 2.77 82.77 40.87
N GLN K 368 3.28 82.27 42.00
CA GLN K 368 3.36 80.84 42.21
C GLN K 368 1.99 80.22 42.33
N ASP K 369 1.16 80.80 43.19
CA ASP K 369 -0.13 80.22 43.50
C ASP K 369 -1.11 80.29 42.34
N GLY K 370 -0.82 81.13 41.35
CA GLY K 370 -1.68 81.28 40.20
C GLY K 370 -1.86 82.74 39.82
N PRO K 371 -2.78 83.02 38.91
CA PRO K 371 -3.05 84.41 38.52
C PRO K 371 -3.59 85.20 39.71
N PRO K 372 -3.40 86.52 39.73
CA PRO K 372 -3.75 87.29 40.93
C PRO K 372 -5.24 87.35 41.21
N GLU K 373 -6.08 87.11 40.22
CA GLU K 373 -7.51 87.06 40.43
C GLU K 373 -7.98 85.81 41.17
N LEU K 374 -7.10 84.86 41.44
CA LEU K 374 -7.40 83.76 42.35
C LEU K 374 -7.33 84.27 43.79
N LEU K 375 -8.33 83.94 44.59
CA LEU K 375 -8.44 84.45 45.95
C LEU K 375 -8.13 83.41 47.02
N PHE K 376 -8.81 82.25 46.97
CA PHE K 376 -8.71 81.27 48.05
C PHE K 376 -8.79 79.86 47.46
N MET K 377 -8.31 78.90 48.23
CA MET K 377 -8.29 77.50 47.78
C MET K 377 -8.47 76.61 49.00
N HIS K 378 -9.49 75.76 48.97
CA HIS K 378 -9.84 74.89 50.07
C HIS K 378 -9.73 73.44 49.63
N GLY K 379 -9.03 72.64 50.42
CA GLY K 379 -8.81 71.24 50.09
C GLY K 379 -8.90 70.29 51.26
N GLY K 380 -9.76 70.60 52.24
CA GLY K 380 -9.91 69.74 53.40
C GLY K 380 -10.52 68.39 53.12
N HIS K 381 -11.00 68.14 51.91
CA HIS K 381 -11.67 66.89 51.59
C HIS K 381 -10.65 65.78 51.41
N THR K 382 -11.14 64.62 50.97
CA THR K 382 -10.27 63.49 50.62
C THR K 382 -10.73 62.73 49.40
N SER K 383 -11.67 63.27 48.61
CA SER K 383 -12.09 62.67 47.36
C SER K 383 -12.78 63.74 46.54
N CYS K 384 -13.36 63.33 45.42
CA CYS K 384 -14.11 64.25 44.59
C CYS K 384 -15.24 64.87 45.39
N THR K 385 -15.19 66.18 45.55
CA THR K 385 -16.31 66.90 46.14
C THR K 385 -17.52 66.74 45.25
N ILE K 386 -18.64 66.33 45.84
CA ILE K 386 -19.86 66.17 45.06
C ILE K 386 -20.36 67.55 44.66
N ASP K 387 -20.79 68.34 45.64
CA ASP K 387 -21.33 69.66 45.34
C ASP K 387 -21.08 70.65 46.48
N MET K 388 -21.47 71.90 46.21
CA MET K 388 -21.38 73.00 47.15
C MET K 388 -22.74 73.69 47.25
N ASP K 389 -22.82 74.66 48.15
CA ASP K 389 -23.87 75.67 48.21
C ASP K 389 -23.46 76.75 49.21
N TRP K 390 -23.76 77.99 48.88
CA TRP K 390 -23.56 79.10 49.81
C TRP K 390 -24.71 79.17 50.80
N CYS K 391 -24.38 79.37 52.06
CA CYS K 391 -25.42 79.70 53.04
C CYS K 391 -25.81 81.16 52.81
N PRO K 392 -27.03 81.45 52.34
CA PRO K 392 -27.36 82.84 51.99
C PRO K 392 -27.60 83.74 53.19
N ASN K 393 -27.60 83.19 54.40
CA ASN K 393 -27.84 83.96 55.61
C ASN K 393 -26.57 84.43 56.27
N TYR K 394 -25.42 83.86 55.90
CA TYR K 394 -24.13 84.26 56.44
C TYR K 394 -23.17 84.48 55.29
N ASN K 395 -22.31 85.48 55.43
CA ASN K 395 -21.37 85.81 54.38
C ASN K 395 -20.15 84.90 54.39
N TRP K 396 -19.55 84.72 53.21
CA TRP K 396 -18.27 84.05 53.04
C TRP K 396 -18.32 82.57 53.41
N THR K 397 -19.50 82.07 53.76
CA THR K 397 -19.65 80.69 54.22
C THR K 397 -20.11 79.80 53.09
N MET K 398 -19.61 78.57 53.06
CA MET K 398 -20.07 77.59 52.10
C MET K 398 -20.07 76.20 52.69
N ALA K 399 -21.00 75.37 52.21
CA ALA K 399 -21.13 73.98 52.61
C ALA K 399 -20.88 73.08 51.40
N THR K 400 -20.03 72.09 51.59
CA THR K 400 -19.63 71.17 50.53
C THR K 400 -19.84 69.74 50.96
N ALA K 401 -20.47 68.94 50.10
CA ALA K 401 -20.62 67.51 50.32
C ALA K 401 -19.72 66.77 49.35
N ALA K 402 -19.00 65.76 49.86
CA ALA K 402 -18.00 65.04 49.08
C ALA K 402 -18.32 63.56 49.00
N GLU K 403 -17.55 62.88 48.15
CA GLU K 403 -17.79 61.48 47.82
C GLU K 403 -17.48 60.54 48.98
N ASP K 404 -16.72 60.99 49.98
CA ASP K 404 -16.37 60.15 51.12
C ASP K 404 -17.25 60.42 52.33
N ASN K 405 -18.55 60.68 52.10
CA ASN K 405 -19.54 60.75 53.17
C ASN K 405 -19.29 61.90 54.12
N ILE K 406 -18.66 62.98 53.64
CA ILE K 406 -18.24 64.07 54.50
C ILE K 406 -18.92 65.35 54.05
N LEU K 407 -19.33 66.14 55.04
CA LEU K 407 -19.88 67.48 54.86
C LEU K 407 -18.90 68.49 55.47
N GLN K 408 -18.77 69.64 54.84
CA GLN K 408 -17.86 70.69 55.30
C GLN K 408 -18.59 72.02 55.31
N ILE K 409 -18.67 72.65 56.48
CA ILE K 409 -19.14 74.02 56.59
C ILE K 409 -17.92 74.87 56.88
N TRP K 410 -17.63 75.83 56.01
CA TRP K 410 -16.39 76.57 56.16
C TRP K 410 -16.52 77.98 55.64
N THR K 411 -15.83 78.91 56.33
CA THR K 411 -15.66 80.29 55.91
C THR K 411 -14.23 80.70 56.19
N PRO K 412 -13.54 81.35 55.25
CA PRO K 412 -12.18 81.80 55.51
C PRO K 412 -12.12 82.89 56.56
N SER K 413 -10.90 83.21 56.97
CA SER K 413 -10.69 84.32 57.89
C SER K 413 -11.05 85.65 57.24
N ARG K 414 -11.37 86.63 58.09
CA ARG K 414 -11.50 88.00 57.63
C ARG K 414 -10.24 88.48 56.93
N SER K 415 -9.06 88.13 57.47
CA SER K 415 -7.80 88.76 57.07
C SER K 415 -7.55 88.71 55.57
N ILE K 416 -8.03 87.68 54.88
CA ILE K 416 -7.77 87.58 53.45
C ILE K 416 -8.66 88.55 52.66
N TRP K 417 -9.86 88.81 53.15
CA TRP K 417 -10.80 89.69 52.45
C TRP K 417 -11.23 90.91 53.26
N GLY K 418 -10.95 90.96 54.56
CA GLY K 418 -11.31 92.11 55.36
C GLY K 418 -10.26 93.21 55.33
#